data_2BZR
#
_entry.id   2BZR
#
_cell.length_a   173.562
_cell.length_b   173.562
_cell.length_c   339.823
_cell.angle_alpha   90.00
_cell.angle_beta   90.00
_cell.angle_gamma   90.00
#
_symmetry.space_group_name_H-M   'P 41 21 2'
#
loop_
_entity.id
_entity.type
_entity.pdbx_description
1 polymer 'PROPIONYL-COA CARBOXYLASE BETA CHAIN 5'
2 water water
#
_entity_poly.entity_id   1
_entity_poly.type   'polypeptide(L)'
_entity_poly.pdbx_seq_one_letter_code
;MTSVTDRSAHSAERSTEHTIDIHTTAGKLAELHKRREESLHPVGEDAVEKVHAKGKLTARERIYALLDEDSFVELDALAK
HRSTNFNLGEKRPLGDGVVTGYGTIDGRDVCIFSQDATVFGGSLGEVYGEKIVKVQELAIKTGRPLIGINDGAGARIQEG
VVSLGLYSRIFRNNILASGVIPQISLIMGAAAGGHVYSPALTDFVIMVDQTSQMFITGPDVIKTVTGEEVTMEELGGAHT
HMAKSGTAHYAASGEQDAFDYVRELLSYLPPNNSTDAPRYQAAAPTGPIEENLTDEDLELDTLIPDSPNQPYDMHEVITR
LLDDEFLEIQAGYAQNIVVGFGRIDGRPVGIVANQPTHFAGCLDINASEKAARFVRTCDCFNIPIVMLVDVPGFLPGTDQ
EYNGIIRRGAKLLYAYGEATVPKITVITRKAYGGAYCVMGSKDMGCDVNLAWPTAQIAVMGASGAVGFVYRQQLAEAAAN
GEDIDKLRLRLQQEYEDTLVNPYVAAERGYVGAVIPPSHTRGYIGTALRLLERKIAQLPPKKHGNVPL
;
_entity_poly.pdbx_strand_id   A,B,C,D,E,F
#
# COMPACT_ATOMS: atom_id res chain seq x y z
N ASP A 21 -17.86 12.79 56.56
CA ASP A 21 -18.61 11.53 56.34
C ASP A 21 -17.81 10.65 55.37
N ILE A 22 -18.51 9.77 54.66
CA ILE A 22 -17.94 8.80 53.73
C ILE A 22 -19.12 8.25 52.96
N HIS A 23 -20.30 8.54 53.50
CA HIS A 23 -21.53 8.13 52.87
C HIS A 23 -22.12 9.35 52.16
N THR A 24 -21.46 10.50 52.27
CA THR A 24 -21.94 11.66 51.54
C THR A 24 -21.05 11.94 50.34
N THR A 25 -21.62 12.65 49.35
CA THR A 25 -20.89 13.11 48.20
C THR A 25 -19.74 14.04 48.62
N ALA A 26 -20.02 14.90 49.60
CA ALA A 26 -19.01 15.84 50.12
C ALA A 26 -17.84 15.11 50.76
N GLY A 27 -18.15 14.06 51.51
CA GLY A 27 -17.13 13.34 52.23
C GLY A 27 -16.26 12.53 51.28
N LYS A 28 -16.90 11.91 50.28
CA LYS A 28 -16.20 11.17 49.25
C LYS A 28 -15.19 12.06 48.52
N LEU A 29 -15.55 13.30 48.30
CA LEU A 29 -14.64 14.22 47.68
C LEU A 29 -13.49 14.67 48.61
N ALA A 30 -13.77 14.79 49.90
CA ALA A 30 -12.73 15.14 50.90
C ALA A 30 -11.70 14.02 51.03
N GLU A 31 -12.18 12.79 50.96
CA GLU A 31 -11.36 11.61 51.04
C GLU A 31 -10.41 11.53 49.83
N LEU A 32 -10.88 11.95 48.66
CA LEU A 32 -10.03 11.98 47.46
C LEU A 32 -8.93 13.01 47.68
N HIS A 33 -9.31 14.23 48.08
CA HIS A 33 -8.35 15.30 48.37
C HIS A 33 -7.25 14.82 49.34
N LYS A 34 -7.65 13.99 50.30
CA LYS A 34 -6.78 13.43 51.29
C LYS A 34 -5.82 12.35 50.72
N ARG A 35 -6.38 11.40 49.95
CA ARG A 35 -5.56 10.48 49.17
C ARG A 35 -4.57 11.15 48.24
N ARG A 36 -5.00 12.19 47.53
CA ARG A 36 -4.08 12.97 46.71
C ARG A 36 -2.94 13.63 47.49
N GLU A 37 -3.24 14.29 48.61
N GLU A 37 -3.23 14.29 48.62
CA GLU A 37 -2.17 14.91 49.43
CA GLU A 37 -2.15 14.88 49.45
C GLU A 37 -1.14 13.87 49.88
C GLU A 37 -1.12 13.83 49.84
N GLU A 38 -1.60 12.70 50.31
CA GLU A 38 -0.71 11.61 50.76
C GLU A 38 0.21 11.06 49.62
N SER A 39 -0.34 10.96 48.41
CA SER A 39 0.38 10.50 47.22
C SER A 39 1.57 11.38 46.91
N LEU A 40 1.60 12.59 47.47
CA LEU A 40 2.73 13.51 47.25
C LEU A 40 3.97 13.19 48.08
N HIS A 41 3.77 12.38 49.12
CA HIS A 41 4.84 11.88 49.99
C HIS A 41 4.41 10.50 50.40
N PRO A 42 4.44 9.55 49.45
CA PRO A 42 3.80 8.26 49.67
C PRO A 42 4.46 7.42 50.79
N VAL A 43 5.72 7.68 51.12
CA VAL A 43 6.35 6.99 52.24
C VAL A 43 6.65 7.96 53.42
N GLY A 44 5.90 9.05 53.50
CA GLY A 44 6.06 10.04 54.58
C GLY A 44 6.78 11.31 54.16
N GLU A 45 6.40 12.43 54.75
CA GLU A 45 7.07 13.73 54.53
C GLU A 45 8.55 13.65 54.89
N ASP A 46 8.82 12.86 55.94
CA ASP A 46 10.14 12.44 56.40
C ASP A 46 11.06 12.15 55.20
N ALA A 47 10.69 11.17 54.37
CA ALA A 47 11.52 10.69 53.22
C ALA A 47 11.80 11.78 52.19
N VAL A 48 10.86 12.69 52.01
CA VAL A 48 11.00 13.80 51.08
C VAL A 48 12.06 14.79 51.55
N GLU A 49 12.06 15.09 52.86
CA GLU A 49 13.10 15.99 53.42
C GLU A 49 14.47 15.41 53.22
N LYS A 50 14.58 14.09 53.42
CA LYS A 50 15.86 13.37 53.21
C LYS A 50 16.43 13.49 51.78
N VAL A 51 15.56 13.39 50.77
CA VAL A 51 15.93 13.62 49.36
C VAL A 51 16.49 15.04 49.16
N HIS A 52 15.75 16.05 49.64
CA HIS A 52 16.15 17.47 49.55
C HIS A 52 17.46 17.77 50.29
N ALA A 53 17.63 17.13 51.47
CA ALA A 53 18.90 17.20 52.24
C ALA A 53 20.10 16.60 51.46
N LYS A 54 19.87 15.57 50.65
CA LYS A 54 20.90 15.01 49.77
C LYS A 54 21.15 15.86 48.50
N GLY A 55 20.50 17.02 48.41
CA GLY A 55 20.67 17.92 47.27
C GLY A 55 19.87 17.49 46.03
N LYS A 56 18.99 16.49 46.17
CA LYS A 56 18.26 15.88 45.05
C LYS A 56 16.83 16.41 44.91
N LEU A 57 16.20 16.11 43.77
CA LEU A 57 14.78 16.40 43.54
C LEU A 57 14.03 15.11 43.68
N THR A 58 12.76 15.19 44.12
CA THR A 58 11.90 14.00 44.14
C THR A 58 11.52 13.55 42.71
N ALA A 59 11.08 12.29 42.56
CA ALA A 59 10.51 11.83 41.30
C ALA A 59 9.56 12.86 40.61
N ARG A 60 8.52 13.37 41.31
CA ARG A 60 7.61 14.38 40.70
C ARG A 60 8.20 15.78 40.49
N GLU A 61 9.08 16.25 41.37
CA GLU A 61 9.78 17.52 41.13
C GLU A 61 10.60 17.52 39.84
N ARG A 62 11.18 16.38 39.52
CA ARG A 62 11.93 16.21 38.27
C ARG A 62 11.05 16.42 37.01
N ILE A 63 9.88 15.80 37.02
CA ILE A 63 8.85 16.02 36.00
C ILE A 63 8.43 17.50 35.95
N TYR A 64 8.12 18.10 37.11
CA TYR A 64 7.74 19.52 37.17
C TYR A 64 8.81 20.44 36.66
N ALA A 65 10.07 20.12 36.95
CA ALA A 65 11.19 20.95 36.52
C ALA A 65 11.36 20.88 34.99
N LEU A 66 11.27 19.67 34.44
CA LEU A 66 11.36 19.47 32.98
C LEU A 66 10.17 20.04 32.16
N LEU A 67 8.97 19.69 32.57
CA LEU A 67 7.79 20.07 31.81
C LEU A 67 7.45 21.56 31.92
N ASP A 68 6.72 22.07 30.94
CA ASP A 68 6.22 23.45 31.03
C ASP A 68 5.42 23.57 32.34
N GLU A 69 5.53 24.71 33.02
CA GLU A 69 4.82 24.97 34.27
C GLU A 69 3.32 24.70 34.15
N ASP A 70 2.76 24.02 35.14
CA ASP A 70 1.34 23.66 35.23
C ASP A 70 0.84 22.72 34.11
N SER A 71 1.73 22.15 33.30
CA SER A 71 1.30 21.31 32.18
C SER A 71 1.08 19.84 32.57
N PHE A 72 1.63 19.40 33.68
CA PHE A 72 1.60 17.94 33.93
C PHE A 72 0.22 17.41 34.37
N VAL A 73 -0.24 16.34 33.72
CA VAL A 73 -1.42 15.61 34.13
C VAL A 73 -0.96 14.21 34.62
N GLU A 74 -1.20 13.89 35.89
CA GLU A 74 -0.76 12.59 36.43
C GLU A 74 -1.74 11.48 36.14
N LEU A 75 -1.21 10.29 35.82
CA LEU A 75 -2.00 9.09 35.61
C LEU A 75 -1.69 8.10 36.73
N ASP A 76 -2.68 7.31 37.15
CA ASP A 76 -2.50 6.23 38.13
C ASP A 76 -1.78 6.69 39.44
N ALA A 77 -2.05 7.93 39.84
CA ALA A 77 -1.47 8.60 41.04
C ALA A 77 -1.68 7.84 42.34
N LEU A 78 -2.80 7.14 42.46
CA LEU A 78 -3.21 6.48 43.68
C LEU A 78 -3.13 4.99 43.55
N ALA A 79 -2.45 4.50 42.50
CA ALA A 79 -2.23 3.06 42.33
C ALA A 79 -1.45 2.47 43.54
N LYS A 80 -1.75 1.23 43.90
CA LYS A 80 -1.04 0.50 44.97
C LYS A 80 -0.77 -0.90 44.49
N HIS A 81 0.31 -1.51 44.97
CA HIS A 81 0.60 -2.91 44.61
C HIS A 81 -0.44 -3.85 45.17
N ARG A 82 -0.56 -5.01 44.52
CA ARG A 82 -1.54 -6.02 44.86
C ARG A 82 -0.81 -7.30 45.30
N SER A 83 0.43 -7.18 45.72
CA SER A 83 1.16 -8.37 46.20
C SER A 83 0.82 -8.63 47.66
N THR A 84 0.61 -9.90 48.00
CA THR A 84 0.62 -10.33 49.41
C THR A 84 1.76 -11.32 49.72
N ASN A 85 2.80 -11.34 48.88
CA ASN A 85 3.98 -12.16 49.17
C ASN A 85 4.77 -11.58 50.33
N PHE A 86 5.28 -12.43 51.24
CA PHE A 86 6.29 -12.05 52.26
C PHE A 86 6.09 -10.74 53.04
N ASN A 87 4.89 -10.52 53.61
CA ASN A 87 4.65 -9.27 54.34
CA ASN A 87 4.58 -9.27 54.33
C ASN A 87 4.57 -7.98 53.48
N LEU A 88 4.63 -8.10 52.16
CA LEU A 88 4.50 -6.94 51.26
C LEU A 88 3.15 -6.26 51.42
N GLY A 89 2.11 -7.04 51.73
CA GLY A 89 0.79 -6.48 52.02
C GLY A 89 0.76 -5.38 53.09
N GLU A 90 1.78 -5.32 53.93
CA GLU A 90 1.78 -4.36 55.02
C GLU A 90 2.20 -2.95 54.63
N LYS A 91 2.98 -2.81 53.55
CA LYS A 91 3.39 -1.50 53.05
C LYS A 91 2.89 -1.37 51.59
N ARG A 92 1.91 -0.50 51.38
CA ARG A 92 1.34 -0.27 50.03
C ARG A 92 1.31 1.22 49.65
N PRO A 93 2.51 1.80 49.33
CA PRO A 93 2.58 3.25 49.08
C PRO A 93 1.77 3.67 47.85
N LEU A 94 1.07 4.80 47.99
CA LEU A 94 0.32 5.42 46.92
C LEU A 94 1.23 5.73 45.73
N GLY A 95 0.85 5.28 44.53
CA GLY A 95 1.63 5.55 43.32
C GLY A 95 2.56 4.41 42.96
N ASP A 96 2.77 3.50 43.92
CA ASP A 96 3.64 2.33 43.81
C ASP A 96 5.10 2.57 43.32
N GLY A 97 5.70 3.72 43.63
CA GLY A 97 7.12 3.94 43.30
C GLY A 97 7.50 4.68 42.02
N VAL A 98 6.50 5.07 41.22
CA VAL A 98 6.73 5.78 39.97
C VAL A 98 5.64 6.86 39.73
N VAL A 99 6.02 7.97 39.10
CA VAL A 99 5.10 9.06 38.79
C VAL A 99 4.99 9.07 37.27
N THR A 100 3.77 8.95 36.76
CA THR A 100 3.58 8.90 35.32
C THR A 100 2.49 9.87 34.89
N GLY A 101 2.53 10.27 33.62
CA GLY A 101 1.47 11.07 33.02
C GLY A 101 1.97 11.77 31.78
N TYR A 102 1.42 12.95 31.53
CA TYR A 102 1.73 13.65 30.28
C TYR A 102 1.72 15.14 30.54
N GLY A 103 2.38 15.89 29.68
CA GLY A 103 2.45 17.33 29.80
C GLY A 103 3.01 17.85 28.50
N THR A 104 3.71 18.97 28.58
CA THR A 104 4.21 19.63 27.39
C THR A 104 5.60 20.10 27.72
N ILE A 105 6.45 20.17 26.71
CA ILE A 105 7.79 20.75 26.82
C ILE A 105 7.89 21.73 25.65
N ASP A 106 8.11 23.01 25.96
CA ASP A 106 8.07 24.09 24.94
C ASP A 106 6.84 24.04 24.00
N GLY A 107 5.68 23.75 24.59
CA GLY A 107 4.41 23.81 23.88
C GLY A 107 4.01 22.53 23.19
N ARG A 108 4.91 21.54 23.15
CA ARG A 108 4.67 20.29 22.46
C ARG A 108 4.44 19.16 23.43
N ASP A 109 3.42 18.35 23.16
CA ASP A 109 3.04 17.26 24.07
C ASP A 109 4.10 16.13 24.20
N VAL A 110 4.22 15.58 25.41
CA VAL A 110 5.11 14.46 25.70
C VAL A 110 4.45 13.59 26.72
N CYS A 111 4.84 12.31 26.78
CA CYS A 111 4.50 11.44 27.91
C CYS A 111 5.75 11.20 28.77
N ILE A 112 5.60 10.85 30.03
CA ILE A 112 6.75 10.84 30.97
C ILE A 112 6.54 9.84 32.10
N PHE A 113 7.62 9.27 32.58
CA PHE A 113 7.61 8.54 33.86
C PHE A 113 8.86 8.93 34.64
N SER A 114 8.75 8.90 35.96
CA SER A 114 9.84 9.30 36.88
C SER A 114 9.81 8.35 38.07
N GLN A 115 10.83 7.50 38.15
CA GLN A 115 10.92 6.50 39.20
C GLN A 115 11.29 7.11 40.56
N ASP A 116 10.60 6.66 41.61
CA ASP A 116 10.81 7.15 42.98
C ASP A 116 11.73 6.23 43.84
N ALA A 117 13.00 6.60 43.99
CA ALA A 117 14.01 5.73 44.67
C ALA A 117 13.74 5.56 46.20
N THR A 118 12.83 6.38 46.75
CA THR A 118 12.44 6.30 48.17
C THR A 118 11.44 5.20 48.41
N VAL A 119 10.80 4.73 47.35
CA VAL A 119 9.73 3.73 47.48
C VAL A 119 10.26 2.36 47.06
N PHE A 120 10.47 1.46 48.03
CA PHE A 120 11.18 0.20 47.84
C PHE A 120 12.46 0.36 46.98
N GLY A 121 13.27 1.36 47.27
CA GLY A 121 14.48 1.60 46.47
C GLY A 121 14.26 1.91 44.99
N GLY A 122 13.01 2.24 44.60
CA GLY A 122 12.68 2.54 43.17
C GLY A 122 12.66 1.28 42.33
N SER A 123 12.61 0.11 43.00
CA SER A 123 12.58 -1.21 42.39
C SER A 123 11.19 -1.44 41.77
N LEU A 124 11.18 -2.01 40.57
CA LEU A 124 9.95 -2.22 39.81
C LEU A 124 9.09 -3.33 40.38
N GLY A 125 7.79 -3.04 40.54
CA GLY A 125 6.80 -4.06 40.77
C GLY A 125 5.80 -4.17 39.62
N GLU A 126 4.90 -5.13 39.70
CA GLU A 126 3.79 -5.26 38.75
C GLU A 126 3.04 -3.95 38.44
N VAL A 127 2.61 -3.23 39.48
CA VAL A 127 1.75 -2.05 39.27
C VAL A 127 2.53 -0.83 38.73
N TYR A 128 3.63 -0.50 39.41
CA TYR A 128 4.66 0.38 38.92
C TYR A 128 4.95 0.12 37.41
N GLY A 129 5.16 -1.14 37.07
CA GLY A 129 5.38 -1.56 35.68
C GLY A 129 4.16 -1.30 34.83
N GLU A 130 2.99 -1.72 35.28
CA GLU A 130 1.77 -1.35 34.59
C GLU A 130 1.67 0.14 34.29
N LYS A 131 2.16 1.00 35.20
CA LYS A 131 2.06 2.46 35.06
C LYS A 131 2.94 3.00 33.95
N ILE A 132 4.17 2.48 33.89
CA ILE A 132 5.08 2.77 32.78
C ILE A 132 4.51 2.28 31.40
N VAL A 133 4.09 1.02 31.32
CA VAL A 133 3.43 0.51 30.08
C VAL A 133 2.29 1.43 29.60
N LYS A 134 1.46 1.94 30.53
CA LYS A 134 0.37 2.84 30.14
C LYS A 134 0.86 4.07 29.37
N VAL A 135 1.90 4.73 29.89
CA VAL A 135 2.39 5.92 29.24
C VAL A 135 3.24 5.62 27.99
N GLN A 136 3.95 4.49 27.96
CA GLN A 136 4.60 4.04 26.70
C GLN A 136 3.54 3.79 25.64
N GLU A 137 2.47 3.10 26.00
CA GLU A 137 1.43 2.85 25.01
C GLU A 137 0.73 4.15 24.58
N LEU A 138 0.60 5.10 25.51
CA LEU A 138 0.03 6.39 25.22
C LEU A 138 0.95 7.21 24.31
N ALA A 139 2.24 7.27 24.59
CA ALA A 139 3.17 7.98 23.71
C ALA A 139 3.10 7.39 22.28
N ILE A 140 3.12 6.07 22.19
CA ILE A 140 3.09 5.37 20.90
C ILE A 140 1.82 5.70 20.10
N LYS A 141 0.64 5.61 20.72
CA LYS A 141 -0.62 5.82 19.99
C LYS A 141 -0.80 7.30 19.64
N THR A 142 -0.20 8.18 20.44
CA THR A 142 -0.33 9.59 20.16
C THR A 142 0.75 10.16 19.23
N GLY A 143 1.83 9.40 18.99
CA GLY A 143 2.96 9.84 18.18
C GLY A 143 3.69 11.02 18.82
N ARG A 144 3.85 10.96 20.14
CA ARG A 144 4.58 11.98 20.93
C ARG A 144 5.79 11.37 21.63
N PRO A 145 6.82 12.19 21.91
CA PRO A 145 7.97 11.67 22.68
C PRO A 145 7.65 11.06 24.02
N LEU A 146 8.45 10.03 24.35
CA LEU A 146 8.44 9.43 25.68
C LEU A 146 9.75 9.77 26.48
N ILE A 147 9.58 10.44 27.62
CA ILE A 147 10.69 10.74 28.57
C ILE A 147 10.57 9.75 29.79
N GLY A 148 11.66 9.01 30.02
CA GLY A 148 11.75 8.15 31.20
C GLY A 148 12.82 8.71 32.12
N ILE A 149 12.49 8.84 33.41
CA ILE A 149 13.48 9.31 34.42
C ILE A 149 13.74 8.12 35.32
N ASN A 150 14.96 7.61 35.19
CA ASN A 150 15.39 6.35 35.77
C ASN A 150 16.17 6.56 37.05
N ASP A 151 15.71 5.88 38.11
CA ASP A 151 16.33 5.99 39.43
C ASP A 151 15.75 4.88 40.28
N GLY A 152 16.36 3.69 40.25
CA GLY A 152 15.92 2.64 41.17
C GLY A 152 16.79 1.41 41.12
N ALA A 153 16.60 0.52 42.10
CA ALA A 153 17.26 -0.77 42.21
C ALA A 153 16.57 -1.77 41.28
N GLY A 154 16.92 -3.05 41.35
CA GLY A 154 16.37 -4.04 40.43
C GLY A 154 14.94 -4.43 40.74
N ALA A 155 14.41 -5.42 40.04
CA ALA A 155 13.05 -5.85 40.25
C ALA A 155 12.83 -6.22 41.71
N ARG A 156 11.64 -5.90 42.20
CA ARG A 156 11.22 -6.27 43.57
C ARG A 156 11.21 -7.77 43.70
N ILE A 157 12.22 -8.31 44.38
CA ILE A 157 12.38 -9.76 44.48
C ILE A 157 11.08 -10.38 45.04
N GLN A 158 10.47 -9.75 46.04
CA GLN A 158 9.31 -10.36 46.73
C GLN A 158 8.09 -10.59 45.87
N GLU A 159 7.82 -9.70 44.88
CA GLU A 159 6.73 -9.90 43.92
C GLU A 159 6.90 -11.14 43.04
N GLY A 160 8.14 -11.56 42.89
CA GLY A 160 8.50 -12.67 42.01
C GLY A 160 8.52 -12.36 40.52
N VAL A 161 8.43 -13.43 39.74
CA VAL A 161 8.51 -13.41 38.28
C VAL A 161 7.61 -12.36 37.56
N VAL A 162 6.49 -11.97 38.18
CA VAL A 162 5.65 -10.91 37.62
C VAL A 162 6.41 -9.64 37.29
N SER A 163 7.39 -9.29 38.13
N SER A 163 7.40 -9.29 38.12
CA SER A 163 8.19 -8.09 37.93
CA SER A 163 8.20 -8.09 37.95
C SER A 163 8.96 -8.18 36.60
C SER A 163 9.04 -8.16 36.65
N LEU A 164 9.53 -9.36 36.34
CA LEU A 164 10.23 -9.65 35.09
C LEU A 164 9.30 -9.60 33.86
N GLY A 165 8.07 -10.11 34.00
CA GLY A 165 7.01 -10.03 32.99
C GLY A 165 6.83 -8.58 32.59
N LEU A 166 6.78 -7.68 33.57
CA LEU A 166 6.64 -6.25 33.30
C LEU A 166 7.89 -5.59 32.71
N TYR A 167 9.07 -5.93 33.22
CA TYR A 167 10.34 -5.61 32.49
C TYR A 167 10.22 -5.94 30.98
N SER A 168 9.85 -7.18 30.69
CA SER A 168 9.68 -7.59 29.30
C SER A 168 8.72 -6.72 28.47
N ARG A 169 7.51 -6.47 28.99
CA ARG A 169 6.56 -5.55 28.32
C ARG A 169 7.14 -4.18 28.02
N ILE A 170 7.88 -3.64 28.99
CA ILE A 170 8.48 -2.33 28.86
C ILE A 170 9.56 -2.36 27.75
N PHE A 171 10.46 -3.37 27.76
CA PHE A 171 11.48 -3.54 26.72
C PHE A 171 10.82 -3.63 25.35
N ARG A 172 9.82 -4.49 25.25
CA ARG A 172 9.13 -4.71 23.99
C ARG A 172 8.50 -3.40 23.47
N ASN A 173 7.94 -2.58 24.37
CA ASN A 173 7.44 -1.28 23.96
C ASN A 173 8.51 -0.28 23.53
N ASN A 174 9.68 -0.26 24.22
CA ASN A 174 10.85 0.51 23.73
C ASN A 174 11.25 0.10 22.31
N ILE A 175 11.14 -1.19 22.05
CA ILE A 175 11.49 -1.73 20.73
C ILE A 175 10.44 -1.39 19.66
N LEU A 176 9.15 -1.59 19.98
CA LEU A 176 8.09 -1.19 19.07
CA LEU A 176 8.04 -1.17 19.11
C LEU A 176 8.14 0.30 18.77
N ALA A 177 8.48 1.12 19.78
CA ALA A 177 8.54 2.59 19.60
C ALA A 177 9.82 3.09 18.90
N SER A 178 10.77 2.19 18.70
CA SER A 178 12.13 2.54 18.35
C SER A 178 12.18 3.14 16.96
N GLY A 179 12.71 4.36 16.86
CA GLY A 179 12.68 5.08 15.60
C GLY A 179 11.31 5.62 15.16
N VAL A 180 10.27 5.40 15.96
CA VAL A 180 8.89 5.88 15.72
C VAL A 180 8.61 7.17 16.51
N ILE A 181 8.84 7.17 17.82
CA ILE A 181 8.78 8.37 18.62
C ILE A 181 10.14 8.57 19.33
N PRO A 182 10.59 9.83 19.45
CA PRO A 182 11.79 10.06 20.25
C PRO A 182 11.61 9.50 21.65
N GLN A 183 12.53 8.63 22.05
CA GLN A 183 12.57 8.11 23.43
C GLN A 183 13.85 8.62 24.15
N ILE A 184 13.63 9.36 25.24
CA ILE A 184 14.76 9.98 25.97
C ILE A 184 14.80 9.43 27.39
N SER A 185 15.98 8.96 27.79
CA SER A 185 16.20 8.39 29.15
C SER A 185 17.10 9.31 30.00
N LEU A 186 16.57 9.77 31.12
CA LEU A 186 17.36 10.53 32.10
C LEU A 186 17.70 9.60 33.24
N ILE A 187 19.01 9.48 33.52
CA ILE A 187 19.46 8.65 34.62
C ILE A 187 19.80 9.65 35.73
N MET A 188 19.13 9.52 36.87
CA MET A 188 19.25 10.60 37.86
C MET A 188 19.54 10.09 39.27
N GLY A 189 19.88 8.82 39.40
CA GLY A 189 20.31 8.17 40.64
C GLY A 189 20.98 6.85 40.26
N ALA A 190 21.17 5.93 41.22
CA ALA A 190 21.73 4.63 40.88
C ALA A 190 20.66 3.75 40.26
N ALA A 191 20.79 3.49 38.96
CA ALA A 191 19.88 2.53 38.26
C ALA A 191 20.59 1.18 38.15
N ALA A 192 20.12 0.19 38.94
CA ALA A 192 20.77 -1.10 39.01
C ALA A 192 19.82 -2.20 38.54
N GLY A 193 20.34 -3.24 37.88
CA GLY A 193 19.50 -4.39 37.59
C GLY A 193 19.02 -4.37 36.15
N GLY A 194 18.04 -5.21 35.85
CA GLY A 194 17.65 -5.46 34.45
C GLY A 194 17.04 -4.28 33.71
N HIS A 195 16.37 -3.40 34.43
CA HIS A 195 15.74 -2.27 33.82
C HIS A 195 16.68 -1.23 33.17
N VAL A 196 17.99 -1.32 33.38
CA VAL A 196 18.96 -0.46 32.67
C VAL A 196 18.90 -0.71 31.17
N TYR A 197 18.32 -1.84 30.76
CA TYR A 197 18.14 -2.15 29.36
C TYR A 197 17.12 -1.27 28.67
N SER A 198 16.17 -0.75 29.42
CA SER A 198 15.20 0.20 28.83
C SER A 198 15.88 1.47 28.29
N PRO A 199 16.68 2.20 29.11
CA PRO A 199 17.56 3.26 28.58
C PRO A 199 18.42 2.93 27.34
N ALA A 200 19.04 1.77 27.31
CA ALA A 200 19.88 1.37 26.16
C ALA A 200 19.02 1.24 24.90
N LEU A 201 17.76 0.84 25.06
CA LEU A 201 16.85 0.71 23.90
C LEU A 201 16.31 2.06 23.41
N THR A 202 16.44 3.10 24.24
CA THR A 202 15.87 4.43 23.95
C THR A 202 16.87 5.09 23.05
N ASP A 203 16.59 6.30 22.57
CA ASP A 203 17.46 6.93 21.58
C ASP A 203 18.62 7.68 22.23
N PHE A 204 18.35 8.29 23.37
CA PHE A 204 19.29 9.19 24.03
C PHE A 204 19.29 8.96 25.54
N VAL A 205 20.50 8.79 26.10
CA VAL A 205 20.72 8.54 27.50
C VAL A 205 21.45 9.74 28.13
N ILE A 206 20.80 10.39 29.09
CA ILE A 206 21.33 11.61 29.66
C ILE A 206 21.60 11.26 31.11
N MET A 207 22.85 11.40 31.53
CA MET A 207 23.25 11.05 32.88
C MET A 207 23.65 12.27 33.65
N VAL A 208 23.54 12.20 34.98
CA VAL A 208 24.02 13.30 35.84
C VAL A 208 25.34 12.88 36.46
N ASP A 209 26.38 13.68 36.19
CA ASP A 209 27.73 13.42 36.70
C ASP A 209 27.75 13.25 38.23
N GLN A 210 28.38 12.16 38.72
CA GLN A 210 28.63 11.84 40.16
C GLN A 210 27.42 11.33 40.91
N THR A 211 26.26 11.60 40.37
CA THR A 211 25.00 11.51 41.09
C THR A 211 24.04 10.47 40.44
N SER A 212 24.47 9.89 39.35
CA SER A 212 23.73 8.82 38.69
C SER A 212 24.71 7.75 38.23
N GLN A 213 24.25 6.51 38.22
CA GLN A 213 25.03 5.36 37.72
C GLN A 213 24.05 4.40 37.00
N MET A 214 24.59 3.54 36.13
CA MET A 214 23.87 2.40 35.55
C MET A 214 24.81 1.19 35.59
N PHE A 215 24.28 0.07 36.04
CA PHE A 215 25.03 -1.17 35.97
C PHE A 215 24.05 -2.33 36.12
N ILE A 216 24.35 -3.47 35.49
CA ILE A 216 23.49 -4.64 35.58
C ILE A 216 23.67 -5.28 36.95
N THR A 217 24.92 -5.55 37.30
CA THR A 217 25.31 -6.18 38.58
C THR A 217 26.17 -5.21 39.37
N GLY A 218 25.82 -5.04 40.64
CA GLY A 218 26.48 -4.06 41.51
C GLY A 218 27.86 -4.45 42.00
N PRO A 219 28.61 -3.48 42.59
CA PRO A 219 29.98 -3.73 43.08
C PRO A 219 30.11 -4.88 44.08
N ASP A 220 29.14 -5.06 44.97
CA ASP A 220 29.16 -6.17 45.95
C ASP A 220 29.21 -7.56 45.34
N VAL A 221 28.30 -7.84 44.40
CA VAL A 221 28.27 -9.15 43.71
C VAL A 221 29.52 -9.35 42.88
N ILE A 222 29.96 -8.31 42.20
CA ILE A 222 31.19 -8.38 41.42
C ILE A 222 32.42 -8.76 42.29
N LYS A 223 32.54 -8.10 43.44
CA LYS A 223 33.59 -8.39 44.40
C LYS A 223 33.57 -9.86 44.75
N THR A 224 32.42 -10.37 45.20
CA THR A 224 32.38 -11.76 45.64
C THR A 224 32.62 -12.76 44.52
N VAL A 225 32.19 -12.44 43.30
CA VAL A 225 32.35 -13.38 42.19
C VAL A 225 33.75 -13.25 41.55
N THR A 226 34.23 -12.02 41.37
CA THR A 226 35.49 -11.83 40.65
C THR A 226 36.67 -11.45 41.54
N GLY A 227 36.41 -10.97 42.75
CA GLY A 227 37.47 -10.35 43.54
C GLY A 227 37.76 -8.88 43.20
N GLU A 228 37.17 -8.35 42.12
CA GLU A 228 37.44 -6.95 41.75
C GLU A 228 36.72 -5.99 42.72
N GLU A 229 37.39 -4.89 43.04
CA GLU A 229 36.89 -3.91 43.98
C GLU A 229 36.73 -2.64 43.17
N VAL A 230 35.51 -2.12 43.18
CA VAL A 230 35.14 -1.00 42.31
C VAL A 230 34.05 -0.27 43.07
N THR A 231 34.08 1.06 43.07
CA THR A 231 32.91 1.82 43.55
C THR A 231 31.80 1.84 42.46
N MET A 232 30.57 2.19 42.87
CA MET A 232 29.43 2.35 42.00
C MET A 232 29.70 3.40 40.93
N GLU A 233 30.35 4.49 41.34
CA GLU A 233 30.78 5.55 40.45
C GLU A 233 31.76 5.07 39.36
N GLU A 234 32.77 4.29 39.75
CA GLU A 234 33.73 3.69 38.80
C GLU A 234 33.03 2.67 37.91
N LEU A 235 32.18 1.86 38.49
CA LEU A 235 31.50 0.82 37.78
C LEU A 235 30.55 1.36 36.69
N GLY A 236 29.72 2.35 37.02
CA GLY A 236 28.62 2.78 36.15
C GLY A 236 28.29 4.27 36.17
N GLY A 237 29.24 5.11 36.59
CA GLY A 237 29.03 6.53 36.64
C GLY A 237 28.97 7.16 35.25
N ALA A 238 28.66 8.46 35.21
CA ALA A 238 28.46 9.17 33.93
C ALA A 238 29.74 9.14 33.09
N HIS A 239 30.89 9.29 33.75
CA HIS A 239 32.15 9.33 33.04
C HIS A 239 32.47 7.96 32.42
N THR A 240 32.09 6.90 33.13
CA THR A 240 32.30 5.54 32.66
C THR A 240 31.44 5.29 31.42
N HIS A 241 30.16 5.69 31.48
CA HIS A 241 29.21 5.38 30.38
C HIS A 241 29.34 6.37 29.24
N MET A 242 29.96 7.51 29.52
CA MET A 242 30.39 8.43 28.47
C MET A 242 31.63 7.92 27.76
N ALA A 243 32.74 7.82 28.47
CA ALA A 243 34.04 7.62 27.84
C ALA A 243 34.42 6.18 27.58
N LYS A 244 33.91 5.24 28.37
CA LYS A 244 34.34 3.85 28.21
C LYS A 244 33.37 3.00 27.38
N SER A 245 32.10 2.99 27.81
CA SER A 245 31.11 2.04 27.28
C SER A 245 30.33 2.60 26.07
N GLY A 246 30.41 3.89 25.79
CA GLY A 246 29.66 4.49 24.65
C GLY A 246 28.15 4.45 24.76
N THR A 247 27.65 4.60 26.00
CA THR A 247 26.23 4.42 26.35
C THR A 247 25.53 5.74 26.75
N ALA A 248 26.25 6.72 27.35
CA ALA A 248 25.66 8.01 27.68
C ALA A 248 25.93 9.03 26.57
N HIS A 249 24.90 9.81 26.23
CA HIS A 249 25.02 10.82 25.15
C HIS A 249 25.41 12.18 25.71
N TYR A 250 25.20 12.32 27.03
CA TYR A 250 25.42 13.55 27.77
C TYR A 250 25.63 13.24 29.25
N ALA A 251 26.69 13.84 29.82
CA ALA A 251 27.00 13.82 31.25
C ALA A 251 26.71 15.21 31.83
N ALA A 252 25.53 15.38 32.46
CA ALA A 252 25.08 16.71 32.87
C ALA A 252 25.78 17.14 34.17
N SER A 253 25.99 18.44 34.33
CA SER A 253 26.65 18.94 35.56
C SER A 253 25.70 18.94 36.78
N GLY A 254 24.39 18.85 36.56
CA GLY A 254 23.46 18.69 37.68
C GLY A 254 22.10 18.29 37.13
N GLU A 255 21.11 18.22 37.99
CA GLU A 255 19.76 17.91 37.58
C GLU A 255 19.17 18.92 36.60
N GLN A 256 19.30 20.21 36.88
CA GLN A 256 18.69 21.24 36.00
C GLN A 256 19.36 21.29 34.63
N ASP A 257 20.69 21.17 34.63
CA ASP A 257 21.49 21.03 33.41
C ASP A 257 21.03 19.83 32.49
N ALA A 258 20.72 18.70 33.09
CA ALA A 258 20.25 17.53 32.38
C ALA A 258 18.90 17.84 31.73
N PHE A 259 17.99 18.48 32.48
CA PHE A 259 16.70 18.90 31.93
C PHE A 259 16.90 19.86 30.76
N ASP A 260 17.82 20.81 30.93
CA ASP A 260 18.14 21.80 29.93
C ASP A 260 18.59 21.17 28.61
N TYR A 261 19.38 20.11 28.71
CA TYR A 261 19.90 19.37 27.58
C TYR A 261 18.76 18.63 26.89
N VAL A 262 17.91 17.96 27.66
CA VAL A 262 16.78 17.28 27.04
C VAL A 262 15.80 18.19 26.30
N ARG A 263 15.45 19.35 26.88
CA ARG A 263 14.63 20.32 26.16
C ARG A 263 15.32 20.77 24.86
N GLU A 264 16.62 21.04 24.90
CA GLU A 264 17.38 21.42 23.69
C GLU A 264 17.32 20.38 22.60
N LEU A 265 17.58 19.14 23.01
CA LEU A 265 17.53 17.98 22.15
C LEU A 265 16.14 17.85 21.50
N LEU A 266 15.09 17.88 22.33
CA LEU A 266 13.72 17.88 21.84
C LEU A 266 13.39 18.98 20.81
N SER A 267 14.03 20.14 20.96
CA SER A 267 13.79 21.27 20.10
C SER A 267 14.27 21.05 18.66
N TYR A 268 15.19 20.11 18.47
CA TYR A 268 15.69 19.72 17.14
C TYR A 268 14.81 18.68 16.46
N LEU A 269 14.06 17.93 17.27
CA LEU A 269 13.36 16.75 16.80
C LEU A 269 11.88 16.97 16.54
N PRO A 270 11.29 16.19 15.58
CA PRO A 270 9.82 16.15 15.42
C PRO A 270 9.19 15.31 16.56
N PRO A 271 7.84 15.33 16.68
CA PRO A 271 7.25 14.43 17.69
C PRO A 271 7.36 12.94 17.35
N ASN A 272 7.63 12.63 16.06
CA ASN A 272 7.53 11.26 15.54
C ASN A 272 8.16 11.11 14.16
N ASN A 273 8.31 9.88 13.67
CA ASN A 273 8.98 9.69 12.37
C ASN A 273 8.23 10.19 11.10
N SER A 274 7.01 10.68 11.25
CA SER A 274 6.16 10.95 10.08
C SER A 274 5.86 12.43 10.01
N THR A 275 6.65 13.20 10.76
CA THR A 275 6.54 14.65 10.89
C THR A 275 7.89 15.29 10.61
N ASP A 276 7.89 16.46 9.98
CA ASP A 276 9.14 17.20 9.70
C ASP A 276 9.81 17.65 11.02
N ALA A 277 11.14 17.58 11.09
CA ALA A 277 11.85 18.26 12.18
C ALA A 277 11.45 19.76 12.14
N PRO A 278 11.16 20.39 13.32
CA PRO A 278 10.69 21.78 13.28
C PRO A 278 11.77 22.73 12.75
N ARG A 279 11.36 23.74 12.00
CA ARG A 279 12.29 24.69 11.41
C ARG A 279 12.01 26.04 12.04
N TYR A 280 13.06 26.88 12.07
CA TYR A 280 12.89 28.31 12.28
C TYR A 280 12.90 29.04 10.94
N GLN A 281 12.66 30.33 10.98
CA GLN A 281 12.52 31.07 9.73
C GLN A 281 13.84 31.19 8.97
N ALA A 282 13.79 30.83 7.70
CA ALA A 282 14.91 31.00 6.76
C ALA A 282 15.13 32.47 6.36
N ALA A 283 16.40 32.82 6.13
CA ALA A 283 16.80 34.16 5.65
C ALA A 283 16.41 34.37 4.18
N ALA A 284 16.37 35.64 3.77
CA ALA A 284 16.21 36.00 2.36
C ALA A 284 17.58 36.11 1.66
N PRO A 285 17.70 35.62 0.39
CA PRO A 285 18.96 35.86 -0.41
C PRO A 285 19.25 37.34 -0.67
N THR A 286 20.52 37.73 -0.76
CA THR A 286 20.94 39.11 -1.15
C THR A 286 21.89 39.06 -2.35
N GLY A 287 21.50 38.41 -3.43
CA GLY A 287 22.37 38.36 -4.59
C GLY A 287 23.39 37.23 -4.54
N PRO A 288 24.57 37.47 -5.14
CA PRO A 288 25.62 36.44 -5.36
C PRO A 288 26.25 35.94 -4.06
N ILE A 289 26.57 34.65 -4.00
CA ILE A 289 27.15 34.01 -2.80
C ILE A 289 28.34 34.79 -2.22
N GLU A 290 29.15 35.36 -3.12
CA GLU A 290 30.31 36.18 -2.78
C GLU A 290 29.97 37.54 -2.18
N GLU A 291 28.75 38.03 -2.39
CA GLU A 291 28.35 39.32 -1.78
C GLU A 291 27.69 39.12 -0.42
N ASN A 292 27.56 37.86 -0.01
CA ASN A 292 26.95 37.53 1.26
C ASN A 292 27.88 36.82 2.23
N LEU A 293 29.17 37.06 2.08
CA LEU A 293 30.15 36.35 2.91
C LEU A 293 30.43 37.18 4.13
N THR A 294 30.11 36.64 5.30
CA THR A 294 30.39 37.32 6.56
C THR A 294 31.88 37.17 6.87
N ASP A 295 32.37 37.94 7.86
CA ASP A 295 33.71 37.81 8.38
C ASP A 295 33.99 36.40 8.86
N GLU A 296 32.99 35.84 9.52
CA GLU A 296 33.06 34.49 10.04
C GLU A 296 33.12 33.43 8.90
N ASP A 297 32.41 33.65 7.79
CA ASP A 297 32.51 32.76 6.64
C ASP A 297 33.90 32.88 6.11
N LEU A 298 34.40 34.11 6.00
CA LEU A 298 35.71 34.34 5.37
C LEU A 298 36.86 33.73 6.17
N GLU A 299 36.67 33.58 7.48
CA GLU A 299 37.66 32.89 8.34
C GLU A 299 37.95 31.43 7.93
N LEU A 300 36.98 30.79 7.26
CA LEU A 300 37.13 29.41 6.83
C LEU A 300 38.21 29.28 5.73
N ASP A 301 38.36 30.34 4.94
CA ASP A 301 39.30 30.35 3.83
C ASP A 301 40.77 30.09 4.20
N THR A 302 41.14 30.59 5.38
CA THR A 302 42.50 30.47 5.88
C THR A 302 42.58 29.49 7.05
N LEU A 303 41.47 28.82 7.41
CA LEU A 303 41.42 27.93 8.59
C LEU A 303 42.29 26.65 8.50
N ILE A 304 42.34 26.00 7.34
CA ILE A 304 43.10 24.78 7.19
C ILE A 304 44.57 25.18 7.15
N PRO A 305 45.40 24.56 8.03
CA PRO A 305 46.84 24.90 8.12
C PRO A 305 47.54 24.58 6.80
N ASP A 306 48.69 25.20 6.52
CA ASP A 306 49.44 24.89 5.30
C ASP A 306 49.97 23.45 5.26
N SER A 307 50.57 23.01 6.36
CA SER A 307 51.07 21.63 6.49
C SER A 307 49.93 20.63 6.61
N PRO A 308 49.95 19.57 5.76
CA PRO A 308 48.76 18.68 5.64
C PRO A 308 48.55 17.73 6.83
N ASN A 309 49.52 17.63 7.73
CA ASN A 309 49.39 16.73 8.87
C ASN A 309 49.10 17.47 10.16
N GLN A 310 49.10 18.80 10.09
CA GLN A 310 48.87 19.63 11.28
C GLN A 310 47.36 19.65 11.64
N PRO A 311 47.03 19.35 12.92
CA PRO A 311 45.64 19.28 13.40
C PRO A 311 45.02 20.64 13.50
N TYR A 312 43.69 20.68 13.43
CA TYR A 312 42.92 21.88 13.78
C TYR A 312 41.66 21.27 14.41
N ASP A 313 41.04 22.00 15.32
CA ASP A 313 39.78 21.63 15.90
C ASP A 313 38.63 21.81 14.87
N MET A 314 38.01 20.69 14.46
CA MET A 314 36.83 20.69 13.60
C MET A 314 35.62 21.53 14.16
N HIS A 315 35.53 21.74 15.50
CA HIS A 315 34.51 22.66 16.06
C HIS A 315 34.59 24.07 15.45
N GLU A 316 35.78 24.47 15.02
CA GLU A 316 35.99 25.78 14.38
C GLU A 316 35.24 25.91 13.06
N VAL A 317 35.15 24.82 12.31
CA VAL A 317 34.36 24.75 11.07
C VAL A 317 32.86 24.67 11.42
N ILE A 318 32.49 23.69 12.25
CA ILE A 318 31.10 23.48 12.67
C ILE A 318 30.42 24.77 13.12
N THR A 319 31.03 25.41 14.10
CA THR A 319 30.57 26.65 14.73
C THR A 319 30.30 27.78 13.75
N ARG A 320 31.17 27.95 12.77
CA ARG A 320 30.97 28.94 11.73
C ARG A 320 29.88 28.53 10.71
N LEU A 321 29.53 27.26 10.63
CA LEU A 321 28.42 26.84 9.69
C LEU A 321 27.02 27.02 10.28
N LEU A 322 26.94 26.85 11.61
CA LEU A 322 25.67 26.77 12.32
C LEU A 322 25.11 28.13 12.65
N ASP A 323 23.76 28.23 12.74
CA ASP A 323 23.11 29.53 13.00
C ASP A 323 23.49 30.06 14.40
N ASP A 324 23.47 29.16 15.39
CA ASP A 324 23.67 29.52 16.78
C ASP A 324 24.54 28.46 17.46
N GLU A 325 23.96 27.71 18.41
CA GLU A 325 24.76 26.75 19.16
CA GLU A 325 24.66 26.71 19.22
C GLU A 325 24.81 25.36 18.51
N PHE A 326 25.79 24.58 18.93
CA PHE A 326 25.95 23.20 18.53
C PHE A 326 25.56 22.34 19.74
N LEU A 327 24.58 21.44 19.58
CA LEU A 327 24.30 20.51 20.64
C LEU A 327 25.07 19.19 20.38
N GLU A 328 26.24 19.04 21.00
CA GLU A 328 27.07 17.85 20.79
C GLU A 328 26.57 16.64 21.55
N ILE A 329 26.60 15.49 20.87
CA ILE A 329 26.17 14.20 21.37
C ILE A 329 27.43 13.36 21.63
N GLN A 330 27.48 12.65 22.75
CA GLN A 330 28.68 11.87 23.08
C GLN A 330 29.99 12.69 22.98
N ALA A 331 29.96 13.93 23.47
CA ALA A 331 31.11 14.86 23.43
C ALA A 331 32.41 14.24 24.03
N GLY A 332 32.32 13.45 25.08
CA GLY A 332 33.55 12.87 25.70
C GLY A 332 33.79 11.40 25.42
N TYR A 333 33.15 10.87 24.38
CA TYR A 333 33.42 9.52 23.87
C TYR A 333 33.93 9.59 22.45
N ALA A 334 34.92 8.77 22.09
CA ALA A 334 35.40 8.65 20.71
C ALA A 334 35.54 10.02 20.05
N GLN A 335 36.44 10.83 20.62
CA GLN A 335 36.56 12.25 20.26
C GLN A 335 37.20 12.47 18.92
N ASN A 336 37.69 11.39 18.33
CA ASN A 336 38.17 11.41 16.94
C ASN A 336 37.03 11.65 15.94
N ILE A 337 35.80 11.67 16.44
CA ILE A 337 34.64 12.09 15.65
C ILE A 337 33.69 12.97 16.47
N VAL A 338 33.12 13.96 15.81
CA VAL A 338 32.16 14.87 16.43
C VAL A 338 30.76 14.78 15.76
N VAL A 339 29.73 14.64 16.58
CA VAL A 339 28.37 14.29 16.17
C VAL A 339 27.45 15.20 17.04
N GLY A 340 26.37 15.70 16.46
CA GLY A 340 25.47 16.55 17.21
C GLY A 340 24.56 17.35 16.31
N PHE A 341 23.67 18.10 16.94
CA PHE A 341 22.67 18.86 16.21
C PHE A 341 22.98 20.35 16.17
N GLY A 342 22.56 20.99 15.11
CA GLY A 342 22.65 22.42 14.98
C GLY A 342 21.59 22.88 13.98
N ARG A 343 21.56 24.19 13.66
CA ARG A 343 20.71 24.67 12.60
C ARG A 343 21.52 25.40 11.51
N ILE A 344 21.17 25.12 10.27
CA ILE A 344 21.64 25.93 9.13
C ILE A 344 20.45 26.55 8.42
N ASP A 345 20.41 27.88 8.39
CA ASP A 345 19.28 28.62 7.78
C ASP A 345 17.91 28.22 8.38
N GLY A 346 17.91 27.98 9.70
CA GLY A 346 16.71 27.61 10.46
C GLY A 346 16.35 26.14 10.44
N ARG A 347 17.12 25.34 9.71
CA ARG A 347 16.77 23.94 9.50
C ARG A 347 17.68 23.10 10.38
N PRO A 348 17.11 22.24 11.24
CA PRO A 348 17.91 21.27 12.05
C PRO A 348 18.73 20.33 11.18
N VAL A 349 20.01 20.17 11.53
CA VAL A 349 20.91 19.25 10.82
C VAL A 349 21.63 18.36 11.84
N GLY A 350 22.03 17.16 11.41
CA GLY A 350 22.88 16.28 12.21
C GLY A 350 24.28 16.38 11.63
N ILE A 351 25.23 16.87 12.44
CA ILE A 351 26.63 17.00 12.01
C ILE A 351 27.37 15.72 12.28
N VAL A 352 28.15 15.26 11.31
CA VAL A 352 29.08 14.14 11.50
C VAL A 352 30.44 14.56 10.91
N ALA A 353 31.42 14.78 11.79
CA ALA A 353 32.66 15.49 11.42
C ALA A 353 33.86 14.77 12.02
N ASN A 354 34.86 14.42 11.20
CA ASN A 354 36.04 13.80 11.75
C ASN A 354 36.76 14.89 12.53
N GLN A 355 37.45 14.53 13.60
CA GLN A 355 38.14 15.57 14.44
C GLN A 355 39.66 15.32 14.37
N PRO A 356 40.42 16.13 13.57
CA PRO A 356 41.87 15.97 13.36
C PRO A 356 42.76 16.09 14.62
N THR A 357 42.18 16.60 15.66
CA THR A 357 42.77 16.85 16.96
C THR A 357 42.86 15.55 17.82
N HIS A 358 42.22 14.46 17.38
CA HIS A 358 42.35 13.16 18.05
C HIS A 358 42.56 12.06 17.01
N PHE A 359 43.68 11.33 17.14
CA PHE A 359 44.08 10.28 16.17
C PHE A 359 44.18 10.84 14.77
N ALA A 360 44.49 12.14 14.66
CA ALA A 360 44.48 12.85 13.38
C ALA A 360 43.17 12.64 12.58
N GLY A 361 42.06 12.36 13.27
CA GLY A 361 40.78 12.28 12.57
C GLY A 361 40.47 10.91 12.02
N CYS A 362 41.37 9.95 12.24
CA CYS A 362 41.14 8.56 11.90
C CYS A 362 39.90 8.00 12.54
N LEU A 363 39.26 7.10 11.79
CA LEU A 363 38.12 6.33 12.28
C LEU A 363 38.61 5.15 13.14
N ASP A 364 37.78 4.68 14.05
CA ASP A 364 38.13 3.52 14.83
C ASP A 364 36.83 2.84 15.16
N ILE A 365 36.90 1.75 15.90
CA ILE A 365 35.72 1.02 16.30
C ILE A 365 34.72 1.98 16.96
N ASN A 366 35.13 2.73 17.99
CA ASN A 366 34.15 3.44 18.83
C ASN A 366 33.52 4.67 18.13
N ALA A 367 34.34 5.43 17.38
CA ALA A 367 33.85 6.50 16.53
C ALA A 367 32.88 5.98 15.43
N SER A 368 33.15 4.81 14.85
CA SER A 368 32.22 4.27 13.87
C SER A 368 30.83 3.99 14.46
N GLU A 369 30.80 3.43 15.67
CA GLU A 369 29.57 3.08 16.36
C GLU A 369 28.83 4.33 16.81
N LYS A 370 29.56 5.27 17.39
CA LYS A 370 29.01 6.53 17.80
C LYS A 370 28.31 7.23 16.62
N ALA A 371 29.05 7.44 15.52
CA ALA A 371 28.52 8.06 14.28
C ALA A 371 27.42 7.21 13.61
N ALA A 372 27.57 5.91 13.60
CA ALA A 372 26.55 5.03 12.96
C ALA A 372 25.15 5.18 13.56
N ARG A 373 25.04 5.13 14.89
CA ARG A 373 23.74 5.15 15.59
C ARG A 373 23.20 6.59 15.52
N PHE A 374 24.10 7.56 15.51
CA PHE A 374 23.72 8.96 15.33
C PHE A 374 23.05 9.19 13.95
N VAL A 375 23.69 8.71 12.89
CA VAL A 375 23.18 8.71 11.50
C VAL A 375 21.76 8.11 11.42
N ARG A 376 21.58 6.94 12.04
CA ARG A 376 20.31 6.19 11.98
C ARG A 376 19.23 6.92 12.76
N THR A 377 19.62 7.60 13.84
CA THR A 377 18.69 8.42 14.66
C THR A 377 18.22 9.60 13.84
N CYS A 378 19.15 10.33 13.22
CA CYS A 378 18.81 11.42 12.29
C CYS A 378 17.81 10.97 11.18
N ASP A 379 18.17 9.89 10.49
CA ASP A 379 17.30 9.29 9.49
C ASP A 379 15.91 8.93 10.00
N CYS A 380 15.82 8.27 11.16
CA CYS A 380 14.54 7.96 11.78
C CYS A 380 13.67 9.20 11.94
N PHE A 381 14.29 10.31 12.37
CA PHE A 381 13.53 11.52 12.75
C PHE A 381 13.70 12.65 11.78
N ASN A 382 14.05 12.29 10.54
CA ASN A 382 13.87 13.18 9.38
C ASN A 382 14.83 14.35 9.40
N ILE A 383 16.00 14.10 10.00
CA ILE A 383 17.03 15.14 10.11
C ILE A 383 18.16 14.93 9.10
N PRO A 384 18.39 15.91 8.22
CA PRO A 384 19.49 15.89 7.27
C PRO A 384 20.86 15.69 7.90
N ILE A 385 21.72 14.97 7.17
CA ILE A 385 23.04 14.60 7.64
C ILE A 385 24.02 15.41 6.85
N VAL A 386 24.83 16.22 7.57
CA VAL A 386 25.88 16.98 6.98
C VAL A 386 27.24 16.42 7.48
N MET A 387 28.03 15.83 6.56
CA MET A 387 29.37 15.35 6.89
C MET A 387 30.48 16.35 6.62
N LEU A 388 31.38 16.47 7.59
CA LEU A 388 32.56 17.33 7.42
C LEU A 388 33.75 16.40 7.56
N VAL A 389 34.53 16.29 6.49
CA VAL A 389 35.43 15.18 6.30
C VAL A 389 36.91 15.54 6.26
N ASP A 390 37.66 14.87 7.13
CA ASP A 390 39.11 14.95 7.23
C ASP A 390 39.59 13.65 7.88
N VAL A 391 39.67 12.60 7.07
CA VAL A 391 39.88 11.26 7.55
C VAL A 391 41.07 10.63 6.80
N PRO A 392 42.21 10.40 7.52
CA PRO A 392 43.36 9.77 6.86
C PRO A 392 43.20 8.28 6.66
N GLY A 393 42.22 7.68 7.34
CA GLY A 393 42.12 6.23 7.32
C GLY A 393 41.51 5.73 8.61
N PHE A 394 41.72 4.44 8.86
CA PHE A 394 41.34 3.78 10.11
C PHE A 394 42.58 3.66 11.03
N LEU A 395 42.33 3.72 12.34
CA LEU A 395 43.38 3.72 13.36
C LEU A 395 44.03 2.31 13.35
N PRO A 396 45.34 2.23 13.03
CA PRO A 396 46.01 0.91 12.98
C PRO A 396 46.33 0.29 14.36
N GLY A 397 46.29 -1.02 14.44
CA GLY A 397 46.61 -1.69 15.70
C GLY A 397 45.96 -3.04 15.72
N THR A 398 46.64 -4.02 16.32
CA THR A 398 46.09 -5.36 16.44
C THR A 398 44.78 -5.40 17.23
N ASP A 399 44.68 -4.59 18.27
CA ASP A 399 43.46 -4.58 19.08
C ASP A 399 42.21 -3.99 18.34
N GLN A 400 42.41 -3.11 17.37
CA GLN A 400 41.33 -2.66 16.53
C GLN A 400 40.79 -3.88 15.76
N GLU A 401 41.69 -4.73 15.24
CA GLU A 401 41.24 -5.95 14.56
C GLU A 401 40.53 -6.93 15.44
N TYR A 402 41.18 -7.25 16.57
CA TYR A 402 40.68 -8.27 17.53
C TYR A 402 39.35 -7.84 18.10
N ASN A 403 39.17 -6.53 18.30
CA ASN A 403 37.93 -6.07 18.91
C ASN A 403 36.79 -5.78 17.91
N GLY A 404 37.07 -5.94 16.61
CA GLY A 404 36.01 -5.97 15.60
C GLY A 404 35.89 -4.75 14.71
N ILE A 405 36.97 -4.07 14.33
CA ILE A 405 36.85 -2.92 13.39
C ILE A 405 36.15 -3.22 12.04
N ILE A 406 36.38 -4.41 11.47
CA ILE A 406 35.67 -4.81 10.23
C ILE A 406 34.16 -4.83 10.43
N ARG A 407 33.72 -5.64 11.39
CA ARG A 407 32.33 -5.83 11.75
C ARG A 407 31.71 -4.52 12.25
N ARG A 408 32.42 -3.78 13.10
CA ARG A 408 31.84 -2.63 13.81
C ARG A 408 32.01 -1.31 13.02
N GLY A 409 33.12 -1.19 12.32
CA GLY A 409 33.29 -0.11 11.36
C GLY A 409 32.26 -0.12 10.23
N ALA A 410 31.81 -1.31 9.83
CA ALA A 410 30.86 -1.43 8.70
C ALA A 410 29.47 -0.89 9.05
N LYS A 411 29.18 -0.69 10.34
CA LYS A 411 27.91 -0.15 10.81
C LYS A 411 27.65 1.25 10.29
N LEU A 412 28.72 2.04 10.18
CA LEU A 412 28.66 3.41 9.67
C LEU A 412 28.33 3.40 8.19
N LEU A 413 28.92 2.47 7.45
CA LEU A 413 28.53 2.26 6.04
C LEU A 413 27.08 1.95 5.96
N TYR A 414 26.68 0.95 6.73
CA TYR A 414 25.29 0.52 6.73
C TYR A 414 24.35 1.72 7.04
N ALA A 415 24.64 2.43 8.14
CA ALA A 415 23.80 3.54 8.59
C ALA A 415 23.63 4.54 7.46
N TYR A 416 24.74 4.93 6.85
CA TYR A 416 24.72 5.88 5.77
C TYR A 416 24.07 5.39 4.47
N GLY A 417 24.36 4.18 4.03
CA GLY A 417 23.73 3.64 2.81
C GLY A 417 22.22 3.53 2.96
N GLU A 418 21.74 3.21 4.16
CA GLU A 418 20.31 3.11 4.48
C GLU A 418 19.55 4.43 4.53
N ALA A 419 20.24 5.49 4.94
CA ALA A 419 19.66 6.79 5.15
C ALA A 419 19.06 7.38 3.85
N THR A 420 17.86 7.98 3.98
CA THR A 420 17.15 8.60 2.87
C THR A 420 16.90 10.09 3.13
N VAL A 421 17.23 10.60 4.33
CA VAL A 421 17.14 12.03 4.56
C VAL A 421 18.15 12.70 3.61
N PRO A 422 18.03 14.03 3.38
CA PRO A 422 19.08 14.73 2.65
C PRO A 422 20.49 14.48 3.21
N LYS A 423 21.47 14.27 2.31
CA LYS A 423 22.87 13.94 2.65
C LYS A 423 23.80 14.87 1.90
N ILE A 424 24.62 15.64 2.62
CA ILE A 424 25.49 16.63 2.03
C ILE A 424 26.82 16.39 2.71
N THR A 425 27.90 16.32 1.93
CA THR A 425 29.19 16.07 2.47
C THR A 425 30.15 17.11 1.97
N VAL A 426 31.03 17.60 2.88
CA VAL A 426 32.08 18.56 2.56
C VAL A 426 33.39 17.93 3.03
N ILE A 427 34.31 17.74 2.09
CA ILE A 427 35.63 17.22 2.43
C ILE A 427 36.54 18.44 2.66
N THR A 428 36.93 18.70 3.90
CA THR A 428 37.85 19.82 4.21
C THR A 428 39.32 19.50 3.86
N ARG A 429 39.74 18.27 4.07
CA ARG A 429 41.12 17.92 3.82
C ARG A 429 41.21 16.47 3.39
N LYS A 430 41.61 15.56 4.28
CA LYS A 430 41.91 14.20 3.83
C LYS A 430 40.65 13.39 3.59
N ALA A 431 40.73 12.45 2.64
CA ALA A 431 39.71 11.41 2.47
C ALA A 431 40.40 10.27 1.71
N TYR A 432 40.93 9.32 2.49
CA TYR A 432 41.77 8.25 1.91
C TYR A 432 41.13 6.86 2.03
N GLY A 433 41.22 6.09 0.96
CA GLY A 433 40.86 4.66 0.98
C GLY A 433 39.45 4.38 1.42
N GLY A 434 39.24 3.28 2.14
CA GLY A 434 37.95 2.88 2.65
C GLY A 434 37.29 3.94 3.46
N ALA A 435 38.08 4.79 4.12
CA ALA A 435 37.54 5.86 4.98
C ALA A 435 36.88 6.97 4.15
N TYR A 436 37.42 7.22 2.94
CA TYR A 436 36.76 8.06 1.97
C TYR A 436 35.33 7.50 1.70
N CYS A 437 35.25 6.18 1.56
CA CYS A 437 33.98 5.52 1.23
C CYS A 437 32.95 5.73 2.33
N VAL A 438 33.39 5.52 3.58
CA VAL A 438 32.55 5.57 4.77
C VAL A 438 32.04 7.01 5.00
N MET A 439 32.87 8.00 4.72
CA MET A 439 32.59 9.39 5.08
C MET A 439 31.83 10.10 3.96
N GLY A 440 30.67 9.53 3.59
CA GLY A 440 29.69 10.20 2.74
C GLY A 440 30.14 10.34 1.31
N SER A 441 30.78 9.32 0.80
CA SER A 441 31.17 9.32 -0.62
C SER A 441 29.90 9.32 -1.51
N LYS A 442 30.03 9.95 -2.68
CA LYS A 442 28.99 9.99 -3.71
C LYS A 442 28.33 8.62 -3.92
N ASP A 443 29.14 7.60 -4.14
CA ASP A 443 28.63 6.28 -4.51
C ASP A 443 28.07 5.48 -3.35
N MET A 444 28.18 6.04 -2.15
CA MET A 444 27.39 5.60 -0.98
C MET A 444 26.01 6.28 -0.84
N GLY A 445 25.68 7.21 -1.74
CA GLY A 445 24.33 7.68 -1.81
C GLY A 445 24.23 9.10 -1.30
N CYS A 446 25.37 9.77 -1.16
CA CYS A 446 25.40 11.18 -0.81
C CYS A 446 24.78 12.03 -1.94
N ASP A 447 23.93 12.99 -1.55
CA ASP A 447 23.14 13.78 -2.51
C ASP A 447 23.96 14.89 -3.09
N VAL A 448 24.71 15.63 -2.26
CA VAL A 448 25.47 16.76 -2.75
C VAL A 448 26.85 16.71 -2.11
N ASN A 449 27.88 16.66 -2.96
CA ASN A 449 29.25 16.46 -2.54
C ASN A 449 30.11 17.68 -2.81
N LEU A 450 30.69 18.24 -1.75
CA LEU A 450 31.58 19.40 -1.83
C LEU A 450 32.98 19.04 -1.35
N ALA A 451 33.97 19.81 -1.79
CA ALA A 451 35.34 19.68 -1.34
C ALA A 451 35.98 21.04 -1.26
N TRP A 452 36.89 21.22 -0.30
CA TRP A 452 37.67 22.47 -0.24
C TRP A 452 38.93 22.33 -1.13
N PRO A 453 39.67 23.44 -1.43
CA PRO A 453 40.88 23.32 -2.26
C PRO A 453 41.97 22.45 -1.62
N THR A 454 41.83 22.24 -0.31
CA THR A 454 42.78 21.46 0.50
C THR A 454 42.41 19.97 0.59
N ALA A 455 41.29 19.59 -0.06
CA ALA A 455 40.87 18.22 -0.07
C ALA A 455 41.97 17.37 -0.68
N GLN A 456 42.21 16.23 -0.06
CA GLN A 456 43.20 15.24 -0.55
C GLN A 456 42.48 13.89 -0.64
N ILE A 457 41.95 13.61 -1.82
CA ILE A 457 41.11 12.42 -2.07
C ILE A 457 41.92 11.42 -2.89
N ALA A 458 42.24 10.29 -2.29
CA ALA A 458 43.22 9.38 -2.90
C ALA A 458 43.01 8.02 -2.29
N VAL A 459 43.51 6.98 -2.97
CA VAL A 459 43.48 5.61 -2.42
C VAL A 459 44.28 5.53 -1.11
N MET A 460 45.43 6.21 -1.08
CA MET A 460 46.26 6.28 0.13
C MET A 460 47.23 7.44 -0.01
N GLY A 461 47.93 7.75 1.08
CA GLY A 461 48.91 8.86 1.03
C GLY A 461 50.03 8.54 0.05
N ALA A 462 50.66 9.62 -0.43
CA ALA A 462 51.77 9.58 -1.37
C ALA A 462 52.94 8.72 -0.89
N SER A 463 53.26 8.79 0.41
CA SER A 463 54.43 8.06 0.93
C SER A 463 54.26 6.53 0.78
N GLY A 464 53.11 6.02 1.24
CA GLY A 464 52.74 4.62 0.99
C GLY A 464 52.50 4.29 -0.47
N ALA A 465 51.91 5.23 -1.22
CA ALA A 465 51.56 4.94 -2.62
C ALA A 465 52.78 4.74 -3.50
N VAL A 466 53.82 5.56 -3.31
CA VAL A 466 55.00 5.57 -4.19
C VAL A 466 55.73 4.24 -4.18
N GLY A 467 55.73 3.58 -3.03
CA GLY A 467 56.28 2.25 -2.87
C GLY A 467 55.70 1.28 -3.87
N PHE A 468 54.38 1.23 -4.00
CA PHE A 468 53.73 0.35 -5.00
C PHE A 468 53.83 0.91 -6.42
N VAL A 469 53.35 2.14 -6.60
CA VAL A 469 53.22 2.72 -7.92
C VAL A 469 54.55 2.89 -8.72
N TYR A 470 55.68 3.05 -8.02
CA TYR A 470 57.01 3.15 -8.65
C TYR A 470 57.95 2.12 -8.02
N ARG A 471 57.48 0.89 -7.86
CA ARG A 471 58.25 -0.14 -7.15
C ARG A 471 59.50 -0.59 -7.91
N GLN A 472 59.44 -0.52 -9.25
CA GLN A 472 60.60 -0.81 -10.12
C GLN A 472 61.88 -0.10 -9.66
N GLN A 473 61.86 1.23 -9.65
CA GLN A 473 62.98 2.06 -9.19
C GLN A 473 63.01 2.20 -7.66
N ILE A 484 68.88 8.14 -2.98
CA ILE A 484 68.00 6.97 -3.02
C ILE A 484 66.71 7.25 -2.22
N ASP A 485 66.87 7.83 -1.03
CA ASP A 485 65.75 8.43 -0.29
C ASP A 485 65.34 9.72 -0.97
N LYS A 486 66.27 10.28 -1.73
CA LYS A 486 66.03 11.48 -2.52
C LYS A 486 65.10 11.17 -3.68
N LEU A 487 65.17 9.95 -4.20
CA LEU A 487 64.29 9.51 -5.27
C LEU A 487 62.88 9.24 -4.73
N ARG A 488 62.82 8.62 -3.55
CA ARG A 488 61.57 8.39 -2.85
C ARG A 488 60.84 9.70 -2.52
N LEU A 489 61.58 10.70 -2.04
CA LEU A 489 61.02 12.01 -1.71
C LEU A 489 60.57 12.78 -2.95
N ARG A 490 61.28 12.65 -4.06
CA ARG A 490 60.93 13.38 -5.29
C ARG A 490 59.65 12.80 -5.90
N LEU A 491 59.60 11.47 -5.94
CA LEU A 491 58.44 10.71 -6.47
C LEU A 491 57.18 10.88 -5.58
N GLN A 492 57.38 10.89 -4.26
CA GLN A 492 56.33 11.23 -3.29
C GLN A 492 55.72 12.58 -3.57
N GLN A 493 56.60 13.52 -3.89
N GLN A 493 56.57 13.54 -3.89
CA GLN A 493 56.24 14.91 -4.10
CA GLN A 493 56.12 14.89 -4.10
C GLN A 493 55.52 15.06 -5.44
C GLN A 493 55.42 15.00 -5.44
N GLU A 494 55.92 14.29 -6.46
CA GLU A 494 55.27 14.33 -7.78
C GLU A 494 53.88 13.74 -7.71
N TYR A 495 53.78 12.58 -7.06
CA TYR A 495 52.52 11.92 -6.78
C TYR A 495 51.52 12.84 -6.03
N GLU A 496 51.99 13.46 -4.95
CA GLU A 496 51.26 14.45 -4.19
C GLU A 496 50.77 15.61 -5.05
N ASP A 497 51.67 16.16 -5.85
CA ASP A 497 51.36 17.35 -6.65
C ASP A 497 50.52 17.04 -7.89
N THR A 498 50.37 15.76 -8.19
CA THR A 498 49.70 15.30 -9.38
C THR A 498 48.30 14.76 -9.09
N LEU A 499 48.16 14.09 -7.95
CA LEU A 499 47.00 13.24 -7.68
C LEU A 499 46.38 13.44 -6.29
N VAL A 500 47.14 13.93 -5.30
CA VAL A 500 46.53 14.08 -3.99
C VAL A 500 45.88 15.45 -3.88
N ASN A 501 44.62 15.50 -4.28
CA ASN A 501 43.93 16.77 -4.52
C ASN A 501 42.42 16.51 -4.71
N PRO A 502 41.59 17.58 -4.89
CA PRO A 502 40.15 17.48 -5.11
C PRO A 502 39.75 17.04 -6.53
N TYR A 503 40.69 17.21 -7.45
CA TYR A 503 40.37 17.31 -8.86
C TYR A 503 40.12 16.01 -9.59
N VAL A 504 40.89 14.96 -9.31
CA VAL A 504 40.57 13.65 -9.87
C VAL A 504 39.17 13.23 -9.45
N ALA A 505 38.86 13.32 -8.15
CA ALA A 505 37.49 13.05 -7.68
C ALA A 505 36.46 14.00 -8.35
N ALA A 506 36.77 15.28 -8.41
CA ALA A 506 35.88 16.24 -9.09
C ALA A 506 35.56 15.86 -10.58
N GLU A 507 36.60 15.46 -11.33
CA GLU A 507 36.45 14.95 -12.70
C GLU A 507 35.65 13.63 -12.85
N ARG A 508 35.63 12.73 -11.86
CA ARG A 508 34.67 11.62 -11.91
C ARG A 508 33.28 11.97 -11.40
N GLY A 509 33.05 13.22 -10.97
CA GLY A 509 31.75 13.68 -10.46
C GLY A 509 31.53 13.21 -9.01
N TYR A 510 32.56 12.60 -8.38
CA TYR A 510 32.47 12.17 -6.96
C TYR A 510 32.33 13.38 -6.03
N VAL A 511 32.81 14.52 -6.52
CA VAL A 511 32.62 15.83 -5.91
C VAL A 511 31.93 16.71 -6.96
N GLY A 512 30.76 17.27 -6.63
CA GLY A 512 30.05 18.17 -7.51
C GLY A 512 30.61 19.57 -7.58
N ALA A 513 31.29 20.01 -6.50
CA ALA A 513 31.86 21.35 -6.47
C ALA A 513 33.06 21.45 -5.53
N VAL A 514 34.17 21.91 -6.08
CA VAL A 514 35.36 22.32 -5.30
C VAL A 514 35.13 23.83 -5.03
N ILE A 515 35.08 24.21 -3.77
CA ILE A 515 34.59 25.52 -3.41
C ILE A 515 35.57 26.26 -2.51
N PRO A 516 35.52 27.61 -2.52
CA PRO A 516 36.24 28.35 -1.49
C PRO A 516 35.58 27.97 -0.15
N PRO A 517 36.38 27.67 0.89
CA PRO A 517 35.78 27.24 2.17
C PRO A 517 34.64 28.16 2.69
N SER A 518 34.78 29.45 2.44
CA SER A 518 33.84 30.44 2.91
C SER A 518 32.43 30.31 2.31
N HIS A 519 32.31 29.69 1.12
CA HIS A 519 31.01 29.50 0.46
C HIS A 519 30.26 28.34 1.04
N THR A 520 30.92 27.56 1.91
CA THR A 520 30.34 26.34 2.49
C THR A 520 28.90 26.49 3.09
N ARG A 521 28.74 27.45 3.99
CA ARG A 521 27.45 27.67 4.67
C ARG A 521 26.35 27.93 3.64
N GLY A 522 26.66 28.78 2.65
CA GLY A 522 25.72 29.13 1.59
C GLY A 522 25.36 27.97 0.66
N TYR A 523 26.36 27.17 0.27
CA TYR A 523 26.11 25.91 -0.44
C TYR A 523 25.18 24.97 0.30
N ILE A 524 25.39 24.81 1.62
CA ILE A 524 24.58 23.87 2.39
C ILE A 524 23.15 24.33 2.47
N GLY A 525 22.96 25.64 2.66
CA GLY A 525 21.63 26.22 2.76
C GLY A 525 20.83 25.94 1.52
N THR A 526 21.44 26.16 0.36
CA THR A 526 20.81 25.97 -0.94
C THR A 526 20.52 24.48 -1.20
N ALA A 527 21.47 23.62 -0.86
CA ALA A 527 21.32 22.18 -1.01
C ALA A 527 20.20 21.65 -0.14
N LEU A 528 20.16 22.08 1.12
CA LEU A 528 19.09 21.68 2.04
C LEU A 528 17.69 22.06 1.49
N ARG A 529 17.58 23.27 0.93
CA ARG A 529 16.32 23.70 0.38
C ARG A 529 15.95 22.85 -0.84
N LEU A 530 16.92 22.62 -1.73
CA LEU A 530 16.70 21.77 -2.91
C LEU A 530 16.21 20.36 -2.55
N LEU A 531 16.81 19.79 -1.50
CA LEU A 531 16.49 18.43 -1.05
C LEU A 531 15.40 18.31 0.00
N GLU A 532 14.67 19.40 0.29
CA GLU A 532 13.70 19.39 1.41
C GLU A 532 12.48 18.49 1.23
N ARG A 533 12.21 18.06 0.00
CA ARG A 533 11.15 17.09 -0.23
C ARG A 533 11.58 15.91 -1.08
N LYS A 534 12.67 15.20 -0.77
CA LYS A 534 12.97 13.94 -1.49
C LYS A 534 11.85 12.90 -1.46
N LYS A 541 11.32 -4.77 2.73
CA LYS A 541 11.84 -5.80 3.65
C LYS A 541 11.22 -5.62 5.01
N LYS A 542 11.09 -6.71 5.77
CA LYS A 542 10.79 -6.66 7.21
C LYS A 542 11.66 -5.60 7.93
N HIS A 543 12.95 -5.56 7.54
CA HIS A 543 14.05 -4.88 8.20
C HIS A 543 15.33 -5.43 7.57
N GLY A 544 16.42 -4.67 7.68
CA GLY A 544 17.72 -5.13 7.20
C GLY A 544 18.47 -6.00 8.21
N ASN A 545 19.76 -6.22 7.91
CA ASN A 545 20.59 -7.06 8.73
C ASN A 545 21.95 -6.41 9.07
N VAL A 546 21.91 -5.16 9.57
CA VAL A 546 23.15 -4.43 10.02
C VAL A 546 24.06 -5.35 10.85
N PRO A 547 25.40 -5.35 10.57
CA PRO A 547 26.25 -6.02 11.55
C PRO A 547 25.99 -5.52 12.98
N LEU A 548 26.00 -6.45 13.92
CA LEU A 548 25.80 -6.11 15.32
C LEU A 548 27.09 -6.27 16.13
N ASP B 21 52.46 30.32 -3.93
CA ASP B 21 52.97 28.94 -3.67
C ASP B 21 51.99 28.02 -4.35
N ILE B 22 51.82 26.82 -3.78
CA ILE B 22 51.17 25.63 -4.40
C ILE B 22 50.95 24.59 -3.27
N HIS B 23 51.87 24.60 -2.30
CA HIS B 23 51.82 23.73 -1.14
C HIS B 23 51.18 24.41 0.07
N THR B 24 50.60 25.59 -0.13
CA THR B 24 49.96 26.34 0.97
C THR B 24 48.46 26.37 0.72
N THR B 25 47.69 26.51 1.81
CA THR B 25 46.25 26.67 1.72
C THR B 25 45.84 27.85 0.81
N ALA B 26 46.55 28.96 0.89
CA ALA B 26 46.25 30.14 0.07
C ALA B 26 46.53 29.88 -1.42
N GLY B 27 47.60 29.13 -1.71
CA GLY B 27 47.99 28.79 -3.08
C GLY B 27 46.96 27.84 -3.70
N LYS B 28 46.48 26.88 -2.90
CA LYS B 28 45.46 25.93 -3.37
C LYS B 28 44.16 26.66 -3.67
N LEU B 29 43.82 27.66 -2.85
CA LEU B 29 42.60 28.47 -3.08
C LEU B 29 42.79 29.32 -4.33
N ALA B 30 43.97 29.94 -4.48
CA ALA B 30 44.29 30.71 -5.71
C ALA B 30 44.28 29.86 -6.99
N GLU B 31 44.67 28.61 -6.87
CA GLU B 31 44.63 27.66 -7.97
CA GLU B 31 44.63 27.66 -7.97
C GLU B 31 43.19 27.30 -8.35
N LEU B 32 42.35 27.04 -7.34
CA LEU B 32 40.94 26.89 -7.59
C LEU B 32 40.33 28.11 -8.36
N HIS B 33 40.61 29.34 -7.91
N HIS B 33 40.62 29.33 -7.91
CA HIS B 33 40.12 30.56 -8.59
CA HIS B 33 40.07 30.51 -8.56
C HIS B 33 40.53 30.55 -10.06
C HIS B 33 40.55 30.63 -10.03
N LYS B 34 41.79 30.24 -10.29
CA LYS B 34 42.31 30.18 -11.64
C LYS B 34 41.60 29.08 -12.53
N ARG B 35 41.32 27.89 -11.99
CA ARG B 35 40.53 26.88 -12.71
C ARG B 35 39.08 27.29 -12.95
N ARG B 36 38.43 27.92 -11.96
CA ARG B 36 37.07 28.39 -12.12
C ARG B 36 37.01 29.41 -13.24
N GLU B 37 38.01 30.29 -13.30
CA GLU B 37 38.13 31.28 -14.37
C GLU B 37 38.19 30.65 -15.76
N GLU B 38 39.10 29.71 -15.94
CA GLU B 38 39.28 29.07 -17.22
C GLU B 38 38.02 28.34 -17.70
N SER B 39 37.24 27.81 -16.74
CA SER B 39 36.03 27.01 -17.01
C SER B 39 34.96 27.85 -17.67
N LEU B 40 35.07 29.18 -17.52
CA LEU B 40 34.14 30.15 -18.13
C LEU B 40 34.40 30.39 -19.62
N HIS B 41 35.57 30.00 -20.08
CA HIS B 41 35.93 30.04 -21.48
C HIS B 41 36.83 28.84 -21.75
N PRO B 42 36.25 27.62 -21.71
CA PRO B 42 37.10 26.38 -21.64
C PRO B 42 37.95 26.09 -22.88
N VAL B 43 37.57 26.69 -24.02
CA VAL B 43 38.35 26.56 -25.28
C VAL B 43 38.90 27.94 -25.76
N GLY B 44 39.10 28.86 -24.83
CA GLY B 44 39.61 30.20 -25.13
C GLY B 44 38.53 31.26 -25.15
N GLU B 45 38.92 32.46 -24.75
CA GLU B 45 38.12 33.66 -24.79
C GLU B 45 37.64 34.05 -26.21
N ASP B 46 38.41 33.62 -27.19
CA ASP B 46 38.17 33.80 -28.60
C ASP B 46 36.89 33.14 -29.08
N ALA B 47 36.70 31.89 -28.65
CA ALA B 47 35.52 31.10 -28.97
C ALA B 47 34.27 31.80 -28.47
N VAL B 48 34.38 32.47 -27.33
CA VAL B 48 33.28 33.16 -26.68
C VAL B 48 32.91 34.42 -27.46
N GLU B 49 33.91 35.16 -27.91
CA GLU B 49 33.68 36.29 -28.82
C GLU B 49 33.13 35.91 -30.20
N LYS B 50 33.50 34.76 -30.74
CA LYS B 50 32.83 34.21 -31.94
C LYS B 50 31.34 33.98 -31.71
N VAL B 51 30.98 33.36 -30.57
CA VAL B 51 29.57 33.17 -30.22
C VAL B 51 28.79 34.48 -30.20
N HIS B 52 29.34 35.50 -29.53
CA HIS B 52 28.66 36.80 -29.40
C HIS B 52 28.56 37.55 -30.73
N ALA B 53 29.56 37.38 -31.60
CA ALA B 53 29.56 38.01 -32.93
C ALA B 53 28.46 37.41 -33.84
N LYS B 54 28.01 36.20 -33.51
CA LYS B 54 26.93 35.54 -34.26
C LYS B 54 25.55 35.83 -33.69
N GLY B 55 25.48 36.73 -32.70
CA GLY B 55 24.22 37.07 -32.02
C GLY B 55 23.66 36.03 -31.07
N LYS B 56 24.53 35.10 -30.65
CA LYS B 56 24.12 33.98 -29.83
C LYS B 56 24.59 34.19 -28.39
N LEU B 57 23.93 33.51 -27.46
CA LEU B 57 24.42 33.38 -26.08
C LEU B 57 25.26 32.11 -25.93
N THR B 58 26.24 32.13 -25.03
CA THR B 58 26.97 30.90 -24.64
C THR B 58 26.06 29.97 -23.82
N ALA B 59 26.46 28.70 -23.71
CA ALA B 59 25.75 27.71 -22.87
C ALA B 59 25.37 28.23 -21.46
N ARG B 60 26.37 28.78 -20.77
CA ARG B 60 26.30 29.33 -19.43
C ARG B 60 25.38 30.58 -19.42
N GLU B 61 25.54 31.46 -20.43
CA GLU B 61 24.70 32.62 -20.53
C GLU B 61 23.21 32.34 -20.67
N ARG B 62 22.86 31.29 -21.40
CA ARG B 62 21.46 30.86 -21.54
C ARG B 62 20.89 30.50 -20.19
N ILE B 63 21.70 29.78 -19.40
CA ILE B 63 21.29 29.46 -18.01
C ILE B 63 21.04 30.73 -17.19
N TYR B 64 21.97 31.68 -17.21
CA TYR B 64 21.77 32.95 -16.44
C TYR B 64 20.60 33.76 -16.94
N ALA B 65 20.36 33.77 -18.26
CA ALA B 65 19.20 34.49 -18.81
C ALA B 65 17.92 33.86 -18.31
N LEU B 66 17.87 32.53 -18.27
CA LEU B 66 16.63 31.84 -17.93
C LEU B 66 16.34 31.88 -16.41
N LEU B 67 17.33 31.49 -15.60
CA LEU B 67 17.19 31.47 -14.13
C LEU B 67 17.07 32.84 -13.46
N ASP B 68 16.39 32.87 -12.30
CA ASP B 68 16.43 34.01 -11.41
C ASP B 68 17.86 34.51 -11.26
N GLU B 69 18.02 35.82 -11.30
CA GLU B 69 19.34 36.40 -11.05
C GLU B 69 20.04 35.82 -9.82
N ASP B 70 21.29 35.42 -9.99
CA ASP B 70 22.18 34.93 -8.90
C ASP B 70 21.78 33.58 -8.28
N SER B 71 20.83 32.85 -8.87
CA SER B 71 20.32 31.60 -8.25
C SER B 71 21.12 30.36 -8.65
N PHE B 72 21.93 30.48 -9.70
CA PHE B 72 22.60 29.28 -10.26
C PHE B 72 23.72 28.75 -9.41
N VAL B 73 23.68 27.46 -9.16
CA VAL B 73 24.77 26.75 -8.48
C VAL B 73 25.19 25.70 -9.48
N GLU B 74 26.42 25.81 -9.97
CA GLU B 74 26.98 24.90 -10.95
C GLU B 74 27.50 23.61 -10.30
N LEU B 75 27.27 22.49 -11.00
CA LEU B 75 27.84 21.16 -10.72
C LEU B 75 28.89 20.77 -11.75
N ASP B 76 29.88 20.02 -11.31
CA ASP B 76 30.90 19.42 -12.20
C ASP B 76 31.52 20.46 -13.17
N ALA B 77 31.70 21.69 -12.68
CA ALA B 77 32.24 22.78 -13.46
C ALA B 77 33.58 22.44 -14.04
N LEU B 78 34.37 21.68 -13.30
CA LEU B 78 35.76 21.44 -13.69
C LEU B 78 36.00 20.01 -14.16
N ALA B 79 34.91 19.30 -14.46
CA ALA B 79 35.01 17.95 -14.98
C ALA B 79 35.78 17.97 -16.32
N LYS B 80 36.52 16.91 -16.62
CA LYS B 80 37.34 16.81 -17.84
C LYS B 80 37.16 15.42 -18.36
N HIS B 81 37.20 15.25 -19.69
CA HIS B 81 37.04 13.91 -20.27
C HIS B 81 38.24 13.06 -19.88
N ARG B 82 38.09 11.74 -19.95
CA ARG B 82 39.08 10.79 -19.45
C ARG B 82 39.47 9.84 -20.56
N SER B 83 39.23 10.24 -21.82
CA SER B 83 39.56 9.44 -23.00
C SER B 83 41.02 9.66 -23.44
N THR B 84 41.69 8.58 -23.86
CA THR B 84 42.97 8.70 -24.52
C THR B 84 42.92 8.20 -25.98
N ASN B 85 41.73 7.83 -26.46
CA ASN B 85 41.58 7.41 -27.85
C ASN B 85 41.96 8.54 -28.82
N PHE B 86 42.64 8.21 -29.93
CA PHE B 86 42.86 9.18 -31.07
C PHE B 86 43.32 10.61 -30.75
N ASN B 87 44.36 10.77 -29.94
CA ASN B 87 44.84 12.14 -29.66
C ASN B 87 43.85 13.04 -28.88
N LEU B 88 42.72 12.46 -28.44
CA LEU B 88 41.75 13.18 -27.59
C LEU B 88 42.37 13.70 -26.30
N GLY B 89 43.36 12.98 -25.77
CA GLY B 89 44.02 13.36 -24.54
C GLY B 89 44.66 14.75 -24.61
N GLU B 90 44.94 15.21 -25.83
CA GLU B 90 45.65 16.48 -26.02
C GLU B 90 44.76 17.68 -25.75
N LYS B 91 43.44 17.47 -25.72
CA LYS B 91 42.48 18.54 -25.43
C LYS B 91 41.38 18.11 -24.45
N ARG B 92 41.48 18.64 -23.25
CA ARG B 92 40.52 18.29 -22.22
C ARG B 92 39.88 19.53 -21.58
N PRO B 93 38.96 20.18 -22.32
CA PRO B 93 38.36 21.44 -21.84
C PRO B 93 37.63 21.24 -20.52
N LEU B 94 37.83 22.19 -19.59
CA LEU B 94 37.09 22.18 -18.33
C LEU B 94 35.58 22.26 -18.58
N GLY B 95 34.87 21.33 -17.90
CA GLY B 95 33.44 21.22 -17.97
C GLY B 95 32.94 20.23 -19.00
N ASP B 96 33.82 19.91 -19.97
CA ASP B 96 33.61 18.86 -20.99
C ASP B 96 32.41 19.09 -21.92
N GLY B 97 32.02 20.34 -22.12
CA GLY B 97 31.08 20.67 -23.19
C GLY B 97 29.66 20.89 -22.79
N VAL B 98 29.40 20.87 -21.48
CA VAL B 98 28.06 21.02 -20.97
C VAL B 98 28.11 21.77 -19.63
N VAL B 99 27.16 22.65 -19.38
CA VAL B 99 27.07 23.35 -18.13
C VAL B 99 25.81 22.83 -17.41
N THR B 100 25.99 22.39 -16.16
CA THR B 100 24.91 21.78 -15.38
C THR B 100 24.83 22.38 -13.97
N GLY B 101 23.67 22.26 -13.34
CA GLY B 101 23.53 22.65 -11.95
C GLY B 101 22.07 22.86 -11.59
N TYR B 102 21.81 23.76 -10.65
CA TYR B 102 20.44 23.98 -10.24
C TYR B 102 20.28 25.46 -9.91
N GLY B 103 19.03 25.91 -9.78
CA GLY B 103 18.77 27.32 -9.52
C GLY B 103 17.30 27.50 -9.32
N THR B 104 16.79 28.69 -9.58
CA THR B 104 15.39 28.95 -9.36
C THR B 104 14.81 29.65 -10.57
N ILE B 105 13.52 29.40 -10.77
CA ILE B 105 12.78 30.16 -11.77
C ILE B 105 11.54 30.74 -11.11
N ASP B 106 11.45 32.07 -11.07
CA ASP B 106 10.39 32.75 -10.30
C ASP B 106 10.26 32.13 -8.91
N GLY B 107 11.41 31.91 -8.29
CA GLY B 107 11.44 31.54 -6.89
C GLY B 107 11.30 30.06 -6.62
N ARG B 108 11.14 29.25 -7.66
CA ARG B 108 11.00 27.78 -7.48
C ARG B 108 12.21 27.05 -8.02
N ASP B 109 12.66 26.04 -7.29
CA ASP B 109 13.89 25.29 -7.69
C ASP B 109 13.73 24.46 -8.96
N VAL B 110 14.80 24.43 -9.72
CA VAL B 110 14.80 23.86 -11.01
C VAL B 110 16.18 23.24 -11.23
N CYS B 111 16.28 22.06 -11.85
CA CYS B 111 17.60 21.57 -12.34
C CYS B 111 17.80 21.85 -13.80
N ILE B 112 19.04 21.98 -14.22
CA ILE B 112 19.25 22.48 -15.59
C ILE B 112 20.56 21.93 -16.22
N PHE B 113 20.53 21.73 -17.55
CA PHE B 113 21.77 21.54 -18.30
C PHE B 113 21.77 22.38 -19.56
N SER B 114 22.96 22.76 -20.03
CA SER B 114 23.08 23.62 -21.21
C SER B 114 24.31 23.24 -22.02
N GLN B 115 24.08 22.72 -23.22
CA GLN B 115 25.15 22.15 -24.05
C GLN B 115 25.98 23.24 -24.77
N ASP B 116 27.30 23.03 -24.85
CA ASP B 116 28.21 24.07 -25.32
C ASP B 116 28.75 23.67 -26.71
N ALA B 117 28.20 24.27 -27.75
CA ALA B 117 28.47 23.86 -29.10
C ALA B 117 29.87 24.27 -29.54
N THR B 118 30.61 25.02 -28.69
CA THR B 118 32.00 25.38 -29.02
C THR B 118 32.98 24.30 -28.55
N VAL B 119 32.52 23.40 -27.67
CA VAL B 119 33.38 22.35 -27.16
C VAL B 119 33.04 21.03 -27.93
N PHE B 120 33.97 20.55 -28.75
CA PHE B 120 33.76 19.40 -29.67
C PHE B 120 32.41 19.47 -30.39
N GLY B 121 32.07 20.64 -30.92
CA GLY B 121 30.77 20.84 -31.55
C GLY B 121 29.56 20.51 -30.71
N GLY B 122 29.75 20.44 -29.40
CA GLY B 122 28.65 20.15 -28.47
C GLY B 122 28.28 18.69 -28.42
N SER B 123 29.14 17.86 -29.02
CA SER B 123 28.96 16.41 -29.11
C SER B 123 29.11 15.79 -27.75
N LEU B 124 28.27 14.81 -27.46
CA LEU B 124 28.31 14.15 -26.17
C LEU B 124 29.46 13.14 -26.02
N GLY B 125 30.24 13.30 -24.95
CA GLY B 125 31.17 12.30 -24.46
C GLY B 125 30.72 11.74 -23.12
N GLU B 126 31.46 10.75 -22.63
CA GLU B 126 31.19 10.08 -21.37
C GLU B 126 30.95 11.03 -20.17
N VAL B 127 31.89 11.94 -19.96
CA VAL B 127 31.85 12.88 -18.83
C VAL B 127 30.70 13.93 -18.96
N TYR B 128 30.66 14.61 -20.09
CA TYR B 128 29.50 15.41 -20.49
C TYR B 128 28.15 14.70 -20.18
N GLY B 129 28.10 13.39 -20.48
CA GLY B 129 26.88 12.61 -20.25
C GLY B 129 26.64 12.34 -18.78
N GLU B 130 27.72 12.01 -18.05
CA GLU B 130 27.69 11.85 -16.60
C GLU B 130 27.12 13.10 -15.93
N LYS B 131 27.50 14.24 -16.47
CA LYS B 131 27.01 15.52 -15.97
C LYS B 131 25.51 15.70 -16.15
N ILE B 132 25.00 15.34 -17.33
CA ILE B 132 23.56 15.38 -17.55
C ILE B 132 22.86 14.39 -16.61
N VAL B 133 23.35 13.15 -16.56
CA VAL B 133 22.77 12.13 -15.72
C VAL B 133 22.64 12.60 -14.26
N LYS B 134 23.69 13.25 -13.71
CA LYS B 134 23.66 13.77 -12.35
C LYS B 134 22.49 14.73 -12.10
N VAL B 135 22.27 15.67 -13.04
CA VAL B 135 21.17 16.61 -12.84
C VAL B 135 19.82 15.99 -13.14
N GLN B 136 19.75 14.98 -14.03
CA GLN B 136 18.45 14.27 -14.20
C GLN B 136 18.10 13.54 -12.92
N GLU B 137 19.07 12.83 -12.35
CA GLU B 137 18.87 12.11 -11.07
C GLU B 137 18.55 13.03 -9.89
N LEU B 138 19.18 14.20 -9.87
CA LEU B 138 18.90 15.26 -8.88
C LEU B 138 17.47 15.78 -9.07
N ALA B 139 17.07 16.03 -10.32
CA ALA B 139 15.70 16.55 -10.55
C ALA B 139 14.67 15.53 -10.05
N ILE B 140 14.90 14.27 -10.35
CA ILE B 140 13.96 13.20 -10.06
C ILE B 140 13.87 12.98 -8.53
N LYS B 141 15.04 12.96 -7.91
CA LYS B 141 15.17 12.80 -6.47
C LYS B 141 14.46 13.89 -5.69
N THR B 142 14.63 15.14 -6.15
CA THR B 142 14.12 16.31 -5.46
C THR B 142 12.68 16.65 -5.81
N GLY B 143 12.17 16.02 -6.88
CA GLY B 143 10.87 16.32 -7.44
C GLY B 143 10.74 17.71 -8.04
N ARG B 144 11.74 18.10 -8.81
CA ARG B 144 11.79 19.44 -9.35
C ARG B 144 11.91 19.37 -10.88
N PRO B 145 11.46 20.42 -11.61
CA PRO B 145 11.54 20.38 -13.06
C PRO B 145 12.99 20.28 -13.58
N LEU B 146 13.15 19.60 -14.71
CA LEU B 146 14.40 19.59 -15.40
C LEU B 146 14.31 20.33 -16.73
N ILE B 147 15.22 21.28 -16.93
N ILE B 147 15.14 21.35 -16.89
CA ILE B 147 15.30 22.08 -18.14
CA ILE B 147 15.32 22.03 -18.17
C ILE B 147 16.59 21.75 -18.90
C ILE B 147 16.57 21.49 -18.83
N GLY B 148 16.46 21.25 -20.14
CA GLY B 148 17.63 20.89 -20.95
C GLY B 148 17.77 21.92 -22.01
N ILE B 149 18.98 22.43 -22.21
CA ILE B 149 19.21 23.37 -23.32
C ILE B 149 20.12 22.67 -24.35
N ASN B 150 19.50 22.35 -25.49
CA ASN B 150 20.13 21.48 -26.45
C ASN B 150 20.77 22.26 -27.60
N ASP B 151 22.00 21.87 -27.94
CA ASP B 151 22.74 22.55 -28.97
C ASP B 151 24.03 21.75 -29.12
N GLY B 152 24.01 20.76 -30.01
CA GLY B 152 25.22 19.96 -30.23
C GLY B 152 25.10 18.93 -31.33
N ALA B 153 26.23 18.55 -31.92
CA ALA B 153 26.29 17.53 -32.94
C ALA B 153 26.10 16.11 -32.31
N GLY B 154 26.22 15.04 -33.10
CA GLY B 154 26.08 13.68 -32.54
C GLY B 154 27.10 13.26 -31.47
N ALA B 155 27.04 11.99 -31.05
CA ALA B 155 28.00 11.41 -30.11
C ALA B 155 29.45 11.64 -30.54
N ARG B 156 30.38 11.80 -29.58
CA ARG B 156 31.80 11.90 -29.89
C ARG B 156 32.30 10.60 -30.42
N ILE B 157 32.60 10.55 -31.72
CA ILE B 157 32.99 9.28 -32.39
C ILE B 157 34.26 8.69 -31.73
N GLN B 158 35.27 9.54 -31.49
CA GLN B 158 36.56 9.16 -30.85
C GLN B 158 36.45 8.46 -29.49
N GLU B 159 35.43 8.79 -28.71
CA GLU B 159 35.21 8.16 -27.39
C GLU B 159 34.74 6.72 -27.56
N GLY B 160 34.07 6.44 -28.67
CA GLY B 160 33.59 5.11 -28.96
C GLY B 160 32.21 4.88 -28.36
N VAL B 161 31.88 3.61 -28.19
CA VAL B 161 30.54 3.18 -27.74
C VAL B 161 30.11 3.65 -26.33
N VAL B 162 31.07 4.01 -25.47
CA VAL B 162 30.76 4.70 -24.21
C VAL B 162 29.77 5.86 -24.38
N SER B 163 29.90 6.63 -25.45
CA SER B 163 29.04 7.80 -25.65
CA SER B 163 29.04 7.80 -25.63
C SER B 163 27.58 7.36 -25.79
N LEU B 164 27.38 6.23 -26.49
CA LEU B 164 26.05 5.65 -26.69
C LEU B 164 25.47 5.11 -25.38
N GLY B 165 26.29 4.47 -24.54
CA GLY B 165 25.85 4.11 -23.17
C GLY B 165 25.31 5.32 -22.40
N LEU B 166 25.98 6.46 -22.54
CA LEU B 166 25.50 7.67 -21.88
C LEU B 166 24.20 8.17 -22.48
N TYR B 167 24.11 8.22 -23.81
CA TYR B 167 22.81 8.42 -24.52
C TYR B 167 21.69 7.60 -23.93
N SER B 168 21.93 6.31 -23.79
CA SER B 168 20.91 5.37 -23.29
C SER B 168 20.51 5.64 -21.85
N ARG B 169 21.50 5.98 -21.00
CA ARG B 169 21.25 6.34 -19.60
C ARG B 169 20.37 7.57 -19.54
N ILE B 170 20.71 8.58 -20.35
CA ILE B 170 19.91 9.80 -20.46
C ILE B 170 18.47 9.53 -20.90
N PHE B 171 18.30 8.74 -21.98
CA PHE B 171 16.93 8.44 -22.50
C PHE B 171 16.14 7.77 -21.42
N ARG B 172 16.78 6.77 -20.79
CA ARG B 172 16.11 5.99 -19.76
C ARG B 172 15.64 6.84 -18.56
N ASN B 173 16.46 7.82 -18.16
CA ASN B 173 16.07 8.82 -17.16
C ASN B 173 14.95 9.70 -17.65
N ASN B 174 14.98 10.17 -18.90
CA ASN B 174 13.83 10.91 -19.45
C ASN B 174 12.52 10.12 -19.31
N ILE B 175 12.60 8.81 -19.54
CA ILE B 175 11.44 7.89 -19.43
C ILE B 175 11.03 7.63 -17.96
N LEU B 176 12.01 7.43 -17.10
CA LEU B 176 11.72 7.30 -15.67
C LEU B 176 11.04 8.58 -15.12
N ALA B 177 11.49 9.73 -15.59
CA ALA B 177 10.97 11.01 -15.14
C ALA B 177 9.67 11.41 -15.82
N SER B 178 9.30 10.70 -16.89
CA SER B 178 8.15 11.05 -17.71
C SER B 178 6.84 11.14 -16.93
N GLY B 179 6.20 12.31 -16.98
CA GLY B 179 4.97 12.54 -16.20
C GLY B 179 5.19 12.63 -14.70
N VAL B 180 6.44 12.62 -14.24
CA VAL B 180 6.75 12.69 -12.79
C VAL B 180 7.19 14.11 -12.41
N ILE B 181 8.19 14.62 -13.13
CA ILE B 181 8.62 16.02 -13.05
C ILE B 181 8.49 16.64 -14.44
N PRO B 182 8.06 17.90 -14.50
CA PRO B 182 8.05 18.54 -15.84
C PRO B 182 9.43 18.55 -16.47
N GLN B 183 9.51 18.17 -17.73
CA GLN B 183 10.78 18.16 -18.45
C GLN B 183 10.65 19.06 -19.68
N ILE B 184 11.47 20.11 -19.76
CA ILE B 184 11.37 21.08 -20.86
C ILE B 184 12.66 21.06 -21.65
N SER B 185 12.57 21.03 -22.98
CA SER B 185 13.79 21.08 -23.81
C SER B 185 13.81 22.34 -24.65
N LEU B 186 14.90 23.11 -24.51
CA LEU B 186 15.17 24.26 -25.38
C LEU B 186 16.13 23.86 -26.47
N ILE B 187 15.73 24.03 -27.72
CA ILE B 187 16.67 23.78 -28.80
C ILE B 187 17.18 25.12 -29.27
N MET B 188 18.47 25.37 -29.10
CA MET B 188 19.00 26.71 -29.33
C MET B 188 20.14 26.78 -30.33
N GLY B 189 20.43 25.64 -30.95
CA GLY B 189 21.39 25.56 -32.06
C GLY B 189 21.00 24.35 -32.87
N ALA B 190 21.84 23.94 -33.81
CA ALA B 190 21.62 22.70 -34.57
C ALA B 190 21.90 21.50 -33.69
N ALA B 191 20.84 20.76 -33.35
CA ALA B 191 20.97 19.53 -32.58
C ALA B 191 20.84 18.36 -33.58
N ALA B 192 21.93 17.62 -33.74
CA ALA B 192 21.98 16.56 -34.73
C ALA B 192 22.42 15.26 -34.06
N GLY B 193 21.89 14.15 -34.56
CA GLY B 193 22.29 12.86 -34.07
C GLY B 193 21.30 12.32 -33.08
N GLY B 194 21.71 11.26 -32.39
CA GLY B 194 20.81 10.43 -31.60
C GLY B 194 20.26 11.14 -30.39
N HIS B 195 21.01 12.09 -29.86
CA HIS B 195 20.54 12.76 -28.70
C HIS B 195 19.21 13.56 -28.89
N VAL B 196 18.78 13.84 -30.13
CA VAL B 196 17.50 14.56 -30.37
C VAL B 196 16.29 13.80 -29.85
N TYR B 197 16.50 12.53 -29.52
CA TYR B 197 15.47 11.68 -28.93
C TYR B 197 15.14 12.07 -27.50
N SER B 198 16.10 12.65 -26.79
CA SER B 198 15.84 13.10 -25.43
C SER B 198 14.78 14.24 -25.39
N PRO B 199 15.00 15.35 -26.13
CA PRO B 199 13.90 16.32 -26.31
C PRO B 199 12.56 15.70 -26.67
N ALA B 200 12.54 14.66 -27.53
CA ALA B 200 11.27 13.98 -27.90
C ALA B 200 10.61 13.30 -26.68
N LEU B 201 11.44 12.73 -25.79
CA LEU B 201 10.98 12.11 -24.54
C LEU B 201 10.49 13.10 -23.48
N THR B 202 10.97 14.34 -23.49
CA THR B 202 10.53 15.38 -22.56
C THR B 202 9.09 15.88 -22.88
N ASP B 203 8.52 16.72 -22.02
CA ASP B 203 7.11 17.12 -22.20
C ASP B 203 6.92 18.23 -23.22
N PHE B 204 7.87 19.13 -23.29
CA PHE B 204 7.74 20.32 -24.13
C PHE B 204 9.05 20.66 -24.82
N VAL B 205 8.95 20.94 -26.11
CA VAL B 205 10.10 21.24 -26.94
C VAL B 205 9.95 22.65 -27.47
N ILE B 206 10.90 23.50 -27.06
CA ILE B 206 10.87 24.89 -27.45
C ILE B 206 12.07 25.13 -28.36
N MET B 207 11.77 25.58 -29.57
CA MET B 207 12.78 25.85 -30.57
C MET B 207 12.88 27.36 -30.83
N VAL B 208 14.02 27.77 -31.31
CA VAL B 208 14.24 29.14 -31.73
C VAL B 208 14.23 29.20 -33.28
N ASP B 209 13.33 30.04 -33.80
CA ASP B 209 13.12 30.22 -35.25
C ASP B 209 14.44 30.61 -35.95
N GLN B 210 14.83 29.86 -36.98
CA GLN B 210 15.99 30.17 -37.83
C GLN B 210 17.35 29.79 -37.27
N THR B 211 17.54 29.83 -35.94
CA THR B 211 18.86 29.55 -35.37
C THR B 211 18.96 28.20 -34.62
N SER B 212 17.90 27.39 -34.70
CA SER B 212 17.93 26.06 -34.12
C SER B 212 17.32 25.05 -35.08
N GLN B 213 17.86 23.82 -35.03
CA GLN B 213 17.37 22.71 -35.86
C GLN B 213 17.47 21.40 -35.08
N MET B 214 16.66 20.41 -35.45
CA MET B 214 16.77 19.05 -34.95
C MET B 214 16.65 18.08 -36.10
N PHE B 215 17.60 17.16 -36.21
CA PHE B 215 17.46 16.06 -37.15
C PHE B 215 18.33 14.90 -36.71
N ILE B 216 17.91 13.67 -36.98
CA ILE B 216 18.72 12.46 -36.75
C ILE B 216 19.95 12.45 -37.66
N THR B 217 19.72 12.61 -38.97
CA THR B 217 20.77 12.51 -39.97
C THR B 217 20.82 13.82 -40.74
N GLY B 218 22.01 14.34 -40.98
CA GLY B 218 22.09 15.65 -41.60
C GLY B 218 21.91 15.62 -43.11
N PRO B 219 21.82 16.82 -43.73
CA PRO B 219 21.61 16.99 -45.18
C PRO B 219 22.69 16.35 -46.08
N ASP B 220 23.95 16.38 -45.63
N ASP B 220 23.96 16.40 -45.65
CA ASP B 220 25.07 15.82 -46.39
CA ASP B 220 25.04 15.84 -46.45
C ASP B 220 24.95 14.31 -46.58
C ASP B 220 24.94 14.31 -46.59
N VAL B 221 24.55 13.61 -45.52
CA VAL B 221 24.31 12.14 -45.58
C VAL B 221 23.04 11.85 -46.38
N ILE B 222 21.98 12.62 -46.17
CA ILE B 222 20.72 12.45 -46.93
C ILE B 222 20.93 12.65 -48.46
N LYS B 223 21.71 13.66 -48.83
CA LYS B 223 22.14 13.86 -50.22
C LYS B 223 22.83 12.60 -50.78
N THR B 224 23.93 12.17 -50.19
CA THR B 224 24.61 11.01 -50.74
C THR B 224 23.76 9.74 -50.77
N VAL B 225 22.95 9.50 -49.74
CA VAL B 225 22.10 8.29 -49.74
C VAL B 225 20.89 8.34 -50.69
N THR B 226 20.16 9.45 -50.67
CA THR B 226 18.85 9.53 -51.36
C THR B 226 18.91 10.46 -52.58
N GLY B 227 19.97 11.25 -52.68
CA GLY B 227 20.01 12.28 -53.69
C GLY B 227 19.23 13.54 -53.40
N GLU B 228 18.39 13.55 -52.36
CA GLU B 228 17.60 14.73 -51.97
C GLU B 228 18.48 15.87 -51.49
N GLU B 229 18.10 17.09 -51.90
CA GLU B 229 18.83 18.30 -51.57
C GLU B 229 17.96 19.13 -50.64
N VAL B 230 18.51 19.42 -49.46
CA VAL B 230 17.75 20.06 -48.38
C VAL B 230 18.74 20.85 -47.52
N THR B 231 18.34 22.02 -47.06
CA THR B 231 19.16 22.75 -46.09
C THR B 231 18.81 22.21 -44.71
N MET B 232 19.71 22.42 -43.75
CA MET B 232 19.46 22.12 -42.35
C MET B 232 18.17 22.73 -41.84
N GLU B 233 17.88 23.97 -42.27
CA GLU B 233 16.70 24.68 -41.84
C GLU B 233 15.42 24.07 -42.41
N GLU B 234 15.46 23.64 -43.67
CA GLU B 234 14.30 22.99 -44.30
C GLU B 234 14.08 21.65 -43.62
N LEU B 235 15.18 20.93 -43.40
CA LEU B 235 15.13 19.61 -42.84
C LEU B 235 14.55 19.56 -41.41
N GLY B 236 15.07 20.42 -40.51
CA GLY B 236 14.75 20.34 -39.10
C GLY B 236 14.57 21.63 -38.35
N GLY B 237 14.27 22.74 -39.04
CA GLY B 237 14.10 24.01 -38.36
C GLY B 237 12.81 24.08 -37.61
N ALA B 238 12.59 25.21 -36.93
CA ALA B 238 11.43 25.36 -36.03
C ALA B 238 10.10 25.22 -36.77
N HIS B 239 9.98 25.91 -37.92
CA HIS B 239 8.80 25.84 -38.74
C HIS B 239 8.48 24.41 -39.18
N THR B 240 9.52 23.68 -39.58
CA THR B 240 9.40 22.26 -39.94
C THR B 240 8.84 21.44 -38.80
N HIS B 241 9.43 21.60 -37.60
CA HIS B 241 9.04 20.79 -36.44
C HIS B 241 7.74 21.27 -35.77
N MET B 242 7.43 22.55 -35.94
CA MET B 242 6.12 23.06 -35.60
C MET B 242 5.09 22.49 -36.59
N ALA B 243 5.12 22.93 -37.86
CA ALA B 243 4.00 22.67 -38.81
C ALA B 243 3.96 21.30 -39.44
N LYS B 244 5.12 20.71 -39.70
CA LYS B 244 5.16 19.42 -40.36
C LYS B 244 5.17 18.20 -39.45
N SER B 245 6.11 18.13 -38.49
CA SER B 245 6.30 16.88 -37.71
C SER B 245 5.57 16.78 -36.37
N GLY B 246 4.95 17.90 -35.91
CA GLY B 246 4.19 17.89 -34.66
C GLY B 246 5.05 17.68 -33.42
N THR B 247 6.29 18.17 -33.48
CA THR B 247 7.33 17.89 -32.49
C THR B 247 7.69 19.10 -31.62
N ALA B 248 7.61 20.33 -32.16
CA ALA B 248 7.98 21.57 -31.45
C ALA B 248 6.71 22.15 -30.86
N HIS B 249 6.74 22.57 -29.59
CA HIS B 249 5.56 23.18 -28.97
C HIS B 249 5.54 24.69 -29.08
N TYR B 250 6.72 25.26 -29.32
CA TYR B 250 6.81 26.69 -29.57
C TYR B 250 8.03 27.03 -30.43
N ALA B 251 7.83 27.96 -31.36
CA ALA B 251 8.89 28.49 -32.22
C ALA B 251 9.13 29.95 -31.80
N ALA B 252 10.20 30.19 -31.05
CA ALA B 252 10.45 31.49 -30.44
C ALA B 252 11.10 32.42 -31.46
N SER B 253 10.87 33.72 -31.29
CA SER B 253 11.45 34.69 -32.20
C SER B 253 12.92 34.94 -31.89
N GLY B 254 13.40 34.61 -30.70
CA GLY B 254 14.85 34.70 -30.42
C GLY B 254 15.10 33.98 -29.11
N GLU B 255 16.34 34.05 -28.62
CA GLU B 255 16.71 33.38 -27.35
C GLU B 255 15.90 33.86 -26.14
N GLN B 256 15.77 35.18 -25.95
CA GLN B 256 15.01 35.70 -24.80
C GLN B 256 13.53 35.39 -24.91
N ASP B 257 12.97 35.49 -26.11
CA ASP B 257 11.58 35.06 -26.30
C ASP B 257 11.41 33.59 -25.89
N ALA B 258 12.40 32.74 -26.20
CA ALA B 258 12.37 31.33 -25.81
C ALA B 258 12.33 31.17 -24.29
N PHE B 259 13.21 31.90 -23.58
CA PHE B 259 13.23 31.84 -22.12
C PHE B 259 11.93 32.31 -21.53
N ASP B 260 11.38 33.40 -22.06
CA ASP B 260 10.11 33.96 -21.60
C ASP B 260 9.02 32.93 -21.67
N TYR B 261 9.00 32.16 -22.77
CA TYR B 261 7.93 31.20 -22.97
C TYR B 261 8.08 30.10 -21.91
N VAL B 262 9.32 29.63 -21.68
CA VAL B 262 9.49 28.61 -20.68
C VAL B 262 9.18 29.00 -19.23
N ARG B 263 9.50 30.24 -18.85
CA ARG B 263 9.09 30.72 -17.54
C ARG B 263 7.58 30.74 -17.46
N GLU B 264 6.93 31.15 -18.55
CA GLU B 264 5.45 31.21 -18.59
C GLU B 264 4.84 29.84 -18.43
N LEU B 265 5.41 28.92 -19.15
CA LEU B 265 4.99 27.50 -19.10
C LEU B 265 5.07 26.94 -17.65
N LEU B 266 6.25 27.11 -17.04
CA LEU B 266 6.49 26.64 -15.66
C LEU B 266 5.52 27.22 -14.65
N SER B 267 5.12 28.48 -14.85
CA SER B 267 4.25 29.14 -13.91
C SER B 267 2.88 28.49 -13.78
N TYR B 268 2.44 27.72 -14.81
CA TYR B 268 1.18 26.97 -14.78
C TYR B 268 1.34 25.64 -14.06
N LEU B 269 2.56 25.12 -14.10
CA LEU B 269 2.84 23.73 -13.75
C LEU B 269 3.24 23.59 -12.27
N PRO B 270 2.85 22.47 -11.63
CA PRO B 270 3.47 22.08 -10.37
C PRO B 270 4.94 21.69 -10.57
N PRO B 271 5.72 21.59 -9.47
CA PRO B 271 7.09 21.06 -9.60
C PRO B 271 7.17 19.58 -9.95
N ASN B 272 6.10 18.84 -9.67
CA ASN B 272 6.09 17.39 -9.83
C ASN B 272 4.65 16.89 -9.84
N ASN B 273 4.44 15.59 -10.13
CA ASN B 273 3.08 15.04 -10.23
C ASN B 273 2.33 14.86 -8.91
N SER B 274 3.01 15.05 -7.78
CA SER B 274 2.33 14.80 -6.52
C SER B 274 1.95 16.14 -5.85
N THR B 275 2.07 17.22 -6.64
CA THR B 275 1.84 18.60 -6.19
C THR B 275 0.77 19.28 -7.05
N ASP B 276 -0.11 20.03 -6.38
CA ASP B 276 -1.12 20.85 -7.01
C ASP B 276 -0.46 21.86 -7.89
N ALA B 277 -1.00 22.04 -9.09
CA ALA B 277 -0.59 23.22 -9.90
C ALA B 277 -0.82 24.52 -9.11
N PRO B 278 0.11 25.50 -9.24
CA PRO B 278 0.00 26.65 -8.32
C PRO B 278 -1.12 27.64 -8.73
N ARG B 279 -1.85 28.13 -7.74
CA ARG B 279 -3.02 28.96 -7.94
C ARG B 279 -2.71 30.40 -7.55
N TYR B 280 -3.24 31.33 -8.33
CA TYR B 280 -3.26 32.73 -7.93
C TYR B 280 -4.51 32.97 -7.09
N GLN B 281 -4.58 34.17 -6.51
CA GLN B 281 -5.70 34.57 -5.66
C GLN B 281 -7.05 34.47 -6.35
N ALA B 282 -7.97 33.72 -5.75
CA ALA B 282 -9.36 33.67 -6.23
C ALA B 282 -10.12 34.98 -5.92
N ALA B 283 -11.12 35.32 -6.73
CA ALA B 283 -11.98 36.47 -6.45
C ALA B 283 -13.05 36.18 -5.39
N ALA B 284 -13.76 37.23 -4.94
CA ALA B 284 -14.98 37.06 -4.11
C ALA B 284 -16.26 37.20 -4.97
N PRO B 285 -17.37 36.50 -4.58
CA PRO B 285 -18.65 36.60 -5.33
C PRO B 285 -19.60 37.74 -4.90
N THR B 286 -20.38 38.29 -5.84
CA THR B 286 -21.59 39.05 -5.46
C THR B 286 -22.55 37.97 -4.99
N GLY B 287 -22.67 36.94 -5.82
CA GLY B 287 -23.64 35.91 -5.62
C GLY B 287 -23.87 35.30 -6.97
N PRO B 288 -25.11 35.37 -7.45
CA PRO B 288 -25.53 34.54 -8.60
C PRO B 288 -24.73 34.94 -9.85
N ILE B 289 -24.34 33.95 -10.66
CA ILE B 289 -23.59 34.14 -11.91
C ILE B 289 -24.11 35.35 -12.68
N GLU B 290 -25.43 35.41 -12.85
CA GLU B 290 -26.08 36.42 -13.68
C GLU B 290 -25.99 37.84 -13.13
N GLU B 291 -25.53 37.98 -11.89
CA GLU B 291 -25.34 39.33 -11.30
C GLU B 291 -23.89 39.80 -11.45
N ASN B 292 -23.06 38.92 -11.99
CA ASN B 292 -21.63 39.17 -12.08
C ASN B 292 -21.10 39.09 -13.51
N LEU B 293 -21.93 39.46 -14.48
CA LEU B 293 -21.54 39.38 -15.88
C LEU B 293 -20.89 40.67 -16.28
N THR B 294 -19.65 40.58 -16.70
CA THR B 294 -18.97 41.75 -17.23
C THR B 294 -19.42 42.02 -18.69
N ASP B 295 -18.96 43.13 -19.27
CA ASP B 295 -19.20 43.42 -20.66
C ASP B 295 -18.57 42.36 -21.59
N GLU B 296 -17.38 41.91 -21.22
CA GLU B 296 -16.67 40.84 -21.92
C GLU B 296 -17.44 39.51 -21.85
N ASP B 297 -18.01 39.19 -20.70
CA ASP B 297 -18.88 38.02 -20.58
C ASP B 297 -20.05 38.09 -21.54
N LEU B 298 -20.70 39.27 -21.58
CA LEU B 298 -21.91 39.42 -22.35
C LEU B 298 -21.65 39.36 -23.83
N GLU B 299 -20.45 39.75 -24.28
CA GLU B 299 -20.08 39.56 -25.69
C GLU B 299 -20.21 38.11 -26.24
N LEU B 300 -20.09 37.11 -25.36
CA LEU B 300 -20.27 35.73 -25.75
C LEU B 300 -21.69 35.43 -26.17
N ASP B 301 -22.63 36.19 -25.61
CA ASP B 301 -24.04 35.99 -25.97
C ASP B 301 -24.34 36.20 -27.46
N THR B 302 -23.61 37.12 -28.08
CA THR B 302 -23.81 37.47 -29.48
C THR B 302 -22.63 37.03 -30.36
N LEU B 303 -21.67 36.31 -29.79
CA LEU B 303 -20.53 35.78 -30.55
C LEU B 303 -20.87 34.77 -31.65
N ILE B 304 -21.77 33.82 -31.38
CA ILE B 304 -22.03 32.76 -32.37
C ILE B 304 -22.89 33.30 -33.51
N PRO B 305 -22.36 33.22 -34.77
CA PRO B 305 -23.10 33.73 -35.94
C PRO B 305 -24.46 33.06 -36.09
N ASP B 306 -25.42 33.76 -36.67
CA ASP B 306 -26.71 33.17 -36.96
C ASP B 306 -26.56 32.02 -37.93
N SER B 307 -25.77 32.21 -38.97
CA SER B 307 -25.60 31.13 -39.95
C SER B 307 -24.73 30.03 -39.38
N PRO B 308 -25.23 28.78 -39.49
CA PRO B 308 -24.65 27.56 -38.91
C PRO B 308 -23.26 27.25 -39.45
N ASN B 309 -22.96 27.72 -40.64
CA ASN B 309 -21.72 27.37 -41.29
C ASN B 309 -20.71 28.53 -41.37
N GLN B 310 -21.09 29.70 -40.85
CA GLN B 310 -20.17 30.82 -40.73
C GLN B 310 -19.19 30.57 -39.56
N PRO B 311 -17.89 30.56 -39.86
CA PRO B 311 -16.84 30.37 -38.86
C PRO B 311 -16.72 31.57 -37.93
N TYR B 312 -16.16 31.34 -36.75
CA TYR B 312 -15.70 32.35 -35.85
C TYR B 312 -14.38 31.80 -35.36
N ASP B 313 -13.50 32.70 -34.93
CA ASP B 313 -12.22 32.35 -34.32
C ASP B 313 -12.44 31.87 -32.88
N MET B 314 -12.07 30.63 -32.56
CA MET B 314 -12.33 30.10 -31.20
C MET B 314 -11.48 30.85 -30.11
N HIS B 315 -10.35 31.45 -30.50
CA HIS B 315 -9.58 32.37 -29.61
C HIS B 315 -10.45 33.47 -29.01
N GLU B 316 -11.47 33.92 -29.76
CA GLU B 316 -12.41 34.93 -29.25
C GLU B 316 -13.19 34.47 -28.00
N VAL B 317 -13.49 33.18 -27.92
CA VAL B 317 -14.13 32.62 -26.71
C VAL B 317 -13.10 32.41 -25.57
N ILE B 318 -11.96 31.80 -25.92
CA ILE B 318 -10.94 31.44 -24.95
C ILE B 318 -10.48 32.68 -24.17
N THR B 319 -10.12 33.72 -24.91
N THR B 319 -10.10 33.75 -24.87
CA THR B 319 -9.62 34.98 -24.36
CA THR B 319 -9.54 34.91 -24.16
C THR B 319 -10.55 35.57 -23.29
C THR B 319 -10.56 35.57 -23.21
N ARG B 320 -11.84 35.53 -23.57
CA ARG B 320 -12.90 36.04 -22.70
C ARG B 320 -13.20 35.15 -21.49
N LEU B 321 -12.82 33.88 -21.56
CA LEU B 321 -13.01 33.02 -20.39
C LEU B 321 -11.90 33.18 -19.38
N LEU B 322 -10.71 33.55 -19.82
CA LEU B 322 -9.53 33.40 -18.99
C LEU B 322 -9.22 34.71 -18.25
N ASP B 323 -8.57 34.60 -17.09
CA ASP B 323 -8.17 35.74 -16.28
C ASP B 323 -7.33 36.70 -17.10
N ASP B 324 -6.32 36.15 -17.77
CA ASP B 324 -5.32 36.98 -18.43
C ASP B 324 -4.94 36.46 -19.81
N GLU B 325 -3.64 36.20 -19.97
CA GLU B 325 -3.10 35.66 -21.21
C GLU B 325 -3.47 34.16 -21.43
N PHE B 326 -3.35 33.77 -22.70
CA PHE B 326 -3.43 32.38 -23.10
C PHE B 326 -2.05 31.95 -23.57
N LEU B 327 -1.51 30.91 -22.96
CA LEU B 327 -0.24 30.39 -23.46
C LEU B 327 -0.53 29.18 -24.40
N GLU B 328 -0.57 29.44 -25.71
CA GLU B 328 -0.88 28.45 -26.73
C GLU B 328 0.33 27.52 -26.97
N ILE B 329 0.03 26.23 -27.09
CA ILE B 329 0.98 25.15 -27.31
C ILE B 329 0.78 24.70 -28.76
N GLN B 330 1.86 24.49 -29.51
CA GLN B 330 1.77 24.06 -30.93
C GLN B 330 0.81 24.97 -31.74
N ALA B 331 1.00 26.29 -31.58
CA ALA B 331 0.10 27.25 -32.18
C ALA B 331 0.09 27.15 -33.74
N GLY B 332 1.24 26.76 -34.29
CA GLY B 332 1.44 26.65 -35.73
C GLY B 332 1.24 25.25 -36.33
N TYR B 333 0.67 24.34 -35.55
CA TYR B 333 0.46 22.96 -35.97
C TYR B 333 -0.96 22.61 -35.80
N ALA B 334 -1.50 21.85 -36.76
CA ALA B 334 -2.81 21.31 -36.69
C ALA B 334 -3.78 22.35 -36.13
N GLN B 335 -3.91 23.45 -36.87
CA GLN B 335 -4.65 24.64 -36.40
C GLN B 335 -6.16 24.52 -36.29
N ASN B 336 -6.68 23.36 -36.71
CA ASN B 336 -8.08 22.94 -36.48
C ASN B 336 -8.43 22.64 -35.01
N ILE B 337 -7.40 22.54 -34.17
CA ILE B 337 -7.58 22.42 -32.74
C ILE B 337 -6.63 23.42 -32.04
N VAL B 338 -7.10 24.00 -30.95
CA VAL B 338 -6.34 24.99 -30.20
C VAL B 338 -6.16 24.44 -28.79
N VAL B 339 -4.93 24.41 -28.35
CA VAL B 339 -4.59 23.79 -27.10
C VAL B 339 -3.64 24.76 -26.35
N GLY B 340 -3.79 24.89 -25.04
CA GLY B 340 -2.83 25.64 -24.23
C GLY B 340 -3.29 25.92 -22.82
N PHE B 341 -2.49 26.73 -22.12
CA PHE B 341 -2.73 26.99 -20.72
C PHE B 341 -3.29 28.42 -20.49
N GLY B 342 -4.16 28.51 -19.49
CA GLY B 342 -4.62 29.81 -18.97
C GLY B 342 -5.04 29.69 -17.52
N ARG B 343 -5.58 30.77 -16.95
CA ARG B 343 -6.14 30.68 -15.59
C ARG B 343 -7.58 31.10 -15.60
N ILE B 344 -8.38 30.42 -14.80
CA ILE B 344 -9.74 30.85 -14.57
C ILE B 344 -9.94 30.95 -13.06
N ASP B 345 -10.31 32.15 -12.62
CA ASP B 345 -10.41 32.46 -11.21
C ASP B 345 -9.12 32.07 -10.42
N GLY B 346 -7.97 32.40 -10.99
CA GLY B 346 -6.69 32.09 -10.38
C GLY B 346 -6.16 30.66 -10.60
N ARG B 347 -6.98 29.79 -11.18
CA ARG B 347 -6.54 28.40 -11.26
C ARG B 347 -6.12 28.00 -12.68
N PRO B 348 -4.88 27.45 -12.83
CA PRO B 348 -4.42 26.90 -14.12
C PRO B 348 -5.39 25.91 -14.75
N VAL B 349 -5.63 26.07 -16.05
CA VAL B 349 -6.49 25.14 -16.79
C VAL B 349 -5.83 24.82 -18.14
N GLY B 350 -6.12 23.65 -18.68
CA GLY B 350 -5.62 23.30 -19.99
C GLY B 350 -6.82 23.35 -20.91
N ILE B 351 -6.74 24.23 -21.90
CA ILE B 351 -7.82 24.41 -22.87
C ILE B 351 -7.61 23.48 -24.06
N VAL B 352 -8.67 22.80 -24.46
CA VAL B 352 -8.67 22.02 -25.70
C VAL B 352 -9.92 22.45 -26.48
N ALA B 353 -9.72 23.06 -27.63
CA ALA B 353 -10.79 23.76 -28.32
C ALA B 353 -10.73 23.56 -29.82
N ASN B 354 -11.87 23.16 -30.40
CA ASN B 354 -11.98 23.09 -31.85
C ASN B 354 -11.98 24.49 -32.46
N GLN B 355 -11.28 24.64 -33.59
CA GLN B 355 -11.17 25.89 -34.29
C GLN B 355 -11.96 25.85 -35.62
N PRO B 356 -13.18 26.43 -35.65
CA PRO B 356 -14.07 26.50 -36.82
C PRO B 356 -13.43 27.19 -38.01
N THR B 357 -12.38 27.96 -37.74
CA THR B 357 -11.59 28.69 -38.71
C THR B 357 -10.66 27.83 -39.60
N HIS B 358 -10.50 26.57 -39.25
CA HIS B 358 -9.61 25.71 -40.02
C HIS B 358 -10.20 24.29 -40.11
N PHE B 359 -10.46 23.85 -41.35
CA PHE B 359 -11.16 22.58 -41.64
C PHE B 359 -12.50 22.58 -40.96
N ALA B 360 -13.10 23.75 -40.81
CA ALA B 360 -14.40 23.88 -40.12
C ALA B 360 -14.40 23.33 -38.66
N GLY B 361 -13.22 23.24 -38.05
CA GLY B 361 -13.10 22.64 -36.75
C GLY B 361 -13.13 21.11 -36.68
N CYS B 362 -13.15 20.43 -37.84
CA CYS B 362 -12.98 18.97 -37.92
C CYS B 362 -11.71 18.49 -37.28
N LEU B 363 -11.82 17.35 -36.59
CA LEU B 363 -10.66 16.58 -36.13
C LEU B 363 -9.98 15.88 -37.33
N ASP B 364 -8.67 15.68 -37.23
CA ASP B 364 -7.94 14.94 -38.20
C ASP B 364 -6.86 14.24 -37.37
N ILE B 365 -5.94 13.55 -38.05
CA ILE B 365 -4.83 12.81 -37.42
C ILE B 365 -4.04 13.73 -36.46
N ASN B 366 -3.58 14.84 -37.03
CA ASN B 366 -2.61 15.68 -36.38
C ASN B 366 -3.17 16.40 -35.18
N ALA B 367 -4.37 16.95 -35.32
CA ALA B 367 -5.10 17.57 -34.22
C ALA B 367 -5.36 16.56 -33.09
N SER B 368 -5.78 15.35 -33.45
CA SER B 368 -5.97 14.30 -32.47
C SER B 368 -4.71 14.01 -31.64
N GLU B 369 -3.55 13.98 -32.30
CA GLU B 369 -2.30 13.64 -31.64
C GLU B 369 -1.82 14.81 -30.82
N LYS B 370 -1.94 16.03 -31.37
CA LYS B 370 -1.63 17.29 -30.64
C LYS B 370 -2.49 17.39 -29.35
N ALA B 371 -3.80 17.17 -29.46
CA ALA B 371 -4.67 17.30 -28.28
C ALA B 371 -4.50 16.14 -27.32
N ALA B 372 -4.32 14.95 -27.87
CA ALA B 372 -4.11 13.76 -27.02
C ALA B 372 -2.89 13.92 -26.08
N ARG B 373 -1.75 14.31 -26.62
CA ARG B 373 -0.56 14.42 -25.79
C ARG B 373 -0.66 15.58 -24.79
N PHE B 374 -1.32 16.66 -25.20
CA PHE B 374 -1.63 17.77 -24.31
C PHE B 374 -2.49 17.34 -23.11
N VAL B 375 -3.54 16.57 -23.37
CA VAL B 375 -4.46 16.06 -22.35
C VAL B 375 -3.74 15.19 -21.33
N ARG B 376 -2.81 14.37 -21.82
CA ARG B 376 -2.06 13.46 -20.98
C ARG B 376 -1.12 14.28 -20.10
N THR B 377 -0.51 15.32 -20.68
CA THR B 377 0.42 16.21 -20.00
C THR B 377 -0.30 16.96 -18.86
N CYS B 378 -1.48 17.55 -19.17
CA CYS B 378 -2.35 18.14 -18.14
C CYS B 378 -2.67 17.13 -17.01
N ASP B 379 -3.11 15.92 -17.38
CA ASP B 379 -3.44 14.90 -16.39
C ASP B 379 -2.24 14.54 -15.48
N CYS B 380 -1.06 14.36 -16.09
CA CYS B 380 0.14 14.05 -15.31
C CYS B 380 0.39 15.14 -14.27
N PHE B 381 0.28 16.41 -14.69
CA PHE B 381 0.63 17.54 -13.83
C PHE B 381 -0.57 18.23 -13.15
N ASN B 382 -1.67 17.48 -12.98
CA ASN B 382 -2.80 17.93 -12.17
C ASN B 382 -3.50 19.19 -12.67
N ILE B 383 -3.36 19.45 -13.96
CA ILE B 383 -4.07 20.56 -14.59
C ILE B 383 -5.45 20.11 -15.10
N PRO B 384 -6.54 20.75 -14.62
CA PRO B 384 -7.89 20.53 -15.11
C PRO B 384 -8.04 20.74 -16.63
N ILE B 385 -8.88 19.92 -17.27
CA ILE B 385 -9.10 20.00 -18.73
C ILE B 385 -10.45 20.66 -19.04
N VAL B 386 -10.41 21.80 -19.73
CA VAL B 386 -11.63 22.48 -20.19
C VAL B 386 -11.74 22.37 -21.70
N MET B 387 -12.74 21.66 -22.19
CA MET B 387 -12.96 21.57 -23.67
C MET B 387 -13.98 22.57 -24.15
N LEU B 388 -13.65 23.25 -25.25
CA LEU B 388 -14.62 24.10 -26.00
C LEU B 388 -14.92 23.43 -27.36
N VAL B 389 -16.14 22.95 -27.50
CA VAL B 389 -16.52 22.01 -28.55
C VAL B 389 -17.36 22.66 -29.65
N ASP B 390 -16.82 22.60 -30.86
CA ASP B 390 -17.60 22.91 -32.03
C ASP B 390 -16.98 22.03 -33.13
N VAL B 391 -17.49 20.80 -33.26
CA VAL B 391 -16.83 19.77 -34.09
C VAL B 391 -17.85 19.06 -35.06
N PRO B 392 -17.69 19.28 -36.40
CA PRO B 392 -18.64 18.65 -37.34
C PRO B 392 -18.39 17.17 -37.55
N GLY B 393 -17.17 16.73 -37.28
CA GLY B 393 -16.75 15.35 -37.53
C GLY B 393 -15.27 15.31 -37.71
N PHE B 394 -14.84 14.29 -38.48
CA PHE B 394 -13.47 14.09 -38.89
C PHE B 394 -13.22 14.47 -40.35
N LEU B 395 -12.08 15.07 -40.63
CA LEU B 395 -11.68 15.44 -41.98
C LEU B 395 -11.71 14.24 -42.93
N PRO B 396 -12.65 14.23 -43.92
CA PRO B 396 -12.75 13.14 -44.89
C PRO B 396 -11.58 13.15 -45.88
N GLY B 397 -11.10 11.98 -46.24
CA GLY B 397 -9.97 11.93 -47.10
C GLY B 397 -9.36 10.57 -47.08
N THR B 398 -8.95 10.15 -48.26
CA THR B 398 -8.18 8.95 -48.50
C THR B 398 -6.88 8.92 -47.67
N ASP B 399 -6.10 9.99 -47.73
CA ASP B 399 -4.87 10.01 -46.95
C ASP B 399 -5.07 9.95 -45.41
N GLN B 400 -6.20 10.45 -44.88
CA GLN B 400 -6.50 10.30 -43.46
C GLN B 400 -6.59 8.84 -43.05
N GLU B 401 -7.31 8.03 -43.84
CA GLU B 401 -7.35 6.59 -43.60
C GLU B 401 -5.98 5.94 -43.76
N TYR B 402 -5.29 6.23 -44.87
CA TYR B 402 -4.02 5.52 -45.18
C TYR B 402 -2.97 5.80 -44.11
N ASN B 403 -3.00 7.04 -43.62
CA ASN B 403 -2.00 7.56 -42.71
C ASN B 403 -2.34 7.27 -41.22
N GLY B 404 -3.49 6.66 -41.00
CA GLY B 404 -3.85 6.11 -39.71
C GLY B 404 -4.81 6.89 -38.83
N ILE B 405 -5.84 7.51 -39.40
CA ILE B 405 -6.88 8.20 -38.58
C ILE B 405 -7.51 7.29 -37.49
N ILE B 406 -7.80 6.04 -37.82
CA ILE B 406 -8.40 5.15 -36.83
C ILE B 406 -7.45 4.94 -35.64
N ARG B 407 -6.23 4.50 -35.91
CA ARG B 407 -5.22 4.18 -34.90
C ARG B 407 -4.79 5.43 -34.09
N ARG B 408 -4.64 6.55 -34.79
CA ARG B 408 -4.09 7.78 -34.24
C ARG B 408 -5.17 8.70 -33.67
N GLY B 409 -6.37 8.68 -34.26
CA GLY B 409 -7.50 9.38 -33.74
C GLY B 409 -7.93 8.81 -32.39
N ALA B 410 -7.80 7.48 -32.26
CA ALA B 410 -8.05 6.78 -30.99
C ALA B 410 -7.24 7.28 -29.77
N LYS B 411 -6.04 7.78 -30.01
CA LYS B 411 -5.18 8.35 -28.92
C LYS B 411 -5.86 9.43 -28.05
N LEU B 412 -6.70 10.26 -28.66
CA LEU B 412 -7.43 11.32 -27.97
C LEU B 412 -8.56 10.75 -27.12
N LEU B 413 -9.24 9.75 -27.62
CA LEU B 413 -10.15 9.03 -26.76
C LEU B 413 -9.40 8.54 -25.53
N TYR B 414 -8.29 7.84 -25.76
CA TYR B 414 -7.51 7.21 -24.69
C TYR B 414 -7.06 8.23 -23.61
N ALA B 415 -6.50 9.35 -24.09
CA ALA B 415 -6.02 10.40 -23.22
C ALA B 415 -7.13 10.91 -22.30
N TYR B 416 -8.29 11.17 -22.88
CA TYR B 416 -9.39 11.77 -22.14
C TYR B 416 -9.99 10.73 -21.18
N GLY B 417 -10.28 9.52 -21.70
CA GLY B 417 -10.78 8.41 -20.92
C GLY B 417 -9.89 8.10 -19.74
N GLU B 418 -8.59 8.18 -19.94
CA GLU B 418 -7.62 7.91 -18.87
C GLU B 418 -7.53 8.99 -17.79
N ALA B 419 -7.77 10.24 -18.19
CA ALA B 419 -7.60 11.39 -17.32
C ALA B 419 -8.48 11.39 -16.04
N THR B 420 -7.89 11.79 -14.91
CA THR B 420 -8.59 11.86 -13.66
C THR B 420 -8.65 13.31 -13.07
N VAL B 421 -7.89 14.25 -13.60
CA VAL B 421 -8.11 15.66 -13.27
C VAL B 421 -9.58 16.09 -13.50
N PRO B 422 -9.97 17.25 -12.92
CA PRO B 422 -11.31 17.75 -13.25
C PRO B 422 -11.47 17.95 -14.79
N LYS B 423 -12.64 17.59 -15.30
CA LYS B 423 -12.96 17.67 -16.72
C LYS B 423 -14.25 18.44 -16.92
N ILE B 424 -14.18 19.52 -17.70
CA ILE B 424 -15.35 20.38 -17.88
C ILE B 424 -15.50 20.61 -19.38
N THR B 425 -16.69 20.39 -19.91
CA THR B 425 -16.85 20.56 -21.34
C THR B 425 -18.00 21.54 -21.64
N VAL B 426 -17.70 22.48 -22.54
CA VAL B 426 -18.71 23.41 -23.05
C VAL B 426 -18.84 23.26 -24.56
N ILE B 427 -20.02 22.81 -25.02
CA ILE B 427 -20.33 22.79 -26.44
C ILE B 427 -20.90 24.16 -26.87
N THR B 428 -20.15 24.86 -27.72
CA THR B 428 -20.58 26.12 -28.25
C THR B 428 -21.50 26.00 -29.48
N ARG B 429 -21.24 25.01 -30.33
CA ARG B 429 -22.01 24.81 -31.54
C ARG B 429 -22.06 23.31 -31.89
N LYS B 430 -21.34 22.86 -32.92
CA LYS B 430 -21.57 21.48 -33.40
C LYS B 430 -20.98 20.44 -32.51
N ALA B 431 -21.67 19.33 -32.41
CA ALA B 431 -21.03 18.16 -31.78
C ALA B 431 -21.65 16.95 -32.39
N TYR B 432 -21.03 16.46 -33.49
CA TYR B 432 -21.67 15.40 -34.30
C TYR B 432 -20.90 14.08 -34.26
N GLY B 433 -21.64 12.96 -34.17
CA GLY B 433 -21.11 11.61 -34.40
C GLY B 433 -19.98 11.27 -33.41
N GLY B 434 -19.07 10.39 -33.84
CA GLY B 434 -17.96 9.98 -33.00
C GLY B 434 -17.16 11.18 -32.50
N ALA B 435 -17.18 12.31 -33.20
CA ALA B 435 -16.41 13.47 -32.76
C ALA B 435 -17.05 14.11 -31.48
N TYR B 436 -18.37 14.04 -31.33
CA TYR B 436 -19.01 14.33 -30.05
C TYR B 436 -18.39 13.46 -28.94
N CYS B 437 -18.27 12.16 -29.19
CA CYS B 437 -17.73 11.22 -28.19
C CYS B 437 -16.36 11.67 -27.71
N VAL B 438 -15.52 12.05 -28.66
CA VAL B 438 -14.10 12.35 -28.45
C VAL B 438 -13.92 13.70 -27.72
N MET B 439 -14.74 14.69 -28.08
CA MET B 439 -14.68 16.01 -27.45
C MET B 439 -15.37 16.13 -26.08
N GLY B 440 -14.91 15.31 -25.14
CA GLY B 440 -15.37 15.39 -23.75
C GLY B 440 -16.83 15.15 -23.51
N SER B 441 -17.36 14.09 -24.13
CA SER B 441 -18.68 13.59 -23.88
C SER B 441 -18.81 13.07 -22.42
N LYS B 442 -20.03 13.20 -21.87
CA LYS B 442 -20.36 12.71 -20.53
C LYS B 442 -19.85 11.27 -20.30
N ASP B 443 -20.17 10.35 -21.22
CA ASP B 443 -19.90 8.95 -21.00
C ASP B 443 -18.42 8.56 -21.26
N MET B 444 -17.63 9.51 -21.75
CA MET B 444 -16.17 9.41 -21.69
C MET B 444 -15.53 9.83 -20.35
N GLY B 445 -16.37 10.10 -19.34
CA GLY B 445 -15.89 10.52 -18.02
C GLY B 445 -15.71 12.02 -17.81
N CYS B 446 -16.38 12.86 -18.60
CA CYS B 446 -16.38 14.31 -18.28
C CYS B 446 -17.19 14.57 -16.98
N ASP B 447 -16.67 15.42 -16.11
CA ASP B 447 -17.31 15.63 -14.79
C ASP B 447 -18.52 16.55 -14.87
N VAL B 448 -18.37 17.63 -15.64
CA VAL B 448 -19.40 18.65 -15.78
C VAL B 448 -19.59 18.98 -17.24
N ASN B 449 -20.80 18.81 -17.76
CA ASN B 449 -21.08 19.05 -19.18
C ASN B 449 -22.06 20.21 -19.37
N LEU B 450 -21.65 21.14 -20.22
CA LEU B 450 -22.37 22.36 -20.51
C LEU B 450 -22.58 22.50 -22.00
N ALA B 451 -23.62 23.25 -22.38
CA ALA B 451 -23.88 23.56 -23.79
C ALA B 451 -24.48 24.97 -23.88
N TRP B 452 -24.14 25.71 -24.93
CA TRP B 452 -24.78 26.99 -25.30
C TRP B 452 -26.04 26.71 -26.10
N PRO B 453 -26.96 27.68 -26.18
CA PRO B 453 -28.23 27.40 -26.87
C PRO B 453 -28.06 27.06 -28.36
N THR B 454 -26.91 27.43 -28.91
CA THR B 454 -26.48 27.14 -30.26
C THR B 454 -25.87 25.74 -30.47
N ALA B 455 -25.72 24.96 -29.37
CA ALA B 455 -25.19 23.61 -29.49
C ALA B 455 -26.08 22.73 -30.39
N GLN B 456 -25.44 21.89 -31.19
CA GLN B 456 -26.11 21.01 -32.15
C GLN B 456 -25.53 19.62 -32.01
N ILE B 457 -26.19 18.81 -31.19
CA ILE B 457 -25.62 17.54 -30.73
C ILE B 457 -26.47 16.48 -31.39
N ALA B 458 -25.85 15.69 -32.26
CA ALA B 458 -26.58 14.70 -33.05
C ALA B 458 -25.63 13.62 -33.53
N VAL B 459 -26.20 12.48 -33.94
CA VAL B 459 -25.44 11.44 -34.64
C VAL B 459 -24.80 11.98 -35.92
N MET B 460 -25.59 12.74 -36.69
CA MET B 460 -25.08 13.50 -37.85
C MET B 460 -25.92 14.72 -38.14
N GLY B 461 -25.34 15.64 -38.93
CA GLY B 461 -26.04 16.82 -39.41
C GLY B 461 -27.31 16.47 -40.16
N ALA B 462 -28.26 17.41 -40.16
CA ALA B 462 -29.58 17.21 -40.73
C ALA B 462 -29.57 16.86 -42.22
N SER B 463 -28.66 17.41 -43.04
CA SER B 463 -28.66 17.04 -44.49
C SER B 463 -28.29 15.59 -44.75
N GLY B 464 -27.24 15.10 -44.07
CA GLY B 464 -26.87 13.70 -44.12
C GLY B 464 -27.94 12.81 -43.53
N ALA B 465 -28.51 13.23 -42.40
CA ALA B 465 -29.47 12.38 -41.70
C ALA B 465 -30.75 12.05 -42.49
N VAL B 466 -31.29 13.01 -43.24
CA VAL B 466 -32.64 12.84 -43.82
C VAL B 466 -32.71 11.75 -44.89
N GLY B 467 -31.62 11.64 -45.67
CA GLY B 467 -31.47 10.56 -46.64
C GLY B 467 -31.64 9.17 -46.05
N PHE B 468 -31.16 8.95 -44.83
CA PHE B 468 -31.34 7.69 -44.11
C PHE B 468 -32.67 7.65 -43.38
N VAL B 469 -32.93 8.68 -42.60
CA VAL B 469 -34.08 8.73 -41.70
C VAL B 469 -35.41 8.62 -42.48
N TYR B 470 -35.46 9.24 -43.66
CA TYR B 470 -36.63 9.13 -44.53
C TYR B 470 -36.29 8.38 -45.83
N LEU B 489 -35.45 18.86 -47.99
CA LEU B 489 -35.29 20.24 -47.50
C LEU B 489 -36.32 20.61 -46.46
N ARG B 490 -37.55 20.13 -46.62
CA ARG B 490 -38.58 20.39 -45.62
C ARG B 490 -38.33 19.48 -44.44
N LEU B 491 -37.95 18.25 -44.75
CA LEU B 491 -37.68 17.18 -43.79
C LEU B 491 -36.40 17.49 -43.02
N GLN B 492 -35.43 18.05 -43.73
CA GLN B 492 -34.16 18.48 -43.14
C GLN B 492 -34.36 19.60 -42.12
N GLN B 493 -35.08 20.67 -42.51
CA GLN B 493 -35.35 21.75 -41.57
CA GLN B 493 -35.44 21.76 -41.61
C GLN B 493 -36.25 21.21 -40.44
N GLU B 494 -37.11 20.23 -40.74
CA GLU B 494 -37.92 19.61 -39.69
C GLU B 494 -37.06 18.92 -38.64
N TYR B 495 -36.19 18.01 -39.10
CA TYR B 495 -35.27 17.19 -38.27
C TYR B 495 -34.38 18.08 -37.39
N GLU B 496 -33.83 19.15 -37.97
CA GLU B 496 -32.94 19.98 -37.20
C GLU B 496 -33.58 21.00 -36.29
N ASP B 497 -34.81 21.40 -36.63
CA ASP B 497 -35.66 22.16 -35.70
C ASP B 497 -36.28 21.21 -34.66
N THR B 498 -36.11 19.89 -34.82
CA THR B 498 -36.74 18.96 -33.91
C THR B 498 -35.72 18.37 -33.00
N LEU B 499 -34.49 18.25 -33.50
CA LEU B 499 -33.50 17.30 -32.92
C LEU B 499 -32.05 17.78 -32.87
N VAL B 500 -31.72 18.78 -33.70
CA VAL B 500 -30.36 19.25 -33.72
C VAL B 500 -30.29 20.48 -32.80
N ASN B 501 -30.12 20.16 -31.52
CA ASN B 501 -30.23 21.15 -30.47
C ASN B 501 -29.51 20.63 -29.23
N PRO B 502 -29.46 21.44 -28.16
CA PRO B 502 -28.86 20.93 -26.93
C PRO B 502 -29.83 20.11 -26.08
N TYR B 503 -31.12 20.19 -26.37
CA TYR B 503 -32.17 19.73 -25.43
C TYR B 503 -32.39 18.24 -25.35
N VAL B 504 -32.06 17.51 -26.41
CA VAL B 504 -32.23 16.04 -26.38
C VAL B 504 -31.13 15.44 -25.52
N ALA B 505 -29.89 15.88 -25.75
CA ALA B 505 -28.74 15.53 -24.91
C ALA B 505 -28.97 15.99 -23.44
N ALA B 506 -29.61 17.15 -23.25
CA ALA B 506 -30.00 17.65 -21.90
C ALA B 506 -30.95 16.73 -21.15
N GLU B 507 -31.93 16.18 -21.84
CA GLU B 507 -32.91 15.26 -21.21
C GLU B 507 -32.33 13.93 -20.75
N ARG B 508 -31.22 13.51 -21.37
CA ARG B 508 -30.53 12.28 -21.03
C ARG B 508 -29.48 12.57 -19.95
N GLY B 509 -29.25 13.84 -19.65
CA GLY B 509 -28.21 14.17 -18.69
C GLY B 509 -26.81 14.22 -19.29
N TYR B 510 -26.70 14.13 -20.61
CA TYR B 510 -25.41 14.19 -21.29
C TYR B 510 -24.86 15.61 -21.22
N VAL B 511 -25.75 16.60 -21.16
CA VAL B 511 -25.39 17.91 -20.70
C VAL B 511 -26.14 18.21 -19.43
N GLY B 512 -25.41 18.65 -18.40
CA GLY B 512 -26.02 18.94 -17.12
C GLY B 512 -26.67 20.32 -17.07
N ALA B 513 -26.26 21.22 -17.98
CA ALA B 513 -26.91 22.52 -18.15
C ALA B 513 -26.72 23.13 -19.53
N VAL B 514 -27.83 23.60 -20.11
CA VAL B 514 -27.81 24.54 -21.24
C VAL B 514 -27.76 25.94 -20.65
N ILE B 515 -26.75 26.71 -21.06
CA ILE B 515 -26.48 27.97 -20.40
C ILE B 515 -26.37 29.15 -21.36
N PRO B 516 -26.71 30.37 -20.88
CA PRO B 516 -26.35 31.55 -21.64
C PRO B 516 -24.84 31.56 -21.80
N PRO B 517 -24.31 31.77 -23.04
CA PRO B 517 -22.86 31.83 -23.25
C PRO B 517 -22.07 32.70 -22.24
N SER B 518 -22.66 33.81 -21.83
CA SER B 518 -22.03 34.74 -20.88
C SER B 518 -21.89 34.14 -19.46
N HIS B 519 -22.65 33.07 -19.18
CA HIS B 519 -22.56 32.41 -17.85
C HIS B 519 -21.38 31.43 -17.78
N THR B 520 -20.75 31.18 -18.93
CA THR B 520 -19.71 30.14 -19.07
C THR B 520 -18.54 30.29 -18.06
N ARG B 521 -17.88 31.44 -18.07
CA ARG B 521 -16.78 31.71 -17.13
C ARG B 521 -17.18 31.42 -15.67
N GLY B 522 -18.34 31.93 -15.26
CA GLY B 522 -18.86 31.68 -13.93
C GLY B 522 -19.12 30.22 -13.62
N TYR B 523 -19.77 29.50 -14.53
CA TYR B 523 -20.00 28.06 -14.34
C TYR B 523 -18.69 27.27 -14.18
N ILE B 524 -17.70 27.55 -15.02
CA ILE B 524 -16.40 26.86 -14.95
C ILE B 524 -15.71 27.06 -13.58
N GLY B 525 -15.62 28.32 -13.15
CA GLY B 525 -15.08 28.66 -11.82
C GLY B 525 -15.71 27.85 -10.69
N THR B 526 -17.04 27.77 -10.68
CA THR B 526 -17.78 27.03 -9.65
C THR B 526 -17.48 25.53 -9.71
N ALA B 527 -17.30 25.03 -10.93
CA ALA B 527 -17.05 23.60 -11.16
C ALA B 527 -15.63 23.25 -10.77
N LEU B 528 -14.69 24.08 -11.18
CA LEU B 528 -13.29 23.97 -10.75
C LEU B 528 -13.11 23.92 -9.21
N ARG B 529 -13.84 24.77 -8.50
CA ARG B 529 -13.86 24.78 -7.01
C ARG B 529 -14.45 23.47 -6.50
N LEU B 530 -15.63 23.11 -7.00
CA LEU B 530 -16.29 21.86 -6.59
C LEU B 530 -15.41 20.63 -6.73
N LEU B 531 -14.70 20.57 -7.85
CA LEU B 531 -13.92 19.43 -8.26
C LEU B 531 -12.48 19.52 -7.79
N GLU B 532 -12.14 20.50 -6.96
CA GLU B 532 -10.74 20.68 -6.56
C GLU B 532 -10.06 19.57 -5.76
N ARG B 533 -10.79 18.71 -5.07
CA ARG B 533 -10.14 17.48 -4.57
C ARG B 533 -10.85 16.18 -4.92
N LYS B 534 -10.94 15.90 -6.21
CA LYS B 534 -11.64 14.70 -6.74
C LYS B 534 -11.21 13.40 -6.09
N LYS B 541 -2.60 -1.49 -12.80
CA LYS B 541 -1.88 -2.01 -13.98
C LYS B 541 -0.50 -1.42 -13.98
N LYS B 542 0.49 -2.08 -14.59
CA LYS B 542 1.84 -1.42 -14.75
C LYS B 542 1.74 -0.07 -15.53
N HIS B 543 0.78 -0.05 -16.50
CA HIS B 543 0.58 0.94 -17.54
C HIS B 543 -0.48 0.37 -18.54
N GLY B 544 -1.06 1.27 -19.33
CA GLY B 544 -2.02 0.90 -20.32
C GLY B 544 -1.34 0.56 -21.64
N ASN B 545 -2.16 0.39 -22.68
CA ASN B 545 -1.62 0.04 -23.97
C ASN B 545 -2.22 0.92 -25.10
N VAL B 546 -2.13 2.24 -24.95
CA VAL B 546 -2.59 3.21 -25.99
C VAL B 546 -2.06 2.84 -27.38
N PRO B 547 -2.92 2.93 -28.44
CA PRO B 547 -2.36 2.84 -29.78
C PRO B 547 -1.23 3.85 -29.98
N LEU B 548 -0.15 3.39 -30.59
CA LEU B 548 1.02 4.22 -30.86
C LEU B 548 1.14 4.53 -32.38
N ASP C 21 -37.16 34.74 -33.32
CA ASP C 21 -36.78 33.94 -34.54
C ASP C 21 -35.84 32.79 -34.16
N ILE C 22 -36.43 31.61 -34.03
CA ILE C 22 -35.80 30.32 -33.64
C ILE C 22 -34.48 29.94 -34.36
N HIS C 23 -34.23 30.55 -35.51
CA HIS C 23 -33.12 30.17 -36.36
C HIS C 23 -31.98 31.13 -36.21
N THR C 24 -32.07 32.02 -35.22
CA THR C 24 -30.98 32.93 -34.92
C THR C 24 -30.42 32.68 -33.51
N THR C 25 -29.19 33.14 -33.30
CA THR C 25 -28.50 33.04 -32.02
C THR C 25 -29.33 33.73 -30.90
N ALA C 26 -29.81 34.97 -31.14
CA ALA C 26 -30.68 35.65 -30.16
C ALA C 26 -31.94 34.89 -29.84
N GLY C 27 -32.56 34.32 -30.87
CA GLY C 27 -33.76 33.51 -30.72
C GLY C 27 -33.53 32.23 -29.95
N LYS C 28 -32.38 31.61 -30.18
CA LYS C 28 -32.02 30.41 -29.41
C LYS C 28 -31.81 30.75 -27.94
N LEU C 29 -31.17 31.89 -27.67
CA LEU C 29 -30.96 32.32 -26.30
C LEU C 29 -32.28 32.66 -25.59
N ALA C 30 -33.17 33.37 -26.30
CA ALA C 30 -34.49 33.69 -25.73
C ALA C 30 -35.30 32.45 -25.43
N GLU C 31 -35.18 31.45 -26.30
CA GLU C 31 -35.86 30.18 -26.12
C GLU C 31 -35.37 29.39 -24.87
N LEU C 32 -34.05 29.45 -24.62
CA LEU C 32 -33.50 28.92 -23.36
C LEU C 32 -34.10 29.61 -22.15
N HIS C 33 -34.18 30.94 -22.19
CA HIS C 33 -34.77 31.73 -21.07
C HIS C 33 -36.21 31.24 -20.76
N LYS C 34 -36.99 30.96 -21.82
CA LYS C 34 -38.35 30.41 -21.70
C LYS C 34 -38.45 29.03 -21.07
N ARG C 35 -37.63 28.09 -21.55
CA ARG C 35 -37.52 26.74 -20.95
C ARG C 35 -37.12 26.77 -19.46
N ARG C 36 -36.14 27.61 -19.13
CA ARG C 36 -35.72 27.82 -17.75
C ARG C 36 -36.88 28.33 -16.90
N GLU C 37 -37.56 29.38 -17.36
CA GLU C 37 -38.71 29.91 -16.64
C GLU C 37 -39.76 28.83 -16.43
N GLU C 38 -40.05 28.06 -17.48
CA GLU C 38 -40.98 26.96 -17.32
C GLU C 38 -40.54 25.88 -16.29
N SER C 39 -39.24 25.62 -16.17
CA SER C 39 -38.71 24.57 -15.29
C SER C 39 -39.01 24.86 -13.82
N LEU C 40 -39.29 26.13 -13.51
CA LEU C 40 -39.55 26.58 -12.12
C LEU C 40 -40.95 26.26 -11.66
N HIS C 41 -41.83 25.94 -12.61
CA HIS C 41 -43.18 25.50 -12.30
C HIS C 41 -43.56 24.45 -13.34
N PRO C 42 -42.93 23.26 -13.26
CA PRO C 42 -43.02 22.32 -14.37
C PRO C 42 -44.38 21.73 -14.66
N VAL C 43 -45.31 21.83 -13.70
CA VAL C 43 -46.67 21.36 -13.90
C VAL C 43 -47.68 22.50 -13.75
N GLY C 44 -47.26 23.72 -14.01
CA GLY C 44 -48.16 24.88 -13.91
C GLY C 44 -47.94 25.77 -12.69
N GLU C 45 -48.05 27.08 -12.87
CA GLU C 45 -47.98 28.04 -11.74
C GLU C 45 -49.02 27.80 -10.63
N ASP C 46 -50.19 27.28 -10.98
CA ASP C 46 -51.23 26.97 -10.03
C ASP C 46 -50.86 25.84 -9.06
N ALA C 47 -50.09 24.84 -9.53
CA ALA C 47 -49.56 23.80 -8.69
C ALA C 47 -48.64 24.41 -7.62
N VAL C 48 -47.83 25.40 -7.95
CA VAL C 48 -46.97 26.10 -6.98
C VAL C 48 -47.80 26.90 -5.94
N GLU C 49 -48.83 27.61 -6.42
CA GLU C 49 -49.73 28.37 -5.55
C GLU C 49 -50.39 27.42 -4.54
N LYS C 50 -50.77 26.21 -4.95
CA LYS C 50 -51.40 25.25 -4.05
C LYS C 50 -50.47 24.70 -2.94
N VAL C 51 -49.20 24.46 -3.29
CA VAL C 51 -48.17 24.15 -2.31
C VAL C 51 -48.04 25.30 -1.31
N HIS C 52 -47.82 26.53 -1.77
CA HIS C 52 -47.69 27.70 -0.87
C HIS C 52 -48.93 27.94 0.02
N ALA C 53 -50.11 27.60 -0.50
CA ALA C 53 -51.32 27.76 0.29
C ALA C 53 -51.37 26.75 1.45
N LYS C 54 -50.60 25.66 1.36
CA LYS C 54 -50.49 24.70 2.49
C LYS C 54 -49.45 25.15 3.50
N GLY C 55 -48.83 26.30 3.25
CA GLY C 55 -47.67 26.71 4.02
C GLY C 55 -46.35 26.02 3.62
N LYS C 56 -46.34 25.23 2.55
CA LYS C 56 -45.13 24.45 2.18
C LYS C 56 -44.20 25.14 1.20
N LEU C 57 -42.94 24.74 1.23
CA LEU C 57 -41.95 25.26 0.31
C LEU C 57 -41.96 24.29 -0.84
N THR C 58 -41.60 24.73 -2.04
CA THR C 58 -41.45 23.83 -3.19
C THR C 58 -40.13 23.01 -3.04
N ALA C 59 -39.98 21.92 -3.79
CA ALA C 59 -38.71 21.17 -3.89
C ALA C 59 -37.50 22.06 -3.99
N ARG C 60 -37.53 23.04 -4.90
CA ARG C 60 -36.38 23.92 -5.05
C ARG C 60 -36.25 24.99 -3.96
N GLU C 61 -37.37 25.48 -3.42
CA GLU C 61 -37.32 26.45 -2.31
C GLU C 61 -36.75 25.79 -1.08
N ARG C 62 -37.04 24.50 -0.87
CA ARG C 62 -36.36 23.76 0.21
C ARG C 62 -34.84 23.85 0.11
N ILE C 63 -34.35 23.64 -1.11
CA ILE C 63 -32.93 23.80 -1.39
C ILE C 63 -32.42 25.23 -1.15
N TYR C 64 -33.17 26.25 -1.59
CA TYR C 64 -32.71 27.62 -1.35
C TYR C 64 -32.63 27.96 0.10
N ALA C 65 -33.57 27.43 0.88
CA ALA C 65 -33.65 27.69 2.31
C ALA C 65 -32.46 27.04 3.00
N LEU C 66 -32.26 25.74 2.76
CA LEU C 66 -31.10 25.03 3.36
C LEU C 66 -29.76 25.63 2.94
N LEU C 67 -29.56 25.81 1.64
CA LEU C 67 -28.24 26.26 1.16
C LEU C 67 -27.90 27.73 1.47
N ASP C 68 -26.62 28.09 1.42
CA ASP C 68 -26.27 29.49 1.53
C ASP C 68 -26.94 30.26 0.40
N GLU C 69 -27.24 31.54 0.66
CA GLU C 69 -27.86 32.43 -0.33
C GLU C 69 -27.10 32.48 -1.64
N ASP C 70 -27.80 32.27 -2.74
CA ASP C 70 -27.21 32.37 -4.09
C ASP C 70 -26.12 31.35 -4.42
N SER C 71 -26.00 30.26 -3.63
CA SER C 71 -24.94 29.24 -3.85
C SER C 71 -25.35 28.03 -4.77
N PHE C 72 -26.65 27.80 -4.96
CA PHE C 72 -27.14 26.64 -5.72
C PHE C 72 -26.78 26.70 -7.22
N VAL C 73 -26.14 25.63 -7.72
CA VAL C 73 -25.94 25.39 -9.17
C VAL C 73 -26.75 24.18 -9.57
N GLU C 74 -27.79 24.39 -10.37
CA GLU C 74 -28.70 23.27 -10.74
C GLU C 74 -28.16 22.41 -11.88
N LEU C 75 -28.36 21.09 -11.74
CA LEU C 75 -28.03 20.17 -12.80
C LEU C 75 -29.29 19.56 -13.35
N ASP C 76 -29.29 19.28 -14.65
CA ASP C 76 -30.41 18.57 -15.29
C ASP C 76 -31.80 19.23 -15.09
N ALA C 77 -31.83 20.58 -15.06
CA ALA C 77 -33.08 21.34 -14.90
C ALA C 77 -34.11 21.03 -15.96
N LEU C 78 -33.66 20.77 -17.18
CA LEU C 78 -34.56 20.62 -18.36
C LEU C 78 -34.73 19.17 -18.77
N ALA C 79 -34.44 18.26 -17.85
CA ALA C 79 -34.63 16.83 -18.07
C ALA C 79 -36.08 16.51 -18.29
N LYS C 80 -36.36 15.47 -19.06
CA LYS C 80 -37.73 14.99 -19.29
C LYS C 80 -37.70 13.48 -19.34
N HIS C 81 -38.72 12.83 -18.83
CA HIS C 81 -38.81 11.39 -18.97
C HIS C 81 -38.93 10.94 -20.45
N ARG C 82 -38.59 9.68 -20.69
CA ARG C 82 -38.52 9.10 -22.04
C ARG C 82 -39.44 7.86 -22.18
N SER C 83 -40.51 7.80 -21.38
CA SER C 83 -41.44 6.66 -21.40
C SER C 83 -42.61 7.00 -22.29
N THR C 84 -43.16 5.97 -22.91
CA THR C 84 -44.34 6.13 -23.73
C THR C 84 -45.37 5.12 -23.25
N ASN C 85 -45.08 4.46 -22.13
CA ASN C 85 -46.01 3.50 -21.52
C ASN C 85 -47.29 4.21 -21.05
N PHE C 86 -48.46 3.62 -21.32
CA PHE C 86 -49.74 4.11 -20.79
C PHE C 86 -50.04 5.61 -20.92
N ASN C 87 -49.82 6.19 -22.10
CA ASN C 87 -49.98 7.65 -22.27
C ASN C 87 -49.08 8.59 -21.38
N LEU C 88 -47.98 8.06 -20.81
CA LEU C 88 -47.03 8.91 -20.08
C LEU C 88 -46.36 9.95 -20.99
N GLY C 89 -46.29 9.66 -22.29
CA GLY C 89 -45.72 10.58 -23.28
C GLY C 89 -46.46 11.90 -23.41
N GLU C 90 -47.70 11.96 -22.92
CA GLU C 90 -48.52 13.17 -23.03
C GLU C 90 -48.16 14.25 -22.01
N LYS C 91 -47.43 13.86 -20.96
CA LYS C 91 -47.05 14.81 -19.91
C LYS C 91 -45.59 14.57 -19.56
N ARG C 92 -44.75 15.50 -19.99
CA ARG C 92 -43.31 15.41 -19.73
C ARG C 92 -42.73 16.65 -18.99
N PRO C 93 -43.02 16.77 -17.68
CA PRO C 93 -42.57 17.97 -16.93
C PRO C 93 -41.08 18.18 -16.97
N LEU C 94 -40.65 19.42 -17.18
CA LEU C 94 -39.22 19.75 -17.05
C LEU C 94 -38.74 19.44 -15.64
N GLY C 95 -37.57 18.80 -15.56
CA GLY C 95 -36.97 18.37 -14.30
C GLY C 95 -37.33 16.95 -13.91
N ASP C 96 -38.36 16.39 -14.52
CA ASP C 96 -38.84 15.04 -14.22
C ASP C 96 -39.12 14.73 -12.72
N GLY C 97 -39.35 15.77 -11.91
CA GLY C 97 -39.93 15.53 -10.56
C GLY C 97 -38.96 15.62 -9.40
N VAL C 98 -37.74 16.07 -9.69
CA VAL C 98 -36.69 16.18 -8.70
C VAL C 98 -35.79 17.35 -9.07
N VAL C 99 -35.28 18.08 -8.06
CA VAL C 99 -34.34 19.18 -8.30
C VAL C 99 -32.97 18.76 -7.72
N THR C 100 -31.90 18.95 -8.50
CA THR C 100 -30.59 18.41 -8.14
C THR C 100 -29.52 19.43 -8.49
N GLY C 101 -28.46 19.44 -7.71
CA GLY C 101 -27.33 20.26 -8.01
C GLY C 101 -26.37 20.26 -6.86
N TYR C 102 -25.66 21.37 -6.73
CA TYR C 102 -24.70 21.51 -5.68
C TYR C 102 -24.72 22.98 -5.21
N GLY C 103 -24.12 23.21 -4.05
CA GLY C 103 -24.03 24.55 -3.49
C GLY C 103 -23.22 24.50 -2.21
N THR C 104 -23.44 25.43 -1.29
CA THR C 104 -22.61 25.49 -0.06
C THR C 104 -23.50 25.58 1.16
N ILE C 105 -23.04 25.04 2.27
CA ILE C 105 -23.69 25.25 3.56
C ILE C 105 -22.58 25.75 4.49
N ASP C 106 -22.80 26.94 5.04
CA ASP C 106 -21.76 27.66 5.78
C ASP C 106 -20.41 27.62 5.06
N GLY C 107 -20.45 27.87 3.75
CA GLY C 107 -19.22 28.06 2.97
C GLY C 107 -18.57 26.77 2.50
N ARG C 108 -19.14 25.63 2.82
CA ARG C 108 -18.54 24.38 2.44
C ARG C 108 -19.44 23.68 1.43
N ASP C 109 -18.82 23.09 0.40
CA ASP C 109 -19.51 22.49 -0.71
C ASP C 109 -20.31 21.25 -0.29
N VAL C 110 -21.52 21.14 -0.84
CA VAL C 110 -22.40 19.97 -0.66
C VAL C 110 -23.14 19.67 -1.97
N CYS C 111 -23.67 18.46 -2.08
CA CYS C 111 -24.53 18.04 -3.19
C CYS C 111 -25.89 17.73 -2.60
N ILE C 112 -26.93 17.96 -3.38
CA ILE C 112 -28.29 17.92 -2.89
C ILE C 112 -29.28 17.48 -4.01
N PHE C 113 -30.29 16.70 -3.64
CA PHE C 113 -31.50 16.57 -4.42
C PHE C 113 -32.73 16.87 -3.54
N SER C 114 -33.83 17.27 -4.19
CA SER C 114 -35.09 17.58 -3.52
C SER C 114 -36.26 17.13 -4.40
N GLN C 115 -37.03 16.18 -3.90
CA GLN C 115 -38.12 15.61 -4.66
C GLN C 115 -39.39 16.47 -4.63
N ASP C 116 -40.07 16.50 -5.79
CA ASP C 116 -41.19 17.40 -6.05
C ASP C 116 -42.47 16.59 -6.11
N ALA C 117 -43.24 16.62 -5.02
CA ALA C 117 -44.39 15.75 -4.92
C ALA C 117 -45.55 16.26 -5.80
N THR C 118 -45.39 17.44 -6.41
CA THR C 118 -46.39 17.90 -7.37
C THR C 118 -46.24 17.24 -8.74
N VAL C 119 -45.10 16.58 -9.00
CA VAL C 119 -44.84 15.95 -10.30
C VAL C 119 -45.00 14.45 -10.14
N PHE C 120 -46.05 13.88 -10.73
CA PHE C 120 -46.37 12.44 -10.56
C PHE C 120 -46.32 11.97 -9.10
N GLY C 121 -46.77 12.83 -8.17
CA GLY C 121 -46.78 12.50 -6.71
C GLY C 121 -45.35 12.36 -6.10
N GLY C 122 -44.34 12.81 -6.82
CA GLY C 122 -42.93 12.66 -6.43
C GLY C 122 -42.47 11.21 -6.59
N SER C 123 -43.20 10.44 -7.40
CA SER C 123 -42.84 9.07 -7.75
C SER C 123 -41.60 9.04 -8.61
N LEU C 124 -40.67 8.13 -8.27
CA LEU C 124 -39.43 8.00 -8.99
C LEU C 124 -39.61 7.28 -10.35
N GLY C 125 -39.12 7.91 -11.40
CA GLY C 125 -38.97 7.23 -12.67
C GLY C 125 -37.53 7.18 -13.05
N GLU C 126 -37.27 6.63 -14.22
CA GLU C 126 -35.90 6.49 -14.72
C GLU C 126 -35.04 7.76 -14.72
N VAL C 127 -35.55 8.84 -15.29
CA VAL C 127 -34.76 10.07 -15.46
C VAL C 127 -34.55 10.81 -14.13
N TYR C 128 -35.62 10.91 -13.35
CA TYR C 128 -35.60 11.31 -11.95
C TYR C 128 -34.53 10.56 -11.15
N GLY C 129 -34.53 9.22 -11.29
CA GLY C 129 -33.49 8.36 -10.71
C GLY C 129 -32.10 8.67 -11.19
N GLU C 130 -31.94 8.85 -12.52
CA GLU C 130 -30.63 9.21 -13.09
C GLU C 130 -30.12 10.51 -12.53
N LYS C 131 -31.01 11.48 -12.33
CA LYS C 131 -30.61 12.75 -11.71
C LYS C 131 -30.05 12.60 -10.28
N ILE C 132 -30.68 11.77 -9.49
CA ILE C 132 -30.21 11.48 -8.11
C ILE C 132 -28.83 10.77 -8.18
N VAL C 133 -28.74 9.75 -9.05
CA VAL C 133 -27.46 9.08 -9.30
C VAL C 133 -26.31 10.03 -9.64
N LYS C 134 -26.53 11.01 -10.55
CA LYS C 134 -25.50 11.90 -10.97
C LYS C 134 -24.98 12.67 -9.75
N VAL C 135 -25.92 13.04 -8.90
CA VAL C 135 -25.58 13.84 -7.73
C VAL C 135 -24.89 12.99 -6.63
N GLN C 136 -25.34 11.74 -6.44
CA GLN C 136 -24.61 10.77 -5.60
C GLN C 136 -23.18 10.59 -6.07
N GLU C 137 -23.04 10.35 -7.36
CA GLU C 137 -21.70 10.20 -7.95
C GLU C 137 -20.85 11.45 -7.81
N LEU C 138 -21.50 12.61 -7.92
CA LEU C 138 -20.77 13.88 -7.79
C LEU C 138 -20.26 14.04 -6.38
N ALA C 139 -21.08 13.64 -5.41
CA ALA C 139 -20.70 13.80 -4.00
C ALA C 139 -19.54 12.86 -3.62
N ILE C 140 -19.64 11.62 -4.06
CA ILE C 140 -18.58 10.61 -3.84
C ILE C 140 -17.28 11.04 -4.48
N LYS C 141 -17.38 11.45 -5.73
CA LYS C 141 -16.24 11.87 -6.50
C LYS C 141 -15.52 13.07 -5.86
N THR C 142 -16.30 14.03 -5.32
CA THR C 142 -15.74 15.27 -4.82
C THR C 142 -15.40 15.16 -3.33
N GLY C 143 -15.86 14.09 -2.70
CA GLY C 143 -15.67 13.89 -1.25
C GLY C 143 -16.45 14.91 -0.40
N ARG C 144 -17.73 15.11 -0.74
CA ARG C 144 -18.54 16.18 -0.14
C ARG C 144 -19.83 15.58 0.37
N PRO C 145 -20.45 16.17 1.42
CA PRO C 145 -21.74 15.63 1.85
C PRO C 145 -22.84 15.63 0.76
N LEU C 146 -23.76 14.69 0.93
CA LEU C 146 -24.89 14.46 0.08
C LEU C 146 -26.14 14.68 0.94
N ILE C 147 -26.97 15.64 0.56
CA ILE C 147 -28.27 15.89 1.25
C ILE C 147 -29.39 15.45 0.34
N GLY C 148 -30.26 14.58 0.82
CA GLY C 148 -31.42 14.16 0.08
C GLY C 148 -32.67 14.71 0.74
N ILE C 149 -33.49 15.43 -0.02
CA ILE C 149 -34.77 15.84 0.49
C ILE C 149 -35.85 14.97 -0.17
N ASN C 150 -36.46 14.12 0.65
CA ASN C 150 -37.37 13.08 0.22
C ASN C 150 -38.85 13.45 0.48
N ASP C 151 -39.65 13.28 -0.58
CA ASP C 151 -41.07 13.63 -0.63
C ASP C 151 -41.65 12.98 -1.87
N GLY C 152 -42.10 11.74 -1.79
CA GLY C 152 -42.63 11.05 -2.96
C GLY C 152 -43.32 9.75 -2.66
N ALA C 153 -44.27 9.42 -3.55
CA ALA C 153 -45.13 8.24 -3.48
C ALA C 153 -44.55 6.88 -3.84
N GLY C 154 -43.31 6.76 -4.29
CA GLY C 154 -42.97 5.36 -4.61
C GLY C 154 -42.47 5.26 -6.03
N ALA C 155 -42.59 4.09 -6.65
CA ALA C 155 -42.07 3.95 -8.01
C ALA C 155 -43.16 4.35 -8.98
N ARG C 156 -42.79 5.16 -9.99
CA ARG C 156 -43.70 5.50 -11.09
C ARG C 156 -44.12 4.22 -11.81
N ILE C 157 -45.24 3.65 -11.38
CA ILE C 157 -45.68 2.35 -11.85
C ILE C 157 -45.78 2.23 -13.42
N GLN C 158 -46.25 3.29 -14.09
CA GLN C 158 -46.35 3.34 -15.57
C GLN C 158 -45.05 3.01 -16.29
N GLU C 159 -43.92 3.44 -15.72
CA GLU C 159 -42.59 3.23 -16.33
C GLU C 159 -42.12 1.77 -16.27
N GLY C 160 -42.66 1.02 -15.31
CA GLY C 160 -42.32 -0.37 -15.10
C GLY C 160 -41.03 -0.58 -14.32
N VAL C 161 -40.46 -1.79 -14.45
CA VAL C 161 -39.29 -2.21 -13.68
C VAL C 161 -38.04 -1.36 -13.79
N VAL C 162 -37.96 -0.50 -14.81
CA VAL C 162 -36.84 0.42 -14.88
C VAL C 162 -36.74 1.29 -13.63
N SER C 163 -37.87 1.64 -13.02
CA SER C 163 -37.88 2.42 -11.75
C SER C 163 -37.17 1.68 -10.63
N LEU C 164 -37.36 0.37 -10.57
CA LEU C 164 -36.71 -0.48 -9.57
C LEU C 164 -35.19 -0.60 -9.78
N GLY C 165 -34.77 -0.62 -11.04
CA GLY C 165 -33.35 -0.57 -11.37
C GLY C 165 -32.67 0.68 -10.87
N LEU C 166 -33.32 1.84 -11.00
CA LEU C 166 -32.80 3.09 -10.43
C LEU C 166 -32.80 3.12 -8.90
N TYR C 167 -33.88 2.64 -8.26
CA TYR C 167 -33.83 2.41 -6.79
C TYR C 167 -32.56 1.62 -6.42
N SER C 168 -32.39 0.42 -6.99
CA SER C 168 -31.17 -0.35 -6.76
C SER C 168 -29.90 0.45 -6.93
N ARG C 169 -29.78 1.19 -8.00
CA ARG C 169 -28.60 1.99 -8.21
C ARG C 169 -28.34 3.03 -7.11
N ILE C 170 -29.41 3.70 -6.68
CA ILE C 170 -29.38 4.66 -5.60
C ILE C 170 -28.99 3.94 -4.29
N PHE C 171 -29.63 2.83 -3.99
CA PHE C 171 -29.30 2.13 -2.73
C PHE C 171 -27.82 1.75 -2.75
N ARG C 172 -27.39 1.20 -3.87
CA ARG C 172 -26.00 0.78 -3.99
C ARG C 172 -25.02 1.92 -3.78
N ASN C 173 -25.34 3.09 -4.33
CA ASN C 173 -24.53 4.28 -4.09
C ASN C 173 -24.50 4.79 -2.66
N ASN C 174 -25.64 4.73 -1.95
CA ASN C 174 -25.67 5.02 -0.50
C ASN C 174 -24.75 4.08 0.27
N ILE C 175 -24.77 2.80 -0.10
CA ILE C 175 -23.90 1.78 0.53
C ILE C 175 -22.41 2.05 0.25
N LEU C 176 -22.06 2.35 -1.01
CA LEU C 176 -20.68 2.67 -1.39
C LEU C 176 -20.17 3.91 -0.64
N ALA C 177 -21.03 4.91 -0.52
CA ALA C 177 -20.70 6.15 0.15
C ALA C 177 -20.76 6.02 1.67
N SER C 178 -21.22 4.89 2.19
CA SER C 178 -21.53 4.76 3.64
C SER C 178 -20.32 4.86 4.55
N GLY C 179 -20.34 5.87 5.42
CA GLY C 179 -19.18 6.16 6.24
C GLY C 179 -18.05 6.84 5.49
N VAL C 180 -18.24 7.17 4.20
CA VAL C 180 -17.22 7.87 3.39
C VAL C 180 -17.49 9.39 3.32
N ILE C 181 -18.70 9.77 2.87
CA ILE C 181 -19.17 11.15 2.90
C ILE C 181 -20.42 11.20 3.79
N PRO C 182 -20.57 12.26 4.60
CA PRO C 182 -21.84 12.34 5.37
C PRO C 182 -23.06 12.31 4.43
N GLN C 183 -24.04 11.47 4.73
CA GLN C 183 -25.32 11.38 3.98
C GLN C 183 -26.51 11.67 4.91
N ILE C 184 -27.22 12.75 4.61
CA ILE C 184 -28.35 13.24 5.41
C ILE C 184 -29.61 13.23 4.58
N SER C 185 -30.65 12.62 5.15
CA SER C 185 -31.95 12.52 4.52
C SER C 185 -32.98 13.36 5.28
N LEU C 186 -33.56 14.34 4.59
CA LEU C 186 -34.69 15.10 5.11
C LEU C 186 -35.94 14.47 4.48
N ILE C 187 -36.87 14.05 5.34
CA ILE C 187 -38.18 13.57 4.96
C ILE C 187 -39.15 14.75 5.19
N MET C 188 -39.69 15.29 4.10
CA MET C 188 -40.51 16.50 4.15
C MET C 188 -41.90 16.33 3.55
N GLY C 189 -42.29 15.09 3.25
CA GLY C 189 -43.66 14.78 2.86
C GLY C 189 -43.83 13.31 3.11
N ALA C 190 -44.92 12.73 2.64
CA ALA C 190 -45.04 11.29 2.66
C ALA C 190 -44.03 10.68 1.71
N ALA C 191 -43.23 9.77 2.25
CA ALA C 191 -42.24 8.98 1.52
C ALA C 191 -42.70 7.53 1.63
N ALA C 192 -43.26 7.01 0.54
CA ALA C 192 -43.88 5.68 0.50
C ALA C 192 -43.14 4.72 -0.44
N GLY C 193 -43.09 3.45 -0.06
CA GLY C 193 -42.60 2.43 -0.94
C GLY C 193 -41.11 2.27 -0.92
N GLY C 194 -40.58 1.85 -2.06
CA GLY C 194 -39.28 1.19 -2.10
C GLY C 194 -38.19 2.05 -1.52
N HIS C 195 -38.24 3.31 -1.89
CA HIS C 195 -37.16 4.19 -1.71
C HIS C 195 -36.94 4.75 -0.29
N VAL C 196 -37.91 4.54 0.64
CA VAL C 196 -37.67 4.77 2.06
C VAL C 196 -36.38 4.10 2.55
N TYR C 197 -35.94 3.08 1.84
CA TYR C 197 -34.68 2.42 2.11
C TYR C 197 -33.45 3.26 1.92
N SER C 198 -33.47 4.20 0.99
CA SER C 198 -32.34 5.08 0.82
C SER C 198 -32.06 5.93 2.09
N PRO C 199 -33.06 6.69 2.60
CA PRO C 199 -32.94 7.27 3.94
C PRO C 199 -32.35 6.34 5.02
N ALA C 200 -32.89 5.14 5.14
CA ALA C 200 -32.36 4.13 6.08
C ALA C 200 -30.86 3.86 5.89
N LEU C 201 -30.38 4.02 4.67
CA LEU C 201 -28.97 3.68 4.41
C LEU C 201 -28.07 4.87 4.67
N THR C 202 -28.65 6.06 4.82
CA THR C 202 -27.86 7.26 5.06
C THR C 202 -27.60 7.36 6.56
N ASP C 203 -26.78 8.33 6.95
CA ASP C 203 -26.31 8.44 8.31
C ASP C 203 -27.34 9.07 9.23
N PHE C 204 -28.10 10.05 8.72
CA PHE C 204 -29.06 10.80 9.54
C PHE C 204 -30.34 11.03 8.82
N VAL C 205 -31.41 10.67 9.53
CA VAL C 205 -32.77 10.84 9.06
C VAL C 205 -33.50 11.94 9.86
N ILE C 206 -33.86 13.03 9.19
CA ILE C 206 -34.49 14.17 9.83
C ILE C 206 -35.90 14.26 9.27
N MET C 207 -36.90 13.98 10.11
CA MET C 207 -38.31 14.08 9.70
C MET C 207 -38.90 15.36 10.23
N VAL C 208 -40.01 15.77 9.64
CA VAL C 208 -40.75 16.97 10.08
C VAL C 208 -42.07 16.49 10.71
N ASP C 209 -42.29 16.91 11.95
CA ASP C 209 -43.46 16.50 12.72
C ASP C 209 -44.79 16.80 11.98
N GLN C 210 -45.60 15.77 11.78
CA GLN C 210 -46.97 15.86 11.25
C GLN C 210 -47.06 16.07 9.77
N THR C 211 -45.96 16.49 9.16
CA THR C 211 -45.91 16.92 7.77
C THR C 211 -45.03 15.93 6.91
N SER C 212 -44.57 14.84 7.52
CA SER C 212 -43.69 13.90 6.80
C SER C 212 -44.03 12.51 7.30
N GLN C 213 -43.90 11.52 6.41
CA GLN C 213 -44.12 10.14 6.83
C GLN C 213 -43.17 9.24 6.06
N MET C 214 -42.91 8.04 6.58
CA MET C 214 -42.06 7.09 5.95
C MET C 214 -42.70 5.74 6.17
N PHE C 215 -43.02 5.03 5.09
CA PHE C 215 -43.57 3.65 5.22
C PHE C 215 -43.40 2.84 3.92
N ILE C 216 -43.07 1.57 4.06
CA ILE C 216 -42.95 0.66 2.90
C ILE C 216 -44.28 0.45 2.14
N THR C 217 -45.29 0.01 2.87
CA THR C 217 -46.64 -0.30 2.39
C THR C 217 -47.65 0.63 3.12
N GLY C 218 -48.59 1.20 2.38
CA GLY C 218 -49.55 2.13 2.95
C GLY C 218 -50.72 1.55 3.69
N PRO C 219 -51.50 2.43 4.35
CA PRO C 219 -52.66 2.01 5.15
C PRO C 219 -53.71 1.25 4.32
N ASP C 220 -53.90 1.62 3.05
CA ASP C 220 -54.91 0.94 2.21
C ASP C 220 -54.64 -0.58 2.00
N VAL C 221 -53.43 -0.91 1.58
CA VAL C 221 -53.00 -2.29 1.47
C VAL C 221 -52.94 -2.98 2.82
N ILE C 222 -52.46 -2.30 3.86
CA ILE C 222 -52.45 -2.91 5.19
C ILE C 222 -53.86 -3.29 5.63
N LYS C 223 -54.85 -2.44 5.37
CA LYS C 223 -56.22 -2.75 5.78
C LYS C 223 -56.75 -3.94 5.02
N THR C 224 -56.61 -3.91 3.69
CA THR C 224 -57.07 -5.01 2.84
C THR C 224 -56.41 -6.34 3.21
N VAL C 225 -55.19 -6.31 3.75
CA VAL C 225 -54.42 -7.54 4.01
C VAL C 225 -54.55 -8.05 5.46
N THR C 226 -54.47 -7.14 6.43
CA THR C 226 -54.45 -7.55 7.82
C THR C 226 -55.75 -7.18 8.53
N GLY C 227 -56.54 -6.30 7.91
CA GLY C 227 -57.70 -5.69 8.56
C GLY C 227 -57.37 -4.56 9.53
N GLU C 228 -56.09 -4.27 9.75
CA GLU C 228 -55.69 -3.14 10.61
C GLU C 228 -56.04 -1.80 9.98
N GLU C 229 -56.65 -0.93 10.79
CA GLU C 229 -57.01 0.39 10.33
C GLU C 229 -56.03 1.40 10.98
N VAL C 230 -55.38 2.21 10.16
CA VAL C 230 -54.29 3.07 10.62
C VAL C 230 -54.18 4.26 9.67
N THR C 231 -53.89 5.46 10.21
CA THR C 231 -53.59 6.62 9.36
C THR C 231 -52.11 6.55 8.94
N MET C 232 -51.76 7.31 7.90
CA MET C 232 -50.39 7.48 7.48
C MET C 232 -49.51 8.04 8.61
N GLU C 233 -50.05 9.03 9.32
CA GLU C 233 -49.35 9.66 10.42
C GLU C 233 -49.00 8.67 11.54
N GLU C 234 -50.01 7.91 11.99
CA GLU C 234 -49.87 6.88 12.99
C GLU C 234 -48.87 5.83 12.50
N LEU C 235 -48.98 5.46 11.20
CA LEU C 235 -48.17 4.39 10.57
C LEU C 235 -46.69 4.74 10.44
N GLY C 236 -46.39 5.93 9.96
CA GLY C 236 -45.03 6.33 9.65
C GLY C 236 -44.64 7.76 9.92
N GLY C 237 -45.32 8.45 10.85
CA GLY C 237 -45.01 9.84 11.14
C GLY C 237 -43.71 10.02 11.90
N ALA C 238 -43.31 11.27 12.09
CA ALA C 238 -42.07 11.59 12.81
C ALA C 238 -42.08 10.99 14.22
N HIS C 239 -43.17 11.19 14.97
CA HIS C 239 -43.33 10.54 16.28
C HIS C 239 -43.16 9.02 16.24
N THR C 240 -43.79 8.31 15.29
CA THR C 240 -43.60 6.87 15.18
C THR C 240 -42.12 6.48 14.90
N HIS C 241 -41.49 7.13 13.93
CA HIS C 241 -40.10 6.76 13.59
C HIS C 241 -39.07 7.29 14.59
N MET C 242 -39.42 8.33 15.35
CA MET C 242 -38.64 8.73 16.54
C MET C 242 -38.78 7.73 17.70
N ALA C 243 -39.98 7.65 18.25
CA ALA C 243 -40.25 7.00 19.54
C ALA C 243 -40.35 5.47 19.42
N LYS C 244 -40.89 4.97 18.29
CA LYS C 244 -41.20 3.55 18.23
C LYS C 244 -40.15 2.73 17.46
N SER C 245 -39.83 3.17 16.22
CA SER C 245 -38.99 2.37 15.31
C SER C 245 -37.48 2.60 15.45
N GLY C 246 -37.08 3.69 16.13
CA GLY C 246 -35.66 4.01 16.26
C GLY C 246 -34.98 4.44 14.97
N THR C 247 -35.71 5.10 14.07
CA THR C 247 -35.25 5.36 12.70
C THR C 247 -34.96 6.85 12.45
N ALA C 248 -35.71 7.74 13.09
CA ALA C 248 -35.54 9.18 12.85
C ALA C 248 -34.56 9.68 13.91
N HIS C 249 -33.60 10.49 13.50
CA HIS C 249 -32.62 11.06 14.40
C HIS C 249 -33.11 12.38 14.99
N TYR C 250 -34.04 13.01 14.27
CA TYR C 250 -34.60 14.30 14.70
C TYR C 250 -36.02 14.39 14.16
N ALA C 251 -36.94 14.93 14.98
CA ALA C 251 -38.31 15.22 14.56
C ALA C 251 -38.49 16.74 14.65
N ALA C 252 -38.28 17.41 13.52
CA ALA C 252 -38.30 18.85 13.49
C ALA C 252 -39.71 19.38 13.73
N SER C 253 -39.80 20.56 14.32
CA SER C 253 -41.09 21.18 14.58
C SER C 253 -41.70 21.81 13.32
N GLY C 254 -40.90 21.98 12.27
CA GLY C 254 -41.33 22.54 10.99
C GLY C 254 -40.18 22.33 10.01
N GLU C 255 -40.35 22.76 8.76
CA GLU C 255 -39.32 22.59 7.72
C GLU C 255 -38.07 23.41 8.00
N GLN C 256 -38.24 24.66 8.43
CA GLN C 256 -37.10 25.53 8.78
C GLN C 256 -36.29 25.03 9.97
N ASP C 257 -36.98 24.57 11.01
CA ASP C 257 -36.33 23.88 12.13
C ASP C 257 -35.44 22.69 11.67
N ALA C 258 -35.99 21.84 10.79
CA ALA C 258 -35.26 20.78 10.10
C ALA C 258 -34.00 21.25 9.35
N PHE C 259 -34.07 22.34 8.58
CA PHE C 259 -32.90 22.85 7.87
C PHE C 259 -31.86 23.37 8.89
N ASP C 260 -32.35 24.06 9.94
CA ASP C 260 -31.47 24.54 11.04
C ASP C 260 -30.71 23.37 11.69
N TYR C 261 -31.42 22.28 11.97
CA TYR C 261 -30.79 21.09 12.57
C TYR C 261 -29.72 20.51 11.62
N VAL C 262 -30.08 20.32 10.34
CA VAL C 262 -29.04 19.89 9.41
C VAL C 262 -27.81 20.77 9.26
N ARG C 263 -27.97 22.09 9.22
CA ARG C 263 -26.82 22.96 9.21
C ARG C 263 -25.99 22.81 10.47
N GLU C 264 -26.62 22.74 11.64
CA GLU C 264 -25.89 22.45 12.89
C GLU C 264 -25.17 21.14 12.82
N LEU C 265 -25.86 20.12 12.39
CA LEU C 265 -25.29 18.78 12.25
C LEU C 265 -24.02 18.80 11.37
N LEU C 266 -24.12 19.39 10.17
CA LEU C 266 -22.96 19.50 9.26
C LEU C 266 -21.78 20.28 9.86
N SER C 267 -22.08 21.29 10.69
CA SER C 267 -21.00 22.11 11.32
C SER C 267 -20.04 21.34 12.24
N TYR C 268 -20.48 20.20 12.79
CA TYR C 268 -19.63 19.29 13.58
C TYR C 268 -18.78 18.32 12.75
N LEU C 269 -19.26 18.01 11.55
CA LEU C 269 -18.76 16.94 10.73
C LEU C 269 -17.78 17.48 9.74
N PRO C 270 -16.76 16.65 9.35
CA PRO C 270 -15.86 16.92 8.22
C PRO C 270 -16.65 16.70 6.90
N PRO C 271 -16.11 17.09 5.73
CA PRO C 271 -16.78 16.75 4.46
C PRO C 271 -16.73 15.27 4.09
N ASN C 272 -15.75 14.57 4.67
CA ASN C 272 -15.52 13.17 4.35
C ASN C 272 -14.73 12.53 5.46
N ASN C 273 -14.56 11.22 5.30
CA ASN C 273 -13.83 10.42 6.27
C ASN C 273 -12.31 10.59 6.33
N SER C 274 -11.75 11.41 5.49
CA SER C 274 -10.30 11.47 5.47
C SER C 274 -9.86 12.88 5.84
N THR C 275 -10.78 13.61 6.46
CA THR C 275 -10.59 15.02 6.80
C THR C 275 -10.97 15.11 8.28
N ASP C 276 -10.22 15.89 9.02
CA ASP C 276 -10.56 16.24 10.40
C ASP C 276 -11.91 16.95 10.47
N ALA C 277 -12.68 16.62 11.49
CA ALA C 277 -13.85 17.44 11.82
C ALA C 277 -13.37 18.88 12.18
N PRO C 278 -14.14 19.90 11.74
CA PRO C 278 -13.68 21.30 11.90
C PRO C 278 -13.69 21.79 13.39
N ARG C 279 -12.66 22.52 13.77
CA ARG C 279 -12.49 22.98 15.15
C ARG C 279 -12.62 24.50 15.19
N TYR C 280 -13.17 25.01 16.30
CA TYR C 280 -13.09 26.44 16.58
C TYR C 280 -11.79 26.74 17.34
N GLN C 281 -11.46 28.02 17.45
CA GLN C 281 -10.27 28.52 18.15
C GLN C 281 -10.26 27.94 19.59
N ALA C 282 -9.18 27.23 19.97
CA ALA C 282 -9.01 26.76 21.36
C ALA C 282 -8.73 27.94 22.33
N ALA C 283 -8.90 27.72 23.63
CA ALA C 283 -8.56 28.74 24.62
C ALA C 283 -7.09 28.64 25.02
N ALA C 284 -6.51 29.74 25.47
CA ALA C 284 -5.13 29.75 26.00
C ALA C 284 -5.06 29.09 27.40
N PRO C 285 -3.96 28.35 27.70
CA PRO C 285 -3.71 27.82 29.07
C PRO C 285 -3.57 28.94 30.13
N THR C 286 -4.38 28.88 31.19
CA THR C 286 -4.30 29.93 32.25
C THR C 286 -3.56 29.49 33.54
N GLY C 287 -2.93 28.32 33.52
CA GLY C 287 -2.31 27.74 34.72
C GLY C 287 -2.83 26.34 34.95
N PRO C 288 -2.91 25.90 36.23
CA PRO C 288 -3.36 24.54 36.57
C PRO C 288 -4.88 24.38 36.56
N ILE C 289 -5.39 23.15 36.40
CA ILE C 289 -6.84 22.88 36.34
C ILE C 289 -7.54 23.42 37.62
N GLU C 290 -6.96 23.11 38.78
CA GLU C 290 -7.25 23.72 40.09
C GLU C 290 -7.67 25.20 40.08
N GLU C 291 -7.03 25.96 39.21
CA GLU C 291 -7.05 27.43 39.27
C GLU C 291 -7.81 28.05 38.12
N ASN C 292 -8.52 27.21 37.39
CA ASN C 292 -9.25 27.61 36.21
C ASN C 292 -10.67 27.06 36.22
N LEU C 293 -11.20 26.86 37.42
CA LEU C 293 -12.53 26.34 37.63
C LEU C 293 -13.58 27.46 37.66
N THR C 294 -14.55 27.41 36.76
CA THR C 294 -15.65 28.35 36.77
C THR C 294 -16.68 27.94 37.86
N ASP C 295 -17.61 28.84 38.17
CA ASP C 295 -18.75 28.55 39.06
C ASP C 295 -19.54 27.37 38.56
N GLU C 296 -19.75 27.34 37.25
CA GLU C 296 -20.42 26.21 36.60
C GLU C 296 -19.64 24.87 36.76
N ASP C 297 -18.32 24.87 36.55
CA ASP C 297 -17.47 23.70 36.89
C ASP C 297 -17.69 23.24 38.33
N LEU C 298 -17.60 24.18 39.28
CA LEU C 298 -17.73 23.88 40.73
C LEU C 298 -19.08 23.30 41.09
N GLU C 299 -20.10 23.62 40.31
CA GLU C 299 -21.45 23.02 40.49
C GLU C 299 -21.45 21.48 40.36
N LEU C 300 -20.52 20.94 39.58
CA LEU C 300 -20.41 19.48 39.40
C LEU C 300 -20.02 18.75 40.68
N ASP C 301 -19.25 19.44 41.53
CA ASP C 301 -18.74 18.89 42.78
C ASP C 301 -19.87 18.50 43.70
N THR C 302 -20.94 19.27 43.65
CA THR C 302 -22.11 18.97 44.47
C THR C 302 -23.31 18.40 43.67
N LEU C 303 -23.11 18.04 42.40
CA LEU C 303 -24.24 17.46 41.61
C LEU C 303 -24.70 16.06 42.04
N ILE C 304 -23.80 15.14 42.34
CA ILE C 304 -24.25 13.79 42.70
C ILE C 304 -24.94 13.75 44.10
N PRO C 305 -26.20 13.24 44.18
CA PRO C 305 -26.87 13.14 45.49
C PRO C 305 -26.13 12.24 46.48
N ASP C 306 -26.31 12.51 47.78
CA ASP C 306 -25.67 11.69 48.82
C ASP C 306 -26.18 10.26 48.75
N SER C 307 -27.48 10.10 48.58
CA SER C 307 -28.06 8.77 48.49
C SER C 307 -27.68 8.13 47.16
N PRO C 308 -27.08 6.91 47.22
CA PRO C 308 -26.40 6.39 46.02
C PRO C 308 -27.39 5.87 44.98
N ASN C 309 -28.67 5.86 45.32
CA ASN C 309 -29.70 5.40 44.39
C ASN C 309 -30.67 6.51 43.96
N GLN C 310 -30.43 7.75 44.39
CA GLN C 310 -31.26 8.89 44.01
C GLN C 310 -30.94 9.32 42.56
N PRO C 311 -31.96 9.40 41.70
CA PRO C 311 -31.81 9.91 40.32
C PRO C 311 -31.27 11.34 40.27
N TYR C 312 -30.57 11.66 39.19
CA TYR C 312 -30.15 13.04 38.88
C TYR C 312 -30.11 13.11 37.35
N ASP C 313 -30.20 14.31 36.80
CA ASP C 313 -30.17 14.57 35.36
C ASP C 313 -28.73 14.53 34.81
N MET C 314 -28.46 13.57 33.92
CA MET C 314 -27.14 13.54 33.28
C MET C 314 -26.90 14.74 32.38
N HIS C 315 -27.95 15.33 31.80
CA HIS C 315 -27.78 16.56 30.99
C HIS C 315 -27.13 17.67 31.81
N GLU C 316 -27.27 17.61 33.14
CA GLU C 316 -26.61 18.63 33.98
C GLU C 316 -25.11 18.53 33.89
N VAL C 317 -24.59 17.31 33.65
CA VAL C 317 -23.15 17.13 33.45
C VAL C 317 -22.78 17.60 32.06
N ILE C 318 -23.52 17.11 31.08
CA ILE C 318 -23.30 17.43 29.68
C ILE C 318 -23.20 18.91 29.45
N THR C 319 -24.21 19.68 29.87
CA THR C 319 -24.25 21.10 29.52
C THR C 319 -23.09 21.86 30.15
N ARG C 320 -22.68 21.44 31.33
CA ARG C 320 -21.50 22.04 31.98
C ARG C 320 -20.09 21.68 31.36
N LEU C 321 -20.03 20.61 30.58
CA LEU C 321 -18.78 20.22 29.92
C LEU C 321 -18.59 20.94 28.55
N LEU C 322 -19.71 21.12 27.83
CA LEU C 322 -19.70 21.64 26.49
C LEU C 322 -19.50 23.13 26.47
N ASP C 323 -18.88 23.62 25.40
CA ASP C 323 -18.64 25.04 25.23
C ASP C 323 -19.94 25.81 25.12
N ASP C 324 -20.90 25.28 24.33
CA ASP C 324 -22.16 25.97 24.05
C ASP C 324 -23.32 24.99 24.03
N GLU C 325 -23.94 24.79 22.88
CA GLU C 325 -25.09 23.91 22.79
C GLU C 325 -24.76 22.42 22.57
N PHE C 326 -25.74 21.59 22.90
CA PHE C 326 -25.73 20.17 22.70
C PHE C 326 -26.71 19.85 21.56
N LEU C 327 -26.23 19.27 20.47
CA LEU C 327 -27.09 18.83 19.38
C LEU C 327 -27.42 17.36 19.63
N GLU C 328 -28.57 17.10 20.22
CA GLU C 328 -28.93 15.76 20.64
C GLU C 328 -29.53 14.92 19.50
N ILE C 329 -29.18 13.64 19.48
CA ILE C 329 -29.60 12.72 18.45
C ILE C 329 -30.58 11.73 19.07
N GLN C 330 -31.66 11.42 18.34
CA GLN C 330 -32.70 10.52 18.83
C GLN C 330 -33.17 10.92 20.24
N ALA C 331 -33.41 12.22 20.46
CA ALA C 331 -33.82 12.73 21.80
C ALA C 331 -35.14 12.11 22.29
N GLY C 332 -35.98 11.66 21.37
CA GLY C 332 -37.30 11.12 21.72
C GLY C 332 -37.31 9.61 21.67
N TYR C 333 -36.13 9.00 21.71
CA TYR C 333 -36.02 7.51 21.66
C TYR C 333 -35.06 7.08 22.75
N ALA C 334 -35.36 5.99 23.43
CA ALA C 334 -34.42 5.37 24.36
C ALA C 334 -33.83 6.39 25.35
N GLN C 335 -34.68 6.91 26.23
CA GLN C 335 -34.30 8.03 27.09
C GLN C 335 -33.29 7.63 28.15
N ASN C 336 -33.12 6.32 28.36
CA ASN C 336 -32.02 5.81 29.20
C ASN C 336 -30.61 6.12 28.73
N ILE C 337 -30.45 6.64 27.52
CA ILE C 337 -29.11 6.99 27.04
C ILE C 337 -29.21 8.25 26.23
N VAL C 338 -28.23 9.12 26.40
CA VAL C 338 -28.18 10.42 25.73
C VAL C 338 -26.97 10.43 24.78
N VAL C 339 -27.23 10.78 23.53
CA VAL C 339 -26.22 10.72 22.47
C VAL C 339 -26.31 12.06 21.69
N GLY C 340 -25.19 12.62 21.26
CA GLY C 340 -25.26 13.84 20.52
C GLY C 340 -23.93 14.48 20.41
N PHE C 341 -23.91 15.59 19.70
CA PHE C 341 -22.71 16.34 19.39
C PHE C 341 -22.59 17.63 20.20
N GLY C 342 -21.37 17.96 20.61
CA GLY C 342 -21.06 19.25 21.24
C GLY C 342 -19.61 19.57 20.94
N ARG C 343 -19.08 20.64 21.53
CA ARG C 343 -17.68 20.97 21.39
C ARG C 343 -17.08 21.15 22.77
N ILE C 344 -15.85 20.73 22.95
CA ILE C 344 -15.12 20.98 24.20
C ILE C 344 -13.85 21.62 23.71
N ASP C 345 -13.60 22.85 24.16
CA ASP C 345 -12.41 23.62 23.77
C ASP C 345 -12.31 23.83 22.25
N GLY C 346 -13.47 24.06 21.64
CA GLY C 346 -13.59 24.26 20.20
C GLY C 346 -13.60 22.98 19.38
N ARG C 347 -13.52 21.82 20.04
CA ARG C 347 -13.40 20.52 19.36
C ARG C 347 -14.68 19.74 19.41
N PRO C 348 -15.19 19.33 18.24
CA PRO C 348 -16.36 18.45 18.16
C PRO C 348 -16.17 17.13 18.91
N VAL C 349 -17.17 16.74 19.69
CA VAL C 349 -17.13 15.49 20.39
C VAL C 349 -18.48 14.84 20.22
N GLY C 350 -18.50 13.51 20.27
CA GLY C 350 -19.77 12.78 20.39
C GLY C 350 -19.97 12.31 21.82
N ILE C 351 -21.05 12.75 22.45
CA ILE C 351 -21.39 12.33 23.82
C ILE C 351 -22.22 11.06 23.81
N VAL C 352 -21.82 10.09 24.64
CA VAL C 352 -22.66 8.92 24.95
C VAL C 352 -22.80 8.85 26.47
N ALA C 353 -24.03 9.00 26.98
CA ALA C 353 -24.23 9.13 28.43
C ALA C 353 -25.46 8.38 28.91
N ASN C 354 -25.30 7.64 29.99
CA ASN C 354 -26.42 7.00 30.67
C ASN C 354 -27.22 8.07 31.38
N GLN C 355 -28.55 7.94 31.34
CA GLN C 355 -29.49 8.90 31.97
C GLN C 355 -30.14 8.20 33.19
N PRO C 356 -29.66 8.50 34.43
CA PRO C 356 -30.18 7.90 35.66
C PRO C 356 -31.65 8.14 35.95
N THR C 357 -32.27 9.15 35.31
CA THR C 357 -33.70 9.39 35.47
C THR C 357 -34.59 8.43 34.64
N HIS C 358 -33.99 7.52 33.86
CA HIS C 358 -34.77 6.58 33.07
C HIS C 358 -34.20 5.16 33.17
N PHE C 359 -34.96 4.24 33.77
CA PHE C 359 -34.48 2.85 34.07
C PHE C 359 -33.24 2.91 34.95
N ALA C 360 -33.09 3.97 35.73
CA ALA C 360 -31.88 4.17 36.55
C ALA C 360 -30.57 4.23 35.72
N GLY C 361 -30.69 4.51 34.42
CA GLY C 361 -29.53 4.57 33.50
C GLY C 361 -29.09 3.19 32.98
N CYS C 362 -29.83 2.15 33.31
CA CYS C 362 -29.62 0.82 32.76
C CYS C 362 -29.67 0.85 31.26
N LEU C 363 -28.82 0.02 30.65
CA LEU C 363 -28.89 -0.21 29.21
C LEU C 363 -30.03 -1.16 28.84
N ASP C 364 -30.47 -1.07 27.60
CA ASP C 364 -31.45 -2.00 27.07
C ASP C 364 -31.19 -2.13 25.57
N ILE C 365 -32.02 -2.88 24.85
CA ILE C 365 -31.87 -3.15 23.45
C ILE C 365 -31.82 -1.84 22.68
N ASN C 366 -32.82 -0.99 22.89
CA ASN C 366 -32.98 0.24 22.15
C ASN C 366 -31.88 1.25 22.43
N ALA C 367 -31.55 1.44 23.70
CA ALA C 367 -30.41 2.31 24.01
C ALA C 367 -29.12 1.80 23.38
N SER C 368 -28.94 0.47 23.34
CA SER C 368 -27.72 -0.12 22.78
C SER C 368 -27.57 0.19 21.28
N GLU C 369 -28.65 0.02 20.52
CA GLU C 369 -28.63 0.27 19.10
C GLU C 369 -28.48 1.75 18.77
N LYS C 370 -29.27 2.59 19.46
CA LYS C 370 -29.10 4.02 19.36
C LYS C 370 -27.61 4.40 19.58
N ALA C 371 -27.06 3.99 20.71
CA ALA C 371 -25.66 4.39 21.01
C ALA C 371 -24.65 3.74 20.03
N ALA C 372 -24.92 2.52 19.59
CA ALA C 372 -23.95 1.80 18.75
C ALA C 372 -23.77 2.45 17.37
N ARG C 373 -24.90 2.78 16.71
CA ARG C 373 -24.83 3.42 15.39
C ARG C 373 -24.22 4.80 15.55
N PHE C 374 -24.53 5.48 16.63
CA PHE C 374 -23.89 6.78 16.91
C PHE C 374 -22.38 6.69 17.03
N VAL C 375 -21.91 5.74 17.83
CA VAL C 375 -20.46 5.54 18.00
C VAL C 375 -19.78 5.25 16.62
N ARG C 376 -20.38 4.38 15.81
CA ARG C 376 -19.84 4.06 14.48
C ARG C 376 -19.86 5.28 13.56
N THR C 377 -20.90 6.09 13.64
CA THR C 377 -20.95 7.34 12.87
C THR C 377 -19.82 8.30 13.25
N CYS C 378 -19.65 8.52 14.55
CA CYS C 378 -18.54 9.39 15.02
C CYS C 378 -17.21 8.84 14.55
N ASP C 379 -17.07 7.51 14.63
CA ASP C 379 -15.81 6.89 14.22
C ASP C 379 -15.53 7.09 12.70
N CYS C 380 -16.55 6.86 11.87
CA CYS C 380 -16.43 7.12 10.44
C CYS C 380 -15.92 8.52 10.15
N PHE C 381 -16.45 9.50 10.89
CA PHE C 381 -16.26 10.90 10.56
C PHE C 381 -15.33 11.61 11.53
N ASN C 382 -14.53 10.80 12.23
CA ASN C 382 -13.36 11.32 13.00
C ASN C 382 -13.70 12.14 14.21
N ILE C 383 -14.79 11.76 14.87
CA ILE C 383 -15.24 12.50 16.03
C ILE C 383 -14.99 11.69 17.30
N PRO C 384 -14.22 12.28 18.25
CA PRO C 384 -13.90 11.68 19.52
C PRO C 384 -15.17 11.30 20.29
N ILE C 385 -15.13 10.19 21.00
CA ILE C 385 -16.26 9.70 21.79
C ILE C 385 -15.97 9.96 23.26
N VAL C 386 -16.83 10.77 23.90
CA VAL C 386 -16.76 11.02 25.33
C VAL C 386 -17.93 10.30 25.95
N MET C 387 -17.64 9.31 26.80
CA MET C 387 -18.68 8.61 27.55
C MET C 387 -18.81 9.17 28.96
N LEU C 388 -20.06 9.36 29.39
CA LEU C 388 -20.39 9.76 30.75
C LEU C 388 -21.20 8.67 31.35
N VAL C 389 -20.69 8.08 32.42
CA VAL C 389 -21.18 6.76 32.78
C VAL C 389 -21.85 6.65 34.17
N ASP C 390 -23.03 6.03 34.23
CA ASP C 390 -23.73 5.78 35.50
C ASP C 390 -24.72 4.69 35.15
N VAL C 391 -24.21 3.45 35.16
CA VAL C 391 -24.93 2.33 34.58
C VAL C 391 -24.95 1.14 35.58
N PRO C 392 -26.15 0.85 36.13
CA PRO C 392 -26.29 -0.26 37.10
C PRO C 392 -26.29 -1.65 36.49
N GLY C 393 -26.52 -1.75 35.19
CA GLY C 393 -26.69 -3.04 34.52
C GLY C 393 -27.56 -2.90 33.28
N PHE C 394 -28.19 -4.00 32.89
CA PHE C 394 -29.10 -4.06 31.76
C PHE C 394 -30.51 -4.20 32.28
N LEU C 395 -31.48 -3.57 31.61
CA LEU C 395 -32.89 -3.64 32.00
C LEU C 395 -33.40 -5.08 32.01
N PRO C 396 -33.77 -5.61 33.20
CA PRO C 396 -34.25 -6.99 33.29
C PRO C 396 -35.63 -7.19 32.69
N GLY C 397 -35.83 -8.33 32.07
CA GLY C 397 -37.13 -8.56 31.48
C GLY C 397 -37.10 -9.67 30.48
N THR C 398 -38.17 -10.42 30.48
CA THR C 398 -38.47 -11.45 29.48
C THR C 398 -38.45 -10.93 28.02
N ASP C 399 -39.17 -9.84 27.73
CA ASP C 399 -39.14 -9.29 26.38
CA ASP C 399 -39.16 -9.19 26.40
C ASP C 399 -37.75 -8.84 25.93
N GLN C 400 -36.93 -8.31 26.84
CA GLN C 400 -35.54 -7.99 26.50
C GLN C 400 -34.80 -9.21 25.95
N GLU C 401 -34.89 -10.37 26.61
CA GLU C 401 -34.26 -11.58 26.07
C GLU C 401 -34.91 -12.02 24.74
N TYR C 402 -36.25 -12.02 24.66
CA TYR C 402 -36.96 -12.52 23.47
C TYR C 402 -36.66 -11.66 22.26
N ASN C 403 -36.47 -10.36 22.51
CA ASN C 403 -36.35 -9.39 21.47
C ASN C 403 -34.92 -9.17 21.05
N GLY C 404 -33.97 -9.86 21.71
CA GLY C 404 -32.55 -9.96 21.33
C GLY C 404 -31.56 -9.02 22.06
N ILE C 405 -31.68 -8.85 23.39
CA ILE C 405 -30.61 -8.10 24.13
C ILE C 405 -29.18 -8.62 23.94
N ILE C 406 -28.98 -9.93 23.86
CA ILE C 406 -27.64 -10.48 23.72
C ILE C 406 -27.05 -10.09 22.35
N ARG C 407 -27.78 -10.35 21.27
CA ARG C 407 -27.40 -10.02 19.92
C ARG C 407 -27.34 -8.50 19.64
N ARG C 408 -28.32 -7.76 20.16
CA ARG C 408 -28.43 -6.30 19.90
C ARG C 408 -27.61 -5.42 20.87
N GLY C 409 -27.55 -5.83 22.14
CA GLY C 409 -26.64 -5.16 23.11
C GLY C 409 -25.17 -5.29 22.68
N ALA C 410 -24.87 -6.39 21.99
CA ALA C 410 -23.49 -6.71 21.55
C ALA C 410 -23.00 -5.70 20.52
N LYS C 411 -23.94 -5.06 19.80
CA LYS C 411 -23.62 -4.06 18.81
C LYS C 411 -22.86 -2.87 19.42
N LEU C 412 -23.14 -2.54 20.67
CA LEU C 412 -22.43 -1.39 21.36
C LEU C 412 -20.99 -1.77 21.70
N LEU C 413 -20.80 -2.98 22.20
CA LEU C 413 -19.46 -3.55 22.30
C LEU C 413 -18.72 -3.44 20.98
N TYR C 414 -19.37 -3.97 19.95
CA TYR C 414 -18.78 -3.96 18.63
C TYR C 414 -18.36 -2.58 18.15
N ALA C 415 -19.32 -1.62 18.14
CA ALA C 415 -19.06 -0.26 17.73
C ALA C 415 -17.88 0.35 18.48
N TYR C 416 -17.83 0.11 19.79
CA TYR C 416 -16.77 0.74 20.65
C TYR C 416 -15.39 0.07 20.45
N GLY C 417 -15.35 -1.27 20.42
CA GLY C 417 -14.11 -1.99 20.22
C GLY C 417 -13.46 -1.64 18.90
N GLU C 418 -14.29 -1.41 17.88
CA GLU C 418 -13.87 -1.08 16.51
C GLU C 418 -13.31 0.33 16.36
N ALA C 419 -13.84 1.27 17.14
CA ALA C 419 -13.52 2.69 17.06
C ALA C 419 -12.05 2.99 17.33
N THR C 420 -11.47 3.88 16.51
CA THR C 420 -10.09 4.25 16.59
C THR C 420 -9.96 5.74 16.81
N VAL C 421 -11.09 6.47 16.82
CA VAL C 421 -11.07 7.90 17.21
C VAL C 421 -10.67 8.01 18.69
N PRO C 422 -10.27 9.21 19.11
CA PRO C 422 -10.04 9.34 20.57
C PRO C 422 -11.25 8.96 21.44
N LYS C 423 -10.96 8.21 22.49
CA LYS C 423 -11.97 7.68 23.42
C LYS C 423 -11.63 8.07 24.87
N ILE C 424 -12.54 8.81 25.53
CA ILE C 424 -12.39 9.30 26.90
C ILE C 424 -13.68 8.94 27.64
N THR C 425 -13.55 8.30 28.81
CA THR C 425 -14.69 7.86 29.63
C THR C 425 -14.56 8.49 31.04
N VAL C 426 -15.71 8.91 31.60
CA VAL C 426 -15.86 9.43 32.96
C VAL C 426 -17.00 8.69 33.60
N ILE C 427 -16.66 7.86 34.58
CA ILE C 427 -17.65 7.26 35.44
C ILE C 427 -18.05 8.27 36.54
N THR C 428 -19.31 8.74 36.50
CA THR C 428 -19.83 9.68 37.53
C THR C 428 -20.33 8.89 38.74
N ARG C 429 -20.96 7.76 38.49
CA ARG C 429 -21.45 6.96 39.59
C ARG C 429 -21.37 5.45 39.33
N LYS C 430 -22.47 4.77 39.03
CA LYS C 430 -22.40 3.32 38.93
C LYS C 430 -21.76 2.80 37.62
N ALA C 431 -21.05 1.68 37.72
CA ALA C 431 -20.59 0.94 36.55
C ALA C 431 -20.43 -0.50 37.02
N TYR C 432 -21.46 -1.32 36.76
CA TYR C 432 -21.54 -2.66 37.30
C TYR C 432 -21.60 -3.71 36.21
N GLY C 433 -20.91 -4.84 36.41
CA GLY C 433 -21.12 -6.04 35.57
C GLY C 433 -20.69 -5.81 34.14
N GLY C 434 -21.35 -6.47 33.18
CA GLY C 434 -21.02 -6.32 31.77
C GLY C 434 -21.28 -4.93 31.24
N ALA C 435 -22.23 -4.23 31.86
CA ALA C 435 -22.49 -2.82 31.55
C ALA C 435 -21.29 -1.92 31.78
N TYR C 436 -20.50 -2.19 32.82
CA TYR C 436 -19.21 -1.48 32.99
C TYR C 436 -18.36 -1.76 31.72
N CYS C 437 -18.37 -3.01 31.24
CA CYS C 437 -17.53 -3.36 30.07
C CYS C 437 -17.92 -2.50 28.85
N VAL C 438 -19.21 -2.52 28.55
CA VAL C 438 -19.82 -1.81 27.41
C VAL C 438 -19.53 -0.29 27.42
N MET C 439 -19.64 0.33 28.59
CA MET C 439 -19.57 1.77 28.72
C MET C 439 -18.14 2.27 28.86
N GLY C 440 -17.33 2.01 27.85
CA GLY C 440 -15.98 2.62 27.76
C GLY C 440 -14.99 2.12 28.78
N SER C 441 -15.10 0.84 29.16
CA SER C 441 -14.07 0.22 30.00
C SER C 441 -12.68 0.37 29.35
N LYS C 442 -11.63 0.56 30.16
CA LYS C 442 -10.25 0.59 29.63
C LYS C 442 -9.95 -0.60 28.67
N ASP C 443 -10.31 -1.82 29.06
CA ASP C 443 -9.93 -3.01 28.28
C ASP C 443 -10.74 -3.25 27.00
N MET C 444 -11.77 -2.42 26.81
CA MET C 444 -12.45 -2.31 25.51
C MET C 444 -11.74 -1.27 24.62
N GLY C 445 -10.69 -0.64 25.13
CA GLY C 445 -9.84 0.18 24.30
C GLY C 445 -10.06 1.65 24.47
N CYS C 446 -10.60 2.04 25.62
CA CYS C 446 -10.75 3.45 25.92
C CYS C 446 -9.37 4.03 26.22
N ASP C 447 -9.12 5.26 25.75
CA ASP C 447 -7.77 5.84 25.80
C ASP C 447 -7.42 6.48 27.12
N VAL C 448 -8.36 7.25 27.66
CA VAL C 448 -8.18 7.91 28.94
C VAL C 448 -9.47 7.67 29.76
N ASN C 449 -9.30 7.08 30.95
CA ASN C 449 -10.37 6.72 31.86
C ASN C 449 -10.33 7.49 33.16
N LEU C 450 -11.49 8.04 33.51
CA LEU C 450 -11.64 8.98 34.61
C LEU C 450 -12.78 8.49 35.46
N ALA C 451 -12.80 8.93 36.71
CA ALA C 451 -13.88 8.55 37.62
C ALA C 451 -14.08 9.67 38.65
N TRP C 452 -15.32 9.87 39.05
CA TRP C 452 -15.65 10.77 40.16
C TRP C 452 -15.51 10.04 41.51
N PRO C 453 -15.33 10.77 42.63
CA PRO C 453 -15.24 10.11 43.93
C PRO C 453 -16.47 9.23 44.23
N THR C 454 -17.58 9.54 43.57
CA THR C 454 -18.84 8.81 43.69
C THR C 454 -18.96 7.54 42.82
N ALA C 455 -17.91 7.24 42.04
CA ALA C 455 -17.93 6.09 41.14
C ALA C 455 -18.03 4.82 41.97
N GLN C 456 -18.84 3.89 41.51
CA GLN C 456 -19.00 2.62 42.16
C GLN C 456 -18.83 1.54 41.08
N ILE C 457 -17.68 0.84 41.10
CA ILE C 457 -17.26 -0.03 40.00
C ILE C 457 -17.00 -1.42 40.52
N ALA C 458 -17.85 -2.37 40.10
CA ALA C 458 -17.85 -3.66 40.74
C ALA C 458 -18.53 -4.61 39.80
N VAL C 459 -18.33 -5.92 40.03
CA VAL C 459 -19.13 -6.96 39.37
C VAL C 459 -20.66 -6.77 39.61
N MET C 460 -21.01 -6.38 40.84
CA MET C 460 -22.39 -6.37 41.32
C MET C 460 -22.49 -5.34 42.46
N GLY C 461 -23.66 -4.70 42.61
CA GLY C 461 -23.91 -3.82 43.78
C GLY C 461 -23.85 -4.62 45.09
N ALA C 462 -23.43 -3.97 46.16
CA ALA C 462 -23.26 -4.58 47.50
C ALA C 462 -24.51 -5.35 47.91
N SER C 463 -25.63 -4.68 47.68
CA SER C 463 -26.96 -5.18 47.91
C SER C 463 -27.17 -6.63 47.41
N GLY C 464 -26.79 -6.91 46.17
CA GLY C 464 -26.96 -8.27 45.63
C GLY C 464 -25.77 -9.20 45.79
N ALA C 465 -24.59 -8.60 46.03
CA ALA C 465 -23.33 -9.37 46.11
C ALA C 465 -23.23 -10.14 47.42
N VAL C 466 -23.72 -9.54 48.52
CA VAL C 466 -23.56 -10.11 49.88
C VAL C 466 -24.22 -11.47 50.05
N GLY C 467 -25.32 -11.70 49.33
CA GLY C 467 -26.02 -12.97 49.32
C GLY C 467 -25.21 -14.12 48.77
N PHE C 468 -24.33 -13.82 47.81
CA PHE C 468 -23.39 -14.77 47.26
C PHE C 468 -22.11 -14.81 48.10
N VAL C 469 -21.55 -13.65 48.39
CA VAL C 469 -20.20 -13.57 48.95
C VAL C 469 -20.13 -14.01 50.42
N TYR C 470 -21.22 -13.88 51.16
CA TYR C 470 -21.25 -14.32 52.56
C TYR C 470 -22.43 -15.24 52.81
N ARG C 471 -22.70 -16.14 51.87
CA ARG C 471 -23.82 -17.10 51.95
C ARG C 471 -23.62 -18.16 53.05
N ARG C 488 -26.41 -8.95 57.38
CA ARG C 488 -26.86 -8.76 56.00
C ARG C 488 -26.75 -7.29 55.60
N LEU C 489 -27.47 -6.41 56.31
CA LEU C 489 -27.33 -4.96 56.12
C LEU C 489 -25.96 -4.45 56.62
N ARG C 490 -25.23 -5.30 57.34
CA ARG C 490 -23.91 -4.92 57.85
C ARG C 490 -22.77 -5.41 56.95
N LEU C 491 -22.89 -6.65 56.46
CA LEU C 491 -22.01 -7.22 55.44
C LEU C 491 -22.03 -6.37 54.15
N GLN C 492 -23.25 -5.99 53.75
CA GLN C 492 -23.55 -5.06 52.64
C GLN C 492 -22.70 -3.82 52.78
N GLN C 493 -23.13 -2.98 53.73
CA GLN C 493 -22.38 -1.84 54.26
C GLN C 493 -20.85 -2.05 54.30
N GLU C 494 -20.39 -3.25 54.66
CA GLU C 494 -18.95 -3.55 54.69
C GLU C 494 -18.38 -3.49 53.30
N TYR C 495 -18.87 -4.43 52.47
CA TYR C 495 -18.52 -4.62 51.04
C TYR C 495 -18.57 -3.32 50.24
N GLU C 496 -19.63 -2.54 50.41
CA GLU C 496 -19.79 -1.31 49.62
C GLU C 496 -18.91 -0.16 50.08
N ASP C 497 -18.59 -0.12 51.39
CA ASP C 497 -17.59 0.81 51.97
C ASP C 497 -16.16 0.39 51.66
N THR C 498 -15.97 -0.85 51.23
CA THR C 498 -14.64 -1.40 51.05
C THR C 498 -14.24 -1.58 49.61
N LEU C 499 -15.25 -1.82 48.74
CA LEU C 499 -15.02 -2.37 47.38
C LEU C 499 -15.82 -1.74 46.23
N VAL C 500 -17.00 -1.20 46.56
CA VAL C 500 -17.83 -0.50 45.61
C VAL C 500 -17.44 0.98 45.68
N ASN C 501 -16.40 1.30 44.92
CA ASN C 501 -15.77 2.63 45.03
C ASN C 501 -14.98 2.85 43.74
N PRO C 502 -14.23 3.97 43.63
CA PRO C 502 -13.37 4.17 42.46
C PRO C 502 -11.96 3.53 42.51
N TYR C 503 -11.47 3.20 43.70
CA TYR C 503 -10.05 2.97 43.94
C TYR C 503 -9.57 1.58 43.58
N VAL C 504 -10.43 0.60 43.72
CA VAL C 504 -10.08 -0.74 43.28
C VAL C 504 -9.79 -0.72 41.76
N ALA C 505 -10.65 -0.08 40.97
CA ALA C 505 -10.41 -0.01 39.51
C ALA C 505 -9.21 0.86 39.22
N ALA C 506 -9.03 1.92 40.01
CA ALA C 506 -7.90 2.84 39.93
C ALA C 506 -6.54 2.19 40.15
N GLU C 507 -6.48 1.27 41.11
CA GLU C 507 -5.26 0.51 41.37
C GLU C 507 -4.96 -0.52 40.30
N ARG C 508 -5.99 -1.08 39.64
CA ARG C 508 -5.79 -1.85 38.41
C ARG C 508 -5.38 -0.99 37.22
N GLY C 509 -5.42 0.33 37.30
CA GLY C 509 -5.23 1.20 36.14
C GLY C 509 -6.43 1.24 35.16
N TYR C 510 -7.58 0.64 35.51
CA TYR C 510 -8.77 0.73 34.64
C TYR C 510 -9.37 2.13 34.68
N VAL C 511 -9.07 2.88 35.74
CA VAL C 511 -9.21 4.31 35.69
C VAL C 511 -7.85 4.93 35.98
N GLY C 512 -7.46 5.85 35.10
CA GLY C 512 -6.21 6.60 35.26
C GLY C 512 -6.27 7.77 36.23
N ALA C 513 -7.47 8.29 36.52
CA ALA C 513 -7.55 9.38 37.51
C ALA C 513 -8.93 9.45 38.15
N VAL C 514 -8.94 9.42 39.48
CA VAL C 514 -10.16 9.67 40.26
C VAL C 514 -10.07 11.17 40.50
N ILE C 515 -11.09 11.91 40.05
CA ILE C 515 -10.98 13.36 40.00
C ILE C 515 -12.15 14.09 40.69
N PRO C 516 -11.89 15.35 41.13
CA PRO C 516 -12.99 16.19 41.58
C PRO C 516 -13.91 16.44 40.40
N PRO C 517 -15.23 16.24 40.58
CA PRO C 517 -16.10 16.44 39.44
C PRO C 517 -15.83 17.73 38.63
N SER C 518 -15.43 18.81 39.28
CA SER C 518 -15.28 20.10 38.64
C SER C 518 -14.12 20.13 37.64
N HIS C 519 -13.15 19.21 37.83
CA HIS C 519 -11.94 19.14 36.97
C HIS C 519 -12.24 18.42 35.64
N THR C 520 -13.44 17.83 35.53
CA THR C 520 -13.78 17.00 34.35
C THR C 520 -13.52 17.72 33.01
N ARG C 521 -14.08 18.92 32.86
CA ARG C 521 -13.95 19.67 31.63
C ARG C 521 -12.48 19.89 31.24
N GLY C 522 -11.66 20.33 32.20
CA GLY C 522 -10.23 20.58 31.97
C GLY C 522 -9.45 19.31 31.63
N TYR C 523 -9.70 18.21 32.34
CA TYR C 523 -9.17 16.91 31.96
C TYR C 523 -9.48 16.48 30.53
N ILE C 524 -10.76 16.49 30.16
CA ILE C 524 -11.15 16.06 28.84
C ILE C 524 -10.42 16.93 27.80
N GLY C 525 -10.35 18.22 28.06
CA GLY C 525 -9.69 19.15 27.14
C GLY C 525 -8.22 18.81 26.95
N THR C 526 -7.51 18.45 28.01
CA THR C 526 -6.09 18.11 27.88
C THR C 526 -5.94 16.79 27.14
N ALA C 527 -6.80 15.83 27.47
CA ALA C 527 -6.83 14.52 26.81
C ALA C 527 -7.17 14.63 25.32
N LEU C 528 -8.14 15.46 24.95
CA LEU C 528 -8.48 15.64 23.52
C LEU C 528 -7.30 16.22 22.73
N ARG C 529 -6.59 17.21 23.30
CA ARG C 529 -5.38 17.78 22.72
C ARG C 529 -4.30 16.70 22.54
N LEU C 530 -4.05 15.93 23.60
CA LEU C 530 -3.03 14.88 23.56
C LEU C 530 -3.29 13.84 22.46
N LEU C 531 -4.56 13.47 22.32
CA LEU C 531 -5.01 12.44 21.43
C LEU C 531 -5.37 12.94 20.04
N GLU C 532 -5.03 14.18 19.71
CA GLU C 532 -5.59 14.80 18.50
C GLU C 532 -5.03 14.18 17.19
N ARG C 533 -3.92 13.47 17.28
CA ARG C 533 -3.33 12.81 16.12
C ARG C 533 -3.01 11.33 16.36
N LYS C 534 -3.93 10.61 16.97
CA LYS C 534 -3.77 9.17 17.06
C LYS C 534 -3.37 8.57 15.72
N LYS C 541 -8.90 -6.84 6.77
CA LYS C 541 -10.25 -7.38 6.51
C LYS C 541 -11.07 -6.57 5.46
N LYS C 542 -11.76 -7.26 4.56
CA LYS C 542 -12.78 -6.62 3.72
C LYS C 542 -13.69 -5.70 4.57
N HIS C 543 -14.01 -6.20 5.77
CA HIS C 543 -15.02 -5.68 6.70
C HIS C 543 -15.25 -6.75 7.76
N GLY C 544 -15.82 -6.36 8.89
CA GLY C 544 -16.14 -7.25 9.98
C GLY C 544 -17.51 -7.88 9.83
N ASN C 545 -17.92 -8.51 10.92
CA ASN C 545 -19.17 -9.24 11.01
C ASN C 545 -20.04 -8.85 12.26
N VAL C 546 -20.26 -7.55 12.46
CA VAL C 546 -21.12 -7.03 13.55
C VAL C 546 -22.44 -7.83 13.65
N PRO C 547 -22.87 -8.18 14.87
CA PRO C 547 -24.22 -8.76 15.02
C PRO C 547 -25.24 -7.80 14.40
N LEU C 548 -26.28 -8.35 13.80
CA LEU C 548 -27.22 -7.52 13.05
C LEU C 548 -28.62 -7.81 13.60
N ASP D 21 41.45 -16.63 -41.91
CA ASP D 21 41.06 -15.25 -42.26
C ASP D 21 40.23 -14.71 -41.09
N ILE D 22 40.37 -13.43 -40.75
CA ILE D 22 39.58 -12.80 -39.70
C ILE D 22 38.44 -11.96 -40.29
N HIS D 23 38.42 -11.82 -41.61
CA HIS D 23 37.33 -11.16 -42.32
C HIS D 23 36.31 -12.19 -42.80
N THR D 24 36.29 -13.36 -42.18
CA THR D 24 35.26 -14.33 -42.47
C THR D 24 34.50 -14.59 -41.18
N THR D 25 33.26 -15.03 -41.33
CA THR D 25 32.40 -15.43 -40.24
C THR D 25 33.05 -16.56 -39.44
N ALA D 26 33.61 -17.56 -40.13
CA ALA D 26 34.31 -18.68 -39.48
C ALA D 26 35.56 -18.21 -38.74
N GLY D 27 36.23 -17.20 -39.27
CA GLY D 27 37.42 -16.65 -38.62
C GLY D 27 37.10 -15.82 -37.39
N LYS D 28 36.00 -15.08 -37.46
CA LYS D 28 35.53 -14.34 -36.26
C LYS D 28 35.13 -15.29 -35.12
N LEU D 29 34.52 -16.44 -35.47
CA LEU D 29 34.12 -17.45 -34.50
C LEU D 29 35.33 -18.12 -33.86
N ALA D 30 36.33 -18.47 -34.68
CA ALA D 30 37.56 -19.10 -34.21
C ALA D 30 38.30 -18.14 -33.28
N GLU D 31 38.32 -16.87 -33.64
CA GLU D 31 38.91 -15.83 -32.83
C GLU D 31 38.21 -15.67 -31.47
N LEU D 32 36.90 -15.85 -31.43
CA LEU D 32 36.20 -15.86 -30.15
C LEU D 32 36.64 -17.07 -29.32
N HIS D 33 36.70 -18.26 -29.92
CA HIS D 33 37.19 -19.46 -29.21
C HIS D 33 38.60 -19.27 -28.61
N LYS D 34 39.47 -18.54 -29.31
CA LYS D 34 40.81 -18.23 -28.84
C LYS D 34 40.86 -17.27 -27.63
N ARG D 35 40.03 -16.22 -27.66
CA ARG D 35 39.86 -15.32 -26.54
C ARG D 35 39.25 -16.00 -25.30
N ARG D 36 38.24 -16.86 -25.51
CA ARG D 36 37.66 -17.61 -24.44
C ARG D 36 38.68 -18.49 -23.73
N GLU D 37 39.44 -19.23 -24.52
CA GLU D 37 40.49 -20.08 -24.00
C GLU D 37 41.48 -19.26 -23.16
N GLU D 38 41.94 -18.14 -23.70
CA GLU D 38 42.81 -17.25 -22.96
C GLU D 38 42.22 -16.75 -21.63
N SER D 39 40.92 -16.45 -21.62
CA SER D 39 40.24 -15.97 -20.41
C SER D 39 40.33 -16.98 -19.25
N LEU D 40 40.57 -18.25 -19.57
CA LEU D 40 40.62 -19.32 -18.54
C LEU D 40 41.95 -19.34 -17.77
N HIS D 41 42.99 -18.73 -18.32
CA HIS D 41 44.27 -18.58 -17.64
C HIS D 41 44.85 -17.24 -18.15
N PRO D 42 44.25 -16.12 -17.73
CA PRO D 42 44.53 -14.80 -18.30
C PRO D 42 45.91 -14.22 -18.01
N VAL D 43 46.57 -14.72 -16.97
CA VAL D 43 47.97 -14.38 -16.71
C VAL D 43 48.93 -15.59 -16.93
N GLY D 44 48.52 -16.58 -17.71
CA GLY D 44 49.38 -17.71 -18.04
C GLY D 44 48.93 -19.01 -17.39
N GLU D 45 49.22 -20.11 -18.07
CA GLU D 45 48.88 -21.47 -17.55
C GLU D 45 49.71 -21.91 -16.35
N ASP D 46 50.86 -21.28 -16.11
CA ASP D 46 51.70 -21.57 -14.95
C ASP D 46 51.04 -21.24 -13.61
N ALA D 47 50.02 -20.38 -13.66
CA ALA D 47 49.47 -19.74 -12.47
C ALA D 47 48.76 -20.77 -11.62
N VAL D 48 48.08 -21.73 -12.26
CA VAL D 48 47.36 -22.82 -11.60
C VAL D 48 48.20 -23.59 -10.55
N GLU D 49 49.39 -24.03 -10.97
CA GLU D 49 50.28 -24.80 -10.10
C GLU D 49 50.81 -23.93 -8.97
N LYS D 50 51.07 -22.66 -9.28
CA LYS D 50 51.48 -21.70 -8.28
C LYS D 50 50.41 -21.55 -7.16
N VAL D 51 49.14 -21.46 -7.57
CA VAL D 51 48.00 -21.29 -6.67
C VAL D 51 47.89 -22.57 -5.82
N HIS D 52 47.91 -23.74 -6.47
CA HIS D 52 47.83 -25.03 -5.78
C HIS D 52 48.90 -25.23 -4.71
N ALA D 53 50.11 -24.79 -5.00
CA ALA D 53 51.26 -24.91 -4.12
C ALA D 53 51.10 -24.03 -2.89
N LYS D 54 50.24 -23.01 -2.96
CA LYS D 54 49.85 -22.21 -1.78
C LYS D 54 48.72 -22.82 -0.94
N GLY D 55 48.23 -23.99 -1.33
CA GLY D 55 47.12 -24.62 -0.62
C GLY D 55 45.77 -23.99 -0.97
N LYS D 56 45.71 -23.24 -2.09
CA LYS D 56 44.49 -22.55 -2.58
C LYS D 56 43.94 -23.19 -3.88
N LEU D 57 42.69 -22.85 -4.24
CA LEU D 57 42.12 -23.14 -5.55
C LEU D 57 42.04 -21.84 -6.38
N THR D 58 41.95 -21.98 -7.69
CA THR D 58 41.83 -20.83 -8.56
C THR D 58 40.45 -20.18 -8.39
N ALA D 59 40.30 -18.93 -8.81
CA ALA D 59 39.00 -18.25 -8.76
C ALA D 59 37.92 -19.11 -9.44
N ARG D 60 38.26 -19.65 -10.58
CA ARG D 60 37.32 -20.44 -11.41
C ARG D 60 37.02 -21.83 -10.85
N GLU D 61 38.05 -22.52 -10.36
CA GLU D 61 37.88 -23.81 -9.65
C GLU D 61 36.95 -23.73 -8.46
N ARG D 62 36.99 -22.60 -7.75
CA ARG D 62 36.10 -22.42 -6.58
C ARG D 62 34.63 -22.38 -6.99
N ILE D 63 34.36 -21.65 -8.06
CA ILE D 63 32.99 -21.62 -8.65
C ILE D 63 32.53 -23.01 -9.08
N TYR D 64 33.39 -23.71 -9.84
CA TYR D 64 33.06 -25.05 -10.30
C TYR D 64 32.84 -26.03 -9.15
N ALA D 65 33.63 -25.88 -8.06
CA ALA D 65 33.47 -26.76 -6.87
C ALA D 65 32.15 -26.48 -6.14
N LEU D 66 31.86 -25.22 -5.90
CA LEU D 66 30.62 -24.78 -5.24
C LEU D 66 29.33 -25.01 -6.01
N LEU D 67 29.29 -24.64 -7.32
CA LEU D 67 28.03 -24.73 -8.10
C LEU D 67 27.74 -26.13 -8.55
N ASP D 68 26.48 -26.44 -8.80
CA ASP D 68 26.12 -27.71 -9.39
C ASP D 68 26.90 -27.87 -10.69
N GLU D 69 27.37 -29.10 -10.95
CA GLU D 69 28.05 -29.39 -12.22
C GLU D 69 27.38 -28.83 -13.51
N ASP D 70 28.17 -28.17 -14.35
CA ASP D 70 27.72 -27.66 -15.67
C ASP D 70 26.70 -26.48 -15.57
N SER D 71 26.54 -25.86 -14.40
CA SER D 71 25.46 -24.86 -14.23
C SER D 71 25.95 -23.44 -14.47
N PHE D 72 27.26 -23.24 -14.49
CA PHE D 72 27.81 -21.90 -14.45
C PHE D 72 27.68 -21.28 -15.81
N VAL D 73 27.10 -20.08 -15.79
CA VAL D 73 27.02 -19.23 -16.95
C VAL D 73 27.81 -17.97 -16.55
N GLU D 74 28.92 -17.72 -17.25
CA GLU D 74 29.76 -16.59 -16.98
C GLU D 74 29.28 -15.29 -17.68
N LEU D 75 29.49 -14.15 -17.00
CA LEU D 75 29.29 -12.82 -17.51
C LEU D 75 30.62 -12.09 -17.56
N ASP D 76 30.70 -11.14 -18.49
CA ASP D 76 31.88 -10.30 -18.70
C ASP D 76 33.23 -11.05 -18.68
N ALA D 77 33.22 -12.27 -19.24
CA ALA D 77 34.45 -13.12 -19.30
C ALA D 77 35.63 -12.38 -19.91
N LEU D 78 35.35 -11.62 -20.97
CA LEU D 78 36.39 -10.96 -21.77
C LEU D 78 36.65 -9.51 -21.42
N ALA D 79 36.15 -9.05 -20.27
CA ALA D 79 36.36 -7.67 -19.85
C ALA D 79 37.85 -7.38 -19.71
N LYS D 80 38.23 -6.13 -19.90
CA LYS D 80 39.60 -5.71 -19.72
C LYS D 80 39.58 -4.33 -19.09
N HIS D 81 40.54 -4.05 -18.22
CA HIS D 81 40.62 -2.74 -17.66
C HIS D 81 40.86 -1.66 -18.74
N ARG D 82 40.47 -0.43 -18.42
CA ARG D 82 40.59 0.68 -19.35
C ARG D 82 41.43 1.80 -18.75
N SER D 83 42.35 1.48 -17.83
CA SER D 83 43.27 2.50 -17.33
C SER D 83 44.55 2.58 -18.16
N THR D 84 45.06 3.80 -18.35
CA THR D 84 46.40 3.99 -18.91
C THR D 84 47.34 4.65 -17.87
N ASN D 85 46.90 4.77 -16.62
CA ASN D 85 47.78 5.29 -15.55
C ASN D 85 49.00 4.41 -15.31
N PHE D 86 50.17 5.00 -15.05
CA PHE D 86 51.37 4.25 -14.60
C PHE D 86 51.71 2.93 -15.30
N ASN D 87 51.63 2.92 -16.63
CA ASN D 87 51.96 1.66 -17.34
C ASN D 87 51.05 0.40 -17.08
N LEU D 88 49.89 0.62 -16.44
CA LEU D 88 48.84 -0.41 -16.34
C LEU D 88 48.33 -0.85 -17.71
N GLY D 89 48.36 0.06 -18.68
CA GLY D 89 47.97 -0.22 -20.05
C GLY D 89 48.71 -1.37 -20.76
N GLU D 90 49.91 -1.69 -20.28
CA GLU D 90 50.75 -2.76 -20.83
C GLU D 90 50.27 -4.16 -20.49
N LYS D 91 49.40 -4.27 -19.48
CA LYS D 91 48.89 -5.53 -19.00
C LYS D 91 47.37 -5.43 -18.78
N ARG D 92 46.60 -6.07 -19.65
CA ARG D 92 45.14 -6.07 -19.58
C ARG D 92 44.57 -7.48 -19.63
N PRO D 93 44.72 -8.24 -18.52
CA PRO D 93 44.28 -9.62 -18.46
C PRO D 93 42.76 -9.74 -18.66
N LEU D 94 42.35 -10.74 -19.45
CA LEU D 94 40.94 -11.00 -19.71
C LEU D 94 40.20 -11.33 -18.44
N GLY D 95 39.09 -10.61 -18.24
CA GLY D 95 38.22 -10.84 -17.09
C GLY D 95 38.53 -9.85 -15.99
N ASP D 96 39.69 -9.18 -16.09
CA ASP D 96 40.09 -8.12 -15.14
C ASP D 96 40.12 -8.50 -13.64
N GLY D 97 40.29 -9.80 -13.30
CA GLY D 97 40.62 -10.19 -11.92
C GLY D 97 39.50 -10.72 -11.07
N VAL D 98 38.34 -10.92 -11.68
CA VAL D 98 37.23 -11.48 -10.95
C VAL D 98 36.42 -12.24 -11.97
N VAL D 99 35.82 -13.36 -11.56
CA VAL D 99 35.06 -14.20 -12.44
C VAL D 99 33.62 -14.15 -11.89
N THR D 100 32.65 -13.84 -12.76
CA THR D 100 31.30 -13.52 -12.32
C THR D 100 30.31 -14.25 -13.17
N GLY D 101 29.12 -14.51 -12.63
CA GLY D 101 28.08 -15.15 -13.41
C GLY D 101 26.99 -15.66 -12.50
N TYR D 102 26.28 -16.67 -13.00
CA TYR D 102 25.20 -17.27 -12.24
C TYR D 102 25.21 -18.80 -12.46
N GLY D 103 24.52 -19.54 -11.60
CA GLY D 103 24.47 -20.98 -11.74
C GLY D 103 23.44 -21.50 -10.79
N THR D 104 23.60 -22.75 -10.35
CA THR D 104 22.65 -23.32 -9.40
C THR D 104 23.39 -24.02 -8.31
N ILE D 105 22.82 -24.03 -7.12
CA ILE D 105 23.33 -24.84 -6.03
C ILE D 105 22.17 -25.65 -5.54
N ASP D 106 22.31 -26.97 -5.59
CA ASP D 106 21.21 -27.91 -5.39
C ASP D 106 19.94 -27.55 -6.19
N GLY D 107 20.13 -27.14 -7.45
CA GLY D 107 19.03 -26.90 -8.39
C GLY D 107 18.37 -25.53 -8.23
N ARG D 108 18.88 -24.71 -7.33
CA ARG D 108 18.32 -23.35 -7.13
C ARG D 108 19.33 -22.28 -7.53
N ASP D 109 18.86 -21.28 -8.26
CA ASP D 109 19.72 -20.26 -8.88
C ASP D 109 20.39 -19.39 -7.84
N VAL D 110 21.65 -19.05 -8.11
CA VAL D 110 22.44 -18.15 -7.31
C VAL D 110 23.29 -17.31 -8.26
N CYS D 111 23.74 -16.16 -7.79
CA CYS D 111 24.71 -15.35 -8.51
C CYS D 111 26.01 -15.41 -7.70
N ILE D 112 27.14 -15.17 -8.36
CA ILE D 112 28.40 -15.46 -7.75
C ILE D 112 29.47 -14.60 -8.41
N PHE D 113 30.43 -14.17 -7.59
CA PHE D 113 31.66 -13.61 -8.04
C PHE D 113 32.83 -14.30 -7.31
N SER D 114 33.98 -14.44 -7.96
CA SER D 114 35.12 -15.10 -7.37
C SER D 114 36.34 -14.27 -7.77
N GLN D 115 36.93 -13.59 -6.77
CA GLN D 115 38.10 -12.76 -6.98
C GLN D 115 39.37 -13.59 -7.24
N ASP D 116 40.16 -13.12 -8.20
CA ASP D 116 41.30 -13.88 -8.69
C ASP D 116 42.60 -13.23 -8.22
N ALA D 117 43.21 -13.81 -7.18
CA ALA D 117 44.41 -13.20 -6.60
C ALA D 117 45.62 -13.23 -7.55
N THR D 118 45.52 -13.97 -8.67
CA THR D 118 46.65 -14.01 -9.62
C THR D 118 46.74 -12.79 -10.55
N VAL D 119 45.67 -11.97 -10.56
CA VAL D 119 45.58 -10.80 -11.42
C VAL D 119 45.66 -9.57 -10.55
N PHE D 120 46.75 -8.85 -10.70
CA PHE D 120 47.09 -7.69 -9.85
C PHE D 120 46.83 -7.94 -8.38
N GLY D 121 47.18 -9.13 -7.90
CA GLY D 121 46.96 -9.48 -6.50
C GLY D 121 45.51 -9.54 -6.05
N GLY D 122 44.57 -9.76 -6.97
CA GLY D 122 43.15 -9.63 -6.68
C GLY D 122 42.68 -8.23 -6.30
N SER D 123 43.52 -7.21 -6.52
CA SER D 123 43.13 -5.81 -6.23
C SER D 123 42.00 -5.31 -7.13
N LEU D 124 41.04 -4.60 -6.55
CA LEU D 124 39.88 -4.15 -7.28
C LEU D 124 40.24 -2.94 -8.14
N GLY D 125 39.88 -3.05 -9.42
CA GLY D 125 39.89 -1.93 -10.32
C GLY D 125 38.45 -1.59 -10.69
N GLU D 126 38.29 -0.55 -11.49
CA GLU D 126 37.03 -0.07 -12.01
C GLU D 126 36.21 -1.15 -12.77
N VAL D 127 36.83 -1.88 -13.68
CA VAL D 127 36.08 -2.91 -14.48
C VAL D 127 35.71 -4.17 -13.65
N TYR D 128 36.69 -4.68 -12.91
CA TYR D 128 36.51 -5.67 -11.83
C TYR D 128 35.31 -5.30 -10.93
N GLY D 129 35.22 -4.04 -10.49
CA GLY D 129 34.12 -3.60 -9.63
C GLY D 129 32.79 -3.57 -10.35
N GLU D 130 32.80 -3.09 -11.60
CA GLU D 130 31.60 -3.07 -12.46
C GLU D 130 31.02 -4.46 -12.62
N LYS D 131 31.89 -5.45 -12.76
CA LYS D 131 31.50 -6.88 -12.87
C LYS D 131 30.79 -7.42 -11.63
N ILE D 132 31.31 -7.03 -10.47
CA ILE D 132 30.70 -7.37 -9.19
C ILE D 132 29.37 -6.63 -9.05
N VAL D 133 29.31 -5.35 -9.45
CA VAL D 133 28.05 -4.59 -9.36
C VAL D 133 26.97 -5.26 -10.24
N LYS D 134 27.37 -5.73 -11.44
CA LYS D 134 26.45 -6.39 -12.34
C LYS D 134 25.80 -7.60 -11.65
N VAL D 135 26.61 -8.47 -11.07
CA VAL D 135 26.08 -9.64 -10.41
C VAL D 135 25.28 -9.31 -9.12
N GLN D 136 25.70 -8.31 -8.33
CA GLN D 136 24.84 -7.81 -7.25
C GLN D 136 23.43 -7.36 -7.77
N GLU D 137 23.44 -6.56 -8.84
CA GLU D 137 22.20 -6.05 -9.43
C GLU D 137 21.33 -7.17 -9.96
N LEU D 138 21.97 -8.17 -10.55
CA LEU D 138 21.28 -9.39 -11.02
C LEU D 138 20.68 -10.20 -9.88
N ALA D 139 21.39 -10.31 -8.76
CA ALA D 139 20.85 -11.10 -7.64
C ALA D 139 19.64 -10.37 -7.00
N ILE D 140 19.76 -9.05 -6.80
CA ILE D 140 18.67 -8.26 -6.22
C ILE D 140 17.43 -8.34 -7.15
N LYS D 141 17.65 -8.24 -8.46
CA LYS D 141 16.57 -8.20 -9.46
C LYS D 141 15.88 -9.53 -9.63
N THR D 142 16.64 -10.62 -9.57
CA THR D 142 16.05 -11.95 -9.63
C THR D 142 15.55 -12.50 -8.28
N GLY D 143 15.88 -11.82 -7.17
CA GLY D 143 15.56 -12.31 -5.85
C GLY D 143 16.22 -13.67 -5.53
N ARG D 144 17.50 -13.81 -5.90
CA ARG D 144 18.32 -15.01 -5.68
C ARG D 144 19.54 -14.68 -4.75
N PRO D 145 20.02 -15.68 -3.96
CA PRO D 145 21.21 -15.45 -3.14
C PRO D 145 22.42 -14.97 -3.96
N LEU D 146 23.31 -14.23 -3.30
CA LEU D 146 24.52 -13.71 -3.93
C LEU D 146 25.69 -14.33 -3.13
N ILE D 147 26.57 -15.10 -3.81
CA ILE D 147 27.78 -15.68 -3.22
C ILE D 147 28.98 -14.87 -3.65
N GLY D 148 29.69 -14.27 -2.69
CA GLY D 148 30.90 -13.56 -3.01
C GLY D 148 32.09 -14.35 -2.51
N ILE D 149 33.05 -14.65 -3.37
CA ILE D 149 34.28 -15.29 -2.93
C ILE D 149 35.37 -14.23 -2.95
N ASN D 150 35.90 -13.90 -1.77
CA ASN D 150 36.79 -12.73 -1.61
C ASN D 150 38.24 -13.16 -1.41
N ASP D 151 39.11 -12.52 -2.18
CA ASP D 151 40.51 -12.87 -2.23
C ASP D 151 41.25 -11.77 -3.01
N GLY D 152 41.79 -10.79 -2.29
CA GLY D 152 42.53 -9.75 -2.96
C GLY D 152 43.12 -8.72 -2.06
N ALA D 153 44.13 -8.05 -2.59
CA ALA D 153 44.94 -7.10 -1.83
C ALA D 153 44.39 -5.70 -1.72
N GLY D 154 43.13 -5.43 -1.97
CA GLY D 154 42.77 -4.02 -1.67
C GLY D 154 42.65 -3.25 -2.97
N ALA D 155 42.58 -1.92 -2.92
CA ALA D 155 42.33 -1.14 -4.14
C ALA D 155 43.52 -1.15 -5.10
N ARG D 156 43.25 -1.26 -6.39
CA ARG D 156 44.32 -1.21 -7.40
C ARG D 156 44.79 0.24 -7.48
N ILE D 157 45.82 0.60 -6.70
CA ILE D 157 46.26 1.99 -6.50
C ILE D 157 46.47 2.80 -7.76
N GLN D 158 47.05 2.16 -8.78
CA GLN D 158 47.36 2.80 -10.06
C GLN D 158 46.13 3.45 -10.69
N GLU D 159 44.98 2.76 -10.56
CA GLU D 159 43.70 3.22 -11.11
C GLU D 159 43.20 4.49 -10.42
N GLY D 160 43.49 4.60 -9.13
CA GLY D 160 43.19 5.82 -8.43
C GLY D 160 41.83 5.73 -7.78
N VAL D 161 41.25 6.90 -7.53
CA VAL D 161 40.03 7.06 -6.71
C VAL D 161 38.81 6.32 -7.30
N VAL D 162 38.79 6.12 -8.63
CA VAL D 162 37.69 5.30 -9.23
C VAL D 162 37.51 3.95 -8.54
N SER D 163 38.57 3.38 -8.00
CA SER D 163 38.42 2.07 -7.35
C SER D 163 37.63 2.22 -6.04
N LEU D 164 37.80 3.36 -5.35
CA LEU D 164 37.00 3.68 -4.17
C LEU D 164 35.54 3.94 -4.49
N GLY D 165 35.25 4.63 -5.59
CA GLY D 165 33.87 4.75 -6.06
C GLY D 165 33.20 3.41 -6.29
N LEU D 166 33.94 2.46 -6.86
CA LEU D 166 33.39 1.10 -7.04
C LEU D 166 33.21 0.37 -5.72
N TYR D 167 34.17 0.52 -4.80
CA TYR D 167 34.01 -0.03 -3.46
C TYR D 167 32.68 0.41 -2.86
N SER D 168 32.42 1.72 -2.87
CA SER D 168 31.20 2.31 -2.37
C SER D 168 29.95 1.74 -3.06
N ARG D 169 30.00 1.61 -4.37
CA ARG D 169 28.85 1.07 -5.11
C ARG D 169 28.52 -0.33 -4.63
N ILE D 170 29.56 -1.10 -4.39
CA ILE D 170 29.40 -2.46 -3.90
C ILE D 170 28.82 -2.54 -2.48
N PHE D 171 29.40 -1.74 -1.57
CA PHE D 171 28.94 -1.65 -0.19
C PHE D 171 27.48 -1.27 -0.19
N ARG D 172 27.13 -0.20 -0.91
CA ARG D 172 25.74 0.25 -1.00
C ARG D 172 24.77 -0.82 -1.49
N ASN D 173 25.18 -1.60 -2.50
CA ASN D 173 24.34 -2.75 -2.92
C ASN D 173 24.25 -3.82 -1.86
N ASN D 174 25.28 -3.98 -1.03
CA ASN D 174 25.19 -4.98 0.07
C ASN D 174 24.13 -4.59 1.10
N ILE D 175 24.02 -3.29 1.32
CA ILE D 175 23.12 -2.70 2.29
C ILE D 175 21.70 -2.71 1.75
N LEU D 176 21.52 -2.26 0.50
CA LEU D 176 20.25 -2.41 -0.24
C LEU D 176 19.75 -3.87 -0.20
N ALA D 177 20.63 -4.80 -0.50
CA ALA D 177 20.24 -6.21 -0.53
C ALA D 177 20.07 -6.81 0.89
N SER D 178 20.52 -6.10 1.92
CA SER D 178 20.58 -6.63 3.30
C SER D 178 19.21 -7.10 3.85
N GLY D 179 19.15 -8.37 4.20
CA GLY D 179 17.92 -8.97 4.69
C GLY D 179 16.87 -9.28 3.61
N VAL D 180 17.22 -9.02 2.34
CA VAL D 180 16.32 -9.23 1.21
C VAL D 180 16.69 -10.52 0.45
N ILE D 181 17.98 -10.65 0.11
CA ILE D 181 18.48 -11.89 -0.45
C ILE D 181 19.65 -12.34 0.45
N PRO D 182 19.77 -13.67 0.67
CA PRO D 182 20.93 -14.17 1.44
C PRO D 182 22.19 -13.76 0.70
N GLN D 183 23.11 -13.17 1.45
CA GLN D 183 24.41 -12.73 0.96
C GLN D 183 25.48 -13.49 1.73
N ILE D 184 26.23 -14.35 1.02
CA ILE D 184 27.23 -15.19 1.66
C ILE D 184 28.61 -14.80 1.13
N SER D 185 29.56 -14.60 2.04
CA SER D 185 30.92 -14.23 1.69
C SER D 185 31.90 -15.33 2.10
N LEU D 186 32.60 -15.91 1.12
CA LEU D 186 33.70 -16.86 1.36
C LEU D 186 34.98 -16.06 1.31
N ILE D 187 35.76 -16.09 2.39
CA ILE D 187 37.06 -15.45 2.34
C ILE D 187 38.05 -16.60 2.16
N MET D 188 38.77 -16.56 1.05
CA MET D 188 39.58 -17.69 0.58
C MET D 188 41.02 -17.33 0.25
N GLY D 189 41.44 -16.13 0.62
CA GLY D 189 42.82 -15.77 0.48
C GLY D 189 43.02 -14.60 1.38
N ALA D 190 44.17 -13.96 1.29
CA ALA D 190 44.40 -12.72 2.08
C ALA D 190 43.51 -11.60 1.53
N ALA D 191 42.50 -11.15 2.32
CA ALA D 191 41.63 -10.05 1.90
C ALA D 191 41.98 -8.78 2.73
N ALA D 192 42.60 -7.80 2.08
CA ALA D 192 43.15 -6.65 2.74
C ALA D 192 42.49 -5.35 2.26
N GLY D 193 42.35 -4.39 3.16
CA GLY D 193 41.95 -3.07 2.76
C GLY D 193 40.45 -2.88 2.71
N GLY D 194 40.03 -2.02 1.81
CA GLY D 194 38.69 -1.46 1.93
C GLY D 194 37.63 -2.51 1.83
N HIS D 195 37.89 -3.44 0.92
CA HIS D 195 36.90 -4.32 0.47
C HIS D 195 36.39 -5.38 1.47
N VAL D 196 37.14 -5.62 2.55
CA VAL D 196 36.70 -6.46 3.68
C VAL D 196 35.39 -5.99 4.30
N TYR D 197 34.98 -4.77 3.98
CA TYR D 197 33.74 -4.20 4.48
C TYR D 197 32.54 -4.87 3.80
N SER D 198 32.67 -5.20 2.51
CA SER D 198 31.62 -6.00 1.82
C SER D 198 31.25 -7.30 2.57
N PRO D 199 32.21 -8.24 2.79
CA PRO D 199 31.87 -9.40 3.66
C PRO D 199 31.15 -9.05 4.97
N ALA D 200 31.64 -8.02 5.69
CA ALA D 200 31.00 -7.57 6.94
C ALA D 200 29.51 -7.17 6.78
N LEU D 201 29.15 -6.55 5.65
CA LEU D 201 27.76 -6.15 5.38
C LEU D 201 26.86 -7.31 4.97
N THR D 202 27.46 -8.44 4.60
CA THR D 202 26.70 -9.64 4.15
C THR D 202 26.22 -10.44 5.38
N ASP D 203 25.47 -11.51 5.16
CA ASP D 203 24.90 -12.22 6.28
C ASP D 203 25.82 -13.23 6.95
N PHE D 204 26.68 -13.89 6.17
CA PHE D 204 27.53 -15.01 6.67
C PHE D 204 28.89 -14.89 6.08
N VAL D 205 29.88 -14.87 6.95
CA VAL D 205 31.31 -14.88 6.57
C VAL D 205 31.91 -16.28 6.84
N ILE D 206 32.36 -16.96 5.78
CA ILE D 206 32.94 -18.28 5.90
C ILE D 206 34.42 -18.13 5.54
N MET D 207 35.32 -18.33 6.50
CA MET D 207 36.74 -18.22 6.21
C MET D 207 37.41 -19.59 6.13
N VAL D 208 38.53 -19.66 5.41
CA VAL D 208 39.31 -20.92 5.34
C VAL D 208 40.50 -20.81 6.31
N ASP D 209 40.69 -21.81 7.15
CA ASP D 209 41.80 -21.81 8.10
C ASP D 209 43.19 -21.73 7.47
N GLN D 210 44.05 -20.85 8.02
CA GLN D 210 45.44 -20.60 7.56
C GLN D 210 45.60 -19.93 6.20
N THR D 211 44.66 -20.18 5.31
CA THR D 211 44.86 -19.86 3.91
C THR D 211 44.06 -18.56 3.50
N SER D 212 43.21 -18.10 4.43
CA SER D 212 42.50 -16.81 4.32
C SER D 212 42.70 -15.91 5.54
N GLN D 213 42.69 -14.59 5.29
CA GLN D 213 42.79 -13.56 6.28
C GLN D 213 41.87 -12.40 5.89
N MET D 214 41.42 -11.60 6.88
CA MET D 214 40.86 -10.25 6.63
C MET D 214 41.53 -9.24 7.56
N PHE D 215 41.94 -8.10 7.00
CA PHE D 215 42.39 -6.98 7.81
C PHE D 215 42.24 -5.68 7.01
N ILE D 216 41.95 -4.58 7.69
CA ILE D 216 41.94 -3.25 7.05
C ILE D 216 43.39 -2.82 6.72
N THR D 217 44.25 -2.86 7.74
CA THR D 217 45.63 -2.46 7.63
C THR D 217 46.56 -3.67 7.86
N GLY D 218 47.51 -3.88 6.96
CA GLY D 218 48.46 -5.00 7.14
C GLY D 218 49.50 -4.84 8.25
N PRO D 219 50.19 -5.96 8.63
CA PRO D 219 51.25 -5.97 9.66
C PRO D 219 52.36 -4.92 9.46
N ASP D 220 52.73 -4.66 8.20
CA ASP D 220 53.79 -3.70 7.88
C ASP D 220 53.46 -2.31 8.40
N VAL D 221 52.31 -1.77 8.01
CA VAL D 221 51.85 -0.49 8.55
C VAL D 221 51.65 -0.50 10.09
N ILE D 222 51.09 -1.59 10.63
CA ILE D 222 50.92 -1.70 12.08
C ILE D 222 52.28 -1.62 12.83
N LYS D 223 53.32 -2.29 12.32
CA LYS D 223 54.66 -2.18 12.89
C LYS D 223 55.20 -0.76 12.80
N THR D 224 55.15 -0.15 11.62
CA THR D 224 55.72 1.16 11.51
C THR D 224 54.96 2.17 12.37
N VAL D 225 53.63 2.07 12.44
CA VAL D 225 52.83 3.02 13.25
C VAL D 225 52.82 2.75 14.77
N THR D 226 52.72 1.48 15.17
CA THR D 226 52.53 1.17 16.59
C THR D 226 53.69 0.40 17.20
N GLY D 227 54.56 -0.16 16.36
CA GLY D 227 55.66 -0.98 16.84
C GLY D 227 55.23 -2.40 17.17
N GLU D 228 53.93 -2.68 17.06
CA GLU D 228 53.41 -4.03 17.24
C GLU D 228 53.88 -4.96 16.12
N GLU D 229 54.28 -6.15 16.53
CA GLU D 229 54.82 -7.09 15.58
C GLU D 229 53.83 -8.26 15.50
N VAL D 230 53.21 -8.42 14.32
CA VAL D 230 52.15 -9.39 14.16
C VAL D 230 52.24 -10.06 12.80
N THR D 231 51.84 -11.29 12.77
CA THR D 231 51.77 -12.07 11.55
C THR D 231 50.42 -11.77 10.83
N MET D 232 50.37 -11.83 9.51
CA MET D 232 49.08 -11.75 8.78
C MET D 232 48.04 -12.72 9.34
N GLU D 233 48.44 -13.97 9.49
CA GLU D 233 47.62 -15.00 10.11
C GLU D 233 47.08 -14.65 11.52
N GLU D 234 47.92 -14.16 12.41
CA GLU D 234 47.47 -13.78 13.75
C GLU D 234 46.59 -12.53 13.74
N LEU D 235 46.95 -11.57 12.86
CA LEU D 235 46.19 -10.36 12.74
C LEU D 235 44.75 -10.62 12.28
N GLY D 236 44.61 -11.45 11.25
CA GLY D 236 43.37 -11.57 10.52
C GLY D 236 42.95 -12.92 10.04
N GLY D 237 43.55 -13.97 10.58
CA GLY D 237 43.20 -15.35 10.24
C GLY D 237 41.82 -15.79 10.64
N ALA D 238 41.41 -16.97 10.16
CA ALA D 238 40.10 -17.52 10.44
C ALA D 238 39.86 -17.70 11.96
N HIS D 239 40.86 -18.24 12.67
CA HIS D 239 40.75 -18.39 14.12
C HIS D 239 40.61 -17.05 14.87
N THR D 240 41.36 -16.03 14.42
CA THR D 240 41.23 -14.69 14.99
C THR D 240 39.79 -14.14 14.78
N HIS D 241 39.23 -14.21 13.54
CA HIS D 241 37.88 -13.68 13.30
C HIS D 241 36.78 -14.56 13.84
N MET D 242 37.07 -15.85 14.00
CA MET D 242 36.16 -16.70 14.75
C MET D 242 36.15 -16.34 16.27
N ALA D 243 37.28 -16.57 16.95
CA ALA D 243 37.32 -16.52 18.41
C ALA D 243 37.48 -15.13 19.01
N LYS D 244 38.16 -14.23 18.32
CA LYS D 244 38.37 -12.89 18.87
C LYS D 244 37.37 -11.82 18.44
N SER D 245 37.22 -11.60 17.13
CA SER D 245 36.47 -10.39 16.66
C SER D 245 34.98 -10.64 16.44
N GLY D 246 34.58 -11.90 16.51
CA GLY D 246 33.20 -12.27 16.28
C GLY D 246 32.65 -11.99 14.88
N THR D 247 33.52 -12.10 13.87
CA THR D 247 33.27 -11.73 12.48
C THR D 247 33.06 -12.96 11.56
N ALA D 248 33.72 -14.09 11.82
CA ALA D 248 33.58 -15.28 10.96
C ALA D 248 32.50 -16.19 11.53
N HIS D 249 31.60 -16.68 10.67
CA HIS D 249 30.51 -17.58 11.10
C HIS D 249 30.95 -19.03 11.06
N TYR D 250 32.03 -19.28 10.30
CA TYR D 250 32.58 -20.62 10.17
C TYR D 250 34.03 -20.49 9.78
N ALA D 251 34.86 -21.27 10.45
CA ALA D 251 36.28 -21.32 10.09
C ALA D 251 36.49 -22.72 9.47
N ALA D 252 36.61 -22.81 8.16
CA ALA D 252 36.70 -24.08 7.46
C ALA D 252 38.13 -24.65 7.46
N SER D 253 38.26 -25.98 7.62
CA SER D 253 39.58 -26.58 7.37
C SER D 253 39.65 -27.05 5.92
N GLY D 254 40.29 -26.22 5.10
CA GLY D 254 40.33 -26.47 3.69
C GLY D 254 39.19 -25.82 2.94
N GLU D 255 39.47 -25.54 1.66
CA GLU D 255 38.54 -24.86 0.74
C GLU D 255 37.27 -25.69 0.55
N GLN D 256 37.47 -27.00 0.42
CA GLN D 256 36.35 -27.91 0.23
C GLN D 256 35.32 -27.92 1.39
N ASP D 257 35.84 -27.81 2.59
CA ASP D 257 35.00 -27.78 3.76
C ASP D 257 34.18 -26.47 3.73
N ALA D 258 34.77 -25.39 3.22
CA ALA D 258 34.08 -24.12 3.10
C ALA D 258 32.92 -24.23 2.11
N PHE D 259 33.14 -24.91 0.95
CA PHE D 259 32.07 -25.13 -0.02
C PHE D 259 30.93 -25.93 0.58
N ASP D 260 31.26 -27.01 1.29
CA ASP D 260 30.30 -27.93 1.91
C ASP D 260 29.39 -27.19 2.83
N TYR D 261 29.97 -26.33 3.66
CA TYR D 261 29.26 -25.51 4.62
C TYR D 261 28.31 -24.48 3.98
N VAL D 262 28.79 -23.75 2.95
CA VAL D 262 27.90 -22.88 2.22
C VAL D 262 26.72 -23.60 1.57
N ARG D 263 26.96 -24.77 0.96
CA ARG D 263 25.85 -25.55 0.41
C ARG D 263 24.83 -25.92 1.47
N GLU D 264 25.31 -26.39 2.63
CA GLU D 264 24.45 -26.78 3.74
C GLU D 264 23.67 -25.59 4.25
N LEU D 265 24.38 -24.47 4.40
CA LEU D 265 23.79 -23.21 4.85
C LEU D 265 22.61 -22.78 3.97
N LEU D 266 22.83 -22.72 2.65
CA LEU D 266 21.84 -22.32 1.67
C LEU D 266 20.63 -23.23 1.66
N SER D 267 20.83 -24.48 2.02
CA SER D 267 19.76 -25.51 2.00
C SER D 267 18.72 -25.25 3.05
N TYR D 268 19.08 -24.46 4.07
CA TYR D 268 18.15 -24.05 5.14
C TYR D 268 17.37 -22.80 4.77
N LEU D 269 17.91 -22.02 3.83
CA LEU D 269 17.41 -20.68 3.56
C LEU D 269 16.48 -20.60 2.34
N PRO D 270 15.51 -19.65 2.36
CA PRO D 270 14.74 -19.36 1.16
C PRO D 270 15.68 -18.62 0.16
N PRO D 271 15.27 -18.48 -1.11
CA PRO D 271 16.07 -17.59 -2.00
C PRO D 271 16.00 -16.07 -1.67
N ASN D 272 14.96 -15.65 -0.93
CA ASN D 272 14.79 -14.28 -0.59
C ASN D 272 13.81 -14.13 0.59
N ASN D 273 13.55 -12.90 1.02
CA ASN D 273 12.73 -12.67 2.21
C ASN D 273 11.21 -12.81 2.01
N SER D 274 10.79 -13.00 0.76
CA SER D 274 9.37 -13.17 0.39
C SER D 274 8.98 -14.61 0.18
N THR D 275 9.91 -15.52 0.43
CA THR D 275 9.71 -16.94 0.19
C THR D 275 9.95 -17.72 1.50
N ASP D 276 9.17 -18.77 1.68
CA ASP D 276 9.30 -19.70 2.81
C ASP D 276 10.67 -20.38 2.78
N ALA D 277 11.28 -20.58 3.94
CA ALA D 277 12.43 -21.50 4.03
C ALA D 277 11.99 -22.88 3.52
N PRO D 278 12.82 -23.56 2.69
CA PRO D 278 12.27 -24.81 2.11
C PRO D 278 12.12 -25.88 3.18
N ARG D 279 11.06 -26.67 3.08
CA ARG D 279 10.77 -27.75 4.03
C ARG D 279 11.01 -29.10 3.38
N TYR D 280 11.58 -30.04 4.15
CA TYR D 280 11.52 -31.45 3.77
C TYR D 280 10.20 -32.09 4.24
N GLN D 281 10.01 -33.36 3.85
CA GLN D 281 8.79 -34.13 4.13
C GLN D 281 8.50 -34.31 5.64
N ALA D 282 7.33 -33.86 6.07
CA ALA D 282 6.86 -34.05 7.46
C ALA D 282 6.51 -35.51 7.75
N ALA D 283 6.72 -35.96 8.99
CA ALA D 283 6.28 -37.28 9.44
C ALA D 283 4.75 -37.28 9.59
N ALA D 284 4.12 -38.45 9.40
CA ALA D 284 2.69 -38.61 9.70
C ALA D 284 2.49 -39.01 11.17
N PRO D 285 1.39 -38.56 11.82
CA PRO D 285 1.22 -38.84 13.29
C PRO D 285 0.81 -40.28 13.63
N THR D 286 1.52 -40.92 14.56
CA THR D 286 1.08 -42.24 15.09
C THR D 286 0.39 -42.11 16.48
N GLY D 287 -0.58 -41.21 16.60
CA GLY D 287 -1.25 -41.03 17.91
C GLY D 287 -0.67 -39.89 18.74
N PRO D 288 -0.85 -39.95 20.09
CA PRO D 288 -0.43 -38.88 21.04
C PRO D 288 1.07 -38.73 21.25
N ILE D 289 1.55 -37.53 21.56
CA ILE D 289 2.99 -37.25 21.72
C ILE D 289 3.69 -38.34 22.57
N GLU D 290 2.98 -38.87 23.55
CA GLU D 290 3.53 -39.77 24.56
C GLU D 290 3.56 -41.22 24.11
N GLU D 291 2.88 -41.51 23.01
CA GLU D 291 2.94 -42.84 22.39
C GLU D 291 4.02 -42.94 21.28
N ASN D 292 4.79 -41.87 21.11
CA ASN D 292 5.79 -41.76 20.05
C ASN D 292 7.03 -41.02 20.51
N LEU D 293 7.35 -40.94 21.79
CA LEU D 293 8.58 -41.42 22.45
C LEU D 293 9.56 -42.49 21.97
N THR D 294 10.62 -42.00 21.32
CA THR D 294 11.81 -42.78 21.03
C THR D 294 12.72 -42.90 22.25
N ASP D 295 13.66 -43.83 22.18
CA ASP D 295 14.67 -44.04 23.20
C ASP D 295 15.49 -42.80 23.40
N GLU D 296 15.78 -42.12 22.30
CA GLU D 296 16.50 -40.85 22.26
C GLU D 296 15.72 -39.71 23.00
N ASP D 297 14.42 -39.60 22.73
CA ASP D 297 13.55 -38.66 23.48
C ASP D 297 13.63 -38.89 24.97
N LEU D 298 13.56 -40.16 25.36
CA LEU D 298 13.51 -40.56 26.77
C LEU D 298 14.77 -40.20 27.51
N GLU D 299 15.90 -40.22 26.82
CA GLU D 299 17.17 -39.79 27.40
C GLU D 299 17.16 -38.37 27.94
N LEU D 300 16.29 -37.51 27.41
CA LEU D 300 16.13 -36.14 27.93
C LEU D 300 15.57 -36.12 29.33
N ASP D 301 14.71 -37.09 29.64
CA ASP D 301 14.12 -37.17 31.00
C ASP D 301 15.16 -37.28 32.11
N THR D 302 16.31 -37.89 31.81
CA THR D 302 17.37 -38.09 32.79
C THR D 302 18.61 -37.25 32.54
N LEU D 303 18.53 -36.28 31.64
CA LEU D 303 19.69 -35.46 31.29
C LEU D 303 20.08 -34.47 32.39
N ILE D 304 19.08 -33.80 32.98
CA ILE D 304 19.38 -32.73 33.94
C ILE D 304 19.91 -33.34 35.25
N PRO D 305 21.13 -32.96 35.68
CA PRO D 305 21.69 -33.53 36.91
C PRO D 305 20.82 -33.20 38.11
N ASP D 306 20.84 -34.07 39.12
CA ASP D 306 20.16 -33.80 40.40
C ASP D 306 20.81 -32.60 41.05
N SER D 307 22.14 -32.52 40.95
CA SER D 307 22.85 -31.37 41.55
C SER D 307 22.52 -30.02 40.81
N PRO D 308 21.97 -29.04 41.54
CA PRO D 308 21.42 -27.87 40.86
C PRO D 308 22.42 -27.07 40.00
N ASN D 309 23.71 -27.06 40.37
CA ASN D 309 24.68 -26.29 39.62
C ASN D 309 25.67 -27.11 38.76
N GLN D 310 25.44 -28.42 38.66
CA GLN D 310 26.27 -29.27 37.82
C GLN D 310 26.02 -29.06 36.30
N PRO D 311 27.10 -28.67 35.56
CA PRO D 311 27.00 -28.50 34.09
C PRO D 311 26.55 -29.78 33.36
N TYR D 312 25.79 -29.57 32.28
CA TYR D 312 25.45 -30.59 31.26
C TYR D 312 25.55 -29.79 29.94
N ASP D 313 25.86 -30.45 28.85
CA ASP D 313 26.09 -29.73 27.62
C ASP D 313 24.74 -29.54 26.88
N MET D 314 24.45 -28.31 26.44
CA MET D 314 23.19 -28.03 25.71
C MET D 314 23.08 -28.82 24.38
N HIS D 315 24.23 -29.21 23.79
CA HIS D 315 24.19 -30.02 22.52
C HIS D 315 23.51 -31.36 22.70
N GLU D 316 23.52 -31.84 23.93
CA GLU D 316 22.81 -33.06 24.29
C GLU D 316 21.31 -32.92 24.04
N VAL D 317 20.77 -31.70 24.22
CA VAL D 317 19.34 -31.38 23.94
C VAL D 317 19.13 -31.14 22.45
N ILE D 318 19.91 -30.23 21.89
CA ILE D 318 19.82 -29.84 20.48
C ILE D 318 19.80 -31.07 19.53
N THR D 319 20.84 -31.90 19.64
CA THR D 319 21.00 -33.12 18.86
C THR D 319 19.80 -34.04 18.89
N ARG D 320 19.18 -34.16 20.07
CA ARG D 320 18.01 -35.00 20.22
C ARG D 320 16.70 -34.38 19.70
N LEU D 321 16.67 -33.06 19.53
CA LEU D 321 15.47 -32.40 18.98
C LEU D 321 15.49 -32.38 17.46
N LEU D 322 16.69 -32.20 16.88
CA LEU D 322 16.83 -32.05 15.42
C LEU D 322 16.64 -33.37 14.70
N ASP D 323 16.16 -33.31 13.46
CA ASP D 323 15.95 -34.47 12.62
C ASP D 323 17.29 -35.15 12.32
N ASP D 324 18.31 -34.36 12.02
CA ASP D 324 19.56 -34.89 11.51
C ASP D 324 20.71 -34.05 12.07
N GLU D 325 21.44 -33.32 11.23
CA GLU D 325 22.61 -32.54 11.70
C GLU D 325 22.24 -31.14 12.20
N PHE D 326 23.18 -30.56 12.93
CA PHE D 326 23.11 -29.20 13.41
C PHE D 326 24.15 -28.40 12.63
N LEU D 327 23.72 -27.39 11.87
CA LEU D 327 24.70 -26.46 11.27
C LEU D 327 24.96 -25.27 12.19
N GLU D 328 25.97 -25.43 13.03
CA GLU D 328 26.26 -24.44 14.06
C GLU D 328 26.91 -23.22 13.44
N ILE D 329 26.52 -22.05 13.95
CA ILE D 329 27.02 -20.76 13.49
C ILE D 329 27.92 -20.24 14.60
N GLN D 330 29.09 -19.70 14.24
CA GLN D 330 30.04 -19.15 15.20
C GLN D 330 30.35 -20.12 16.36
N ALA D 331 30.56 -21.40 16.04
CA ALA D 331 30.86 -22.42 17.06
C ALA D 331 32.05 -22.07 17.99
N GLY D 332 33.10 -21.43 17.46
CA GLY D 332 34.31 -21.12 18.23
C GLY D 332 34.29 -19.75 18.85
N TYR D 333 33.10 -19.17 18.96
CA TYR D 333 32.99 -17.85 19.57
C TYR D 333 31.86 -17.81 20.59
N ALA D 334 32.11 -17.09 21.69
CA ALA D 334 31.10 -16.83 22.73
C ALA D 334 30.32 -18.12 22.96
N GLN D 335 31.06 -19.16 23.37
CA GLN D 335 30.57 -20.52 23.56
C GLN D 335 29.53 -20.68 24.67
N ASN D 336 29.38 -19.64 25.49
CA ASN D 336 28.26 -19.55 26.47
C ASN D 336 26.87 -19.51 25.82
N ILE D 337 26.82 -19.27 24.50
CA ILE D 337 25.58 -19.41 23.73
C ILE D 337 25.83 -20.24 22.45
N VAL D 338 24.83 -21.03 22.06
CA VAL D 338 24.92 -21.88 20.86
C VAL D 338 23.82 -21.49 19.89
N VAL D 339 24.19 -21.13 18.67
CA VAL D 339 23.22 -20.77 17.63
C VAL D 339 23.49 -21.56 16.31
N GLY D 340 22.46 -21.84 15.56
CA GLY D 340 22.65 -22.47 14.25
C GLY D 340 21.37 -23.07 13.74
N PHE D 341 21.50 -23.77 12.62
CA PHE D 341 20.33 -24.27 11.92
C PHE D 341 20.17 -25.77 12.08
N GLY D 342 18.91 -26.20 12.20
CA GLY D 342 18.56 -27.60 12.15
C GLY D 342 17.18 -27.74 11.49
N ARG D 343 16.71 -28.97 11.34
CA ARG D 343 15.33 -29.20 10.93
C ARG D 343 14.60 -29.93 12.07
N ILE D 344 13.36 -29.53 12.35
CA ILE D 344 12.49 -30.32 13.23
C ILE D 344 11.26 -30.69 12.38
N ASP D 345 11.05 -32.00 12.20
CA ASP D 345 9.94 -32.50 11.41
C ASP D 345 9.93 -31.92 9.94
N GLY D 346 11.13 -31.77 9.38
CA GLY D 346 11.28 -31.33 8.01
C GLY D 346 11.46 -29.85 7.89
N ARG D 347 11.30 -29.12 8.99
CA ARG D 347 11.22 -27.67 8.97
C ARG D 347 12.47 -27.04 9.54
N PRO D 348 13.09 -26.10 8.79
CA PRO D 348 14.26 -25.37 9.26
C PRO D 348 13.88 -24.52 10.43
N VAL D 349 14.75 -24.49 11.43
CA VAL D 349 14.56 -23.72 12.64
C VAL D 349 15.93 -23.11 12.94
N GLY D 350 15.91 -21.99 13.64
CA GLY D 350 17.10 -21.39 14.17
C GLY D 350 17.14 -21.66 15.65
N ILE D 351 18.20 -22.34 16.11
CA ILE D 351 18.42 -22.64 17.53
C ILE D 351 19.23 -21.53 18.18
N VAL D 352 18.73 -21.03 19.31
CA VAL D 352 19.45 -20.11 20.21
C VAL D 352 19.35 -20.73 21.62
N ALA D 353 20.49 -21.21 22.13
CA ALA D 353 20.49 -22.05 23.32
C ALA D 353 21.58 -21.57 24.31
N ASN D 354 21.24 -21.32 25.54
CA ASN D 354 22.34 -21.02 26.50
C ASN D 354 23.20 -22.29 26.69
N GLN D 355 24.46 -22.15 27.04
CA GLN D 355 25.32 -23.32 27.20
C GLN D 355 25.82 -23.42 28.66
N PRO D 356 25.21 -24.32 29.45
CA PRO D 356 25.57 -24.43 30.88
C PRO D 356 27.06 -24.79 31.14
N THR D 357 27.70 -25.25 30.11
CA THR D 357 29.02 -25.76 30.10
C THR D 357 30.05 -24.64 29.82
N HIS D 358 29.60 -23.41 29.60
CA HIS D 358 30.54 -22.33 29.49
C HIS D 358 29.92 -21.13 30.19
N PHE D 359 30.58 -20.68 31.26
CA PHE D 359 30.06 -19.63 32.18
C PHE D 359 28.75 -20.03 32.87
N ALA D 360 28.51 -21.32 33.06
CA ALA D 360 27.20 -21.78 33.55
C ALA D 360 25.98 -21.29 32.70
N GLY D 361 26.22 -20.87 31.46
CA GLY D 361 25.12 -20.49 30.56
C GLY D 361 24.74 -19.01 30.65
N CYS D 362 25.49 -18.26 31.45
CA CYS D 362 25.34 -16.83 31.58
C CYS D 362 25.62 -16.15 30.25
N LEU D 363 24.84 -15.07 30.03
CA LEU D 363 24.99 -14.16 28.93
C LEU D 363 26.13 -13.21 29.18
N ASP D 364 26.75 -12.76 28.10
CA ASP D 364 27.73 -11.71 28.19
C ASP D 364 27.61 -10.85 26.93
N ILE D 365 28.49 -9.88 26.79
CA ILE D 365 28.50 -8.99 25.64
C ILE D 365 28.53 -9.79 24.34
N ASN D 366 29.51 -10.70 24.18
CA ASN D 366 29.75 -11.34 22.91
C ASN D 366 28.65 -12.33 22.53
N ALA D 367 28.18 -13.11 23.49
CA ALA D 367 27.06 -14.03 23.31
C ALA D 367 25.77 -13.26 22.94
N SER D 368 25.60 -12.07 23.51
CA SER D 368 24.44 -11.25 23.18
C SER D 368 24.49 -10.85 21.71
N GLU D 369 25.62 -10.38 21.21
CA GLU D 369 25.76 -9.91 19.82
C GLU D 369 25.65 -11.03 18.80
N LYS D 370 26.18 -12.19 19.17
CA LYS D 370 26.18 -13.37 18.35
C LYS D 370 24.74 -13.85 18.18
N ALA D 371 24.02 -13.91 19.28
CA ALA D 371 22.65 -14.40 19.23
C ALA D 371 21.77 -13.33 18.57
N ALA D 372 22.01 -12.06 18.87
CA ALA D 372 21.17 -10.96 18.29
C ALA D 372 21.16 -10.96 16.73
N ARG D 373 22.36 -10.95 16.13
CA ARG D 373 22.47 -10.87 14.68
C ARG D 373 21.88 -12.17 14.08
N PHE D 374 22.14 -13.30 14.72
CA PHE D 374 21.55 -14.56 14.33
C PHE D 374 20.03 -14.56 14.31
N VAL D 375 19.42 -14.10 15.40
CA VAL D 375 17.95 -13.91 15.48
C VAL D 375 17.39 -12.99 14.36
N ARG D 376 18.03 -11.85 14.15
CA ARG D 376 17.58 -10.95 13.08
C ARG D 376 17.73 -11.54 11.68
N THR D 377 18.76 -12.36 11.49
CA THR D 377 18.98 -13.06 10.22
C THR D 377 17.87 -14.07 9.96
N CYS D 378 17.58 -14.89 10.99
CA CYS D 378 16.45 -15.81 10.97
C CYS D 378 15.15 -15.10 10.65
N ASP D 379 14.88 -14.00 11.33
CA ASP D 379 13.66 -13.19 11.05
C ASP D 379 13.58 -12.71 9.58
N CYS D 380 14.66 -12.11 9.06
CA CYS D 380 14.73 -11.71 7.63
C CYS D 380 14.33 -12.86 6.70
N PHE D 381 14.82 -14.07 6.97
CA PHE D 381 14.69 -15.19 6.01
C PHE D 381 13.70 -16.26 6.45
N ASN D 382 12.73 -15.84 7.26
CA ASN D 382 11.52 -16.58 7.58
C ASN D 382 11.81 -17.90 8.34
N ILE D 383 12.82 -17.85 9.18
CA ILE D 383 13.18 -19.06 9.94
C ILE D 383 12.68 -18.99 11.38
N PRO D 384 11.80 -19.92 11.80
CA PRO D 384 11.39 -19.91 13.22
C PRO D 384 12.56 -19.92 14.21
N ILE D 385 12.35 -19.25 15.35
CA ILE D 385 13.38 -19.19 16.41
C ILE D 385 13.00 -20.10 17.59
N VAL D 386 13.81 -21.13 17.82
CA VAL D 386 13.62 -22.05 18.94
C VAL D 386 14.72 -21.76 19.98
N MET D 387 14.31 -21.24 21.16
CA MET D 387 15.22 -20.99 22.28
C MET D 387 15.23 -22.13 23.29
N LEU D 388 16.42 -22.47 23.77
CA LEU D 388 16.56 -23.53 24.82
C LEU D 388 17.30 -22.80 25.92
N VAL D 389 16.67 -22.71 27.08
CA VAL D 389 17.05 -21.72 28.04
C VAL D 389 17.58 -22.34 29.34
N ASP D 390 18.75 -21.87 29.75
CA ASP D 390 19.33 -22.19 31.03
C ASP D 390 20.35 -21.10 31.32
N VAL D 391 19.86 -20.04 31.93
CA VAL D 391 20.64 -18.83 32.07
C VAL D 391 20.55 -18.29 33.53
N PRO D 392 21.67 -18.36 34.29
CA PRO D 392 21.70 -17.83 35.63
C PRO D 392 21.73 -16.31 35.69
N GLY D 393 22.01 -15.64 34.58
CA GLY D 393 22.17 -14.20 34.63
C GLY D 393 23.19 -13.81 33.58
N PHE D 394 23.80 -12.65 33.79
CA PHE D 394 24.86 -12.11 32.97
C PHE D 394 26.17 -12.24 33.72
N LEU D 395 27.25 -12.50 32.98
CA LEU D 395 28.59 -12.66 33.53
C LEU D 395 29.06 -11.38 34.21
N PRO D 396 29.25 -11.44 35.55
CA PRO D 396 29.65 -10.21 36.28
C PRO D 396 31.11 -9.83 36.03
N GLY D 397 31.41 -8.54 36.00
CA GLY D 397 32.77 -8.08 35.83
C GLY D 397 32.76 -6.61 35.50
N THR D 398 33.75 -5.88 35.99
CA THR D 398 33.92 -4.50 35.61
C THR D 398 34.10 -4.31 34.07
N ASP D 399 34.91 -5.15 33.41
CA ASP D 399 35.09 -5.04 31.93
C ASP D 399 33.82 -5.31 31.11
N GLN D 400 32.89 -6.11 31.62
CA GLN D 400 31.56 -6.20 30.98
C GLN D 400 30.89 -4.79 30.96
N GLU D 401 31.00 -4.06 32.06
CA GLU D 401 30.36 -2.76 32.11
C GLU D 401 31.09 -1.80 31.22
N TYR D 402 32.41 -1.73 31.38
CA TYR D 402 33.26 -0.80 30.61
C TYR D 402 33.15 -1.01 29.11
N ASN D 403 32.98 -2.27 28.72
CA ASN D 403 32.94 -2.64 27.30
C ASN D 403 31.55 -2.63 26.68
N GLY D 404 30.51 -2.51 27.51
CA GLY D 404 29.17 -2.14 27.04
C GLY D 404 28.12 -3.23 27.10
N ILE D 405 28.10 -4.04 28.15
CA ILE D 405 27.03 -5.00 28.32
C ILE D 405 25.63 -4.37 28.27
N ILE D 406 25.47 -3.18 28.83
CA ILE D 406 24.14 -2.53 28.79
C ILE D 406 23.72 -2.24 27.33
N ARG D 407 24.53 -1.48 26.60
CA ARG D 407 24.24 -1.14 25.21
C ARG D 407 24.20 -2.38 24.28
N ARG D 408 25.10 -3.34 24.52
CA ARG D 408 25.30 -4.48 23.64
C ARG D 408 24.47 -5.70 23.96
N GLY D 409 24.14 -5.90 25.24
CA GLY D 409 23.21 -6.94 25.63
C GLY D 409 21.79 -6.64 25.17
N ALA D 410 21.46 -5.33 25.14
CA ALA D 410 20.16 -4.86 24.68
C ALA D 410 19.82 -5.24 23.22
N LYS D 411 20.87 -5.46 22.41
CA LYS D 411 20.72 -5.93 21.01
C LYS D 411 19.92 -7.19 20.87
N LEU D 412 20.08 -8.09 21.82
CA LEU D 412 19.40 -9.36 21.80
C LEU D 412 17.95 -9.18 22.19
N LEU D 413 17.69 -8.29 23.16
CA LEU D 413 16.28 -7.82 23.40
C LEU D 413 15.62 -7.28 22.15
N TYR D 414 16.34 -6.37 21.49
CA TYR D 414 15.83 -5.71 20.30
C TYR D 414 15.49 -6.72 19.23
N ALA D 415 16.47 -7.61 18.91
CA ALA D 415 16.34 -8.63 17.90
C ALA D 415 15.14 -9.51 18.13
N TYR D 416 14.97 -9.99 19.35
CA TYR D 416 13.84 -10.83 19.68
C TYR D 416 12.47 -10.07 19.66
N GLY D 417 12.43 -8.88 20.25
CA GLY D 417 11.23 -8.03 20.23
C GLY D 417 10.81 -7.69 18.81
N GLU D 418 11.79 -7.51 17.92
CA GLU D 418 11.48 -7.17 16.55
C GLU D 418 10.92 -8.36 15.74
N ALA D 419 11.29 -9.58 16.10
CA ALA D 419 11.04 -10.76 15.28
C ALA D 419 9.58 -11.11 15.15
N THR D 420 9.18 -11.53 13.97
CA THR D 420 7.82 -11.90 13.75
C THR D 420 7.68 -13.31 13.27
N VAL D 421 8.80 -13.99 13.00
CA VAL D 421 8.73 -15.41 12.67
C VAL D 421 8.19 -16.17 13.91
N PRO D 422 7.69 -17.39 13.74
CA PRO D 422 7.31 -18.17 14.93
C PRO D 422 8.44 -18.22 15.96
N LYS D 423 8.05 -18.20 17.22
CA LYS D 423 9.00 -18.17 18.31
C LYS D 423 8.53 -19.16 19.38
N ILE D 424 9.34 -20.18 19.69
CA ILE D 424 9.02 -21.22 20.69
C ILE D 424 10.20 -21.26 21.67
N THR D 425 9.91 -21.20 22.96
CA THR D 425 11.00 -21.21 23.95
C THR D 425 10.79 -22.40 24.90
N VAL D 426 11.89 -23.08 25.23
CA VAL D 426 11.91 -24.19 26.21
C VAL D 426 12.93 -23.85 27.32
N ILE D 427 12.42 -23.70 28.55
CA ILE D 427 13.30 -23.53 29.70
C ILE D 427 13.66 -24.91 30.23
N THR D 428 14.95 -25.27 30.16
CA THR D 428 15.35 -26.60 30.63
C THR D 428 15.69 -26.56 32.12
N ARG D 429 16.32 -25.43 32.53
CA ARG D 429 16.75 -25.27 33.90
C ARG D 429 16.65 -23.82 34.40
N LYS D 430 17.75 -23.09 34.58
CA LYS D 430 17.67 -21.74 35.19
C LYS D 430 17.12 -20.68 34.22
N ALA D 431 16.42 -19.68 34.78
CA ALA D 431 16.02 -18.49 34.05
C ALA D 431 15.83 -17.40 35.08
N TYR D 432 16.88 -16.61 35.32
CA TYR D 432 16.84 -15.66 36.42
C TYR D 432 16.97 -14.22 35.95
N GLY D 433 16.16 -13.32 36.55
CA GLY D 433 16.40 -11.87 36.46
C GLY D 433 16.15 -11.37 35.05
N GLY D 434 16.82 -10.29 34.64
CA GLY D 434 16.75 -9.76 33.25
C GLY D 434 17.10 -10.77 32.16
N ALA D 435 17.93 -11.77 32.48
CA ALA D 435 18.25 -12.85 31.49
C ALA D 435 17.03 -13.73 31.18
N TYR D 436 16.18 -14.00 32.16
CA TYR D 436 14.89 -14.62 31.89
C TYR D 436 14.14 -13.82 30.77
N CYS D 437 14.16 -12.49 30.90
CA CYS D 437 13.44 -11.59 29.96
C CYS D 437 14.00 -11.77 28.55
N VAL D 438 15.33 -11.70 28.47
CA VAL D 438 16.07 -11.78 27.21
C VAL D 438 15.81 -13.09 26.47
N MET D 439 15.82 -14.19 27.20
CA MET D 439 15.79 -15.49 26.59
C MET D 439 14.38 -15.97 26.28
N GLY D 440 13.63 -15.23 25.47
CA GLY D 440 12.37 -15.75 24.94
C GLY D 440 11.22 -15.74 25.94
N SER D 441 11.22 -14.76 26.85
CA SER D 441 10.09 -14.59 27.76
C SER D 441 8.77 -14.37 26.99
N LYS D 442 7.67 -14.81 27.59
CA LYS D 442 6.32 -14.56 27.06
C LYS D 442 6.12 -13.10 26.68
N ASP D 443 6.48 -12.19 27.58
CA ASP D 443 6.16 -10.79 27.41
C ASP D 443 7.11 -10.04 26.49
N MET D 444 8.19 -10.72 26.10
CA MET D 444 8.99 -10.27 24.94
C MET D 444 8.38 -10.72 23.58
N GLY D 445 7.23 -11.41 23.63
CA GLY D 445 6.51 -11.72 22.41
C GLY D 445 6.77 -13.12 21.91
N CYS D 446 7.13 -14.04 22.79
CA CYS D 446 7.28 -15.44 22.39
C CYS D 446 5.92 -16.09 22.19
N ASP D 447 5.79 -16.91 21.15
CA ASP D 447 4.45 -17.43 20.78
C ASP D 447 4.01 -18.61 21.65
N VAL D 448 4.94 -19.58 21.81
CA VAL D 448 4.71 -20.75 22.63
C VAL D 448 5.84 -20.98 23.66
N ASN D 449 5.46 -21.05 24.94
CA ASN D 449 6.46 -21.11 26.02
C ASN D 449 6.35 -22.42 26.81
N LEU D 450 7.45 -23.18 26.82
CA LEU D 450 7.51 -24.50 27.48
C LEU D 450 8.54 -24.46 28.59
N ALA D 451 8.38 -25.36 29.57
CA ALA D 451 9.37 -25.50 30.62
C ALA D 451 9.46 -26.95 31.02
N TRP D 452 10.68 -27.36 31.37
CA TRP D 452 10.90 -28.70 32.01
C TRP D 452 10.61 -28.65 33.54
N PRO D 453 10.35 -29.82 34.20
CA PRO D 453 10.07 -29.70 35.66
C PRO D 453 11.27 -29.15 36.45
N THR D 454 12.43 -29.12 35.80
CA THR D 454 13.67 -28.63 36.39
C THR D 454 13.86 -27.13 36.16
N ALA D 455 12.91 -26.53 35.44
CA ALA D 455 12.96 -25.06 35.24
C ALA D 455 12.98 -24.36 36.58
N GLN D 456 13.86 -23.39 36.73
CA GLN D 456 13.96 -22.61 37.95
C GLN D 456 13.87 -21.13 37.53
N ILE D 457 12.66 -20.57 37.60
CA ILE D 457 12.36 -19.26 37.04
C ILE D 457 12.11 -18.33 38.19
N ALA D 458 12.86 -17.23 38.27
CA ALA D 458 12.80 -16.39 39.48
C ALA D 458 13.53 -15.09 39.23
N VAL D 459 13.23 -14.10 40.05
CA VAL D 459 13.95 -12.82 39.93
C VAL D 459 15.43 -13.08 40.19
N MET D 460 15.72 -13.99 41.11
CA MET D 460 17.07 -14.20 41.58
C MET D 460 17.12 -15.58 42.19
N GLY D 461 18.29 -16.22 42.16
CA GLY D 461 18.41 -17.53 42.82
C GLY D 461 18.23 -17.40 44.34
N ALA D 462 17.79 -18.48 44.95
CA ALA D 462 17.44 -18.54 46.36
C ALA D 462 18.53 -18.04 47.29
N SER D 463 19.80 -18.36 47.01
CA SER D 463 20.94 -17.88 47.81
C SER D 463 21.06 -16.38 47.91
N GLY D 464 21.03 -15.66 46.78
CA GLY D 464 21.03 -14.19 46.82
C GLY D 464 19.72 -13.59 47.35
N ALA D 465 18.62 -14.31 47.17
CA ALA D 465 17.29 -13.78 47.44
C ALA D 465 16.99 -13.70 48.93
N VAL D 466 17.40 -14.73 49.70
CA VAL D 466 17.10 -14.80 51.14
C VAL D 466 17.75 -13.66 51.94
N GLY D 467 18.95 -13.25 51.54
CA GLY D 467 19.60 -12.09 52.15
C GLY D 467 18.74 -10.83 52.13
N PHE D 468 17.86 -10.72 51.13
CA PHE D 468 16.99 -9.57 50.93
C PHE D 468 15.63 -9.81 51.55
N VAL D 469 15.02 -10.93 51.19
CA VAL D 469 13.64 -11.28 51.58
C VAL D 469 13.49 -11.44 53.12
N TYR D 470 14.45 -12.12 53.75
CA TYR D 470 14.43 -12.32 55.20
C TYR D 470 15.60 -11.59 55.87
N ARG D 471 15.93 -10.40 55.37
CA ARG D 471 17.03 -9.55 55.85
C ARG D 471 17.00 -9.24 57.34
N GLN D 472 15.81 -9.31 57.95
CA GLN D 472 15.65 -9.13 59.40
C GLN D 472 16.56 -10.09 60.15
N GLN D 473 16.26 -11.39 60.02
CA GLN D 473 17.01 -12.44 60.69
C GLN D 473 18.43 -12.58 60.11
N ARG D 488 19.71 -19.91 57.93
CA ARG D 488 19.72 -19.20 56.65
C ARG D 488 19.84 -20.14 55.44
N LEU D 489 20.38 -21.33 55.64
CA LEU D 489 20.34 -22.36 54.62
C LEU D 489 18.96 -23.02 54.68
N ARG D 490 18.32 -22.88 55.83
CA ARG D 490 16.96 -23.37 56.00
C ARG D 490 16.03 -22.50 55.16
N LEU D 491 16.25 -21.19 55.24
CA LEU D 491 15.49 -20.17 54.49
C LEU D 491 15.67 -20.28 52.97
N GLN D 492 16.92 -20.51 52.55
CA GLN D 492 17.28 -20.73 51.15
C GLN D 492 16.47 -21.86 50.60
N GLN D 493 16.64 -23.02 51.23
CA GLN D 493 15.94 -24.23 50.87
C GLN D 493 14.38 -24.01 50.90
N GLU D 494 13.90 -23.20 51.82
CA GLU D 494 12.45 -22.92 51.91
C GLU D 494 11.95 -22.17 50.68
N TYR D 495 12.61 -21.06 50.35
CA TYR D 495 12.33 -20.22 49.16
C TYR D 495 12.46 -21.05 47.85
N GLU D 496 13.56 -21.80 47.80
CA GLU D 496 13.88 -22.74 46.73
C GLU D 496 12.75 -23.70 46.44
N ASP D 497 12.17 -24.26 47.52
CA ASP D 497 11.13 -25.28 47.43
C ASP D 497 9.73 -24.68 47.30
N THR D 498 9.61 -23.40 47.64
CA THR D 498 8.35 -22.67 47.48
C THR D 498 8.20 -22.14 46.07
N LEU D 499 9.32 -21.68 45.48
CA LEU D 499 9.27 -20.57 44.52
C LEU D 499 10.12 -20.66 43.23
N VAL D 500 11.27 -21.29 43.39
CA VAL D 500 12.23 -21.41 42.32
C VAL D 500 11.85 -22.66 41.56
N ASN D 501 10.85 -22.50 40.69
CA ASN D 501 10.27 -23.65 39.99
C ASN D 501 9.55 -23.22 38.70
N PRO D 502 8.89 -24.16 37.99
CA PRO D 502 8.19 -23.61 36.81
C PRO D 502 6.73 -23.14 37.05
N TYR D 503 6.16 -23.48 38.21
CA TYR D 503 4.73 -23.32 38.45
C TYR D 503 4.23 -21.89 38.64
N VAL D 504 5.02 -21.05 39.29
CA VAL D 504 4.65 -19.67 39.51
C VAL D 504 4.53 -18.96 38.13
N ALA D 505 5.50 -19.21 37.23
CA ALA D 505 5.48 -18.68 35.86
C ALA D 505 4.32 -19.29 35.05
N ALA D 506 4.10 -20.59 35.20
CA ALA D 506 3.00 -21.28 34.53
C ALA D 506 1.62 -20.72 34.91
N GLU D 507 1.46 -20.35 36.18
CA GLU D 507 0.20 -19.83 36.67
C GLU D 507 -0.07 -18.42 36.17
N ARG D 508 0.99 -17.64 35.96
CA ARG D 508 0.89 -16.37 35.24
C ARG D 508 0.66 -16.58 33.75
N GLY D 509 0.79 -17.81 33.26
CA GLY D 509 0.68 -18.09 31.82
C GLY D 509 1.94 -17.75 31.03
N TYR D 510 3.03 -17.41 31.74
CA TYR D 510 4.32 -17.10 31.10
C TYR D 510 4.92 -18.32 30.49
N VAL D 511 4.59 -19.47 31.05
CA VAL D 511 4.80 -20.71 30.38
C VAL D 511 3.44 -21.40 30.17
N GLY D 512 3.19 -21.81 28.92
CA GLY D 512 1.91 -22.45 28.55
C GLY D 512 1.84 -23.94 28.87
N ALA D 513 3.01 -24.59 28.97
CA ALA D 513 3.05 -26.01 29.35
C ALA D 513 4.36 -26.40 30.05
N VAL D 514 4.22 -27.04 31.21
CA VAL D 514 5.34 -27.65 31.91
C VAL D 514 5.29 -29.07 31.46
N ILE D 515 6.39 -29.56 30.88
CA ILE D 515 6.33 -30.86 30.13
C ILE D 515 7.42 -31.83 30.54
N PRO D 516 7.17 -33.15 30.37
CA PRO D 516 8.33 -34.07 30.49
C PRO D 516 9.38 -33.70 29.45
N PRO D 517 10.67 -33.65 29.84
CA PRO D 517 11.70 -33.36 28.84
C PRO D 517 11.53 -34.16 27.53
N SER D 518 11.18 -35.44 27.63
CA SER D 518 11.11 -36.28 26.45
C SER D 518 10.04 -35.83 25.46
N HIS D 519 9.05 -35.04 25.93
CA HIS D 519 7.93 -34.53 25.10
C HIS D 519 8.27 -33.30 24.23
N THR D 520 9.47 -32.77 24.41
CA THR D 520 9.87 -31.50 23.85
C THR D 520 9.83 -31.47 22.33
N ARG D 521 10.48 -32.43 21.69
CA ARG D 521 10.47 -32.59 20.25
C ARG D 521 9.03 -32.61 19.66
N GLY D 522 8.16 -33.43 20.22
CA GLY D 522 6.76 -33.55 19.76
C GLY D 522 5.99 -32.21 19.88
N TYR D 523 6.10 -31.53 21.04
CA TYR D 523 5.52 -30.20 21.30
C TYR D 523 5.99 -29.15 20.33
N ILE D 524 7.30 -29.08 20.11
CA ILE D 524 7.86 -28.13 19.17
C ILE D 524 7.28 -28.38 17.76
N GLY D 525 7.21 -29.65 17.37
CA GLY D 525 6.67 -30.03 16.08
C GLY D 525 5.23 -29.55 15.91
N THR D 526 4.35 -29.78 16.92
CA THR D 526 2.98 -29.25 16.88
C THR D 526 2.95 -27.72 16.80
N ALA D 527 3.77 -27.03 17.59
CA ALA D 527 3.77 -25.59 17.60
C ALA D 527 4.23 -25.02 16.25
N LEU D 528 5.26 -25.59 15.66
CA LEU D 528 5.73 -25.16 14.32
C LEU D 528 4.65 -25.27 13.25
N ARG D 529 3.92 -26.38 13.27
CA ARG D 529 2.81 -26.56 12.33
C ARG D 529 1.75 -25.49 12.54
N LEU D 530 1.34 -25.29 13.79
CA LEU D 530 0.31 -24.34 14.14
C LEU D 530 0.67 -22.93 13.66
N LEU D 531 1.95 -22.58 13.92
CA LEU D 531 2.47 -21.27 13.65
C LEU D 531 3.00 -21.04 12.22
N GLU D 532 2.79 -21.99 11.32
CA GLU D 532 3.43 -21.92 10.00
C GLU D 532 3.00 -20.77 9.09
N ARG D 533 1.85 -20.14 9.37
CA ARG D 533 1.32 -19.02 8.56
C ARG D 533 1.01 -17.81 9.42
N LYS D 534 1.91 -17.47 10.32
CA LYS D 534 1.68 -16.59 11.48
C LYS D 534 1.42 -15.14 11.09
N LYS D 541 7.58 2.53 10.25
CA LYS D 541 8.90 3.14 10.33
C LYS D 541 9.71 2.94 9.03
N LYS D 542 10.60 3.87 8.72
CA LYS D 542 11.67 3.59 7.75
C LYS D 542 12.51 2.35 8.16
N HIS D 543 12.70 2.21 9.48
CA HIS D 543 13.61 1.29 10.17
C HIS D 543 13.59 1.75 11.64
N GLY D 544 14.03 0.87 12.51
CA GLY D 544 14.15 1.13 13.93
C GLY D 544 15.52 1.66 14.23
N ASN D 545 15.85 1.73 15.52
CA ASN D 545 17.08 2.33 15.94
C ASN D 545 17.74 1.40 16.99
N VAL D 546 17.94 0.13 16.64
CA VAL D 546 18.70 -0.77 17.48
C VAL D 546 19.99 -0.10 18.07
N PRO D 547 20.36 -0.43 19.33
CA PRO D 547 21.69 -0.07 19.84
C PRO D 547 22.76 -0.64 18.90
N LEU D 548 23.81 0.12 18.66
CA LEU D 548 24.91 -0.28 17.80
C LEU D 548 26.22 -0.26 18.61
N ASP E 21 -51.10 -23.56 -23.16
CA ASP E 21 -51.80 -22.62 -22.22
C ASP E 21 -50.77 -21.74 -21.51
N ILE E 22 -50.79 -20.46 -21.87
CA ILE E 22 -49.82 -19.47 -21.44
C ILE E 22 -49.98 -19.10 -19.97
N HIS E 23 -51.03 -19.63 -19.32
CA HIS E 23 -51.21 -19.43 -17.89
C HIS E 23 -50.76 -20.65 -17.09
N THR E 24 -50.08 -21.57 -17.75
CA THR E 24 -49.52 -22.73 -17.09
C THR E 24 -47.99 -22.69 -17.10
N THR E 25 -47.37 -23.38 -16.15
CA THR E 25 -45.92 -23.54 -16.09
C THR E 25 -45.38 -24.14 -17.40
N ALA E 26 -45.98 -25.24 -17.85
CA ALA E 26 -45.60 -25.90 -19.08
C ALA E 26 -45.69 -24.97 -20.30
N GLY E 27 -46.75 -24.18 -20.34
CA GLY E 27 -46.95 -23.21 -21.42
C GLY E 27 -45.95 -22.07 -21.38
N LYS E 28 -45.59 -21.64 -20.17
CA LYS E 28 -44.56 -20.61 -20.03
C LYS E 28 -43.20 -21.11 -20.54
N LEU E 29 -42.88 -22.35 -20.18
CA LEU E 29 -41.67 -23.02 -20.66
C LEU E 29 -41.65 -23.17 -22.18
N ALA E 30 -42.78 -23.59 -22.77
CA ALA E 30 -42.92 -23.68 -24.23
C ALA E 30 -42.74 -22.32 -24.93
N GLU E 31 -43.29 -21.27 -24.33
CA GLU E 31 -43.16 -19.92 -24.87
C GLU E 31 -41.69 -19.43 -24.89
N LEU E 32 -40.90 -19.85 -23.90
CA LEU E 32 -39.48 -19.48 -23.81
C LEU E 32 -38.72 -20.14 -24.96
N HIS E 33 -38.93 -21.44 -25.14
CA HIS E 33 -38.35 -22.17 -26.28
C HIS E 33 -38.66 -21.52 -27.63
N LYS E 34 -39.88 -21.04 -27.75
CA LYS E 34 -40.33 -20.30 -28.92
C LYS E 34 -39.56 -18.94 -29.10
N ARG E 35 -39.39 -18.20 -28.02
CA ARG E 35 -38.65 -16.93 -28.07
C ARG E 35 -37.20 -17.14 -28.42
N ARG E 36 -36.61 -18.18 -27.85
CA ARG E 36 -35.25 -18.60 -28.12
C ARG E 36 -35.01 -18.95 -29.59
N GLU E 37 -35.85 -19.83 -30.14
CA GLU E 37 -35.85 -20.17 -31.55
C GLU E 37 -35.90 -18.91 -32.45
N GLU E 38 -36.83 -18.00 -32.17
CA GLU E 38 -36.94 -16.79 -32.95
C GLU E 38 -35.66 -15.93 -32.86
N SER E 39 -34.97 -15.97 -31.71
CA SER E 39 -33.75 -15.15 -31.55
C SER E 39 -32.57 -15.58 -32.42
N LEU E 40 -32.62 -16.81 -32.95
CA LEU E 40 -31.59 -17.37 -33.81
C LEU E 40 -31.65 -16.80 -35.22
N HIS E 41 -32.79 -16.18 -35.54
CA HIS E 41 -32.99 -15.57 -36.83
C HIS E 41 -33.88 -14.34 -36.58
N PRO E 42 -33.33 -13.31 -35.91
CA PRO E 42 -34.20 -12.25 -35.37
C PRO E 42 -34.90 -11.38 -36.41
N VAL E 43 -34.40 -11.34 -37.64
CA VAL E 43 -35.06 -10.58 -38.70
C VAL E 43 -35.53 -11.52 -39.82
N GLY E 44 -35.77 -12.79 -39.48
CA GLY E 44 -36.31 -13.77 -40.44
C GLY E 44 -35.25 -14.72 -40.97
N GLU E 45 -35.71 -15.90 -41.38
CA GLU E 45 -34.87 -16.97 -41.89
C GLU E 45 -34.21 -16.58 -43.20
N ASP E 46 -34.93 -15.77 -43.97
CA ASP E 46 -34.44 -15.30 -45.24
C ASP E 46 -33.15 -14.54 -45.08
N ALA E 47 -33.07 -13.67 -44.05
CA ALA E 47 -31.86 -12.86 -43.85
C ALA E 47 -30.62 -13.75 -43.59
N VAL E 48 -30.78 -14.80 -42.81
CA VAL E 48 -29.74 -15.83 -42.59
C VAL E 48 -29.27 -16.49 -43.92
N GLU E 49 -30.23 -16.90 -44.75
CA GLU E 49 -29.98 -17.46 -46.07
C GLU E 49 -29.14 -16.55 -46.93
N LYS E 50 -29.44 -15.26 -46.92
CA LYS E 50 -28.67 -14.26 -47.67
C LYS E 50 -27.22 -14.15 -47.17
N VAL E 51 -27.02 -14.20 -45.86
CA VAL E 51 -25.65 -14.27 -45.28
C VAL E 51 -24.90 -15.53 -45.79
N HIS E 52 -25.49 -16.71 -45.60
CA HIS E 52 -24.90 -17.96 -46.07
C HIS E 52 -24.62 -17.99 -47.60
N ALA E 53 -25.46 -17.34 -48.38
CA ALA E 53 -25.33 -17.30 -49.84
C ALA E 53 -24.04 -16.56 -50.25
N LYS E 54 -23.59 -15.66 -49.39
CA LYS E 54 -22.32 -14.97 -49.58
C LYS E 54 -21.12 -15.85 -49.12
N GLY E 55 -21.44 -16.94 -48.44
CA GLY E 55 -20.41 -17.74 -47.81
C GLY E 55 -20.05 -17.28 -46.40
N LYS E 56 -20.81 -16.30 -45.87
CA LYS E 56 -20.45 -15.78 -44.54
C LYS E 56 -21.16 -16.53 -43.41
N LEU E 57 -20.56 -16.48 -42.24
CA LEU E 57 -21.12 -17.05 -41.01
C LEU E 57 -22.01 -15.97 -40.38
N THR E 58 -23.06 -16.37 -39.64
CA THR E 58 -23.81 -15.35 -38.90
C THR E 58 -22.97 -14.85 -37.70
N ALA E 59 -23.38 -13.74 -37.09
CA ALA E 59 -22.82 -13.28 -35.79
C ALA E 59 -22.58 -14.42 -34.82
N ARG E 60 -23.60 -15.28 -34.58
CA ARG E 60 -23.45 -16.35 -33.58
C ARG E 60 -22.64 -17.55 -34.02
N GLU E 61 -22.74 -17.90 -35.31
CA GLU E 61 -21.89 -18.94 -35.93
C GLU E 61 -20.42 -18.57 -35.84
N ARG E 62 -20.09 -17.29 -36.01
CA ARG E 62 -18.70 -16.85 -35.74
C ARG E 62 -18.27 -17.14 -34.30
N ILE E 63 -19.14 -16.84 -33.35
CA ILE E 63 -18.90 -17.24 -31.96
C ILE E 63 -18.72 -18.76 -31.79
N TYR E 64 -19.63 -19.59 -32.35
CA TYR E 64 -19.55 -21.06 -32.19
C TYR E 64 -18.28 -21.59 -32.85
N ALA E 65 -17.90 -21.01 -34.01
CA ALA E 65 -16.68 -21.41 -34.71
C ALA E 65 -15.45 -21.13 -33.84
N LEU E 66 -15.33 -19.90 -33.32
CA LEU E 66 -14.19 -19.54 -32.46
C LEU E 66 -14.05 -20.32 -31.14
N LEU E 67 -15.13 -20.38 -30.38
CA LEU E 67 -15.08 -20.89 -29.03
C LEU E 67 -15.02 -22.40 -29.02
N ASP E 68 -14.58 -22.99 -27.91
CA ASP E 68 -14.59 -24.43 -27.81
C ASP E 68 -16.01 -24.90 -28.04
N GLU E 69 -16.13 -26.13 -28.55
CA GLU E 69 -17.44 -26.70 -28.85
C GLU E 69 -18.29 -26.77 -27.58
N ASP E 70 -19.54 -26.34 -27.71
CA ASP E 70 -20.54 -26.37 -26.64
C ASP E 70 -20.21 -25.50 -25.42
N SER E 71 -19.32 -24.52 -25.55
CA SER E 71 -18.92 -23.76 -24.36
C SER E 71 -19.67 -22.42 -24.25
N PHE E 72 -20.39 -21.99 -25.28
CA PHE E 72 -21.01 -20.65 -25.28
C PHE E 72 -22.22 -20.53 -24.37
N VAL E 73 -22.20 -19.50 -23.54
CA VAL E 73 -23.35 -19.14 -22.69
C VAL E 73 -23.75 -17.75 -23.12
N GLU E 74 -24.93 -17.65 -23.74
CA GLU E 74 -25.41 -16.39 -24.23
C GLU E 74 -26.01 -15.51 -23.15
N LEU E 75 -25.75 -14.21 -23.26
CA LEU E 75 -26.39 -13.19 -22.39
C LEU E 75 -27.30 -12.28 -23.19
N ASP E 76 -28.39 -11.83 -22.57
CA ASP E 76 -29.27 -10.84 -23.19
C ASP E 76 -29.77 -11.28 -24.60
N ALA E 77 -29.90 -12.59 -24.81
CA ALA E 77 -30.38 -13.15 -26.10
C ALA E 77 -31.68 -12.54 -26.54
N LEU E 78 -32.57 -12.25 -25.59
CA LEU E 78 -33.94 -11.79 -25.88
C LEU E 78 -34.14 -10.28 -25.70
N ALA E 79 -33.05 -9.53 -25.59
CA ALA E 79 -33.13 -8.09 -25.51
C ALA E 79 -33.81 -7.46 -26.74
N LYS E 80 -34.55 -6.36 -26.55
CA LYS E 80 -35.16 -5.62 -27.66
C LYS E 80 -34.94 -4.15 -27.42
N HIS E 81 -34.80 -3.37 -28.49
CA HIS E 81 -34.66 -1.95 -28.41
C HIS E 81 -35.92 -1.30 -27.79
N ARG E 82 -35.73 -0.13 -27.17
CA ARG E 82 -36.82 0.54 -26.43
C ARG E 82 -37.11 1.93 -27.06
N SER E 83 -36.69 2.12 -28.32
CA SER E 83 -36.88 3.38 -29.03
C SER E 83 -38.22 3.40 -29.80
N THR E 84 -38.83 4.59 -29.83
CA THR E 84 -40.06 4.80 -30.59
C THR E 84 -39.90 5.88 -31.66
N ASN E 85 -38.73 6.54 -31.69
CA ASN E 85 -38.39 7.49 -32.75
C ASN E 85 -38.67 6.92 -34.15
N PHE E 86 -39.23 7.76 -35.03
CA PHE E 86 -39.35 7.47 -36.48
C PHE E 86 -39.82 6.07 -36.91
N ASN E 87 -40.94 5.59 -36.38
CA ASN E 87 -41.40 4.22 -36.74
C ASN E 87 -40.43 3.09 -36.35
N LEU E 88 -39.42 3.40 -35.53
CA LEU E 88 -38.49 2.38 -35.03
C LEU E 88 -39.20 1.28 -34.28
N GLY E 89 -40.24 1.64 -33.53
CA GLY E 89 -40.97 0.71 -32.69
C GLY E 89 -41.67 -0.42 -33.42
N GLU E 90 -41.75 -0.31 -34.74
CA GLU E 90 -42.40 -1.32 -35.56
C GLU E 90 -41.51 -2.54 -35.81
N LYS E 91 -40.21 -2.37 -35.61
CA LYS E 91 -39.25 -3.44 -35.83
C LYS E 91 -38.40 -3.55 -34.58
N ARG E 92 -38.63 -4.59 -33.77
CA ARG E 92 -37.84 -4.82 -32.55
C ARG E 92 -37.19 -6.21 -32.51
N PRO E 93 -36.18 -6.46 -33.36
CA PRO E 93 -35.54 -7.79 -33.41
C PRO E 93 -34.99 -8.29 -32.06
N LEU E 94 -35.28 -9.53 -31.71
CA LEU E 94 -34.68 -10.17 -30.53
C LEU E 94 -33.15 -10.09 -30.58
N GLY E 95 -32.52 -9.65 -29.49
CA GLY E 95 -31.06 -9.53 -29.43
C GLY E 95 -30.50 -8.18 -29.80
N ASP E 96 -31.33 -7.35 -30.42
CA ASP E 96 -30.95 -6.01 -30.84
C ASP E 96 -29.67 -5.87 -31.74
N GLY E 97 -29.26 -6.97 -32.39
CA GLY E 97 -28.20 -6.88 -33.40
C GLY E 97 -26.78 -7.23 -33.00
N VAL E 98 -26.64 -7.85 -31.82
CA VAL E 98 -25.32 -8.24 -31.35
C VAL E 98 -25.55 -9.49 -30.55
N VAL E 99 -24.57 -10.41 -30.63
CA VAL E 99 -24.65 -11.66 -29.86
C VAL E 99 -23.54 -11.58 -28.80
N THR E 100 -23.88 -11.75 -27.52
CA THR E 100 -22.89 -11.55 -26.44
C THR E 100 -22.95 -12.75 -25.47
N GLY E 101 -21.87 -12.96 -24.74
CA GLY E 101 -21.84 -14.03 -23.72
C GLY E 101 -20.42 -14.37 -23.35
N TYR E 102 -20.23 -15.57 -22.88
CA TYR E 102 -18.92 -16.03 -22.50
C TYR E 102 -18.85 -17.50 -22.88
N GLY E 103 -17.62 -18.02 -22.97
CA GLY E 103 -17.37 -19.45 -23.17
C GLY E 103 -15.89 -19.70 -22.93
N THR E 104 -15.34 -20.72 -23.59
CA THR E 104 -13.90 -21.02 -23.39
C THR E 104 -13.15 -21.10 -24.72
N ILE E 105 -11.86 -20.82 -24.67
CA ILE E 105 -10.98 -21.06 -25.79
C ILE E 105 -9.81 -21.86 -25.24
N ASP E 106 -9.65 -23.06 -25.76
CA ASP E 106 -8.66 -24.00 -25.26
C ASP E 106 -8.81 -24.22 -23.76
N GLY E 107 -10.06 -24.35 -23.31
CA GLY E 107 -10.41 -24.62 -21.89
C GLY E 107 -10.26 -23.42 -20.95
N ARG E 108 -9.91 -22.24 -21.47
CA ARG E 108 -9.83 -21.07 -20.61
C ARG E 108 -10.99 -20.11 -20.90
N ASP E 109 -11.55 -19.51 -19.86
CA ASP E 109 -12.73 -18.63 -20.00
C ASP E 109 -12.52 -17.31 -20.77
N VAL E 110 -13.38 -17.00 -21.73
CA VAL E 110 -13.29 -15.68 -22.37
C VAL E 110 -14.70 -15.09 -22.39
N CYS E 111 -14.78 -13.79 -22.60
CA CYS E 111 -16.03 -13.10 -22.88
C CYS E 111 -16.01 -12.61 -24.32
N ILE E 112 -17.21 -12.47 -24.90
CA ILE E 112 -17.30 -12.26 -26.34
C ILE E 112 -18.55 -11.45 -26.80
N PHE E 113 -18.37 -10.61 -27.82
CA PHE E 113 -19.51 -10.09 -28.59
C PHE E 113 -19.28 -10.25 -30.09
N SER E 114 -20.38 -10.36 -30.82
CA SER E 114 -20.32 -10.53 -32.25
C SER E 114 -21.50 -9.78 -32.85
N GLN E 115 -21.18 -8.74 -33.64
CA GLN E 115 -22.15 -7.89 -34.27
C GLN E 115 -22.87 -8.49 -35.49
N ASP E 116 -24.18 -8.26 -35.57
CA ASP E 116 -25.04 -8.85 -36.63
C ASP E 116 -25.42 -7.81 -37.73
N ALA E 117 -24.68 -7.81 -38.84
CA ALA E 117 -24.88 -6.84 -39.91
C ALA E 117 -26.24 -7.00 -40.58
N THR E 118 -26.98 -8.06 -40.26
CA THR E 118 -28.32 -8.17 -40.87
C THR E 118 -29.40 -7.40 -40.07
N VAL E 119 -29.00 -6.86 -38.89
CA VAL E 119 -29.96 -6.21 -37.96
C VAL E 119 -29.62 -4.75 -37.93
N PHE E 120 -30.42 -3.93 -38.65
CA PHE E 120 -30.16 -2.49 -38.80
C PHE E 120 -28.76 -2.21 -39.31
N GLY E 121 -28.33 -3.05 -40.26
CA GLY E 121 -26.99 -2.96 -40.84
C GLY E 121 -25.86 -3.19 -39.84
N GLY E 122 -26.20 -3.77 -38.68
CA GLY E 122 -25.26 -3.95 -37.58
C GLY E 122 -24.95 -2.66 -36.82
N SER E 123 -25.71 -1.59 -37.08
CA SER E 123 -25.63 -0.30 -36.40
C SER E 123 -25.96 -0.39 -34.91
N LEU E 124 -25.18 0.33 -34.12
CA LEU E 124 -25.29 0.26 -32.68
C LEU E 124 -26.47 1.14 -32.20
N GLY E 125 -27.33 0.57 -31.38
CA GLY E 125 -28.25 1.38 -30.63
C GLY E 125 -28.01 1.19 -29.13
N GLU E 126 -28.92 1.75 -28.32
CA GLU E 126 -28.81 1.73 -26.85
C GLU E 126 -28.67 0.35 -26.24
N VAL E 127 -29.56 -0.55 -26.62
CA VAL E 127 -29.63 -1.88 -26.08
C VAL E 127 -28.48 -2.78 -26.57
N TYR E 128 -28.22 -2.78 -27.88
CA TYR E 128 -27.00 -3.35 -28.44
C TYR E 128 -25.72 -2.86 -27.68
N GLY E 129 -25.60 -1.55 -27.46
CA GLY E 129 -24.45 -1.01 -26.73
C GLY E 129 -24.44 -1.49 -25.29
N GLU E 130 -25.62 -1.53 -24.65
CA GLU E 130 -25.76 -2.13 -23.33
C GLU E 130 -25.24 -3.54 -23.20
N LYS E 131 -25.54 -4.38 -24.18
CA LYS E 131 -25.11 -5.77 -24.16
C LYS E 131 -23.60 -5.82 -24.29
N ILE E 132 -23.04 -4.95 -25.10
CA ILE E 132 -21.59 -4.92 -25.22
C ILE E 132 -20.97 -4.45 -23.91
N VAL E 133 -21.51 -3.38 -23.33
CA VAL E 133 -21.06 -2.93 -22.01
C VAL E 133 -21.12 -4.06 -20.96
N LYS E 134 -22.19 -4.87 -20.93
CA LYS E 134 -22.27 -5.95 -19.96
C LYS E 134 -21.10 -6.94 -20.07
N VAL E 135 -20.74 -7.35 -21.28
CA VAL E 135 -19.58 -8.29 -21.42
C VAL E 135 -18.23 -7.65 -21.21
N GLN E 136 -18.07 -6.37 -21.51
CA GLN E 136 -16.84 -5.65 -21.15
C GLN E 136 -16.62 -5.64 -19.62
N GLU E 137 -17.66 -5.24 -18.89
CA GLU E 137 -17.62 -5.20 -17.44
C GLU E 137 -17.44 -6.58 -16.88
N LEU E 138 -18.11 -7.57 -17.46
CA LEU E 138 -17.87 -8.95 -17.06
C LEU E 138 -16.41 -9.41 -17.27
N ALA E 139 -15.83 -9.12 -18.43
CA ALA E 139 -14.42 -9.45 -18.71
C ALA E 139 -13.45 -8.78 -17.70
N ILE E 140 -13.60 -7.46 -17.53
CA ILE E 140 -12.79 -6.67 -16.58
C ILE E 140 -12.90 -7.27 -15.17
N LYS E 141 -14.11 -7.55 -14.70
CA LYS E 141 -14.37 -8.04 -13.34
C LYS E 141 -13.84 -9.47 -13.09
N THR E 142 -13.96 -10.33 -14.13
CA THR E 142 -13.48 -11.70 -14.06
C THR E 142 -12.00 -11.81 -14.35
N GLY E 143 -11.41 -10.77 -14.91
CA GLY E 143 -10.02 -10.83 -15.30
C GLY E 143 -9.78 -11.81 -16.45
N ARG E 144 -10.66 -11.78 -17.45
CA ARG E 144 -10.64 -12.73 -18.58
C ARG E 144 -10.60 -11.91 -19.88
N PRO E 145 -9.96 -12.45 -20.95
CA PRO E 145 -9.94 -11.80 -22.25
C PRO E 145 -11.31 -11.42 -22.83
N LEU E 146 -11.36 -10.31 -23.56
CA LEU E 146 -12.56 -9.87 -24.24
C LEU E 146 -12.32 -9.96 -25.77
N ILE E 147 -13.16 -10.71 -26.47
CA ILE E 147 -13.10 -10.78 -27.96
C ILE E 147 -14.30 -10.05 -28.56
N GLY E 148 -14.04 -9.11 -29.44
CA GLY E 148 -15.12 -8.48 -30.17
C GLY E 148 -15.08 -8.80 -31.64
N ILE E 149 -16.22 -9.23 -32.18
CA ILE E 149 -16.24 -9.55 -33.59
C ILE E 149 -17.04 -8.44 -34.21
N ASN E 150 -16.38 -7.64 -35.05
CA ASN E 150 -16.94 -6.38 -35.58
C ASN E 150 -17.36 -6.51 -37.04
N ASP E 151 -18.59 -6.08 -37.31
CA ASP E 151 -19.21 -6.17 -38.62
C ASP E 151 -20.47 -5.29 -38.61
N GLY E 152 -20.36 -4.02 -39.02
CA GLY E 152 -21.54 -3.16 -38.99
C GLY E 152 -21.36 -1.70 -39.30
N ALA E 153 -22.46 -1.03 -39.61
CA ALA E 153 -22.42 0.39 -40.07
C ALA E 153 -22.33 1.47 -38.97
N GLY E 154 -22.24 1.08 -37.72
CA GLY E 154 -22.16 2.26 -36.80
C GLY E 154 -23.43 3.13 -36.58
N ALA E 155 -23.35 4.09 -35.65
CA ALA E 155 -24.50 4.46 -34.81
C ALA E 155 -25.88 4.58 -35.51
N ARG E 156 -26.91 3.93 -34.95
CA ARG E 156 -28.29 4.12 -35.46
C ARG E 156 -28.73 5.57 -35.38
N ILE E 157 -28.81 6.24 -36.52
CA ILE E 157 -29.18 7.65 -36.57
C ILE E 157 -30.54 7.86 -35.87
N GLN E 158 -31.48 6.96 -36.14
CA GLN E 158 -32.87 6.98 -35.62
C GLN E 158 -32.97 7.10 -34.11
N GLU E 159 -32.03 6.46 -33.40
CA GLU E 159 -32.06 6.44 -31.93
C GLU E 159 -31.60 7.76 -31.34
N GLY E 160 -30.77 8.46 -32.11
CA GLY E 160 -30.22 9.73 -31.71
C GLY E 160 -28.95 9.65 -30.87
N VAL E 161 -28.64 10.72 -30.18
CA VAL E 161 -27.45 10.81 -29.34
C VAL E 161 -27.21 9.72 -28.28
N VAL E 162 -28.26 9.01 -27.83
CA VAL E 162 -28.09 7.83 -26.95
C VAL E 162 -27.12 6.80 -27.54
N SER E 163 -27.17 6.59 -28.85
CA SER E 163 -26.23 5.63 -29.48
C SER E 163 -24.76 6.09 -29.30
N LEU E 164 -24.53 7.40 -29.34
CA LEU E 164 -23.20 7.99 -29.15
C LEU E 164 -22.71 7.89 -27.69
N GLY E 165 -23.62 8.02 -26.75
CA GLY E 165 -23.38 7.75 -25.36
C GLY E 165 -22.89 6.33 -25.12
N LEU E 166 -23.53 5.36 -25.76
CA LEU E 166 -23.07 3.97 -25.65
C LEU E 166 -21.69 3.71 -26.28
N TYR E 167 -21.42 4.34 -27.42
CA TYR E 167 -20.10 4.41 -28.03
C TYR E 167 -19.07 4.87 -26.98
N SER E 168 -19.37 6.00 -26.34
CA SER E 168 -18.47 6.59 -25.36
C SER E 168 -18.23 5.61 -24.20
N ARG E 169 -19.28 4.98 -23.71
CA ARG E 169 -19.18 4.03 -22.62
C ARG E 169 -18.34 2.82 -23.00
N ILE E 170 -18.50 2.35 -24.23
CA ILE E 170 -17.66 1.28 -24.78
C ILE E 170 -16.19 1.67 -24.95
N PHE E 171 -15.89 2.79 -25.60
CA PHE E 171 -14.53 3.30 -25.72
C PHE E 171 -13.89 3.41 -24.35
N ARG E 172 -14.63 4.03 -23.41
CA ARG E 172 -14.11 4.21 -22.04
C ARG E 172 -13.78 2.88 -21.34
N ASN E 173 -14.63 1.88 -21.51
CA ASN E 173 -14.32 0.55 -21.01
C ASN E 173 -13.10 -0.08 -21.70
N ASN E 174 -12.92 0.17 -22.99
CA ASN E 174 -11.72 -0.31 -23.72
C ASN E 174 -10.45 0.26 -23.10
N ILE E 175 -10.50 1.55 -22.74
CA ILE E 175 -9.39 2.28 -22.14
C ILE E 175 -9.11 1.75 -20.73
N LEU E 176 -10.16 1.65 -19.91
CA LEU E 176 -10.08 1.08 -18.59
C LEU E 176 -9.43 -0.34 -18.58
N ALA E 177 -9.92 -1.23 -19.45
CA ALA E 177 -9.38 -2.59 -19.62
C ALA E 177 -7.97 -2.63 -20.29
N SER E 178 -7.51 -1.49 -20.82
CA SER E 178 -6.29 -1.49 -21.61
C SER E 178 -5.00 -1.90 -20.89
N GLY E 179 -4.40 -3.02 -21.31
CA GLY E 179 -3.27 -3.55 -20.55
C GLY E 179 -3.65 -4.38 -19.33
N VAL E 180 -4.95 -4.59 -19.11
CA VAL E 180 -5.42 -5.32 -17.92
C VAL E 180 -5.87 -6.73 -18.31
N ILE E 181 -6.73 -6.79 -19.33
CA ILE E 181 -7.16 -8.04 -19.95
C ILE E 181 -6.90 -7.96 -21.45
N PRO E 182 -6.44 -9.08 -22.05
CA PRO E 182 -6.25 -9.05 -23.51
C PRO E 182 -7.56 -8.67 -24.19
N GLN E 183 -7.49 -7.70 -25.11
CA GLN E 183 -8.61 -7.34 -25.94
C GLN E 183 -8.27 -7.59 -27.43
N ILE E 184 -9.00 -8.49 -28.07
CA ILE E 184 -8.84 -8.85 -29.48
C ILE E 184 -10.09 -8.42 -30.27
N SER E 185 -9.87 -7.73 -31.38
CA SER E 185 -10.95 -7.38 -32.29
C SER E 185 -10.75 -8.13 -33.63
N LEU E 186 -11.79 -8.88 -34.00
CA LEU E 186 -11.95 -9.52 -35.32
C LEU E 186 -12.80 -8.61 -36.21
N ILE E 187 -12.25 -8.14 -37.33
CA ILE E 187 -13.05 -7.34 -38.25
C ILE E 187 -13.47 -8.32 -39.37
N MET E 188 -14.77 -8.57 -39.52
CA MET E 188 -15.26 -9.67 -40.39
C MET E 188 -16.28 -9.27 -41.47
N GLY E 189 -16.53 -7.97 -41.59
CA GLY E 189 -17.37 -7.37 -42.63
C GLY E 189 -16.92 -5.92 -42.70
N ALA E 190 -17.71 -5.11 -43.37
CA ALA E 190 -17.46 -3.69 -43.44
C ALA E 190 -17.89 -2.95 -42.13
N ALA E 191 -16.89 -2.39 -41.43
CA ALA E 191 -17.07 -1.65 -40.16
C ALA E 191 -16.80 -0.17 -40.46
N ALA E 192 -17.86 0.62 -40.40
CA ALA E 192 -17.86 1.99 -40.84
C ALA E 192 -18.34 2.88 -39.71
N GLY E 193 -17.76 4.07 -39.60
CA GLY E 193 -18.25 5.03 -38.64
C GLY E 193 -17.45 5.00 -37.35
N GLY E 194 -18.05 5.59 -36.31
CA GLY E 194 -17.35 5.94 -35.06
C GLY E 194 -16.73 4.78 -34.29
N HIS E 195 -17.43 3.64 -34.34
CA HIS E 195 -17.13 2.51 -33.50
C HIS E 195 -15.82 1.79 -33.82
N VAL E 196 -15.25 2.03 -35.01
CA VAL E 196 -13.97 1.43 -35.40
C VAL E 196 -12.81 1.92 -34.47
N TYR E 197 -13.05 3.01 -33.75
CA TYR E 197 -12.12 3.42 -32.67
C TYR E 197 -12.05 2.41 -31.53
N SER E 198 -13.08 1.62 -31.32
CA SER E 198 -13.00 0.58 -30.30
C SER E 198 -11.94 -0.51 -30.67
N PRO E 199 -12.05 -1.16 -31.87
CA PRO E 199 -10.90 -1.99 -32.27
C PRO E 199 -9.52 -1.30 -32.11
N ALA E 200 -9.40 -0.04 -32.49
CA ALA E 200 -8.12 0.66 -32.34
C ALA E 200 -7.62 0.68 -30.88
N LEU E 201 -8.54 0.79 -29.94
CA LEU E 201 -8.16 0.86 -28.54
C LEU E 201 -7.80 -0.51 -27.97
N THR E 202 -8.23 -1.60 -28.61
CA THR E 202 -7.93 -2.96 -28.16
C THR E 202 -6.50 -3.32 -28.57
N ASP E 203 -6.01 -4.47 -28.15
CA ASP E 203 -4.58 -4.82 -28.36
C ASP E 203 -4.23 -5.36 -29.74
N PHE E 204 -5.20 -6.08 -30.34
CA PHE E 204 -4.95 -6.74 -31.59
C PHE E 204 -6.14 -6.65 -32.48
N VAL E 205 -5.86 -6.27 -33.72
CA VAL E 205 -6.84 -6.18 -34.77
C VAL E 205 -6.53 -7.23 -35.85
N ILE E 206 -7.48 -8.14 -36.02
CA ILE E 206 -7.38 -9.22 -37.00
C ILE E 206 -8.43 -8.96 -38.04
N MET E 207 -7.99 -8.75 -39.27
CA MET E 207 -8.90 -8.50 -40.37
C MET E 207 -8.96 -9.72 -41.32
N VAL E 208 -10.06 -9.86 -42.04
CA VAL E 208 -10.20 -10.91 -43.06
C VAL E 208 -9.96 -10.29 -44.45
N ASP E 209 -8.96 -10.81 -45.15
CA ASP E 209 -8.64 -10.35 -46.51
C ASP E 209 -9.87 -10.35 -47.46
N GLN E 210 -10.11 -9.20 -48.11
CA GLN E 210 -11.13 -9.07 -49.16
C GLN E 210 -12.53 -8.85 -48.64
N THR E 211 -12.79 -9.27 -47.41
CA THR E 211 -14.13 -9.52 -46.93
C THR E 211 -14.48 -8.65 -45.66
N SER E 212 -13.51 -7.84 -45.22
CA SER E 212 -13.60 -6.96 -44.05
C SER E 212 -12.94 -5.64 -44.43
N GLN E 213 -13.51 -4.55 -43.90
CA GLN E 213 -13.00 -3.21 -44.11
C GLN E 213 -13.23 -2.42 -42.80
N MET E 214 -12.41 -1.41 -42.54
CA MET E 214 -12.77 -0.37 -41.56
C MET E 214 -12.42 1.00 -42.07
N PHE E 215 -13.34 1.92 -41.83
CA PHE E 215 -13.09 3.30 -42.18
C PHE E 215 -14.04 4.19 -41.36
N ILE E 216 -13.60 5.39 -41.02
CA ILE E 216 -14.44 6.35 -40.29
C ILE E 216 -15.52 6.87 -41.22
N THR E 217 -15.08 7.39 -42.37
CA THR E 217 -15.95 7.95 -43.42
C THR E 217 -15.88 7.14 -44.72
N GLY E 218 -17.03 6.81 -45.29
CA GLY E 218 -17.13 5.96 -46.47
C GLY E 218 -16.71 6.64 -47.76
N PRO E 219 -16.55 5.84 -48.84
CA PRO E 219 -16.17 6.39 -50.15
C PRO E 219 -17.14 7.47 -50.71
N ASP E 220 -18.43 7.35 -50.41
CA ASP E 220 -19.47 8.25 -50.93
C ASP E 220 -19.24 9.65 -50.42
N VAL E 221 -19.13 9.77 -49.09
CA VAL E 221 -18.87 11.08 -48.46
C VAL E 221 -17.53 11.65 -48.92
N ILE E 222 -16.50 10.80 -49.03
CA ILE E 222 -15.18 11.23 -49.48
C ILE E 222 -15.22 11.79 -50.90
N LYS E 223 -16.00 11.15 -51.79
CA LYS E 223 -16.15 11.64 -53.15
C LYS E 223 -16.88 12.98 -53.18
N THR E 224 -18.04 13.08 -52.52
CA THR E 224 -18.75 14.38 -52.49
C THR E 224 -17.90 15.51 -51.88
N VAL E 225 -17.16 15.22 -50.80
CA VAL E 225 -16.32 16.24 -50.12
C VAL E 225 -15.01 16.61 -50.87
N THR E 226 -14.25 15.61 -51.30
CA THR E 226 -12.89 15.81 -51.84
C THR E 226 -12.76 15.49 -53.35
N GLY E 227 -13.78 14.83 -53.91
CA GLY E 227 -13.70 14.37 -55.28
C GLY E 227 -12.86 13.12 -55.54
N GLU E 228 -12.27 12.54 -54.50
CA GLU E 228 -11.51 11.30 -54.65
C GLU E 228 -12.46 10.13 -54.88
N GLU E 229 -12.10 9.27 -55.82
CA GLU E 229 -12.87 8.07 -56.10
C GLU E 229 -12.10 6.89 -55.54
N VAL E 230 -12.75 6.11 -54.69
CA VAL E 230 -12.04 5.04 -54.01
C VAL E 230 -13.07 3.99 -53.73
N THR E 231 -12.64 2.76 -53.82
CA THR E 231 -13.40 1.60 -53.39
C THR E 231 -13.39 1.41 -51.83
N MET E 232 -14.42 0.78 -51.25
CA MET E 232 -14.32 0.34 -49.83
C MET E 232 -13.05 -0.50 -49.52
N GLU E 233 -12.74 -1.45 -50.40
CA GLU E 233 -11.55 -2.30 -50.27
C GLU E 233 -10.25 -1.49 -50.31
N GLU E 234 -10.17 -0.53 -51.22
CA GLU E 234 -8.97 0.28 -51.33
C GLU E 234 -8.84 1.18 -50.08
N LEU E 235 -9.97 1.74 -49.67
CA LEU E 235 -10.02 2.63 -48.55
C LEU E 235 -9.60 1.96 -47.22
N GLY E 236 -10.16 0.78 -46.96
CA GLY E 236 -10.06 0.24 -45.62
C GLY E 236 -10.04 -1.26 -45.54
N GLY E 237 -9.67 -1.91 -46.65
CA GLY E 237 -9.42 -3.35 -46.71
C GLY E 237 -8.34 -3.84 -45.76
N ALA E 238 -8.29 -5.16 -45.55
CA ALA E 238 -7.25 -5.73 -44.75
C ALA E 238 -5.89 -5.34 -45.26
N HIS E 239 -5.68 -5.40 -46.57
CA HIS E 239 -4.37 -5.04 -47.10
C HIS E 239 -3.97 -3.58 -46.87
N THR E 240 -4.93 -2.67 -47.05
CA THR E 240 -4.69 -1.27 -46.75
C THR E 240 -4.26 -1.07 -45.29
N HIS E 241 -5.00 -1.64 -44.36
CA HIS E 241 -4.70 -1.50 -42.96
C HIS E 241 -3.47 -2.29 -42.49
N MET E 242 -3.15 -3.39 -43.18
CA MET E 242 -1.83 -4.05 -42.98
C MET E 242 -0.67 -3.18 -43.45
N ALA E 243 -0.61 -2.91 -44.76
CA ALA E 243 0.59 -2.32 -45.32
C ALA E 243 0.73 -0.80 -45.19
N LYS E 244 -0.38 -0.07 -45.24
CA LYS E 244 -0.30 1.40 -45.30
C LYS E 244 -0.52 2.02 -43.93
N SER E 245 -1.64 1.69 -43.25
CA SER E 245 -2.05 2.42 -42.02
C SER E 245 -1.43 1.90 -40.71
N GLY E 246 -0.87 0.69 -40.75
CA GLY E 246 -0.29 0.09 -39.56
C GLY E 246 -1.25 -0.28 -38.43
N THR E 247 -2.47 -0.66 -38.82
CA THR E 247 -3.59 -0.82 -37.89
C THR E 247 -4.03 -2.29 -37.69
N ALA E 248 -3.92 -3.10 -38.74
CA ALA E 248 -4.21 -4.53 -38.67
C ALA E 248 -2.93 -5.29 -38.31
N HIS E 249 -3.07 -6.18 -37.36
CA HIS E 249 -2.03 -7.07 -36.91
C HIS E 249 -1.96 -8.38 -37.70
N TYR E 250 -3.06 -8.81 -38.30
CA TYR E 250 -3.08 -10.00 -39.13
C TYR E 250 -4.10 -9.77 -40.23
N ALA E 251 -3.73 -10.13 -41.46
CA ALA E 251 -4.67 -10.17 -42.60
C ALA E 251 -4.98 -11.63 -42.91
N ALA E 252 -6.11 -12.13 -42.42
CA ALA E 252 -6.46 -13.52 -42.51
C ALA E 252 -6.94 -13.90 -43.90
N SER E 253 -6.77 -15.18 -44.23
CA SER E 253 -7.13 -15.67 -45.57
C SER E 253 -8.57 -16.21 -45.64
N GLY E 254 -9.33 -15.99 -44.58
CA GLY E 254 -10.75 -16.36 -44.49
C GLY E 254 -11.14 -16.28 -43.02
N GLU E 255 -12.43 -16.41 -42.73
CA GLU E 255 -12.92 -16.38 -41.34
C GLU E 255 -12.26 -17.44 -40.43
N GLN E 256 -12.21 -18.68 -40.91
CA GLN E 256 -11.67 -19.78 -40.10
C GLN E 256 -10.20 -19.56 -39.75
N ASP E 257 -9.44 -19.02 -40.70
CA ASP E 257 -8.03 -18.69 -40.54
C ASP E 257 -7.84 -17.57 -39.49
N ALA E 258 -8.69 -16.54 -39.55
CA ALA E 258 -8.84 -15.51 -38.53
C ALA E 258 -9.15 -16.10 -37.12
N PHE E 259 -10.10 -17.00 -37.02
CA PHE E 259 -10.31 -17.76 -35.76
C PHE E 259 -9.10 -18.52 -35.27
N ASP E 260 -8.44 -19.22 -36.22
CA ASP E 260 -7.22 -20.02 -35.91
C ASP E 260 -6.12 -19.11 -35.34
N TYR E 261 -5.97 -17.94 -35.93
CA TYR E 261 -4.94 -17.02 -35.49
C TYR E 261 -5.24 -16.48 -34.10
N VAL E 262 -6.51 -16.10 -33.85
CA VAL E 262 -6.85 -15.68 -32.48
C VAL E 262 -6.67 -16.73 -31.38
N ARG E 263 -7.03 -17.97 -31.65
CA ARG E 263 -6.78 -19.03 -30.67
C ARG E 263 -5.29 -19.18 -30.35
N GLU E 264 -4.45 -19.10 -31.38
CA GLU E 264 -3.01 -19.23 -31.29
C GLU E 264 -2.45 -18.05 -30.50
N LEU E 265 -2.92 -16.86 -30.85
CA LEU E 265 -2.56 -15.62 -30.19
C LEU E 265 -2.87 -15.69 -28.69
N LEU E 266 -4.08 -16.13 -28.36
CA LEU E 266 -4.47 -16.30 -26.95
C LEU E 266 -3.67 -17.37 -26.18
N SER E 267 -3.21 -18.40 -26.92
CA SER E 267 -2.40 -19.44 -26.29
C SER E 267 -1.08 -18.94 -25.69
N TYR E 268 -0.59 -17.78 -26.14
CA TYR E 268 0.66 -17.17 -25.61
C TYR E 268 0.44 -16.27 -24.40
N LEU E 269 -0.79 -15.74 -24.31
CA LEU E 269 -1.16 -14.69 -23.38
C LEU E 269 -1.76 -15.24 -22.07
N PRO E 270 -1.49 -14.55 -20.95
CA PRO E 270 -2.23 -14.91 -19.74
C PRO E 270 -3.67 -14.37 -19.84
N PRO E 271 -4.55 -14.73 -18.87
CA PRO E 271 -5.89 -14.12 -18.91
C PRO E 271 -5.97 -12.64 -18.59
N ASN E 272 -4.98 -12.11 -17.88
CA ASN E 272 -5.00 -10.73 -17.40
C ASN E 272 -3.56 -10.41 -17.03
N ASN E 273 -3.30 -9.14 -16.73
CA ASN E 273 -1.96 -8.65 -16.34
C ASN E 273 -1.38 -9.11 -14.98
N SER E 274 -2.17 -9.83 -14.20
CA SER E 274 -1.76 -10.37 -12.87
C SER E 274 -1.29 -11.79 -12.93
N THR E 275 -1.27 -12.39 -14.10
CA THR E 275 -1.10 -13.82 -14.24
C THR E 275 0.09 -13.99 -15.18
N ASP E 276 0.88 -15.05 -14.92
CA ASP E 276 1.97 -15.44 -15.78
C ASP E 276 1.41 -15.88 -17.12
N ALA E 277 2.07 -15.54 -18.22
CA ALA E 277 1.80 -16.22 -19.49
C ALA E 277 1.93 -17.73 -19.30
N PRO E 278 1.02 -18.52 -19.92
CA PRO E 278 1.06 -19.95 -19.64
C PRO E 278 2.27 -20.59 -20.35
N ARG E 279 2.89 -21.56 -19.68
CA ARG E 279 4.11 -22.26 -20.14
C ARG E 279 3.81 -23.73 -20.47
N TYR E 280 4.53 -24.27 -21.44
CA TYR E 280 4.52 -25.69 -21.69
C TYR E 280 5.67 -26.34 -20.93
N GLN E 281 5.68 -27.67 -20.91
CA GLN E 281 6.78 -28.46 -20.32
C GLN E 281 8.15 -28.00 -20.80
N ALA E 282 8.99 -27.55 -19.88
CA ALA E 282 10.41 -27.37 -20.14
C ALA E 282 11.10 -28.73 -20.33
N ALA E 283 12.14 -28.75 -21.15
CA ALA E 283 13.02 -29.91 -21.30
C ALA E 283 13.95 -29.97 -20.08
N ALA E 284 14.63 -31.10 -19.89
CA ALA E 284 15.79 -31.14 -18.96
C ALA E 284 17.09 -30.97 -19.79
N PRO E 285 18.20 -30.56 -19.16
CA PRO E 285 19.44 -30.49 -19.97
C PRO E 285 20.28 -31.78 -19.95
N THR E 286 21.13 -31.95 -20.96
CA THR E 286 22.11 -33.05 -21.04
C THR E 286 23.49 -32.46 -20.78
N GLY E 287 23.65 -31.78 -19.63
CA GLY E 287 24.92 -31.12 -19.32
C GLY E 287 24.94 -29.66 -19.76
N PRO E 288 26.13 -29.16 -20.16
CA PRO E 288 26.27 -27.74 -20.52
C PRO E 288 25.72 -27.43 -21.93
N ILE E 289 25.53 -26.13 -22.22
CA ILE E 289 24.96 -25.61 -23.47
C ILE E 289 25.74 -26.16 -24.67
N GLU E 290 27.06 -26.09 -24.52
CA GLU E 290 28.04 -26.53 -25.50
C GLU E 290 27.86 -27.98 -25.95
N GLU E 291 27.20 -28.78 -25.11
CA GLU E 291 27.03 -30.20 -25.37
C GLU E 291 25.63 -30.60 -25.81
N ASN E 292 24.75 -29.61 -25.99
CA ASN E 292 23.37 -29.87 -26.34
C ASN E 292 22.99 -29.12 -27.60
N LEU E 293 23.93 -29.06 -28.54
CA LEU E 293 23.74 -28.33 -29.75
C LEU E 293 23.13 -29.25 -30.81
N THR E 294 21.95 -28.89 -31.31
CA THR E 294 21.33 -29.66 -32.39
C THR E 294 21.95 -29.20 -33.72
N ASP E 295 21.64 -29.90 -34.81
CA ASP E 295 22.11 -29.51 -36.13
C ASP E 295 21.56 -28.16 -36.53
N GLU E 296 20.30 -27.89 -36.18
CA GLU E 296 19.66 -26.61 -36.40
C GLU E 296 20.42 -25.47 -35.67
N ASP E 297 20.81 -25.69 -34.40
CA ASP E 297 21.64 -24.70 -33.64
C ASP E 297 22.95 -24.41 -34.37
N LEU E 298 23.63 -25.49 -34.80
CA LEU E 298 24.91 -25.36 -35.51
C LEU E 298 24.79 -24.60 -36.83
N GLU E 299 23.66 -24.75 -37.52
CA GLU E 299 23.39 -23.91 -38.68
C GLU E 299 23.55 -22.40 -38.46
N LEU E 300 23.30 -21.96 -37.25
CA LEU E 300 23.44 -20.55 -36.88
C LEU E 300 24.89 -20.08 -36.96
N ASP E 301 25.84 -20.98 -36.73
CA ASP E 301 27.28 -20.66 -36.80
C ASP E 301 27.75 -20.18 -38.17
N THR E 302 27.12 -20.69 -39.23
CA THR E 302 27.52 -20.37 -40.60
C THR E 302 26.49 -19.49 -41.34
N LEU E 303 25.48 -18.97 -40.59
CA LEU E 303 24.40 -18.20 -41.18
C LEU E 303 24.79 -16.78 -41.59
N ILE E 304 25.69 -16.13 -40.83
CA ILE E 304 26.01 -14.72 -41.15
C ILE E 304 26.99 -14.72 -42.36
N PRO E 305 26.63 -14.02 -43.46
CA PRO E 305 27.55 -14.06 -44.61
C PRO E 305 28.94 -13.55 -44.24
N ASP E 306 29.97 -14.06 -44.92
CA ASP E 306 31.34 -13.52 -44.76
C ASP E 306 31.40 -12.05 -45.15
N SER E 307 30.67 -11.70 -46.21
CA SER E 307 30.59 -10.33 -46.64
C SER E 307 29.71 -9.49 -45.64
N PRO E 308 30.33 -8.49 -44.94
CA PRO E 308 29.73 -7.70 -43.84
C PRO E 308 28.35 -7.07 -44.08
N ASN E 309 28.06 -6.71 -45.33
CA ASN E 309 26.84 -6.01 -45.68
C ASN E 309 25.89 -6.85 -46.53
N GLN E 310 26.17 -8.14 -46.70
CA GLN E 310 25.24 -9.00 -47.42
C GLN E 310 24.00 -9.32 -46.59
N PRO E 311 22.78 -9.06 -47.16
CA PRO E 311 21.57 -9.40 -46.38
C PRO E 311 21.42 -10.89 -46.12
N TYR E 312 20.77 -11.23 -45.01
CA TYR E 312 20.26 -12.57 -44.68
C TYR E 312 18.91 -12.27 -44.01
N ASP E 313 17.96 -13.18 -44.16
CA ASP E 313 16.65 -13.04 -43.60
C ASP E 313 16.68 -13.42 -42.12
N MET E 314 16.23 -12.49 -41.26
CA MET E 314 16.24 -12.73 -39.80
C MET E 314 15.28 -13.84 -39.33
N HIS E 315 14.30 -14.23 -40.17
CA HIS E 315 13.43 -15.39 -39.87
C HIS E 315 14.23 -16.66 -39.72
N GLU E 316 15.38 -16.73 -40.40
CA GLU E 316 16.32 -17.87 -40.37
C GLU E 316 16.91 -18.05 -38.98
N VAL E 317 17.06 -16.94 -38.26
CA VAL E 317 17.47 -17.00 -36.85
C VAL E 317 16.29 -17.37 -35.94
N ILE E 318 15.20 -16.62 -36.07
CA ILE E 318 14.02 -16.78 -35.24
C ILE E 318 13.53 -18.24 -35.22
N THR E 319 13.33 -18.83 -36.39
CA THR E 319 12.73 -20.18 -36.46
C THR E 319 13.63 -21.22 -35.82
N ARG E 320 14.94 -21.02 -35.88
CA ARG E 320 15.87 -21.91 -35.16
C ARG E 320 15.97 -21.74 -33.62
N LEU E 321 15.58 -20.57 -33.09
CA LEU E 321 15.52 -20.33 -31.63
C LEU E 321 14.27 -20.91 -31.02
N LEU E 322 13.17 -20.90 -31.78
CA LEU E 322 11.86 -21.22 -31.25
C LEU E 322 11.58 -22.71 -31.17
N ASP E 323 10.72 -23.09 -30.22
CA ASP E 323 10.33 -24.49 -30.06
C ASP E 323 9.59 -24.98 -31.30
N ASP E 324 8.63 -24.21 -31.79
CA ASP E 324 7.77 -24.59 -32.90
C ASP E 324 7.50 -23.41 -33.81
N GLU E 325 6.23 -22.97 -33.97
CA GLU E 325 5.92 -21.84 -34.88
C GLU E 325 6.22 -20.47 -34.27
N PHE E 326 6.23 -19.49 -35.15
CA PHE E 326 6.39 -18.10 -34.84
C PHE E 326 5.03 -17.54 -35.21
N LEU E 327 4.33 -16.93 -34.25
CA LEU E 327 3.12 -16.22 -34.61
C LEU E 327 3.48 -14.73 -34.85
N GLU E 328 3.52 -14.35 -36.11
CA GLU E 328 4.06 -13.06 -36.48
C GLU E 328 2.97 -12.01 -36.42
N ILE E 329 3.33 -10.82 -35.94
CA ILE E 329 2.42 -9.69 -35.82
C ILE E 329 2.77 -8.68 -36.91
N GLN E 330 1.73 -8.15 -37.61
CA GLN E 330 1.94 -7.06 -38.60
C GLN E 330 3.01 -7.48 -39.59
N ALA E 331 2.89 -8.72 -40.10
CA ALA E 331 3.91 -9.31 -40.95
C ALA E 331 4.11 -8.53 -42.24
N GLY E 332 3.04 -7.95 -42.77
CA GLY E 332 3.08 -7.16 -44.02
C GLY E 332 3.22 -5.64 -43.87
N TYR E 333 3.61 -5.17 -42.70
CA TYR E 333 3.83 -3.75 -42.43
C TYR E 333 5.24 -3.55 -41.94
N ALA E 334 5.89 -2.47 -42.34
CA ALA E 334 7.16 -2.09 -41.76
C ALA E 334 8.09 -3.31 -41.63
N GLN E 335 8.35 -3.96 -42.76
CA GLN E 335 9.08 -5.25 -42.82
C GLN E 335 10.59 -5.20 -42.50
N ASN E 336 11.14 -4.00 -42.37
CA ASN E 336 12.45 -3.78 -41.72
C ASN E 336 12.56 -4.19 -40.26
N ILE E 337 11.42 -4.52 -39.63
CA ILE E 337 11.42 -5.12 -38.30
C ILE E 337 10.41 -6.24 -38.23
N VAL E 338 10.75 -7.27 -37.45
CA VAL E 338 9.90 -8.44 -37.31
C VAL E 338 9.59 -8.60 -35.86
N VAL E 339 8.29 -8.70 -35.56
CA VAL E 339 7.79 -8.91 -34.17
C VAL E 339 6.76 -10.03 -34.13
N GLY E 340 6.68 -10.71 -32.99
CA GLY E 340 5.63 -11.71 -32.81
C GLY E 340 5.98 -12.63 -31.68
N PHE E 341 5.19 -13.68 -31.56
CA PHE E 341 5.24 -14.62 -30.41
C PHE E 341 5.82 -15.97 -30.79
N GLY E 342 6.60 -16.55 -29.89
CA GLY E 342 6.96 -17.95 -30.02
C GLY E 342 7.24 -18.45 -28.63
N ARG E 343 7.77 -19.67 -28.50
CA ARG E 343 8.12 -20.23 -27.19
C ARG E 343 9.56 -20.67 -27.24
N ILE E 344 10.28 -20.46 -26.16
CA ILE E 344 11.63 -20.98 -26.07
C ILE E 344 11.65 -21.82 -24.79
N ASP E 345 11.87 -23.13 -24.94
CA ASP E 345 11.92 -24.05 -23.77
C ASP E 345 10.55 -23.99 -23.05
N GLY E 346 9.49 -24.00 -23.85
CA GLY E 346 8.10 -23.95 -23.40
C GLY E 346 7.59 -22.60 -22.94
N ARG E 347 8.49 -21.60 -22.86
CA ARG E 347 8.11 -20.26 -22.36
C ARG E 347 7.74 -19.27 -23.47
N PRO E 348 6.55 -18.63 -23.38
CA PRO E 348 6.20 -17.58 -24.37
C PRO E 348 7.21 -16.45 -24.33
N VAL E 349 7.55 -15.92 -25.50
CA VAL E 349 8.47 -14.77 -25.60
C VAL E 349 7.93 -13.89 -26.73
N GLY E 350 8.27 -12.61 -26.65
CA GLY E 350 7.98 -11.67 -27.73
C GLY E 350 9.30 -11.36 -28.43
N ILE E 351 9.35 -11.68 -29.73
CA ILE E 351 10.53 -11.40 -30.55
C ILE E 351 10.42 -10.00 -31.16
N VAL E 352 11.50 -9.22 -31.05
CA VAL E 352 11.64 -7.93 -31.73
C VAL E 352 12.98 -8.00 -32.46
N ALA E 353 12.93 -8.02 -33.80
CA ALA E 353 14.11 -8.27 -34.61
C ALA E 353 14.30 -7.37 -35.81
N ASN E 354 15.45 -6.73 -35.90
CA ASN E 354 15.71 -6.02 -37.18
C ASN E 354 15.74 -6.99 -38.35
N GLN E 355 15.23 -6.55 -39.50
CA GLN E 355 15.24 -7.39 -40.70
C GLN E 355 16.26 -6.87 -41.72
N PRO E 356 17.42 -7.53 -41.83
CA PRO E 356 18.43 -7.07 -42.77
C PRO E 356 18.01 -7.10 -44.24
N THR E 357 16.98 -7.89 -44.59
CA THR E 357 16.49 -7.90 -45.98
C THR E 357 15.56 -6.76 -46.32
N HIS E 358 15.34 -5.82 -45.39
CA HIS E 358 14.56 -4.63 -45.74
C HIS E 358 15.20 -3.39 -45.16
N PHE E 359 15.81 -2.58 -46.03
CA PHE E 359 16.58 -1.40 -45.60
C PHE E 359 17.86 -1.80 -44.84
N ALA E 360 18.34 -3.02 -45.03
CA ALA E 360 19.49 -3.53 -44.30
C ALA E 360 19.21 -3.56 -42.76
N GLY E 361 17.94 -3.46 -42.35
CA GLY E 361 17.56 -3.55 -40.95
C GLY E 361 17.44 -2.21 -40.25
N CYS E 362 17.64 -1.12 -40.99
CA CYS E 362 17.45 0.23 -40.51
C CYS E 362 16.06 0.42 -39.96
N LEU E 363 16.02 1.13 -38.85
CA LEU E 363 14.76 1.56 -38.25
C LEU E 363 14.17 2.73 -39.06
N ASP E 364 12.86 2.88 -39.00
CA ASP E 364 12.20 4.05 -39.55
C ASP E 364 10.97 4.34 -38.69
N ILE E 365 10.18 5.34 -39.05
CA ILE E 365 8.98 5.69 -38.27
C ILE E 365 8.08 4.51 -38.04
N ASN E 366 7.70 3.83 -39.13
CA ASN E 366 6.71 2.78 -39.08
C ASN E 366 7.17 1.54 -38.28
N ALA E 367 8.44 1.15 -38.50
CA ALA E 367 9.04 0.05 -37.74
C ALA E 367 9.11 0.36 -36.23
N SER E 368 9.42 1.62 -35.91
CA SER E 368 9.51 2.06 -34.52
C SER E 368 8.17 1.95 -33.84
N GLU E 369 7.09 2.35 -34.52
CA GLU E 369 5.78 2.32 -33.91
C GLU E 369 5.26 0.93 -33.78
N LYS E 370 5.54 0.12 -34.82
CA LYS E 370 5.17 -1.31 -34.83
C LYS E 370 5.82 -2.02 -33.64
N ALA E 371 7.14 -1.88 -33.51
CA ALA E 371 7.85 -2.52 -32.39
C ALA E 371 7.49 -1.93 -31.02
N ALA E 372 7.26 -0.62 -30.97
CA ALA E 372 7.02 0.04 -29.69
C ALA E 372 5.69 -0.48 -29.04
N ARG E 373 4.63 -0.58 -29.83
CA ARG E 373 3.33 -0.99 -29.28
C ARG E 373 3.40 -2.48 -28.91
N PHE E 374 4.08 -3.26 -29.75
CA PHE E 374 4.35 -4.68 -29.44
C PHE E 374 5.10 -4.85 -28.09
N VAL E 375 6.16 -4.09 -27.89
CA VAL E 375 6.91 -4.10 -26.61
C VAL E 375 6.00 -3.75 -25.41
N ARG E 376 5.20 -2.69 -25.54
CA ARG E 376 4.30 -2.32 -24.46
C ARG E 376 3.23 -3.38 -24.18
N THR E 377 2.77 -4.10 -25.22
CA THR E 377 1.79 -5.19 -25.08
C THR E 377 2.38 -6.40 -24.34
N CYS E 378 3.61 -6.78 -24.75
CA CYS E 378 4.35 -7.82 -24.05
C CYS E 378 4.49 -7.48 -22.57
N ASP E 379 4.92 -6.25 -22.30
CA ASP E 379 5.07 -5.84 -20.90
C ASP E 379 3.75 -5.87 -20.13
N CYS E 380 2.64 -5.36 -20.70
CA CYS E 380 1.35 -5.46 -20.00
C CYS E 380 1.02 -6.92 -19.62
N PHE E 381 1.36 -7.87 -20.50
CA PHE E 381 0.85 -9.24 -20.41
C PHE E 381 1.93 -10.23 -20.01
N ASN E 382 2.99 -9.67 -19.44
CA ASN E 382 4.04 -10.44 -18.75
C ASN E 382 4.87 -11.33 -19.69
N ILE E 383 5.10 -10.82 -20.90
CA ILE E 383 5.83 -11.62 -21.89
C ILE E 383 7.26 -11.11 -22.00
N PRO E 384 8.24 -11.96 -21.69
CA PRO E 384 9.64 -11.58 -21.91
C PRO E 384 9.92 -11.04 -23.33
N ILE E 385 10.81 -10.09 -23.42
CA ILE E 385 11.12 -9.46 -24.70
C ILE E 385 12.51 -9.91 -25.11
N VAL E 386 12.59 -10.62 -26.24
CA VAL E 386 13.88 -11.07 -26.83
C VAL E 386 14.16 -10.23 -28.10
N MET E 387 15.26 -9.44 -28.10
CA MET E 387 15.62 -8.65 -29.29
C MET E 387 16.73 -9.30 -30.07
N LEU E 388 16.59 -9.26 -31.38
CA LEU E 388 17.57 -9.86 -32.27
C LEU E 388 18.02 -8.69 -33.13
N VAL E 389 19.27 -8.31 -32.96
CA VAL E 389 19.67 -7.00 -33.40
C VAL E 389 20.67 -6.99 -34.57
N ASP E 390 20.31 -6.22 -35.59
CA ASP E 390 21.17 -6.01 -36.76
C ASP E 390 20.68 -4.73 -37.41
N VAL E 391 21.18 -3.64 -36.88
CA VAL E 391 20.62 -2.32 -37.15
C VAL E 391 21.73 -1.31 -37.48
N PRO E 392 21.81 -0.87 -38.76
CA PRO E 392 22.83 0.08 -39.17
C PRO E 392 22.54 1.54 -38.81
N GLY E 393 21.32 1.87 -38.42
CA GLY E 393 20.94 3.24 -38.12
C GLY E 393 19.48 3.41 -38.47
N PHE E 394 19.11 4.65 -38.79
CA PHE E 394 17.75 5.05 -39.18
C PHE E 394 17.73 5.35 -40.67
N LEU E 395 16.67 4.91 -41.35
CA LEU E 395 16.41 5.23 -42.72
C LEU E 395 16.50 6.75 -43.02
N PRO E 396 17.56 7.18 -43.76
CA PRO E 396 17.69 8.62 -44.09
C PRO E 396 16.68 9.12 -45.14
N GLY E 397 16.30 10.39 -45.05
CA GLY E 397 15.24 10.91 -45.92
C GLY E 397 14.52 12.08 -45.31
N THR E 398 14.18 13.04 -46.16
CA THR E 398 13.56 14.26 -45.65
C THR E 398 12.15 13.97 -45.11
N ASP E 399 11.40 13.11 -45.79
CA ASP E 399 10.08 12.75 -45.31
C ASP E 399 10.08 12.01 -43.95
N GLN E 400 11.17 11.35 -43.62
CA GLN E 400 11.29 10.68 -42.31
C GLN E 400 11.28 11.75 -41.24
N GLU E 401 12.02 12.83 -41.49
CA GLU E 401 11.97 14.00 -40.62
C GLU E 401 10.61 14.70 -40.60
N TYR E 402 10.06 15.06 -41.78
CA TYR E 402 8.77 15.80 -41.89
C TYR E 402 7.60 15.06 -41.26
N ASN E 403 7.58 13.74 -41.40
CA ASN E 403 6.52 12.89 -40.86
C ASN E 403 6.72 12.42 -39.40
N GLY E 404 7.81 12.84 -38.76
CA GLY E 404 7.97 12.63 -37.30
C GLY E 404 8.89 11.53 -36.77
N ILE E 405 9.99 11.20 -37.45
CA ILE E 405 10.91 10.18 -36.92
C ILE E 405 11.43 10.47 -35.48
N ILE E 406 11.80 11.72 -35.17
CA ILE E 406 12.24 12.08 -33.79
C ILE E 406 11.15 11.76 -32.74
N ARG E 407 9.96 12.27 -32.96
CA ARG E 407 8.80 12.05 -32.10
C ARG E 407 8.36 10.59 -32.07
N ARG E 408 8.23 9.96 -33.25
CA ARG E 408 7.70 8.58 -33.37
C ARG E 408 8.74 7.48 -33.14
N GLY E 409 9.98 7.72 -33.58
CA GLY E 409 11.09 6.83 -33.17
C GLY E 409 11.30 6.73 -31.67
N ALA E 410 11.08 7.83 -30.94
CA ALA E 410 11.22 7.92 -29.45
C ALA E 410 10.33 6.93 -28.71
N LYS E 411 9.21 6.56 -29.34
CA LYS E 411 8.22 5.68 -28.76
C LYS E 411 8.84 4.32 -28.49
N LEU E 412 9.78 3.88 -29.35
CA LEU E 412 10.42 2.58 -29.13
C LEU E 412 11.37 2.68 -27.92
N LEU E 413 12.06 3.81 -27.80
CA LEU E 413 12.82 4.08 -26.56
C LEU E 413 11.94 4.01 -25.31
N TYR E 414 10.82 4.76 -25.36
CA TYR E 414 9.90 4.84 -24.23
C TYR E 414 9.40 3.44 -23.82
N ALA E 415 8.93 2.67 -24.81
CA ALA E 415 8.36 1.38 -24.56
C ALA E 415 9.37 0.44 -23.89
N TYR E 416 10.58 0.43 -24.40
CA TYR E 416 11.55 -0.44 -23.88
C TYR E 416 12.05 0.01 -22.50
N GLY E 417 12.32 1.31 -22.33
CA GLY E 417 12.84 1.80 -21.01
C GLY E 417 11.82 1.60 -19.90
N GLU E 418 10.51 1.62 -20.25
CA GLU E 418 9.39 1.37 -19.34
C GLU E 418 9.19 -0.11 -18.94
N ALA E 419 9.57 -1.02 -19.83
CA ALA E 419 9.33 -2.46 -19.67
C ALA E 419 10.03 -3.05 -18.43
N THR E 420 9.33 -3.92 -17.70
CA THR E 420 9.88 -4.57 -16.50
C THR E 420 9.94 -6.10 -16.63
N VAL E 421 9.35 -6.65 -17.69
CA VAL E 421 9.46 -8.06 -18.03
C VAL E 421 10.94 -8.43 -18.24
N PRO E 422 11.28 -9.72 -18.20
CA PRO E 422 12.63 -10.12 -18.61
C PRO E 422 13.00 -9.55 -19.97
N LYS E 423 14.14 -8.90 -20.06
CA LYS E 423 14.58 -8.39 -21.37
C LYS E 423 15.94 -9.04 -21.76
N ILE E 424 16.02 -9.70 -22.92
CA ILE E 424 17.26 -10.34 -23.41
C ILE E 424 17.55 -9.84 -24.82
N THR E 425 18.78 -9.38 -25.05
CA THR E 425 19.15 -8.86 -26.33
C THR E 425 20.35 -9.64 -26.92
N VAL E 426 20.23 -10.01 -28.20
CA VAL E 426 21.32 -10.64 -28.93
C VAL E 426 21.63 -9.77 -30.16
N ILE E 427 22.83 -9.22 -30.21
CA ILE E 427 23.36 -8.57 -31.41
C ILE E 427 24.06 -9.58 -32.36
N THR E 428 23.41 -9.88 -33.49
CA THR E 428 23.95 -10.83 -34.46
C THR E 428 25.00 -10.15 -35.39
N ARG E 429 24.78 -8.85 -35.66
CA ARG E 429 25.67 -8.12 -36.55
C ARG E 429 25.73 -6.64 -36.19
N LYS E 430 25.15 -5.76 -37.00
CA LYS E 430 25.35 -4.33 -36.79
C LYS E 430 24.58 -3.74 -35.61
N ALA E 431 25.18 -2.76 -34.93
CA ALA E 431 24.43 -1.95 -33.99
C ALA E 431 25.13 -0.60 -33.91
N TYR E 432 24.58 0.39 -34.62
CA TYR E 432 25.31 1.64 -34.78
C TYR E 432 24.53 2.78 -34.19
N GLY E 433 25.21 3.62 -33.38
CA GLY E 433 24.71 4.95 -33.10
C GLY E 433 23.53 4.89 -32.18
N GLY E 434 22.60 5.81 -32.39
CA GLY E 434 21.33 5.81 -31.65
C GLY E 434 20.47 4.56 -31.81
N ALA E 435 20.57 3.87 -32.94
CA ALA E 435 19.78 2.63 -33.14
C ALA E 435 20.30 1.49 -32.20
N TYR E 436 21.61 1.43 -31.97
CA TYR E 436 22.16 0.60 -30.87
C TYR E 436 21.46 0.86 -29.51
N CYS E 437 21.36 2.13 -29.11
CA CYS E 437 20.60 2.49 -27.91
C CYS E 437 19.17 1.93 -27.92
N VAL E 438 18.46 2.19 -29.02
CA VAL E 438 17.08 1.77 -29.20
C VAL E 438 16.89 0.27 -29.01
N MET E 439 17.79 -0.48 -29.63
CA MET E 439 17.58 -1.89 -29.79
C MET E 439 18.16 -2.63 -28.59
N GLY E 440 17.52 -2.42 -27.43
CA GLY E 440 17.88 -3.14 -26.20
C GLY E 440 19.31 -2.97 -25.68
N SER E 441 19.90 -1.78 -25.82
CA SER E 441 21.23 -1.55 -25.14
C SER E 441 21.14 -1.83 -23.62
N LYS E 442 22.23 -2.33 -23.02
CA LYS E 442 22.42 -2.44 -21.59
C LYS E 442 21.85 -1.23 -20.83
N ASP E 443 22.19 -0.03 -21.28
CA ASP E 443 21.90 1.16 -20.47
C ASP E 443 20.51 1.69 -20.65
N MET E 444 19.78 1.09 -21.58
CA MET E 444 18.32 1.21 -21.63
C MET E 444 17.55 0.22 -20.69
N GLY E 445 18.25 -0.55 -19.86
CA GLY E 445 17.58 -1.47 -18.91
C GLY E 445 17.46 -2.94 -19.35
N CYS E 446 18.22 -3.32 -20.38
CA CYS E 446 18.26 -4.72 -20.78
C CYS E 446 18.86 -5.62 -19.69
N ASP E 447 18.27 -6.78 -19.48
CA ASP E 447 18.70 -7.68 -18.37
C ASP E 447 19.96 -8.46 -18.71
N VAL E 448 19.91 -9.16 -19.83
CA VAL E 448 21.03 -9.98 -20.29
C VAL E 448 21.33 -9.57 -21.74
N ASN E 449 22.57 -9.17 -21.98
CA ASN E 449 23.04 -8.77 -23.29
C ASN E 449 24.08 -9.73 -23.88
N LEU E 450 23.79 -10.23 -25.07
CA LEU E 450 24.62 -11.21 -25.79
C LEU E 450 25.03 -10.60 -27.15
N ALA E 451 26.14 -11.09 -27.72
CA ALA E 451 26.55 -10.74 -29.06
C ALA E 451 27.24 -11.94 -29.74
N TRP E 452 27.06 -12.02 -31.06
CA TRP E 452 27.74 -13.00 -31.92
C TRP E 452 29.10 -12.44 -32.34
N PRO E 453 30.03 -13.34 -32.74
CA PRO E 453 31.37 -12.86 -33.13
C PRO E 453 31.33 -11.87 -34.29
N THR E 454 30.22 -11.85 -35.02
CA THR E 454 30.00 -10.99 -36.14
C THR E 454 29.43 -9.62 -35.75
N ALA E 455 29.11 -9.40 -34.47
CA ALA E 455 28.65 -8.08 -33.98
C ALA E 455 29.63 -6.95 -34.36
N GLN E 456 29.06 -5.85 -34.84
CA GLN E 456 29.73 -4.63 -35.25
C GLN E 456 29.05 -3.51 -34.45
N ILE E 457 29.63 -3.14 -33.31
CA ILE E 457 28.99 -2.21 -32.40
C ILE E 457 29.85 -0.97 -32.37
N ALA E 458 29.27 0.20 -32.73
CA ALA E 458 30.05 1.39 -32.92
C ALA E 458 29.13 2.61 -32.98
N VAL E 459 29.71 3.77 -32.76
CA VAL E 459 29.02 5.03 -32.95
C VAL E 459 28.56 5.20 -34.40
N MET E 460 29.41 4.79 -35.37
CA MET E 460 29.05 4.77 -36.77
C MET E 460 29.97 3.81 -37.51
N GLY E 461 29.55 3.33 -38.68
CA GLY E 461 30.40 2.47 -39.52
C GLY E 461 31.77 3.05 -39.81
N ALA E 462 32.74 2.17 -40.03
CA ALA E 462 34.13 2.55 -40.34
C ALA E 462 34.26 3.59 -41.45
N SER E 463 33.45 3.46 -42.49
CA SER E 463 33.55 4.34 -43.66
C SER E 463 33.11 5.79 -43.35
N GLY E 464 31.97 5.97 -42.70
CA GLY E 464 31.61 7.31 -42.20
C GLY E 464 32.57 7.80 -41.12
N ALA E 465 33.03 6.89 -40.23
CA ALA E 465 33.88 7.31 -39.10
C ALA E 465 35.26 7.85 -39.48
N VAL E 466 35.95 7.19 -40.42
CA VAL E 466 37.30 7.60 -40.87
C VAL E 466 37.39 9.06 -41.32
N GLY E 467 36.38 9.54 -42.04
CA GLY E 467 36.23 10.95 -42.39
C GLY E 467 36.43 11.87 -41.19
N PHE E 468 35.79 11.55 -40.07
CA PHE E 468 35.87 12.37 -38.85
C PHE E 468 37.11 12.09 -38.03
N VAL E 469 37.38 10.82 -37.78
CA VAL E 469 38.42 10.37 -36.86
C VAL E 469 39.85 10.67 -37.34
N TYR E 470 40.05 10.69 -38.64
CA TYR E 470 41.33 11.03 -39.24
C TYR E 470 41.18 12.19 -40.26
N ARG E 471 40.62 13.31 -39.84
CA ARG E 471 40.41 14.45 -40.75
C ARG E 471 41.62 15.43 -40.81
N ARG E 488 43.17 5.89 -46.74
CA ARG E 488 41.72 6.11 -46.55
C ARG E 488 40.90 4.80 -46.58
N LEU E 489 41.13 3.96 -47.59
CA LEU E 489 40.63 2.58 -47.55
C LEU E 489 41.42 1.77 -46.51
N ARG E 490 42.66 2.20 -46.27
CA ARG E 490 43.55 1.60 -45.27
C ARG E 490 43.10 1.93 -43.85
N LEU E 491 42.68 3.17 -43.65
CA LEU E 491 42.20 3.72 -42.37
C LEU E 491 40.88 3.08 -41.92
N GLN E 492 39.96 2.89 -42.88
CA GLN E 492 38.72 2.13 -42.70
C GLN E 492 39.01 0.75 -42.15
N GLN E 493 39.81 -0.01 -42.90
CA GLN E 493 40.23 -1.36 -42.54
C GLN E 493 40.84 -1.40 -41.13
N GLU E 494 41.68 -0.42 -40.80
CA GLU E 494 42.31 -0.32 -39.47
C GLU E 494 41.24 -0.07 -38.38
N TYR E 495 40.37 0.90 -38.64
CA TYR E 495 39.22 1.19 -37.81
C TYR E 495 38.28 -0.02 -37.64
N GLU E 496 37.88 -0.64 -38.75
CA GLU E 496 37.01 -1.86 -38.74
C GLU E 496 37.61 -2.89 -37.84
N ASP E 497 38.86 -3.23 -38.15
CA ASP E 497 39.63 -4.33 -37.55
C ASP E 497 40.02 -4.14 -36.09
N THR E 498 40.05 -2.88 -35.66
CA THR E 498 40.41 -2.50 -34.30
C THR E 498 39.19 -2.39 -33.41
N LEU E 499 38.13 -1.75 -33.94
CA LEU E 499 37.02 -1.16 -33.14
C LEU E 499 35.63 -1.65 -33.49
N VAL E 500 35.42 -2.04 -34.75
CA VAL E 500 34.08 -2.46 -35.15
C VAL E 500 33.85 -3.95 -34.88
N ASN E 501 33.43 -4.22 -33.65
CA ASN E 501 33.44 -5.59 -33.15
C ASN E 501 32.58 -5.72 -31.89
N PRO E 502 32.50 -6.95 -31.35
CA PRO E 502 31.78 -7.13 -30.09
C PRO E 502 32.53 -6.73 -28.81
N TYR E 503 33.86 -6.66 -28.89
CA TYR E 503 34.77 -6.62 -27.75
C TYR E 503 34.90 -5.30 -27.01
N VAL E 504 34.85 -4.19 -27.73
CA VAL E 504 34.86 -2.91 -27.04
C VAL E 504 33.61 -2.79 -26.16
N ALA E 505 32.46 -3.24 -26.68
CA ALA E 505 31.24 -3.22 -25.89
C ALA E 505 31.31 -4.24 -24.75
N ALA E 506 31.86 -5.43 -25.01
CA ALA E 506 32.06 -6.49 -24.00
C ALA E 506 32.97 -6.03 -22.83
N GLU E 507 34.02 -5.28 -23.15
CA GLU E 507 34.88 -4.67 -22.08
C GLU E 507 34.17 -3.63 -21.19
N ARG E 508 33.24 -2.82 -21.74
CA ARG E 508 32.46 -1.90 -20.88
C ARG E 508 31.32 -2.63 -20.18
N GLY E 509 31.18 -3.94 -20.42
CA GLY E 509 30.07 -4.67 -19.84
C GLY E 509 28.72 -4.44 -20.51
N TYR E 510 28.74 -3.79 -21.69
CA TYR E 510 27.51 -3.54 -22.49
C TYR E 510 27.00 -4.83 -23.10
N VAL E 511 27.92 -5.75 -23.44
CA VAL E 511 27.50 -7.10 -23.64
C VAL E 511 28.12 -7.98 -22.57
N GLY E 512 27.27 -8.80 -21.95
CA GLY E 512 27.67 -9.72 -20.91
C GLY E 512 28.39 -10.97 -21.46
N ALA E 513 28.07 -11.39 -22.68
CA ALA E 513 28.72 -12.54 -23.32
C ALA E 513 28.76 -12.44 -24.84
N VAL E 514 29.95 -12.62 -25.39
CA VAL E 514 30.13 -12.84 -26.83
C VAL E 514 30.12 -14.38 -27.01
N ILE E 515 29.24 -14.89 -27.87
CA ILE E 515 28.91 -16.32 -27.86
C ILE E 515 28.85 -16.89 -29.27
N PRO E 516 29.12 -18.20 -29.40
CA PRO E 516 28.84 -18.83 -30.69
C PRO E 516 27.37 -18.66 -31.07
N PRO E 517 27.10 -18.28 -32.32
CA PRO E 517 25.71 -18.24 -32.72
C PRO E 517 24.86 -19.45 -32.27
N SER E 518 25.44 -20.67 -32.29
CA SER E 518 24.70 -21.91 -32.01
C SER E 518 24.24 -22.03 -30.55
N HIS E 519 24.95 -21.32 -29.65
CA HIS E 519 24.68 -21.29 -28.22
C HIS E 519 23.49 -20.40 -27.81
N THR E 520 22.96 -19.60 -28.74
CA THR E 520 21.97 -18.59 -28.47
C THR E 520 20.72 -19.10 -27.76
N ARG E 521 20.08 -20.12 -28.34
CA ARG E 521 18.93 -20.79 -27.74
C ARG E 521 19.11 -21.25 -26.29
N GLY E 522 20.25 -21.89 -26.01
CA GLY E 522 20.62 -22.36 -24.67
C GLY E 522 20.78 -21.19 -23.70
N TYR E 523 21.49 -20.15 -24.13
CA TYR E 523 21.65 -18.93 -23.35
C TYR E 523 20.30 -18.22 -23.03
N ILE E 524 19.43 -18.05 -24.04
CA ILE E 524 18.14 -17.38 -23.80
C ILE E 524 17.32 -18.25 -22.83
N GLY E 525 17.38 -19.58 -22.98
CA GLY E 525 16.66 -20.50 -22.07
C GLY E 525 17.09 -20.34 -20.61
N THR E 526 18.40 -20.27 -20.34
CA THR E 526 18.88 -20.11 -18.97
C THR E 526 18.54 -18.72 -18.41
N ALA E 527 18.64 -17.69 -19.24
CA ALA E 527 18.31 -16.31 -18.86
C ALA E 527 16.81 -16.14 -18.52
N LEU E 528 15.92 -16.75 -19.31
CA LEU E 528 14.50 -16.75 -19.03
C LEU E 528 14.20 -17.41 -17.69
N ARG E 529 14.87 -18.53 -17.40
CA ARG E 529 14.70 -19.23 -16.12
C ARG E 529 15.24 -18.36 -14.96
N LEU E 530 16.42 -17.78 -15.13
CA LEU E 530 16.98 -16.93 -14.09
C LEU E 530 16.05 -15.74 -13.78
N LEU E 531 15.40 -15.21 -14.83
CA LEU E 531 14.68 -13.95 -14.74
C LEU E 531 13.19 -14.15 -14.51
N GLU E 532 12.76 -15.40 -14.24
CA GLU E 532 11.31 -15.71 -14.25
C GLU E 532 10.48 -15.15 -13.08
N ARG E 533 11.15 -14.67 -12.03
CA ARG E 533 10.49 -14.09 -10.87
C ARG E 533 11.11 -12.73 -10.57
N LYS E 534 11.41 -12.00 -11.62
CA LYS E 534 12.02 -10.69 -11.57
C LYS E 534 10.93 -9.68 -11.17
N LYS E 541 3.93 7.33 -10.35
CA LYS E 541 3.12 8.01 -11.38
C LYS E 541 1.68 7.47 -11.63
N LYS E 542 0.74 8.40 -11.85
CA LYS E 542 -0.54 8.14 -12.54
C LYS E 542 -0.31 7.33 -13.85
N HIS E 543 0.72 7.73 -14.59
CA HIS E 543 1.03 7.24 -15.91
C HIS E 543 2.12 8.18 -16.43
N GLY E 544 2.89 7.72 -17.41
CA GLY E 544 3.85 8.53 -18.07
C GLY E 544 3.25 9.39 -19.18
N ASN E 545 4.14 9.88 -20.01
CA ASN E 545 3.80 10.82 -21.08
C ASN E 545 4.55 10.47 -22.38
N VAL E 546 4.44 9.21 -22.81
CA VAL E 546 4.99 8.73 -24.10
C VAL E 546 4.69 9.79 -25.22
N PRO E 547 5.65 10.01 -26.16
CA PRO E 547 5.35 10.84 -27.32
C PRO E 547 4.20 10.14 -28.06
N LEU E 548 3.29 10.90 -28.65
CA LEU E 548 2.10 10.34 -29.32
C LEU E 548 2.13 10.85 -30.75
N ASP F 21 11.61 -38.14 45.94
CA ASP F 21 12.47 -37.05 46.50
C ASP F 21 12.44 -35.89 45.52
N ILE F 22 11.79 -34.79 45.90
CA ILE F 22 11.54 -33.64 45.02
C ILE F 22 12.74 -32.66 44.91
N HIS F 23 13.89 -33.11 45.40
CA HIS F 23 15.17 -32.45 45.14
C HIS F 23 15.96 -33.17 44.05
N THR F 24 15.32 -34.12 43.39
CA THR F 24 15.95 -34.80 42.28
C THR F 24 15.19 -34.53 40.98
N THR F 25 15.88 -34.70 39.87
CA THR F 25 15.29 -34.59 38.55
C THR F 25 14.13 -35.54 38.39
N ALA F 26 14.30 -36.78 38.86
CA ALA F 26 13.29 -37.78 38.72
C ALA F 26 12.06 -37.44 39.58
N GLY F 27 12.29 -36.81 40.75
CA GLY F 27 11.23 -36.38 41.65
C GLY F 27 10.45 -35.19 41.11
N LYS F 28 11.16 -34.21 40.57
CA LYS F 28 10.51 -33.11 39.85
C LYS F 28 9.60 -33.63 38.73
N LEU F 29 10.07 -34.62 37.99
CA LEU F 29 9.27 -35.20 36.91
C LEU F 29 8.04 -35.89 37.45
N ALA F 30 8.20 -36.69 38.50
CA ALA F 30 7.07 -37.43 39.09
C ALA F 30 6.01 -36.47 39.66
N GLU F 31 6.46 -35.38 40.27
CA GLU F 31 5.59 -34.32 40.73
C GLU F 31 4.78 -33.66 39.57
N LEU F 32 5.42 -33.40 38.44
CA LEU F 32 4.71 -32.91 37.26
C LEU F 32 3.59 -33.88 36.86
N HIS F 33 3.91 -35.17 36.82
CA HIS F 33 2.90 -36.18 36.49
C HIS F 33 1.70 -36.20 37.44
N LYS F 34 1.94 -35.97 38.75
CA LYS F 34 0.85 -35.95 39.76
C LYS F 34 -0.05 -34.73 39.55
N ARG F 35 0.57 -33.60 39.21
CA ARG F 35 -0.18 -32.38 38.94
C ARG F 35 -1.06 -32.49 37.70
N ARG F 36 -0.55 -33.09 36.64
CA ARG F 36 -1.31 -33.27 35.41
C ARG F 36 -2.51 -34.15 35.69
N GLU F 37 -2.29 -35.24 36.43
CA GLU F 37 -3.37 -36.15 36.75
C GLU F 37 -4.45 -35.41 37.57
N GLU F 38 -4.05 -34.64 38.56
CA GLU F 38 -4.98 -33.85 39.31
C GLU F 38 -5.80 -32.83 38.43
N SER F 39 -5.14 -32.20 37.45
CA SER F 39 -5.78 -31.22 36.56
C SER F 39 -6.95 -31.80 35.71
N LEU F 40 -7.02 -33.13 35.59
CA LEU F 40 -8.13 -33.82 34.91
C LEU F 40 -9.40 -33.91 35.73
N HIS F 41 -9.31 -33.63 37.01
CA HIS F 41 -10.47 -33.61 37.92
C HIS F 41 -10.16 -32.60 39.02
N PRO F 42 -10.10 -31.32 38.62
CA PRO F 42 -9.51 -30.31 39.47
C PRO F 42 -10.27 -30.03 40.79
N VAL F 43 -11.56 -30.37 40.81
CA VAL F 43 -12.40 -30.25 42.02
C VAL F 43 -12.86 -31.64 42.53
N GLY F 44 -12.07 -32.68 42.25
CA GLY F 44 -12.30 -34.01 42.77
C GLY F 44 -12.95 -34.92 41.77
N GLU F 45 -12.68 -36.22 41.90
CA GLU F 45 -13.26 -37.22 41.01
C GLU F 45 -14.78 -37.35 41.08
N ASP F 46 -15.37 -37.00 42.21
CA ASP F 46 -16.82 -37.08 42.38
C ASP F 46 -17.55 -36.05 41.48
N ALA F 47 -16.94 -34.89 41.31
CA ALA F 47 -17.47 -33.85 40.42
C ALA F 47 -17.63 -34.36 38.99
N VAL F 48 -16.67 -35.17 38.53
CA VAL F 48 -16.66 -35.70 37.16
C VAL F 48 -17.74 -36.77 37.04
N GLU F 49 -17.80 -37.65 38.04
CA GLU F 49 -18.84 -38.66 38.17
C GLU F 49 -20.25 -38.07 38.09
N LYS F 50 -20.44 -36.99 38.85
CA LYS F 50 -21.71 -36.24 38.88
C LYS F 50 -22.11 -35.69 37.50
N VAL F 51 -21.12 -35.19 36.76
CA VAL F 51 -21.29 -34.73 35.38
C VAL F 51 -21.79 -35.84 34.46
N HIS F 52 -21.17 -37.03 34.53
CA HIS F 52 -21.60 -38.12 33.66
C HIS F 52 -22.95 -38.69 34.06
N ALA F 53 -23.29 -38.59 35.35
CA ALA F 53 -24.57 -39.05 35.89
C ALA F 53 -25.72 -38.26 35.27
N LYS F 54 -25.56 -36.94 35.21
CA LYS F 54 -26.46 -36.06 34.47
C LYS F 54 -26.42 -36.29 32.97
N GLY F 55 -25.55 -37.21 32.53
CA GLY F 55 -25.44 -37.56 31.12
C GLY F 55 -24.77 -36.49 30.27
N LYS F 56 -23.99 -35.61 30.94
CA LYS F 56 -23.17 -34.57 30.28
C LYS F 56 -21.69 -35.00 30.06
N LEU F 57 -20.97 -34.25 29.22
CA LEU F 57 -19.54 -34.41 29.09
C LEU F 57 -18.81 -33.32 29.88
N THR F 58 -17.59 -33.61 30.31
CA THR F 58 -16.76 -32.58 30.99
C THR F 58 -16.25 -31.56 29.96
N ALA F 59 -15.69 -30.46 30.44
CA ALA F 59 -15.19 -29.40 29.57
C ALA F 59 -14.17 -30.00 28.57
N ARG F 60 -13.24 -30.78 29.11
CA ARG F 60 -12.17 -31.49 28.41
C ARG F 60 -12.74 -32.56 27.47
N GLU F 61 -13.72 -33.34 27.92
CA GLU F 61 -14.30 -34.37 27.00
C GLU F 61 -15.02 -33.84 25.78
N ARG F 62 -15.54 -32.62 25.87
CA ARG F 62 -16.21 -31.94 24.73
C ARG F 62 -15.17 -31.57 23.68
N ILE F 63 -14.01 -31.13 24.14
CA ILE F 63 -12.88 -30.83 23.27
C ILE F 63 -12.40 -32.11 22.54
N TYR F 64 -12.27 -33.21 23.30
CA TYR F 64 -11.84 -34.50 22.74
C TYR F 64 -12.85 -35.05 21.76
N ALA F 65 -14.13 -34.90 22.05
CA ALA F 65 -15.17 -35.34 21.10
C ALA F 65 -15.16 -34.56 19.78
N LEU F 66 -14.92 -33.25 19.86
CA LEU F 66 -14.96 -32.36 18.69
C LEU F 66 -13.69 -32.50 17.84
N LEU F 67 -12.53 -32.41 18.47
CA LEU F 67 -11.26 -32.50 17.77
C LEU F 67 -10.95 -33.90 17.27
N ASP F 68 -10.13 -33.93 16.21
CA ASP F 68 -9.55 -35.16 15.68
C ASP F 68 -8.84 -35.85 16.83
N GLU F 69 -8.95 -37.18 16.87
CA GLU F 69 -8.34 -37.98 17.94
C GLU F 69 -6.87 -37.69 18.15
N ASP F 70 -6.49 -37.54 19.42
CA ASP F 70 -5.09 -37.31 19.81
C ASP F 70 -4.49 -36.01 19.28
N SER F 71 -5.30 -35.06 18.82
CA SER F 71 -4.75 -33.81 18.21
C SER F 71 -4.64 -32.66 19.20
N PHE F 72 -5.26 -32.80 20.36
CA PHE F 72 -5.36 -31.67 21.30
C PHE F 72 -4.09 -31.45 22.08
N VAL F 73 -3.61 -30.22 22.08
CA VAL F 73 -2.47 -29.84 22.92
C VAL F 73 -2.98 -28.77 23.87
N GLU F 74 -3.01 -29.10 25.15
CA GLU F 74 -3.49 -28.20 26.18
C GLU F 74 -2.50 -27.09 26.55
N LEU F 75 -3.00 -25.86 26.68
CA LEU F 75 -2.23 -24.74 27.26
C LEU F 75 -2.74 -24.39 28.65
N ASP F 76 -1.83 -23.91 29.49
CA ASP F 76 -2.13 -23.40 30.82
C ASP F 76 -2.88 -24.41 31.70
N ALA F 77 -2.55 -25.69 31.54
CA ALA F 77 -3.29 -26.78 32.19
C ALA F 77 -3.29 -26.67 33.70
N LEU F 78 -2.19 -26.12 34.23
CA LEU F 78 -1.92 -26.10 35.66
C LEU F 78 -2.08 -24.72 36.26
N ALA F 79 -2.62 -23.77 35.50
CA ALA F 79 -2.86 -22.41 35.98
C ALA F 79 -3.74 -22.45 37.23
N LYS F 80 -3.54 -21.49 38.14
CA LYS F 80 -4.40 -21.36 39.34
C LYS F 80 -4.73 -19.89 39.56
N HIS F 81 -5.87 -19.59 40.19
CA HIS F 81 -6.18 -18.20 40.45
C HIS F 81 -5.17 -17.59 41.45
N ARG F 82 -5.02 -16.27 41.42
CA ARG F 82 -4.14 -15.61 42.36
C ARG F 82 -4.89 -14.55 43.21
N SER F 83 -6.17 -14.81 43.48
CA SER F 83 -6.98 -13.94 44.32
C SER F 83 -6.83 -14.40 45.76
N THR F 84 -6.71 -13.44 46.67
CA THR F 84 -6.81 -13.71 48.09
C THR F 84 -7.99 -12.93 48.69
N ASN F 85 -8.92 -12.49 47.84
CA ASN F 85 -10.13 -11.82 48.30
C ASN F 85 -11.06 -12.76 49.06
N PHE F 86 -11.61 -12.27 50.18
CA PHE F 86 -12.48 -13.08 51.02
C PHE F 86 -11.76 -14.43 51.32
N ASN F 87 -12.36 -15.57 50.99
CA ASN F 87 -11.62 -16.82 51.19
C ASN F 87 -11.34 -17.62 49.93
N LEU F 88 -11.07 -16.88 48.84
CA LEU F 88 -10.75 -17.51 47.56
C LEU F 88 -9.47 -18.29 47.64
N GLY F 89 -8.48 -17.77 48.38
CA GLY F 89 -7.17 -18.42 48.50
C GLY F 89 -7.20 -19.89 48.92
N GLU F 90 -8.30 -20.29 49.56
CA GLU F 90 -8.43 -21.64 50.11
C GLU F 90 -8.82 -22.72 49.09
N LYS F 91 -9.34 -22.31 47.93
CA LYS F 91 -9.68 -23.25 46.87
C LYS F 91 -9.06 -22.75 45.57
N ARG F 92 -7.94 -23.36 45.18
CA ARG F 92 -7.26 -22.96 43.94
C ARG F 92 -7.17 -24.12 42.94
N PRO F 93 -8.30 -24.44 42.30
CA PRO F 93 -8.35 -25.54 41.35
C PRO F 93 -7.41 -25.34 40.13
N LEU F 94 -6.66 -26.40 39.80
CA LEU F 94 -5.76 -26.44 38.62
C LEU F 94 -6.56 -26.27 37.34
N GLY F 95 -6.10 -25.34 36.50
CA GLY F 95 -6.75 -25.03 35.22
C GLY F 95 -7.68 -23.81 35.32
N ASP F 96 -8.01 -23.45 36.56
CA ASP F 96 -8.88 -22.35 36.95
C ASP F 96 -10.27 -22.32 36.30
N GLY F 97 -10.82 -23.49 35.96
CA GLY F 97 -12.19 -23.57 35.44
C GLY F 97 -12.45 -23.55 33.93
N VAL F 98 -11.39 -23.62 33.14
CA VAL F 98 -11.49 -23.58 31.67
C VAL F 98 -10.34 -24.40 31.04
N VAL F 99 -10.67 -25.12 29.97
CA VAL F 99 -9.71 -25.95 29.29
C VAL F 99 -9.44 -25.25 27.94
N THR F 100 -8.19 -24.93 27.66
CA THR F 100 -7.79 -24.20 26.46
C THR F 100 -6.61 -24.91 25.77
N GLY F 101 -6.47 -24.68 24.46
CA GLY F 101 -5.36 -25.22 23.70
C GLY F 101 -5.65 -25.19 22.22
N TYR F 102 -5.03 -26.11 21.50
CA TYR F 102 -5.17 -26.15 20.06
C TYR F 102 -5.18 -27.60 19.58
N GLY F 103 -5.71 -27.81 18.38
CA GLY F 103 -5.80 -29.18 17.81
C GLY F 103 -6.24 -29.09 16.37
N THR F 104 -6.87 -30.12 15.84
CA THR F 104 -7.27 -30.07 14.42
C THR F 104 -8.66 -30.60 14.32
N ILE F 105 -9.42 -30.11 13.33
CA ILE F 105 -10.70 -30.72 13.00
C ILE F 105 -10.63 -31.10 11.54
N ASP F 106 -10.85 -32.37 11.26
CA ASP F 106 -10.68 -32.92 9.93
C ASP F 106 -9.35 -32.43 9.32
N GLY F 107 -8.29 -32.48 10.12
CA GLY F 107 -6.95 -32.25 9.60
C GLY F 107 -6.56 -30.77 9.55
N ARG F 108 -7.51 -29.85 9.80
CA ARG F 108 -7.18 -28.43 9.83
C ARG F 108 -7.12 -27.87 11.28
N ASP F 109 -6.07 -27.12 11.55
CA ASP F 109 -5.80 -26.51 12.84
C ASP F 109 -6.86 -25.49 13.31
N VAL F 110 -7.07 -25.48 14.62
CA VAL F 110 -8.21 -24.84 15.29
C VAL F 110 -7.70 -24.54 16.75
N CYS F 111 -8.02 -23.35 17.29
CA CYS F 111 -7.82 -23.08 18.72
C CYS F 111 -9.17 -23.23 19.43
N ILE F 112 -9.13 -23.49 20.73
CA ILE F 112 -10.31 -23.91 21.42
C ILE F 112 -10.28 -23.51 22.90
N PHE F 113 -11.44 -23.13 23.42
CA PHE F 113 -11.64 -23.10 24.87
C PHE F 113 -12.93 -23.80 25.25
N SER F 114 -12.94 -24.37 26.47
CA SER F 114 -14.08 -25.10 27.00
C SER F 114 -14.19 -24.86 28.50
N GLN F 115 -15.25 -24.15 28.87
CA GLN F 115 -15.50 -23.74 30.24
C GLN F 115 -16.02 -24.89 31.09
N ASP F 116 -15.54 -24.97 32.32
CA ASP F 116 -15.88 -26.07 33.21
C ASP F 116 -16.87 -25.57 34.29
N ALA F 117 -18.14 -25.96 34.17
CA ALA F 117 -19.20 -25.54 35.10
C ALA F 117 -19.11 -26.11 36.53
N THR F 118 -18.23 -27.11 36.75
CA THR F 118 -18.01 -27.71 38.08
C THR F 118 -17.04 -26.88 38.91
N VAL F 119 -16.37 -25.93 38.28
CA VAL F 119 -15.35 -25.14 38.95
C VAL F 119 -15.89 -23.72 39.18
N PHE F 120 -16.19 -23.37 40.43
CA PHE F 120 -16.89 -22.10 40.73
C PHE F 120 -18.06 -21.82 39.77
N GLY F 121 -18.84 -22.85 39.46
CA GLY F 121 -19.97 -22.69 38.54
C GLY F 121 -19.65 -22.22 37.11
N GLY F 122 -18.36 -22.29 36.74
CA GLY F 122 -17.88 -21.89 35.39
C GLY F 122 -17.73 -20.38 35.23
N SER F 123 -17.80 -19.66 36.35
CA SER F 123 -17.72 -18.23 36.41
C SER F 123 -16.31 -17.84 36.03
N LEU F 124 -16.20 -16.79 35.22
CA LEU F 124 -14.91 -16.29 34.81
C LEU F 124 -14.18 -15.56 35.95
N GLY F 125 -12.96 -15.99 36.21
CA GLY F 125 -11.99 -15.13 36.95
C GLY F 125 -10.87 -14.64 36.04
N GLU F 126 -9.94 -13.88 36.62
CA GLU F 126 -8.76 -13.33 35.93
C GLU F 126 -7.90 -14.35 35.17
N VAL F 127 -7.58 -15.48 35.82
CA VAL F 127 -6.64 -16.46 35.23
C VAL F 127 -7.35 -17.24 34.16
N TYR F 128 -8.52 -17.80 34.47
CA TYR F 128 -9.47 -18.34 33.50
C TYR F 128 -9.59 -17.42 32.24
N GLY F 129 -9.78 -16.11 32.46
CA GLY F 129 -9.95 -15.14 31.35
C GLY F 129 -8.63 -14.98 30.56
N GLU F 130 -7.51 -14.85 31.27
CA GLU F 130 -6.19 -14.86 30.63
C GLU F 130 -5.97 -16.05 29.70
N LYS F 131 -6.42 -17.21 30.12
CA LYS F 131 -6.25 -18.43 29.32
C LYS F 131 -7.04 -18.38 28.01
N ILE F 132 -8.27 -17.86 28.08
CA ILE F 132 -9.11 -17.62 26.89
C ILE F 132 -8.46 -16.58 25.98
N VAL F 133 -7.90 -15.53 26.57
CA VAL F 133 -7.25 -14.47 25.81
C VAL F 133 -6.00 -15.03 25.08
N LYS F 134 -5.27 -15.94 25.73
CA LYS F 134 -4.13 -16.55 25.07
C LYS F 134 -4.56 -17.31 23.82
N VAL F 135 -5.62 -18.09 23.90
CA VAL F 135 -6.04 -18.82 22.70
C VAL F 135 -6.67 -17.94 21.61
N GLN F 136 -7.34 -16.83 22.00
CA GLN F 136 -7.89 -15.88 21.02
C GLN F 136 -6.76 -15.27 20.22
N GLU F 137 -5.76 -14.80 20.93
CA GLU F 137 -4.59 -14.21 20.35
C GLU F 137 -3.82 -15.18 19.48
N LEU F 138 -3.73 -16.43 19.92
CA LEU F 138 -3.10 -17.47 19.13
C LEU F 138 -3.90 -17.75 17.86
N ALA F 139 -5.23 -17.90 17.95
CA ALA F 139 -6.09 -18.06 16.73
C ALA F 139 -5.93 -16.89 15.73
N ILE F 140 -5.94 -15.66 16.22
CA ILE F 140 -5.75 -14.48 15.39
C ILE F 140 -4.37 -14.48 14.75
N LYS F 141 -3.33 -14.72 15.53
CA LYS F 141 -1.98 -14.65 14.99
C LYS F 141 -1.69 -15.78 13.99
N THR F 142 -2.28 -16.94 14.21
CA THR F 142 -2.07 -18.05 13.28
C THR F 142 -3.03 -18.09 12.08
N GLY F 143 -4.09 -17.25 12.10
CA GLY F 143 -5.13 -17.31 11.08
C GLY F 143 -5.99 -18.58 11.05
N ARG F 144 -6.30 -19.11 12.23
CA ARG F 144 -7.01 -20.37 12.37
C ARG F 144 -8.35 -20.14 13.07
N PRO F 145 -9.37 -20.96 12.80
CA PRO F 145 -10.62 -20.78 13.57
C PRO F 145 -10.50 -20.88 15.11
N LEU F 146 -11.38 -20.15 15.79
CA LEU F 146 -11.53 -20.23 17.24
C LEU F 146 -12.87 -20.87 17.63
N ILE F 147 -12.81 -21.90 18.45
CA ILE F 147 -14.01 -22.55 18.94
C ILE F 147 -14.09 -22.24 20.42
N GLY F 148 -15.24 -21.74 20.86
CA GLY F 148 -15.45 -21.45 22.27
C GLY F 148 -16.57 -22.35 22.69
N ILE F 149 -16.39 -23.08 23.79
CA ILE F 149 -17.46 -23.94 24.32
C ILE F 149 -17.86 -23.33 25.64
N ASN F 150 -19.08 -22.78 25.66
CA ASN F 150 -19.57 -21.93 26.72
C ASN F 150 -20.50 -22.68 27.66
N ASP F 151 -20.22 -22.52 28.93
CA ASP F 151 -20.94 -23.26 30.01
C ASP F 151 -20.49 -22.72 31.36
N GLY F 152 -21.15 -21.66 31.82
CA GLY F 152 -20.76 -21.04 33.08
C GLY F 152 -21.63 -19.89 33.53
N ALA F 153 -21.50 -19.52 34.80
CA ALA F 153 -22.28 -18.47 35.41
C ALA F 153 -21.57 -17.15 35.14
N GLY F 154 -22.05 -16.03 35.69
CA GLY F 154 -21.40 -14.73 35.38
C GLY F 154 -20.06 -14.58 36.08
N ALA F 155 -19.38 -13.43 35.86
CA ALA F 155 -18.09 -13.13 36.49
C ALA F 155 -18.01 -13.53 37.95
N ARG F 156 -16.85 -14.00 38.41
CA ARG F 156 -16.68 -14.35 39.83
C ARG F 156 -16.68 -13.10 40.68
N ILE F 157 -17.71 -12.97 41.52
CA ILE F 157 -17.95 -11.72 42.27
C ILE F 157 -16.75 -11.40 43.17
N GLN F 158 -16.21 -12.41 43.84
CA GLN F 158 -15.14 -12.21 44.85
C GLN F 158 -13.82 -11.68 44.30
N GLU F 159 -13.58 -11.92 43.01
CA GLU F 159 -12.38 -11.40 42.34
C GLU F 159 -12.46 -9.92 42.12
N GLY F 160 -13.70 -9.43 41.98
CA GLY F 160 -13.92 -8.02 41.73
C GLY F 160 -13.79 -7.66 40.26
N VAL F 161 -13.49 -6.40 40.02
CA VAL F 161 -13.57 -5.80 38.71
C VAL F 161 -12.52 -6.37 37.72
N VAL F 162 -11.44 -7.00 38.21
CA VAL F 162 -10.45 -7.62 37.31
C VAL F 162 -11.17 -8.62 36.40
N SER F 163 -12.17 -9.34 36.91
CA SER F 163 -12.91 -10.26 36.07
C SER F 163 -13.62 -9.55 34.92
N LEU F 164 -14.10 -8.31 35.15
CA LEU F 164 -14.76 -7.49 34.11
C LEU F 164 -13.74 -6.96 33.08
N GLY F 165 -12.55 -6.58 33.53
CA GLY F 165 -11.44 -6.34 32.61
C GLY F 165 -11.16 -7.52 31.64
N LEU F 166 -11.19 -8.74 32.13
CA LEU F 166 -10.97 -9.89 31.26
C LEU F 166 -12.13 -10.09 30.33
N TYR F 167 -13.36 -9.92 30.83
CA TYR F 167 -14.53 -9.88 29.96
C TYR F 167 -14.28 -8.92 28.77
N SER F 168 -13.85 -7.70 29.06
CA SER F 168 -13.59 -6.68 28.03
C SER F 168 -12.48 -7.06 27.05
N ARG F 169 -11.40 -7.69 27.56
CA ARG F 169 -10.29 -8.13 26.69
C ARG F 169 -10.77 -9.14 25.69
N ILE F 170 -11.57 -10.09 26.18
CA ILE F 170 -12.21 -11.14 25.40
C ILE F 170 -13.17 -10.59 24.34
N PHE F 171 -14.17 -9.78 24.73
CA PHE F 171 -15.03 -9.08 23.75
C PHE F 171 -14.22 -8.37 22.67
N ARG F 172 -13.25 -7.60 23.10
CA ARG F 172 -12.43 -6.82 22.21
C ARG F 172 -11.70 -7.69 21.16
N ASN F 173 -11.19 -8.85 21.59
CA ASN F 173 -10.55 -9.79 20.69
C ASN F 173 -11.59 -10.43 19.77
N ASN F 174 -12.81 -10.70 20.26
CA ASN F 174 -13.89 -11.21 19.37
C ASN F 174 -14.15 -10.24 18.20
N ILE F 175 -14.10 -8.94 18.52
CA ILE F 175 -14.42 -7.89 17.57
C ILE F 175 -13.25 -7.76 16.56
N LEU F 176 -12.03 -7.75 17.08
CA LEU F 176 -10.81 -7.76 16.29
C LEU F 176 -10.73 -8.90 15.30
N ALA F 177 -11.08 -10.09 15.76
CA ALA F 177 -11.08 -11.33 14.97
C ALA F 177 -12.29 -11.39 14.07
N SER F 178 -13.27 -10.51 14.29
CA SER F 178 -14.55 -10.54 13.57
C SER F 178 -14.39 -10.47 12.06
N GLY F 179 -14.82 -11.53 11.36
CA GLY F 179 -14.69 -11.62 9.90
C GLY F 179 -13.30 -11.91 9.36
N VAL F 180 -12.34 -12.11 10.27
CA VAL F 180 -10.95 -12.47 9.91
C VAL F 180 -10.74 -13.99 10.02
N ILE F 181 -11.08 -14.55 11.17
CA ILE F 181 -11.07 -15.98 11.43
C ILE F 181 -12.48 -16.35 11.84
N PRO F 182 -12.96 -17.52 11.41
CA PRO F 182 -14.25 -18.06 11.85
C PRO F 182 -14.27 -18.24 13.36
N GLN F 183 -15.35 -17.78 13.99
CA GLN F 183 -15.51 -17.88 15.41
C GLN F 183 -16.80 -18.56 15.67
N ILE F 184 -16.71 -19.74 16.27
CA ILE F 184 -17.87 -20.57 16.49
C ILE F 184 -18.06 -20.75 17.98
N SER F 185 -19.30 -20.59 18.46
CA SER F 185 -19.63 -20.72 19.89
C SER F 185 -20.61 -21.86 20.09
N LEU F 186 -20.22 -22.81 20.93
CA LEU F 186 -21.09 -23.88 21.35
C LEU F 186 -21.58 -23.49 22.72
N ILE F 187 -22.90 -23.48 22.91
CA ILE F 187 -23.46 -23.25 24.27
C ILE F 187 -23.91 -24.61 24.79
N MET F 188 -23.28 -25.05 25.87
CA MET F 188 -23.41 -26.48 26.28
C MET F 188 -23.94 -26.72 27.71
N GLY F 189 -24.22 -25.61 28.41
CA GLY F 189 -25.00 -25.60 29.65
C GLY F 189 -25.67 -24.25 29.74
N ALA F 190 -26.09 -23.91 30.96
CA ALA F 190 -26.60 -22.60 31.29
C ALA F 190 -25.46 -21.57 31.30
N ALA F 191 -25.51 -20.64 30.35
CA ALA F 191 -24.57 -19.54 30.27
C ALA F 191 -25.26 -18.24 30.73
N ALA F 192 -24.86 -17.70 31.87
CA ALA F 192 -25.57 -16.58 32.48
C ALA F 192 -24.61 -15.41 32.66
N GLY F 193 -25.08 -14.19 32.49
CA GLY F 193 -24.24 -13.08 32.78
C GLY F 193 -23.63 -12.45 31.56
N GLY F 194 -22.60 -11.63 31.78
CA GLY F 194 -22.17 -10.73 30.73
C GLY F 194 -21.37 -11.39 29.62
N HIS F 195 -20.79 -12.56 29.92
CA HIS F 195 -19.97 -13.27 29.01
C HIS F 195 -20.76 -13.85 27.82
N VAL F 196 -22.09 -13.89 27.93
CA VAL F 196 -22.89 -14.32 26.78
C VAL F 196 -22.70 -13.37 25.55
N TYR F 197 -22.13 -12.19 25.76
CA TYR F 197 -21.93 -11.25 24.66
C TYR F 197 -20.87 -11.70 23.71
N SER F 198 -19.91 -12.47 24.23
CA SER F 198 -18.87 -13.11 23.43
C SER F 198 -19.47 -14.00 22.33
N PRO F 199 -20.24 -15.04 22.70
CA PRO F 199 -21.00 -15.75 21.65
C PRO F 199 -21.69 -14.85 20.58
N ALA F 200 -22.38 -13.78 21.00
CA ALA F 200 -23.09 -12.87 20.07
C ALA F 200 -22.15 -12.18 19.07
N LEU F 201 -20.94 -11.84 19.54
CA LEU F 201 -19.92 -11.25 18.71
C LEU F 201 -19.26 -12.27 17.76
N THR F 202 -19.44 -13.56 18.01
CA THR F 202 -18.83 -14.61 17.19
C THR F 202 -19.77 -14.82 16.00
N ASP F 203 -19.32 -15.56 15.00
CA ASP F 203 -20.09 -15.75 13.78
C ASP F 203 -21.25 -16.71 13.85
N PHE F 204 -21.09 -17.80 14.59
CA PHE F 204 -22.11 -18.84 14.68
C PHE F 204 -22.26 -19.29 16.11
N VAL F 205 -23.51 -19.46 16.55
CA VAL F 205 -23.89 -19.88 17.91
C VAL F 205 -24.65 -21.21 17.81
N ILE F 206 -24.06 -22.25 18.38
CA ILE F 206 -24.70 -23.55 18.32
C ILE F 206 -25.13 -23.88 19.75
N MET F 207 -26.44 -24.07 19.95
CA MET F 207 -26.96 -24.41 21.28
C MET F 207 -27.39 -25.86 21.31
N VAL F 208 -27.38 -26.46 22.50
CA VAL F 208 -27.99 -27.79 22.69
C VAL F 208 -29.39 -27.64 23.28
N ASP F 209 -30.38 -28.22 22.58
CA ASP F 209 -31.76 -28.19 22.97
C ASP F 209 -31.97 -28.75 24.41
N GLN F 210 -32.75 -28.02 25.23
CA GLN F 210 -33.16 -28.42 26.59
C GLN F 210 -32.02 -28.31 27.57
N THR F 211 -30.80 -28.35 27.09
CA THR F 211 -29.69 -28.65 27.95
C THR F 211 -28.71 -27.47 28.05
N SER F 212 -29.02 -26.41 27.34
CA SER F 212 -28.21 -25.20 27.35
C SER F 212 -29.14 -24.00 27.28
N GLN F 213 -28.70 -22.89 27.88
CA GLN F 213 -29.46 -21.64 27.94
C GLN F 213 -28.46 -20.52 27.85
N MET F 214 -28.91 -19.33 27.45
CA MET F 214 -28.11 -18.10 27.46
C MET F 214 -29.00 -16.98 27.94
N PHE F 215 -28.57 -16.24 28.97
CA PHE F 215 -29.33 -15.05 29.34
C PHE F 215 -28.41 -14.12 30.11
N ILE F 216 -28.66 -12.81 30.01
CA ILE F 216 -27.90 -11.80 30.74
C ILE F 216 -28.22 -11.84 32.25
N THR F 217 -29.52 -11.92 32.53
CA THR F 217 -30.06 -11.81 33.88
C THR F 217 -30.98 -12.98 34.07
N GLY F 218 -30.81 -13.63 35.23
CA GLY F 218 -31.60 -14.80 35.59
C GLY F 218 -33.03 -14.51 35.99
N PRO F 219 -33.88 -15.55 36.01
CA PRO F 219 -35.28 -15.49 36.41
C PRO F 219 -35.55 -14.84 37.79
N ASP F 220 -34.64 -15.01 38.75
CA ASP F 220 -34.82 -14.47 40.08
C ASP F 220 -34.82 -12.93 40.04
N VAL F 221 -33.82 -12.33 39.40
CA VAL F 221 -33.80 -10.87 39.29
C VAL F 221 -34.99 -10.37 38.48
N ILE F 222 -35.32 -11.07 37.39
CA ILE F 222 -36.45 -10.70 36.58
C ILE F 222 -37.78 -10.66 37.40
N LYS F 223 -38.04 -11.73 38.16
CA LYS F 223 -39.19 -11.84 39.06
C LYS F 223 -39.25 -10.64 40.03
N THR F 224 -38.16 -10.36 40.74
CA THR F 224 -38.19 -9.26 41.69
C THR F 224 -38.42 -7.89 41.04
N VAL F 225 -37.75 -7.66 39.89
CA VAL F 225 -37.87 -6.38 39.17
C VAL F 225 -39.17 -6.21 38.33
N THR F 226 -39.68 -7.27 37.71
CA THR F 226 -40.83 -7.12 36.82
C THR F 226 -42.02 -7.94 37.29
N GLY F 227 -41.81 -8.82 38.26
CA GLY F 227 -42.87 -9.75 38.70
C GLY F 227 -43.16 -10.87 37.74
N GLU F 228 -42.45 -10.92 36.61
CA GLU F 228 -42.59 -11.99 35.62
C GLU F 228 -41.97 -13.29 36.16
N GLU F 229 -42.65 -14.40 35.93
CA GLU F 229 -42.15 -15.71 36.34
C GLU F 229 -41.83 -16.49 35.11
N VAL F 230 -40.61 -16.99 35.05
CA VAL F 230 -40.09 -17.64 33.86
C VAL F 230 -39.04 -18.67 34.29
N THR F 231 -39.09 -19.84 33.68
CA THR F 231 -38.00 -20.82 33.81
C THR F 231 -36.76 -20.39 32.98
N MET F 232 -35.59 -20.93 33.34
CA MET F 232 -34.37 -20.70 32.57
C MET F 232 -34.51 -21.13 31.12
N GLU F 233 -35.16 -22.26 30.89
CA GLU F 233 -35.44 -22.77 29.55
C GLU F 233 -36.30 -21.80 28.74
N GLU F 234 -37.36 -21.29 29.33
CA GLU F 234 -38.26 -20.35 28.66
C GLU F 234 -37.53 -19.06 28.34
N LEU F 235 -36.77 -18.58 29.32
CA LEU F 235 -36.04 -17.34 29.21
C LEU F 235 -34.95 -17.38 28.11
N GLY F 236 -34.15 -18.46 28.10
CA GLY F 236 -32.94 -18.47 27.32
C GLY F 236 -32.56 -19.79 26.67
N GLY F 237 -33.53 -20.70 26.50
CA GLY F 237 -33.29 -21.97 25.86
C GLY F 237 -33.01 -21.88 24.36
N ALA F 238 -32.70 -23.02 23.77
CA ALA F 238 -32.35 -23.07 22.36
C ALA F 238 -33.53 -22.59 21.55
N HIS F 239 -34.73 -23.05 21.89
CA HIS F 239 -35.93 -22.69 21.14
C HIS F 239 -36.23 -21.18 21.20
N THR F 240 -36.05 -20.58 22.37
CA THR F 240 -36.12 -19.11 22.52
C THR F 240 -35.11 -18.37 21.65
N HIS F 241 -33.84 -18.79 21.68
CA HIS F 241 -32.80 -18.11 20.91
C HIS F 241 -32.81 -18.46 19.44
N MET F 242 -33.39 -19.60 19.10
CA MET F 242 -33.65 -19.94 17.72
C MET F 242 -34.83 -19.12 17.20
N ALA F 243 -36.02 -19.33 17.76
CA ALA F 243 -37.26 -18.88 17.13
C ALA F 243 -37.65 -17.44 17.44
N LYS F 244 -37.17 -16.92 18.57
CA LYS F 244 -37.68 -15.63 19.08
C LYS F 244 -36.65 -14.55 18.96
N SER F 245 -35.43 -14.83 19.43
CA SER F 245 -34.44 -13.76 19.48
C SER F 245 -33.50 -13.64 18.25
N GLY F 246 -33.55 -14.62 17.34
CA GLY F 246 -32.63 -14.65 16.17
C GLY F 246 -31.14 -14.75 16.49
N THR F 247 -30.84 -15.48 17.57
CA THR F 247 -29.48 -15.51 18.10
C THR F 247 -28.72 -16.86 17.89
N ALA F 248 -29.46 -17.99 17.89
CA ALA F 248 -28.92 -19.34 17.75
C ALA F 248 -29.02 -19.77 16.29
N HIS F 249 -27.90 -20.28 15.73
CA HIS F 249 -27.88 -20.72 14.32
C HIS F 249 -28.25 -22.19 14.19
N TYR F 250 -28.03 -22.93 15.28
CA TYR F 250 -28.46 -24.34 15.29
C TYR F 250 -28.90 -24.72 16.68
N ALA F 251 -29.97 -25.48 16.76
CA ALA F 251 -30.35 -26.10 18.02
C ALA F 251 -30.12 -27.62 17.92
N ALA F 252 -29.03 -28.10 18.53
CA ALA F 252 -28.62 -29.52 18.45
C ALA F 252 -29.52 -30.47 19.28
N SER F 253 -29.69 -31.70 18.81
CA SER F 253 -30.43 -32.71 19.57
C SER F 253 -29.65 -33.23 20.77
N GLY F 254 -28.34 -33.07 20.78
CA GLY F 254 -27.54 -33.41 21.96
C GLY F 254 -26.14 -32.94 21.69
N GLU F 255 -25.22 -33.29 22.57
CA GLU F 255 -23.84 -32.81 22.55
C GLU F 255 -23.11 -33.26 21.28
N GLN F 256 -23.12 -34.56 21.00
CA GLN F 256 -22.56 -35.09 19.74
C GLN F 256 -23.15 -34.45 18.49
N ASP F 257 -24.45 -34.23 18.47
CA ASP F 257 -25.08 -33.60 17.31
C ASP F 257 -24.54 -32.16 17.13
N ALA F 258 -24.27 -31.48 18.25
CA ALA F 258 -23.70 -30.15 18.24
C ALA F 258 -22.32 -30.16 17.58
N PHE F 259 -21.47 -31.12 18.04
CA PHE F 259 -20.12 -31.32 17.44
C PHE F 259 -20.19 -31.62 15.96
N ASP F 260 -21.09 -32.52 15.56
CA ASP F 260 -21.26 -32.84 14.16
C ASP F 260 -21.52 -31.60 13.29
N TYR F 261 -22.45 -30.75 13.75
CA TYR F 261 -22.81 -29.53 13.03
C TYR F 261 -21.64 -28.59 12.89
N VAL F 262 -20.90 -28.42 13.98
CA VAL F 262 -19.75 -27.51 13.98
C VAL F 262 -18.66 -27.99 12.98
N ARG F 263 -18.39 -29.29 12.93
CA ARG F 263 -17.44 -29.83 11.96
C ARG F 263 -17.93 -29.66 10.51
N GLU F 264 -19.21 -29.94 10.26
CA GLU F 264 -19.83 -29.72 8.97
C GLU F 264 -19.77 -28.25 8.53
N LEU F 265 -20.12 -27.37 9.44
CA LEU F 265 -19.97 -25.93 9.20
C LEU F 265 -18.54 -25.50 8.84
N LEU F 266 -17.57 -25.98 9.62
CA LEU F 266 -16.17 -25.69 9.32
C LEU F 266 -15.71 -26.25 7.95
N SER F 267 -16.29 -27.36 7.47
CA SER F 267 -15.89 -27.97 6.19
C SER F 267 -16.16 -27.05 5.01
N TYR F 268 -17.06 -26.07 5.19
CA TYR F 268 -17.42 -25.14 4.09
C TYR F 268 -16.54 -23.92 4.08
N LEU F 269 -15.91 -23.65 5.22
CA LEU F 269 -15.22 -22.40 5.45
C LEU F 269 -13.68 -22.48 5.25
N PRO F 270 -13.07 -21.35 4.85
CA PRO F 270 -11.61 -21.24 4.89
C PRO F 270 -11.14 -21.09 6.36
N PRO F 271 -9.84 -21.20 6.62
CA PRO F 271 -9.33 -20.92 7.99
C PRO F 271 -9.40 -19.44 8.39
N ASN F 272 -9.42 -18.55 7.39
CA ASN F 272 -9.41 -17.10 7.60
C ASN F 272 -9.91 -16.39 6.31
N ASN F 273 -10.08 -15.06 6.37
CA ASN F 273 -10.63 -14.29 5.25
C ASN F 273 -9.67 -14.15 4.04
N SER F 274 -8.42 -14.61 4.21
CA SER F 274 -7.36 -14.52 3.20
C SER F 274 -7.22 -15.75 2.31
N THR F 275 -8.07 -16.74 2.52
CA THR F 275 -7.92 -18.06 1.95
C THR F 275 -9.22 -18.45 1.25
N ASP F 276 -9.10 -19.15 0.14
CA ASP F 276 -10.24 -19.68 -0.57
C ASP F 276 -10.99 -20.65 0.32
N ALA F 277 -12.31 -20.56 0.34
CA ALA F 277 -13.09 -21.64 0.90
C ALA F 277 -12.68 -22.97 0.20
N PRO F 278 -12.58 -24.10 0.94
CA PRO F 278 -12.04 -25.30 0.29
C PRO F 278 -13.03 -25.94 -0.70
N ARG F 279 -12.51 -26.49 -1.81
CA ARG F 279 -13.31 -27.08 -2.87
C ARG F 279 -13.06 -28.59 -3.00
N TYR F 280 -14.09 -29.35 -3.35
CA TYR F 280 -13.94 -30.76 -3.74
C TYR F 280 -13.77 -30.79 -5.26
N GLN F 281 -13.35 -31.90 -5.86
CA GLN F 281 -13.08 -31.91 -7.34
C GLN F 281 -14.33 -31.53 -8.15
N ALA F 282 -14.13 -30.67 -9.15
CA ALA F 282 -15.21 -30.29 -10.06
C ALA F 282 -15.40 -31.42 -11.07
N ALA F 283 -16.56 -31.48 -11.72
CA ALA F 283 -16.80 -32.51 -12.75
C ALA F 283 -16.20 -32.16 -14.13
N ALA F 284 -16.18 -33.14 -15.03
CA ALA F 284 -15.81 -32.93 -16.44
C ALA F 284 -16.96 -32.28 -17.21
N PRO F 285 -16.65 -31.45 -18.24
CA PRO F 285 -17.72 -31.09 -19.20
C PRO F 285 -18.08 -32.27 -20.12
N THR F 286 -19.35 -32.45 -20.47
CA THR F 286 -19.72 -33.54 -21.40
C THR F 286 -20.62 -33.10 -22.59
N GLY F 287 -20.42 -31.87 -23.08
CA GLY F 287 -21.21 -31.37 -24.20
C GLY F 287 -22.22 -30.30 -23.85
N PRO F 288 -23.31 -30.19 -24.62
CA PRO F 288 -24.33 -29.12 -24.42
C PRO F 288 -25.05 -29.25 -23.06
N ILE F 289 -25.67 -28.17 -22.58
CA ILE F 289 -26.36 -28.19 -21.28
C ILE F 289 -27.49 -29.21 -21.29
N GLU F 290 -28.26 -29.22 -22.39
CA GLU F 290 -29.40 -30.10 -22.61
C GLU F 290 -29.06 -31.56 -22.60
N GLU F 291 -27.83 -31.90 -22.97
CA GLU F 291 -27.40 -33.29 -23.02
C GLU F 291 -26.86 -33.77 -21.67
N ASN F 292 -26.77 -32.86 -20.70
CA ASN F 292 -26.27 -33.18 -19.36
C ASN F 292 -27.31 -33.08 -18.24
N LEU F 293 -28.59 -33.06 -18.62
CA LEU F 293 -29.64 -32.86 -17.64
C LEU F 293 -30.01 -34.16 -16.95
N THR F 294 -29.89 -34.25 -15.62
CA THR F 294 -30.30 -35.44 -14.88
C THR F 294 -31.83 -35.47 -14.67
N ASP F 295 -32.33 -36.59 -14.16
CA ASP F 295 -33.73 -36.70 -13.83
C ASP F 295 -34.14 -35.68 -12.78
N GLU F 296 -33.30 -35.50 -11.76
CA GLU F 296 -33.48 -34.45 -10.73
C GLU F 296 -33.53 -33.04 -11.37
N ASP F 297 -32.62 -32.74 -12.29
CA ASP F 297 -32.68 -31.45 -13.01
C ASP F 297 -34.04 -31.21 -13.67
N LEU F 298 -34.50 -32.20 -14.47
CA LEU F 298 -35.74 -32.11 -15.22
C LEU F 298 -36.98 -31.95 -14.32
N GLU F 299 -36.96 -32.59 -13.14
CA GLU F 299 -37.96 -32.36 -12.11
C GLU F 299 -38.22 -30.87 -11.81
N LEU F 300 -37.18 -30.03 -11.90
CA LEU F 300 -37.31 -28.57 -11.75
C LEU F 300 -38.28 -27.92 -12.74
N ASP F 301 -38.30 -28.48 -13.96
CA ASP F 301 -39.14 -28.00 -15.07
C ASP F 301 -40.62 -28.02 -14.75
N THR F 302 -41.03 -28.99 -13.94
CA THR F 302 -42.43 -29.15 -13.56
C THR F 302 -42.73 -28.77 -12.10
N LEU F 303 -41.74 -28.26 -11.37
CA LEU F 303 -41.91 -27.95 -9.95
C LEU F 303 -42.84 -26.77 -9.64
N ILE F 304 -42.78 -25.68 -10.43
CA ILE F 304 -43.55 -24.49 -10.10
C ILE F 304 -45.02 -24.74 -10.45
N PRO F 305 -45.93 -24.55 -9.45
CA PRO F 305 -47.38 -24.78 -9.71
C PRO F 305 -47.95 -23.82 -10.76
N ASP F 306 -48.99 -24.26 -11.48
CA ASP F 306 -49.66 -23.40 -12.45
C ASP F 306 -50.24 -22.15 -11.80
N SER F 307 -50.83 -22.32 -10.62
CA SER F 307 -51.41 -21.21 -9.86
C SER F 307 -50.30 -20.36 -9.27
N PRO F 308 -50.28 -19.03 -9.56
CA PRO F 308 -49.17 -18.17 -9.08
C PRO F 308 -49.23 -18.01 -7.56
N ASN F 309 -50.33 -18.46 -6.99
CA ASN F 309 -50.67 -18.34 -5.59
C ASN F 309 -50.41 -19.60 -4.76
N GLN F 310 -50.30 -20.75 -5.42
CA GLN F 310 -50.01 -21.99 -4.73
C GLN F 310 -48.53 -22.06 -4.33
N PRO F 311 -48.25 -22.31 -3.02
CA PRO F 311 -46.86 -22.38 -2.55
C PRO F 311 -46.17 -23.70 -2.94
N TYR F 312 -44.87 -23.76 -2.78
CA TYR F 312 -44.09 -24.98 -2.93
C TYR F 312 -42.95 -24.78 -1.94
N ASP F 313 -42.41 -25.87 -1.42
CA ASP F 313 -41.23 -25.81 -0.53
C ASP F 313 -39.93 -25.50 -1.33
N MET F 314 -39.29 -24.36 -1.02
CA MET F 314 -38.10 -23.91 -1.72
C MET F 314 -36.91 -24.85 -1.46
N HIS F 315 -36.97 -25.66 -0.40
CA HIS F 315 -36.00 -26.73 -0.21
C HIS F 315 -36.02 -27.73 -1.36
N GLU F 316 -37.14 -27.84 -2.08
CA GLU F 316 -37.25 -28.77 -3.23
C GLU F 316 -36.35 -28.30 -4.40
N VAL F 317 -36.23 -26.99 -4.57
CA VAL F 317 -35.29 -26.41 -5.49
C VAL F 317 -33.85 -26.54 -4.99
N ILE F 318 -33.59 -26.12 -3.72
CA ILE F 318 -32.23 -26.10 -3.18
C ILE F 318 -31.49 -27.46 -3.31
N THR F 319 -32.18 -28.48 -2.86
CA THR F 319 -31.76 -29.87 -2.79
C THR F 319 -31.29 -30.44 -4.14
N ARG F 320 -32.00 -30.05 -5.19
CA ARG F 320 -31.73 -30.46 -6.54
C ARG F 320 -30.61 -29.67 -7.19
N LEU F 321 -30.32 -28.47 -6.69
CA LEU F 321 -29.13 -27.74 -7.17
C LEU F 321 -27.83 -28.22 -6.55
N LEU F 322 -27.90 -28.70 -5.31
CA LEU F 322 -26.69 -28.95 -4.54
C LEU F 322 -26.09 -30.34 -4.80
N ASP F 323 -24.77 -30.47 -4.65
CA ASP F 323 -24.09 -31.75 -4.88
C ASP F 323 -24.63 -32.79 -3.93
N ASP F 324 -24.67 -32.46 -2.64
CA ASP F 324 -25.05 -33.43 -1.62
C ASP F 324 -26.04 -32.79 -0.64
N GLU F 325 -25.60 -32.57 0.59
CA GLU F 325 -26.46 -32.05 1.64
C GLU F 325 -26.52 -30.52 1.67
N PHE F 326 -27.53 -30.01 2.37
CA PHE F 326 -27.68 -28.58 2.68
C PHE F 326 -27.48 -28.45 4.19
N LEU F 327 -26.50 -27.65 4.61
CA LEU F 327 -26.40 -27.27 6.02
C LEU F 327 -27.20 -25.97 6.25
N GLU F 328 -28.42 -26.07 6.75
CA GLU F 328 -29.25 -24.88 7.00
C GLU F 328 -28.80 -24.14 8.27
N ILE F 329 -28.82 -22.83 8.16
CA ILE F 329 -28.47 -21.92 9.23
C ILE F 329 -29.82 -21.30 9.73
N GLN F 330 -29.99 -21.19 11.07
CA GLN F 330 -31.25 -20.66 11.65
C GLN F 330 -32.51 -21.24 11.03
N ALA F 331 -32.58 -22.56 10.95
CA ALA F 331 -33.73 -23.22 10.30
C ALA F 331 -35.06 -22.97 10.99
N GLY F 332 -35.03 -22.71 12.31
CA GLY F 332 -36.29 -22.46 13.06
C GLY F 332 -36.61 -20.99 13.33
N TYR F 333 -35.92 -20.10 12.62
CA TYR F 333 -36.09 -18.68 12.74
C TYR F 333 -36.48 -18.10 11.41
N ALA F 334 -37.47 -17.21 11.41
CA ALA F 334 -37.78 -16.40 10.23
C ALA F 334 -37.80 -17.32 8.99
N GLN F 335 -38.72 -18.27 9.02
CA GLN F 335 -38.78 -19.38 8.07
C GLN F 335 -39.31 -19.02 6.68
N ASN F 336 -39.69 -17.74 6.53
CA ASN F 336 -40.00 -17.12 5.22
C ASN F 336 -38.75 -16.88 4.37
N ILE F 337 -37.57 -17.11 4.94
CA ILE F 337 -36.31 -17.11 4.18
C ILE F 337 -35.48 -18.31 4.64
N VAL F 338 -34.74 -18.90 3.71
CA VAL F 338 -33.92 -20.07 3.99
C VAL F 338 -32.50 -19.70 3.60
N VAL F 339 -31.57 -20.06 4.48
CA VAL F 339 -30.21 -19.62 4.39
C VAL F 339 -29.34 -20.82 4.82
N GLY F 340 -28.22 -21.07 4.15
CA GLY F 340 -27.35 -22.19 4.50
C GLY F 340 -26.23 -22.41 3.49
N PHE F 341 -25.45 -23.45 3.74
CA PHE F 341 -24.31 -23.86 2.92
C PHE F 341 -24.54 -25.17 2.21
N GLY F 342 -24.06 -25.25 0.97
CA GLY F 342 -23.99 -26.46 0.17
C GLY F 342 -22.79 -26.34 -0.75
N ARG F 343 -22.66 -27.28 -1.66
CA ARG F 343 -21.62 -27.23 -2.69
C ARG F 343 -22.30 -27.38 -4.03
N ILE F 344 -21.86 -26.59 -5.02
CA ILE F 344 -22.33 -26.79 -6.38
C ILE F 344 -21.07 -27.05 -7.24
N ASP F 345 -21.03 -28.22 -7.89
CA ASP F 345 -19.82 -28.64 -8.64
C ASP F 345 -18.54 -28.58 -7.75
N GLY F 346 -18.69 -29.06 -6.51
CA GLY F 346 -17.57 -29.11 -5.57
C GLY F 346 -17.25 -27.81 -4.83
N ARG F 347 -17.95 -26.71 -5.17
CA ARG F 347 -17.65 -25.37 -4.65
C ARG F 347 -18.63 -25.00 -3.53
N PRO F 348 -18.13 -24.58 -2.34
CA PRO F 348 -19.03 -24.06 -1.31
C PRO F 348 -19.78 -22.82 -1.81
N VAL F 349 -21.05 -22.76 -1.46
CA VAL F 349 -21.92 -21.62 -1.81
C VAL F 349 -22.80 -21.34 -0.60
N GLY F 350 -23.24 -20.10 -0.48
CA GLY F 350 -24.28 -19.73 0.50
C GLY F 350 -25.56 -19.50 -0.24
N ILE F 351 -26.57 -20.29 0.11
CA ILE F 351 -27.93 -20.13 -0.39
C ILE F 351 -28.70 -19.05 0.42
N VAL F 352 -29.31 -18.07 -0.28
CA VAL F 352 -30.34 -17.17 0.28
C VAL F 352 -31.59 -17.32 -0.58
N ALA F 353 -32.65 -17.89 -0.04
CA ALA F 353 -33.83 -18.26 -0.81
C ALA F 353 -35.15 -17.90 -0.09
N ASN F 354 -36.06 -17.23 -0.77
CA ASN F 354 -37.36 -16.97 -0.17
C ASN F 354 -38.12 -18.26 -0.08
N GLN F 355 -38.97 -18.39 0.94
CA GLN F 355 -39.72 -19.58 1.18
C GLN F 355 -41.24 -19.34 1.01
N PRO F 356 -41.81 -19.70 -0.17
CA PRO F 356 -43.26 -19.46 -0.48
C PRO F 356 -44.23 -20.06 0.59
N THR F 357 -43.74 -21.06 1.30
CA THR F 357 -44.46 -21.82 2.31
C THR F 357 -44.72 -21.06 3.66
N HIS F 358 -44.04 -19.95 3.89
CA HIS F 358 -44.28 -19.13 5.07
C HIS F 358 -44.32 -17.66 4.66
N PHE F 359 -45.44 -17.01 4.97
CA PHE F 359 -45.70 -15.61 4.56
C PHE F 359 -45.67 -15.43 3.07
N ALA F 360 -45.95 -16.50 2.34
CA ALA F 360 -45.86 -16.48 0.88
C ALA F 360 -44.47 -16.04 0.37
N GLY F 361 -43.45 -16.07 1.22
CA GLY F 361 -42.10 -15.73 0.80
C GLY F 361 -41.76 -14.27 0.94
N CYS F 362 -42.70 -13.49 1.48
CA CYS F 362 -42.49 -12.10 1.84
C CYS F 362 -41.31 -11.94 2.77
N LEU F 363 -40.56 -10.88 2.55
CA LEU F 363 -39.54 -10.48 3.52
C LEU F 363 -40.21 -9.80 4.73
N ASP F 364 -39.56 -9.87 5.89
CA ASP F 364 -40.05 -9.16 7.07
C ASP F 364 -38.77 -8.73 7.84
N ILE F 365 -38.92 -8.16 9.02
CA ILE F 365 -37.74 -7.72 9.79
C ILE F 365 -36.77 -8.87 10.07
N ASN F 366 -37.29 -9.96 10.62
CA ASN F 366 -36.47 -11.06 11.10
C ASN F 366 -35.76 -11.77 9.95
N ALA F 367 -36.52 -12.10 8.87
CA ALA F 367 -35.92 -12.63 7.64
C ALA F 367 -34.82 -11.75 7.06
N SER F 368 -35.04 -10.43 7.03
CA SER F 368 -34.03 -9.50 6.55
C SER F 368 -32.75 -9.55 7.39
N GLU F 369 -32.90 -9.64 8.72
CA GLU F 369 -31.73 -9.66 9.57
C GLU F 369 -30.99 -11.00 9.48
N LYS F 370 -31.73 -12.09 9.50
CA LYS F 370 -31.19 -13.44 9.36
C LYS F 370 -30.31 -13.49 8.10
N ALA F 371 -30.88 -13.07 6.98
CA ALA F 371 -30.21 -13.12 5.69
C ALA F 371 -29.08 -12.09 5.53
N ALA F 372 -29.27 -10.89 6.05
CA ALA F 372 -28.18 -9.89 6.09
C ALA F 372 -26.89 -10.39 6.71
N ARG F 373 -26.98 -10.99 7.89
CA ARG F 373 -25.76 -11.35 8.62
C ARG F 373 -25.12 -12.55 7.90
N PHE F 374 -25.97 -13.47 7.43
CA PHE F 374 -25.53 -14.59 6.61
C PHE F 374 -24.71 -14.14 5.38
N VAL F 375 -25.23 -13.17 4.63
CA VAL F 375 -24.60 -12.63 3.44
C VAL F 375 -23.25 -11.99 3.79
N ARG F 376 -23.17 -11.28 4.91
CA ARG F 376 -21.91 -10.62 5.32
C ARG F 376 -20.88 -11.67 5.81
N THR F 377 -21.36 -12.71 6.48
CA THR F 377 -20.56 -13.86 6.86
C THR F 377 -19.97 -14.55 5.61
N CYS F 378 -20.81 -14.91 4.62
CA CYS F 378 -20.33 -15.47 3.37
C CYS F 378 -19.28 -14.59 2.67
N ASP F 379 -19.55 -13.30 2.60
CA ASP F 379 -18.61 -12.38 2.02
C ASP F 379 -17.26 -12.29 2.81
N CYS F 380 -17.31 -12.14 4.14
CA CYS F 380 -16.06 -12.24 4.95
C CYS F 380 -15.22 -13.50 4.60
N PHE F 381 -15.88 -14.65 4.39
CA PHE F 381 -15.14 -15.92 4.29
C PHE F 381 -15.15 -16.52 2.88
N ASN F 382 -15.34 -15.62 1.91
CA ASN F 382 -15.06 -15.91 0.49
C ASN F 382 -16.02 -16.91 -0.13
N ILE F 383 -17.26 -16.88 0.38
CA ILE F 383 -18.28 -17.80 -0.06
C ILE F 383 -19.28 -17.12 -1.02
N PRO F 384 -19.34 -17.62 -2.29
CA PRO F 384 -20.28 -17.10 -3.27
C PRO F 384 -21.70 -17.13 -2.74
N ILE F 385 -22.50 -16.11 -3.13
CA ILE F 385 -23.88 -16.02 -2.68
C ILE F 385 -24.84 -16.38 -3.81
N VAL F 386 -25.67 -17.39 -3.60
CA VAL F 386 -26.61 -17.81 -4.61
C VAL F 386 -28.03 -17.53 -4.09
N MET F 387 -28.73 -16.59 -4.74
CA MET F 387 -30.11 -16.26 -4.32
C MET F 387 -31.16 -16.97 -5.22
N LEU F 388 -32.18 -17.55 -4.57
CA LEU F 388 -33.30 -18.15 -5.26
C LEU F 388 -34.55 -17.34 -4.87
N VAL F 389 -35.14 -16.65 -5.86
CA VAL F 389 -36.04 -15.53 -5.57
C VAL F 389 -37.47 -15.83 -5.92
N ASP F 390 -38.30 -15.81 -4.87
CA ASP F 390 -39.75 -15.86 -5.04
C ASP F 390 -40.41 -14.99 -3.95
N VAL F 391 -40.49 -13.68 -4.22
CA VAL F 391 -40.77 -12.68 -3.19
C VAL F 391 -41.89 -11.72 -3.64
N PRO F 392 -43.06 -11.84 -3.01
CA PRO F 392 -44.16 -10.90 -3.34
C PRO F 392 -43.97 -9.46 -2.82
N GLY F 393 -43.12 -9.25 -1.84
CA GLY F 393 -43.04 -7.94 -1.20
C GLY F 393 -42.53 -8.13 0.20
N PHE F 394 -42.80 -7.12 1.04
CA PHE F 394 -42.56 -7.18 2.50
C PHE F 394 -43.88 -7.48 3.23
N LEU F 395 -43.80 -8.21 4.34
CA LEU F 395 -44.98 -8.55 5.16
C LEU F 395 -45.74 -7.28 5.63
N PRO F 396 -46.95 -7.05 5.09
CA PRO F 396 -47.60 -5.78 5.47
C PRO F 396 -48.06 -5.82 6.92
N GLY F 397 -47.95 -4.70 7.60
CA GLY F 397 -48.48 -4.63 8.95
C GLY F 397 -47.92 -3.49 9.77
N THR F 398 -48.69 -3.15 10.77
CA THR F 398 -48.40 -2.04 11.65
C THR F 398 -47.13 -2.27 12.50
N ASP F 399 -47.06 -3.45 13.12
CA ASP F 399 -45.95 -3.87 13.95
C ASP F 399 -44.59 -3.89 13.17
N GLN F 400 -44.65 -4.26 11.89
CA GLN F 400 -43.50 -4.21 11.02
C GLN F 400 -42.96 -2.81 10.90
N GLU F 401 -43.83 -1.81 10.71
CA GLU F 401 -43.36 -0.43 10.72
C GLU F 401 -42.77 0.03 12.05
N TYR F 402 -43.51 -0.21 13.14
CA TYR F 402 -43.17 0.22 14.52
C TYR F 402 -41.92 -0.40 15.06
N ASN F 403 -41.70 -1.66 14.69
CA ASN F 403 -40.55 -2.44 15.14
C ASN F 403 -39.33 -2.30 14.20
N GLY F 404 -39.44 -1.51 13.12
CA GLY F 404 -38.25 -1.11 12.33
C GLY F 404 -37.94 -1.83 11.02
N ILE F 405 -38.95 -2.26 10.25
CA ILE F 405 -38.74 -2.81 8.91
C ILE F 405 -37.88 -1.94 7.98
N ILE F 406 -38.03 -0.63 8.02
CA ILE F 406 -37.23 0.23 7.11
C ILE F 406 -35.73 0.20 7.48
N ARG F 407 -35.43 0.47 8.75
CA ARG F 407 -34.06 0.49 9.29
C ARG F 407 -33.44 -0.93 9.23
N ARG F 408 -34.26 -1.95 9.53
CA ARG F 408 -33.76 -3.31 9.70
C ARG F 408 -33.82 -4.09 8.39
N GLY F 409 -34.85 -3.82 7.58
CA GLY F 409 -34.92 -4.35 6.24
C GLY F 409 -33.74 -3.87 5.44
N ALA F 410 -33.26 -2.64 5.71
CA ALA F 410 -32.16 -2.04 4.93
C ALA F 410 -30.81 -2.76 5.08
N LYS F 411 -30.64 -3.48 6.18
CA LYS F 411 -29.42 -4.28 6.46
C LYS F 411 -29.14 -5.32 5.36
N LEU F 412 -30.19 -5.91 4.80
CA LEU F 412 -30.05 -6.84 3.68
C LEU F 412 -29.56 -6.12 2.40
N LEU F 413 -30.09 -4.95 2.07
CA LEU F 413 -29.50 -4.17 0.99
C LEU F 413 -28.04 -3.92 1.28
N TYR F 414 -27.74 -3.46 2.48
CA TYR F 414 -26.38 -3.07 2.77
C TYR F 414 -25.42 -4.29 2.59
N ALA F 415 -25.77 -5.41 3.22
CA ALA F 415 -24.99 -6.66 3.16
C ALA F 415 -24.64 -7.06 1.72
N TYR F 416 -25.66 -7.04 0.86
CA TYR F 416 -25.54 -7.44 -0.53
C TYR F 416 -24.75 -6.46 -1.39
N GLY F 417 -25.06 -5.18 -1.24
CA GLY F 417 -24.36 -4.11 -1.93
C GLY F 417 -22.90 -4.04 -1.56
N GLU F 418 -22.56 -4.41 -0.33
CA GLU F 418 -21.18 -4.42 0.13
C GLU F 418 -20.42 -5.67 -0.37
N ALA F 419 -21.12 -6.77 -0.64
CA ALA F 419 -20.47 -8.06 -0.95
C ALA F 419 -19.67 -7.97 -2.25
N THR F 420 -18.51 -8.62 -2.27
CA THR F 420 -17.62 -8.66 -3.44
C THR F 420 -17.35 -10.09 -3.89
N VAL F 421 -17.89 -11.09 -3.16
CA VAL F 421 -17.84 -12.47 -3.58
C VAL F 421 -18.73 -12.67 -4.85
N PRO F 422 -18.54 -13.76 -5.61
CA PRO F 422 -19.46 -14.05 -6.73
C PRO F 422 -20.89 -13.96 -6.26
N LYS F 423 -21.72 -13.25 -7.04
CA LYS F 423 -23.17 -13.12 -6.78
C LYS F 423 -24.00 -13.60 -7.96
N ILE F 424 -24.80 -14.63 -7.74
CA ILE F 424 -25.62 -15.26 -8.77
C ILE F 424 -27.07 -15.32 -8.25
N THR F 425 -28.02 -14.80 -9.02
CA THR F 425 -29.40 -14.77 -8.60
C THR F 425 -30.28 -15.45 -9.63
N VAL F 426 -31.18 -16.30 -9.13
CA VAL F 426 -32.18 -16.98 -9.94
C VAL F 426 -33.59 -16.64 -9.44
N ILE F 427 -34.36 -15.93 -10.23
CA ILE F 427 -35.75 -15.70 -9.89
C ILE F 427 -36.59 -16.89 -10.38
N THR F 428 -37.15 -17.65 -9.45
CA THR F 428 -37.99 -18.76 -9.83
C THR F 428 -39.43 -18.29 -10.11
N ARG F 429 -39.87 -17.24 -9.41
CA ARG F 429 -41.24 -16.77 -9.59
C ARG F 429 -41.36 -15.26 -9.30
N LYS F 430 -41.97 -14.87 -8.18
CA LYS F 430 -42.29 -13.47 -7.95
C LYS F 430 -41.05 -12.65 -7.61
N ALA F 431 -41.01 -11.43 -8.12
CA ALA F 431 -40.01 -10.46 -7.66
C ALA F 431 -40.63 -9.06 -7.85
N TYR F 432 -41.32 -8.58 -6.82
CA TYR F 432 -42.07 -7.32 -6.91
C TYR F 432 -41.43 -6.19 -6.09
N GLY F 433 -41.39 -4.98 -6.67
CA GLY F 433 -41.16 -3.75 -5.92
C GLY F 433 -39.80 -3.72 -5.29
N GLY F 434 -39.69 -3.09 -4.13
CA GLY F 434 -38.43 -3.02 -3.37
C GLY F 434 -37.88 -4.39 -3.00
N ALA F 435 -38.72 -5.41 -2.91
CA ALA F 435 -38.23 -6.74 -2.55
C ALA F 435 -37.44 -7.34 -3.74
N TYR F 436 -37.85 -7.03 -4.97
CA TYR F 436 -37.02 -7.28 -6.17
C TYR F 436 -35.61 -6.64 -6.00
N CYS F 437 -35.55 -5.39 -5.55
CA CYS F 437 -34.26 -4.70 -5.43
C CYS F 437 -33.35 -5.44 -4.46
N VAL F 438 -33.99 -5.84 -3.35
CA VAL F 438 -33.35 -6.51 -2.22
C VAL F 438 -32.80 -7.89 -2.58
N MET F 439 -33.59 -8.66 -3.35
CA MET F 439 -33.26 -10.05 -3.62
C MET F 439 -32.34 -10.20 -4.85
N GLY F 440 -31.14 -9.63 -4.73
CA GLY F 440 -30.09 -9.80 -5.75
C GLY F 440 -30.36 -9.19 -7.11
N SER F 441 -30.87 -7.96 -7.12
CA SER F 441 -31.13 -7.29 -8.40
C SER F 441 -29.79 -6.88 -9.05
N LYS F 442 -29.75 -6.94 -10.37
CA LYS F 442 -28.59 -6.52 -11.17
C LYS F 442 -27.96 -5.20 -10.66
N ASP F 443 -28.79 -4.17 -10.44
CA ASP F 443 -28.31 -2.85 -10.08
C ASP F 443 -27.91 -2.71 -8.61
N MET F 444 -28.18 -3.73 -7.83
CA MET F 444 -27.54 -3.91 -6.54
C MET F 444 -26.17 -4.60 -6.58
N GLY F 445 -25.66 -4.84 -7.79
CA GLY F 445 -24.37 -5.44 -8.02
C GLY F 445 -24.34 -6.95 -8.09
N CYS F 446 -25.44 -7.60 -8.47
CA CYS F 446 -25.39 -9.02 -8.77
C CYS F 446 -24.54 -9.29 -10.06
N ASP F 447 -23.74 -10.36 -10.07
CA ASP F 447 -22.85 -10.62 -11.22
C ASP F 447 -23.56 -11.30 -12.39
N VAL F 448 -24.41 -12.28 -12.10
CA VAL F 448 -25.09 -13.07 -13.14
C VAL F 448 -26.53 -13.21 -12.67
N ASN F 449 -27.46 -12.81 -13.52
CA ASN F 449 -28.88 -12.77 -13.18
C ASN F 449 -29.67 -13.65 -14.14
N LEU F 450 -30.44 -14.54 -13.54
CA LEU F 450 -31.18 -15.56 -14.27
C LEU F 450 -32.64 -15.52 -13.81
N ALA F 451 -33.53 -16.08 -14.63
CA ALA F 451 -34.95 -16.16 -14.31
C ALA F 451 -35.55 -17.38 -15.00
N TRP F 452 -36.50 -18.04 -14.32
CA TRP F 452 -37.32 -19.12 -14.87
C TRP F 452 -38.43 -18.52 -15.70
N PRO F 453 -39.07 -19.33 -16.57
CA PRO F 453 -40.17 -18.78 -17.37
C PRO F 453 -41.38 -18.35 -16.52
N THR F 454 -41.43 -18.84 -15.28
CA THR F 454 -42.45 -18.42 -14.34
C THR F 454 -42.08 -17.19 -13.50
N ALA F 455 -40.97 -16.51 -13.81
CA ALA F 455 -40.63 -15.29 -13.10
C ALA F 455 -41.64 -14.18 -13.46
N GLN F 456 -41.99 -13.37 -12.44
CA GLN F 456 -42.98 -12.29 -12.51
C GLN F 456 -42.35 -11.09 -11.84
N ILE F 457 -41.67 -10.30 -12.66
CA ILE F 457 -40.82 -9.22 -12.20
C ILE F 457 -41.57 -7.92 -12.60
N ALA F 458 -42.03 -7.16 -11.60
CA ALA F 458 -42.91 -6.01 -11.84
C ALA F 458 -42.75 -5.05 -10.67
N VAL F 459 -43.15 -3.80 -10.85
CA VAL F 459 -43.24 -2.83 -9.75
C VAL F 459 -44.19 -3.37 -8.63
N MET F 460 -45.30 -4.00 -9.05
CA MET F 460 -46.27 -4.61 -8.12
C MET F 460 -47.21 -5.55 -8.87
N GLY F 461 -47.99 -6.30 -8.13
CA GLY F 461 -48.94 -7.23 -8.75
C GLY F 461 -49.99 -6.57 -9.63
N ALA F 462 -50.44 -7.27 -10.67
CA ALA F 462 -51.49 -6.81 -11.58
C ALA F 462 -52.71 -6.14 -10.90
N SER F 463 -53.25 -6.78 -9.85
CA SER F 463 -54.49 -6.29 -9.21
C SER F 463 -54.31 -4.90 -8.63
N GLY F 464 -53.24 -4.71 -7.85
CA GLY F 464 -52.90 -3.38 -7.33
C GLY F 464 -52.52 -2.38 -8.42
N ALA F 465 -51.81 -2.84 -9.44
CA ALA F 465 -51.34 -1.99 -10.52
C ALA F 465 -52.48 -1.39 -11.35
N VAL F 466 -53.51 -2.18 -11.68
CA VAL F 466 -54.57 -1.66 -12.58
C VAL F 466 -55.33 -0.45 -12.01
N GLY F 467 -55.58 -0.46 -10.69
CA GLY F 467 -56.13 0.71 -9.97
C GLY F 467 -55.40 2.03 -10.17
N PHE F 468 -54.07 1.98 -10.25
CA PHE F 468 -53.28 3.18 -10.54
C PHE F 468 -53.19 3.43 -12.05
N VAL F 469 -52.86 2.36 -12.77
CA VAL F 469 -52.45 2.44 -14.14
C VAL F 469 -53.61 2.84 -15.09
N TYR F 470 -54.85 2.55 -14.69
CA TYR F 470 -56.06 2.87 -15.46
C TYR F 470 -57.01 3.84 -14.73
N ARG F 488 -62.59 -4.60 -14.78
CA ARG F 488 -61.33 -4.43 -14.07
C ARG F 488 -60.56 -5.75 -13.92
N LEU F 489 -61.25 -6.87 -14.12
CA LEU F 489 -60.61 -8.19 -14.14
C LEU F 489 -60.05 -8.46 -15.52
N ARG F 490 -60.56 -7.70 -16.49
CA ARG F 490 -60.06 -7.74 -17.86
C ARG F 490 -58.78 -6.89 -18.03
N LEU F 491 -58.78 -5.72 -17.40
CA LEU F 491 -57.61 -4.82 -17.33
C LEU F 491 -56.46 -5.53 -16.62
N GLN F 492 -56.80 -6.16 -15.50
CA GLN F 492 -55.85 -6.90 -14.70
C GLN F 492 -55.21 -8.07 -15.45
N GLN F 493 -56.00 -8.78 -16.24
CA GLN F 493 -55.59 -9.97 -16.98
C GLN F 493 -54.63 -9.56 -18.09
N GLU F 494 -54.90 -8.42 -18.69
CA GLU F 494 -54.06 -7.87 -19.75
C GLU F 494 -52.75 -7.31 -19.21
N TYR F 495 -52.78 -6.69 -18.04
CA TYR F 495 -51.57 -6.22 -17.37
C TYR F 495 -50.66 -7.42 -17.06
N GLU F 496 -51.22 -8.47 -16.42
CA GLU F 496 -50.42 -9.66 -16.13
C GLU F 496 -49.86 -10.34 -17.37
N ASP F 497 -50.66 -10.45 -18.44
CA ASP F 497 -50.25 -11.17 -19.65
C ASP F 497 -49.30 -10.39 -20.55
N THR F 498 -49.16 -9.11 -20.27
CA THR F 498 -48.34 -8.17 -21.01
C THR F 498 -47.02 -7.88 -20.29
N LEU F 499 -47.09 -7.77 -18.96
CA LEU F 499 -46.01 -7.15 -18.17
C LEU F 499 -45.49 -7.97 -17.01
N VAL F 500 -46.34 -8.86 -16.50
CA VAL F 500 -45.96 -9.66 -15.31
C VAL F 500 -45.31 -10.98 -15.76
N ASN F 501 -44.03 -10.88 -16.02
CA ASN F 501 -43.28 -11.91 -16.73
C ASN F 501 -41.78 -11.61 -16.60
N PRO F 502 -40.93 -12.51 -17.14
CA PRO F 502 -39.50 -12.21 -17.08
C PRO F 502 -38.98 -11.25 -18.14
N TYR F 503 -39.76 -10.96 -19.16
CA TYR F 503 -39.22 -10.37 -20.40
C TYR F 503 -38.90 -8.88 -20.45
N VAL F 504 -39.66 -8.06 -19.72
CA VAL F 504 -39.38 -6.64 -19.66
C VAL F 504 -38.03 -6.44 -18.95
N ALA F 505 -37.82 -7.15 -17.85
CA ALA F 505 -36.52 -7.15 -17.17
C ALA F 505 -35.42 -7.77 -18.06
N ALA F 506 -35.74 -8.86 -18.76
CA ALA F 506 -34.80 -9.45 -19.74
C ALA F 506 -34.37 -8.42 -20.78
N GLU F 507 -35.33 -7.63 -21.29
CA GLU F 507 -35.01 -6.60 -22.29
C GLU F 507 -34.17 -5.43 -21.75
N ARG F 508 -34.31 -5.09 -20.46
CA ARG F 508 -33.47 -4.05 -19.82
C ARG F 508 -32.08 -4.59 -19.45
N GLY F 509 -31.88 -5.89 -19.56
CA GLY F 509 -30.60 -6.45 -19.18
C GLY F 509 -30.52 -6.74 -17.69
N TYR F 510 -31.64 -6.61 -16.97
CA TYR F 510 -31.70 -6.92 -15.53
C TYR F 510 -31.63 -8.42 -15.31
N VAL F 511 -32.22 -9.21 -16.22
CA VAL F 511 -31.82 -10.60 -16.25
C VAL F 511 -30.96 -10.87 -17.48
N GLY F 512 -29.88 -11.64 -17.29
CA GLY F 512 -29.01 -12.06 -18.40
C GLY F 512 -29.59 -13.21 -19.24
N ALA F 513 -30.43 -14.05 -18.64
CA ALA F 513 -31.04 -15.21 -19.32
C ALA F 513 -32.27 -15.69 -18.58
N VAL F 514 -33.34 -15.89 -19.33
CA VAL F 514 -34.49 -16.67 -18.92
C VAL F 514 -34.19 -18.10 -19.36
N ILE F 515 -34.28 -19.05 -18.44
CA ILE F 515 -33.75 -20.40 -18.69
C ILE F 515 -34.75 -21.46 -18.30
N PRO F 516 -34.67 -22.64 -18.96
CA PRO F 516 -35.49 -23.73 -18.42
C PRO F 516 -35.01 -24.00 -17.00
N PRO F 517 -35.94 -24.18 -16.05
CA PRO F 517 -35.54 -24.46 -14.66
C PRO F 517 -34.47 -25.54 -14.56
N SER F 518 -34.59 -26.60 -15.37
CA SER F 518 -33.62 -27.73 -15.35
C SER F 518 -32.19 -27.32 -15.61
N HIS F 519 -31.99 -26.18 -16.27
CA HIS F 519 -30.67 -25.71 -16.68
C HIS F 519 -29.94 -24.95 -15.55
N THR F 520 -30.60 -24.76 -14.41
CA THR F 520 -30.14 -23.87 -13.33
C THR F 520 -28.81 -24.34 -12.73
N ARG F 521 -28.75 -25.63 -12.38
CA ARG F 521 -27.51 -26.22 -11.84
C ARG F 521 -26.27 -26.00 -12.75
N GLY F 522 -26.42 -26.34 -14.03
CA GLY F 522 -25.35 -26.08 -15.04
C GLY F 522 -24.94 -24.60 -15.19
N TYR F 523 -25.91 -23.69 -15.32
CA TYR F 523 -25.57 -22.26 -15.42
C TYR F 523 -24.82 -21.78 -14.21
N ILE F 524 -25.26 -22.19 -13.02
CA ILE F 524 -24.61 -21.77 -11.80
C ILE F 524 -23.14 -22.22 -11.72
N GLY F 525 -22.89 -23.50 -11.98
CA GLY F 525 -21.51 -24.02 -11.94
C GLY F 525 -20.60 -23.31 -12.94
N THR F 526 -21.14 -22.99 -14.10
CA THR F 526 -20.37 -22.27 -15.10
C THR F 526 -20.04 -20.81 -14.72
N ALA F 527 -21.02 -20.12 -14.13
CA ALA F 527 -20.87 -18.78 -13.67
C ALA F 527 -19.91 -18.76 -12.46
N LEU F 528 -19.99 -19.75 -11.59
CA LEU F 528 -19.07 -19.83 -10.45
C LEU F 528 -17.61 -19.99 -10.87
N ARG F 529 -17.36 -20.84 -11.87
CA ARG F 529 -16.01 -20.87 -12.47
C ARG F 529 -15.65 -19.55 -13.14
N LEU F 530 -16.56 -19.01 -13.95
CA LEU F 530 -16.26 -17.72 -14.57
C LEU F 530 -15.81 -16.66 -13.52
N LEU F 531 -16.48 -16.67 -12.37
CA LEU F 531 -16.33 -15.62 -11.37
C LEU F 531 -15.37 -15.95 -10.27
N GLU F 532 -14.63 -17.04 -10.41
CA GLU F 532 -13.82 -17.57 -9.31
C GLU F 532 -12.58 -16.77 -8.98
N ARG F 533 -12.19 -15.83 -9.83
CA ARG F 533 -11.04 -14.97 -9.53
C ARG F 533 -11.39 -13.49 -9.85
N LYS F 534 -12.50 -13.00 -9.29
CA LYS F 534 -12.93 -11.60 -9.46
C LYS F 534 -11.91 -10.57 -9.00
N LYS F 541 -12.26 3.77 3.27
CA LYS F 541 -12.93 3.79 4.58
C LYS F 541 -12.31 2.92 5.73
N LYS F 542 -12.41 3.42 6.97
CA LYS F 542 -12.18 2.59 8.17
C LYS F 542 -13.13 1.39 8.20
N HIS F 543 -14.34 1.61 7.67
CA HIS F 543 -15.54 0.77 7.81
C HIS F 543 -16.73 1.62 7.37
N GLY F 544 -17.82 0.99 6.99
CA GLY F 544 -19.06 1.70 6.68
C GLY F 544 -19.95 1.92 7.91
N ASN F 545 -21.21 2.22 7.69
CA ASN F 545 -22.12 2.63 8.76
C ASN F 545 -23.46 2.01 8.45
N VAL F 546 -23.47 0.69 8.27
CA VAL F 546 -24.73 -0.06 8.14
C VAL F 546 -25.75 0.38 9.21
N PRO F 547 -27.07 0.31 8.89
CA PRO F 547 -28.10 0.48 9.90
C PRO F 547 -27.95 -0.64 10.93
N LEU F 548 -28.12 -0.29 12.19
CA LEU F 548 -28.03 -1.25 13.30
C LEU F 548 -29.39 -1.40 14.01
#